data_7XXP
#
_entry.id   7XXP
#
_cell.length_a   103.310
_cell.length_b   106.404
_cell.length_c   135.541
_cell.angle_alpha   90.009
_cell.angle_beta   90.013
_cell.angle_gamma   96.214
#
_symmetry.space_group_name_H-M   'P 1'
#
loop_
_entity.id
_entity.type
_entity.pdbx_description
1 polymer 'N-formimidoyl fortimicin A synthase'
2 non-polymer 'FLAVIN-ADENINE DINUCLEOTIDE'
3 non-polymer GLYCINE
4 non-polymer 'Streptothricin F'
5 water water
#
_entity_poly.entity_id   1
_entity_poly.type   'polypeptide(L)'
_entity_poly.pdbx_seq_one_letter_code
;MGSSHHSSGLVPRGSHMMSKTADAPGQTDVIVVGNGVLGLSVGVEIARTRPDVRVTLLGKPARQYGATPAAGAMLGAFGE
VTAHALASEHGRKKHALAVQAQRLWPEWIESLEATGTAADGRIKTADDTVVLLNTVGHSALDDANFAAVLTALKEANAPH
EEIAVESVDWIDPDPNSRPLRALHIEGEGSVDSGILLAALERSFLQAGGRLHPVDATEIRASHGRVEGVVTDDGDFLPAG
HVVVAAGARSQRLVAALPGLAHRIPRIYDGVGVSALVDTWDGSGPATVLRTSNRAFACGLHLVPRAGGSVYIGATNAVCL
EPRGAASIEETVALFNCATHQLHRGLNGSELRKVQVGSRPAPIDGFPLIGGTSVEGLWMLSGTYRDGLHMSPLLARHVVS
LMDGGTGVDGLREFRPERDLISAWSREEILDDVVRHTMATGYEFPWRLPLEWPHMMETFLQGPFAELADRLSDTYTPPAD
LMTAIMFSEREQQDELIAYYADVHREWH
;
_entity_poly.pdbx_strand_id   A,B,C,D,E,F,G,H
#
# COMPACT_ATOMS: atom_id res chain seq x y z
N GLN A 27 69.34 -53.93 27.10
CA GLN A 27 68.04 -54.25 27.74
C GLN A 27 67.10 -54.92 26.73
N THR A 28 65.97 -55.42 27.20
CA THR A 28 65.02 -56.32 26.47
C THR A 28 63.85 -55.46 25.89
N ASP A 29 63.53 -55.64 24.60
CA ASP A 29 62.49 -54.83 23.91
C ASP A 29 61.06 -55.38 24.11
N VAL A 30 60.15 -54.45 24.43
CA VAL A 30 58.68 -54.67 24.46
C VAL A 30 58.03 -53.76 23.43
N ILE A 31 57.18 -54.34 22.57
CA ILE A 31 56.33 -53.59 21.61
C ILE A 31 54.88 -53.74 22.08
N VAL A 32 54.23 -52.61 22.37
CA VAL A 32 52.76 -52.53 22.60
C VAL A 32 52.11 -52.16 21.27
N VAL A 33 51.25 -53.03 20.76
CA VAL A 33 50.47 -52.79 19.51
C VAL A 33 49.11 -52.20 19.90
N GLY A 34 48.98 -50.88 19.79
CA GLY A 34 47.70 -50.17 19.98
C GLY A 34 47.86 -49.00 20.93
N ASN A 35 47.19 -47.90 20.62
CA ASN A 35 47.38 -46.60 21.30
C ASN A 35 46.05 -46.09 21.85
N GLY A 36 45.13 -46.99 22.18
CA GLY A 36 43.95 -46.67 22.98
C GLY A 36 44.32 -46.64 24.46
N VAL A 37 43.30 -46.61 25.30
CA VAL A 37 43.49 -46.59 26.78
C VAL A 37 44.27 -47.83 27.25
N LEU A 38 44.03 -49.00 26.68
CA LEU A 38 44.62 -50.26 27.23
C LEU A 38 46.11 -50.32 26.85
N GLY A 39 46.43 -50.10 25.58
CA GLY A 39 47.82 -50.07 25.07
C GLY A 39 48.65 -49.04 25.84
N LEU A 40 48.17 -47.81 25.95
CA LEU A 40 48.91 -46.72 26.62
C LEU A 40 48.98 -46.95 28.12
N SER A 41 47.94 -47.50 28.75
CA SER A 41 47.92 -47.77 30.21
C SER A 41 48.99 -48.83 30.53
N VAL A 42 49.06 -49.90 29.74
CA VAL A 42 50.06 -50.99 29.94
C VAL A 42 51.46 -50.42 29.61
N GLY A 43 51.59 -49.63 28.54
CA GLY A 43 52.86 -48.97 28.18
C GLY A 43 53.41 -48.12 29.33
N VAL A 44 52.54 -47.31 29.95
CA VAL A 44 52.93 -46.44 31.09
C VAL A 44 53.40 -47.34 32.24
N GLU A 45 52.65 -48.40 32.58
CA GLU A 45 52.97 -49.26 33.74
C GLU A 45 54.30 -50.00 33.49
N ILE A 46 54.54 -50.52 32.29
CA ILE A 46 55.81 -51.20 31.93
C ILE A 46 56.96 -50.19 32.05
N ALA A 47 56.85 -49.03 31.39
CA ALA A 47 57.93 -48.02 31.33
C ALA A 47 58.28 -47.56 32.75
N ARG A 48 57.28 -47.39 33.62
CA ARG A 48 57.50 -46.86 34.98
C ARG A 48 58.14 -47.91 35.89
N THR A 49 57.83 -49.20 35.69
CA THR A 49 58.09 -50.27 36.68
C THR A 49 59.30 -51.11 36.22
N ARG A 50 59.68 -51.06 34.94
CA ARG A 50 60.67 -51.98 34.34
C ARG A 50 61.78 -51.14 33.71
N PRO A 51 62.72 -50.60 34.52
CA PRO A 51 63.83 -49.78 34.00
C PRO A 51 64.78 -50.56 33.07
N ASP A 52 64.72 -51.88 33.12
CA ASP A 52 65.51 -52.84 32.30
C ASP A 52 64.95 -52.94 30.86
N VAL A 53 63.72 -52.52 30.60
CA VAL A 53 62.96 -52.80 29.33
C VAL A 53 62.90 -51.52 28.51
N ARG A 54 63.14 -51.58 27.20
CA ARG A 54 62.82 -50.51 26.24
C ARG A 54 61.42 -50.75 25.67
N VAL A 55 60.45 -49.87 25.90
CA VAL A 55 59.05 -50.12 25.43
C VAL A 55 58.71 -49.14 24.30
N THR A 56 58.30 -49.69 23.16
CA THR A 56 57.83 -48.97 21.95
C THR A 56 56.33 -49.24 21.79
N LEU A 57 55.53 -48.19 21.61
CA LEU A 57 54.06 -48.29 21.43
C LEU A 57 53.67 -47.84 20.01
N LEU A 58 53.00 -48.72 19.27
CA LEU A 58 52.54 -48.53 17.87
C LEU A 58 51.10 -48.02 17.85
N GLY A 59 50.73 -47.37 16.73
CA GLY A 59 49.42 -46.75 16.53
C GLY A 59 49.57 -45.31 16.09
N LYS A 60 48.60 -44.84 15.29
CA LYS A 60 48.62 -43.52 14.61
C LYS A 60 47.72 -42.54 15.36
N PRO A 61 48.00 -41.22 15.25
CA PRO A 61 47.16 -40.22 15.91
C PRO A 61 45.70 -40.22 15.39
N ALA A 62 45.43 -40.72 14.20
CA ALA A 62 44.05 -40.82 13.64
C ALA A 62 43.21 -41.80 14.48
N ARG A 63 43.85 -42.80 15.12
CA ARG A 63 43.15 -43.81 15.97
C ARG A 63 41.90 -44.30 15.24
N GLN A 64 42.11 -44.84 14.05
CA GLN A 64 41.01 -45.41 13.23
C GLN A 64 40.22 -46.45 14.05
N TYR A 65 38.89 -46.35 14.02
CA TYR A 65 37.92 -47.24 14.72
C TYR A 65 38.09 -47.15 16.24
N GLY A 66 38.89 -46.21 16.75
CA GLY A 66 39.29 -46.17 18.16
C GLY A 66 38.11 -45.99 19.10
N ALA A 67 37.91 -46.89 20.06
CA ALA A 67 36.83 -46.79 21.07
C ALA A 67 37.12 -45.63 22.01
N THR A 68 38.37 -45.51 22.49
CA THR A 68 38.72 -44.60 23.61
C THR A 68 38.36 -43.16 23.27
N PRO A 69 38.76 -42.58 22.10
CA PRO A 69 38.46 -41.18 21.81
C PRO A 69 36.97 -40.88 21.65
N ALA A 70 36.15 -41.88 21.33
CA ALA A 70 34.68 -41.76 21.19
C ALA A 70 33.97 -41.88 22.54
N ALA A 71 34.71 -42.20 23.61
CA ALA A 71 34.15 -42.49 24.96
C ALA A 71 34.01 -41.20 25.76
N GLY A 72 33.10 -41.15 26.71
CA GLY A 72 32.77 -39.92 27.46
C GLY A 72 33.93 -39.44 28.36
N ALA A 73 34.29 -40.22 29.38
CA ALA A 73 33.79 -41.56 29.63
C ALA A 73 33.40 -41.70 31.09
N MET A 74 32.45 -42.57 31.34
CA MET A 74 31.96 -42.88 32.70
C MET A 74 32.89 -43.92 33.34
N LEU A 75 33.25 -43.72 34.60
CA LEU A 75 33.97 -44.74 35.40
C LEU A 75 32.90 -45.69 35.95
N GLY A 76 32.30 -46.44 35.05
CA GLY A 76 31.06 -47.23 35.26
C GLY A 76 31.38 -48.60 35.81
N ALA A 77 30.95 -48.81 37.06
CA ALA A 77 30.98 -50.08 37.79
C ALA A 77 29.54 -50.48 38.10
N PHE A 78 28.87 -49.75 38.98
CA PHE A 78 27.45 -49.99 39.36
C PHE A 78 26.50 -49.58 38.22
N GLY A 79 26.80 -48.48 37.50
CA GLY A 79 25.98 -48.02 36.37
C GLY A 79 25.91 -49.05 35.24
N GLU A 80 26.92 -49.93 35.12
CA GLU A 80 26.96 -50.99 34.09
C GLU A 80 26.21 -52.25 34.55
N VAL A 81 25.68 -52.30 35.77
CA VAL A 81 25.00 -53.54 36.28
C VAL A 81 23.71 -53.76 35.49
N THR A 82 23.50 -54.99 35.01
CA THR A 82 22.20 -55.47 34.49
C THR A 82 21.81 -56.75 35.24
N ALA A 83 20.52 -57.04 35.34
CA ALA A 83 19.98 -58.30 35.90
C ALA A 83 20.63 -59.49 35.16
N HIS A 84 20.66 -59.43 33.83
CA HIS A 84 21.18 -60.52 32.97
C HIS A 84 22.67 -60.81 33.26
N ALA A 85 23.51 -59.78 33.36
CA ALA A 85 24.96 -59.94 33.63
C ALA A 85 25.16 -60.61 35.00
N LEU A 86 24.48 -60.10 36.05
CA LEU A 86 24.61 -60.60 37.45
C LEU A 86 23.93 -61.96 37.67
N ALA A 87 23.17 -62.47 36.70
CA ALA A 87 22.56 -63.83 36.75
C ALA A 87 23.59 -64.89 36.33
N SER A 88 24.77 -64.52 35.82
CA SER A 88 25.82 -65.49 35.45
C SER A 88 27.05 -65.32 36.35
N GLU A 89 27.76 -66.42 36.60
CA GLU A 89 28.99 -66.44 37.42
C GLU A 89 30.04 -65.52 36.77
N HIS A 90 30.22 -65.63 35.45
CA HIS A 90 31.20 -64.82 34.68
C HIS A 90 30.85 -63.34 34.81
N GLY A 91 29.55 -62.99 34.73
CA GLY A 91 29.06 -61.60 34.90
C GLY A 91 29.40 -61.05 36.28
N ARG A 92 29.13 -61.82 37.34
CA ARG A 92 29.43 -61.40 38.73
C ARG A 92 30.95 -61.21 38.89
N LYS A 93 31.76 -62.06 38.25
CA LYS A 93 33.25 -61.96 38.31
C LYS A 93 33.70 -60.65 37.64
N LYS A 94 33.16 -60.36 36.46
CA LYS A 94 33.46 -59.12 35.69
C LYS A 94 33.06 -57.93 36.56
N HIS A 95 31.90 -57.96 37.20
CA HIS A 95 31.41 -56.85 38.06
C HIS A 95 32.38 -56.61 39.22
N ALA A 96 32.85 -57.69 39.88
CA ALA A 96 33.79 -57.60 41.02
C ALA A 96 35.04 -56.81 40.59
N LEU A 97 35.58 -57.13 39.41
CA LEU A 97 36.79 -56.45 38.85
C LEU A 97 36.50 -54.97 38.59
N ALA A 98 35.30 -54.62 38.11
CA ALA A 98 34.92 -53.20 37.89
C ALA A 98 34.91 -52.46 39.23
N VAL A 99 34.38 -53.08 40.29
CA VAL A 99 34.34 -52.42 41.63
C VAL A 99 35.79 -52.23 42.12
N GLN A 100 36.66 -53.22 41.91
CA GLN A 100 38.10 -53.13 42.31
C GLN A 100 38.78 -51.99 41.54
N ALA A 101 38.55 -51.89 40.22
CA ALA A 101 39.19 -50.87 39.36
C ALA A 101 38.88 -49.45 39.88
N GLN A 102 37.66 -49.21 40.35
CA GLN A 102 37.22 -47.87 40.82
C GLN A 102 38.20 -47.34 41.87
N ARG A 103 38.67 -48.21 42.77
CA ARG A 103 39.55 -47.81 43.91
C ARG A 103 40.91 -47.32 43.40
N LEU A 104 41.36 -47.73 42.21
CA LEU A 104 42.69 -47.34 41.67
C LEU A 104 42.65 -45.96 41.01
N TRP A 105 41.47 -45.45 40.63
CA TRP A 105 41.39 -44.26 39.75
C TRP A 105 41.98 -43.00 40.40
N PRO A 106 41.70 -42.66 41.69
CA PRO A 106 42.20 -41.41 42.26
C PRO A 106 43.74 -41.27 42.20
N GLU A 107 44.49 -42.31 42.61
CA GLU A 107 45.98 -42.26 42.60
C GLU A 107 46.49 -42.36 41.16
N TRP A 108 45.84 -43.14 40.29
CA TRP A 108 46.19 -43.24 38.84
C TRP A 108 46.13 -41.84 38.21
N ILE A 109 45.02 -41.13 38.41
CA ILE A 109 44.83 -39.75 37.86
C ILE A 109 45.93 -38.82 38.41
N GLU A 110 46.17 -38.83 39.73
CA GLU A 110 47.25 -38.03 40.36
C GLU A 110 48.58 -38.29 39.63
N SER A 111 48.92 -39.55 39.44
CA SER A 111 50.21 -40.01 38.84
C SER A 111 50.31 -39.55 37.38
N LEU A 112 49.17 -39.40 36.67
CA LEU A 112 49.18 -38.97 35.25
C LEU A 112 49.22 -37.44 35.16
N GLU A 113 48.45 -36.73 35.99
CA GLU A 113 48.42 -35.24 35.97
C GLU A 113 49.77 -34.67 36.46
N ALA A 114 50.48 -35.41 37.33
CA ALA A 114 51.77 -35.02 37.92
C ALA A 114 52.81 -34.76 36.82
N THR A 115 52.70 -35.40 35.66
CA THR A 115 53.66 -35.28 34.55
C THR A 115 53.35 -34.06 33.68
N GLY A 116 52.26 -33.33 33.99
CA GLY A 116 51.81 -32.17 33.21
C GLY A 116 51.72 -30.92 34.07
N THR A 117 51.02 -29.90 33.60
CA THR A 117 50.80 -28.60 34.28
C THR A 117 49.31 -28.25 34.23
N ALA A 118 48.89 -27.20 34.93
CA ALA A 118 47.50 -26.68 34.97
C ALA A 118 46.93 -26.60 33.55
N ALA A 119 47.72 -26.14 32.59
CA ALA A 119 47.31 -25.85 31.19
C ALA A 119 46.88 -27.13 30.44
N ASP A 120 47.23 -28.32 30.94
CA ASP A 120 46.89 -29.62 30.27
C ASP A 120 45.43 -30.00 30.54
N GLY A 121 44.79 -29.36 31.52
CA GLY A 121 43.38 -29.63 31.84
C GLY A 121 43.25 -30.82 32.79
N ARG A 122 42.05 -31.02 33.32
CA ARG A 122 41.79 -32.01 34.38
C ARG A 122 41.21 -33.28 33.75
N ILE A 123 41.74 -34.44 34.15
CA ILE A 123 41.27 -35.77 33.66
C ILE A 123 39.86 -36.01 34.22
N LYS A 124 39.64 -35.79 35.51
CA LYS A 124 38.33 -36.05 36.18
C LYS A 124 37.35 -34.93 35.83
N THR A 125 36.13 -35.27 35.39
CA THR A 125 35.10 -34.25 35.02
C THR A 125 33.91 -34.32 35.97
N ALA A 126 33.73 -35.41 36.72
CA ALA A 126 32.64 -35.55 37.72
C ALA A 126 33.02 -36.62 38.74
N ASP A 127 32.50 -36.50 39.96
CA ASP A 127 32.77 -37.47 41.06
C ASP A 127 31.61 -38.46 41.21
N ASP A 128 30.38 -38.03 40.89
CA ASP A 128 29.14 -38.78 41.17
C ASP A 128 28.33 -39.01 39.89
N THR A 129 27.41 -39.96 39.95
CA THR A 129 26.49 -40.35 38.85
C THR A 129 25.06 -40.37 39.38
N VAL A 130 24.11 -39.87 38.60
CA VAL A 130 22.66 -40.10 38.83
C VAL A 130 22.14 -41.05 37.73
N VAL A 131 21.55 -42.16 38.13
CA VAL A 131 20.84 -43.11 37.23
C VAL A 131 19.37 -42.72 37.25
N LEU A 132 18.80 -42.47 36.07
CA LEU A 132 17.40 -42.03 35.93
C LEU A 132 16.58 -43.21 35.41
N LEU A 133 15.36 -43.36 35.91
CA LEU A 133 14.40 -44.35 35.39
C LEU A 133 13.20 -43.61 34.81
N ASN A 134 13.01 -43.73 33.49
CA ASN A 134 11.84 -43.19 32.74
C ASN A 134 11.13 -44.37 32.07
N THR A 135 10.08 -44.09 31.31
CA THR A 135 9.26 -45.15 30.67
C THR A 135 9.55 -45.22 29.17
N VAL A 136 10.65 -44.64 28.71
CA VAL A 136 11.00 -44.66 27.26
C VAL A 136 11.90 -45.87 27.02
N GLY A 137 11.33 -47.05 27.29
CA GLY A 137 12.06 -48.31 27.20
C GLY A 137 11.20 -49.46 27.69
N HIS A 138 11.75 -50.66 27.65
CA HIS A 138 11.05 -51.91 28.01
C HIS A 138 11.13 -52.05 29.54
N SER A 139 10.00 -52.31 30.20
CA SER A 139 9.98 -52.66 31.65
C SER A 139 10.90 -53.86 31.91
N ALA A 140 10.95 -54.82 30.98
CA ALA A 140 11.74 -56.07 31.16
C ALA A 140 13.24 -55.78 31.18
N LEU A 141 13.70 -54.64 30.66
CA LEU A 141 15.12 -54.23 30.79
C LEU A 141 15.23 -53.16 31.88
N ASP A 142 14.60 -52.01 31.68
CA ASP A 142 14.85 -50.81 32.53
C ASP A 142 14.40 -51.08 33.97
N ASP A 143 13.23 -51.66 34.21
CA ASP A 143 12.73 -51.89 35.60
C ASP A 143 13.62 -52.95 36.27
N ALA A 144 13.90 -54.05 35.58
CA ALA A 144 14.75 -55.16 36.08
C ALA A 144 16.16 -54.63 36.37
N ASN A 145 16.68 -53.76 35.51
CA ASN A 145 18.10 -53.29 35.62
C ASN A 145 18.21 -52.29 36.75
N PHE A 146 17.21 -51.43 36.94
CA PHE A 146 17.21 -50.45 38.04
C PHE A 146 17.26 -51.20 39.38
N ALA A 147 16.44 -52.26 39.51
CA ALA A 147 16.39 -53.10 40.73
C ALA A 147 17.75 -53.77 40.94
N ALA A 148 18.38 -54.29 39.88
CA ALA A 148 19.70 -54.96 39.91
C ALA A 148 20.79 -53.99 40.36
N VAL A 149 20.77 -52.74 39.86
CA VAL A 149 21.76 -51.70 40.27
C VAL A 149 21.60 -51.44 41.79
N LEU A 150 20.38 -51.21 42.26
CA LEU A 150 20.08 -50.97 43.70
C LEU A 150 20.64 -52.14 44.52
N THR A 151 20.39 -53.38 44.09
CA THR A 151 20.81 -54.62 44.80
C THR A 151 22.34 -54.69 44.82
N ALA A 152 23.02 -54.45 43.71
CA ALA A 152 24.49 -54.51 43.62
C ALA A 152 25.10 -53.46 44.56
N LEU A 153 24.53 -52.26 44.63
CA LEU A 153 25.01 -51.16 45.52
C LEU A 153 24.85 -51.61 46.99
N LYS A 154 23.73 -52.21 47.34
CA LYS A 154 23.43 -52.67 48.73
C LYS A 154 24.38 -53.79 49.11
N GLU A 155 24.58 -54.79 48.24
CA GLU A 155 25.50 -55.94 48.49
C GLU A 155 26.94 -55.44 48.65
N ALA A 156 27.37 -54.40 47.94
CA ALA A 156 28.77 -53.90 47.96
C ALA A 156 28.96 -52.90 49.11
N ASN A 157 27.88 -52.50 49.80
CA ASN A 157 27.87 -51.43 50.80
C ASN A 157 28.43 -50.13 50.18
N ALA A 158 28.14 -49.87 48.91
CA ALA A 158 28.57 -48.63 48.20
C ALA A 158 27.69 -47.47 48.69
N PRO A 159 28.26 -46.27 48.86
CA PRO A 159 27.47 -45.11 49.25
C PRO A 159 26.57 -44.68 48.07
N HIS A 160 25.28 -44.52 48.34
CA HIS A 160 24.23 -44.24 47.32
C HIS A 160 22.95 -43.81 48.03
N GLU A 161 22.05 -43.15 47.34
CA GLU A 161 20.66 -43.02 47.83
C GLU A 161 19.71 -42.75 46.68
N GLU A 162 18.53 -43.33 46.80
CA GLU A 162 17.41 -43.03 45.88
C GLU A 162 16.93 -41.64 46.26
N ILE A 163 16.87 -40.73 45.30
CA ILE A 163 16.51 -39.31 45.56
C ILE A 163 15.25 -38.94 44.78
N ALA A 164 14.61 -37.85 45.19
CA ALA A 164 13.47 -37.23 44.47
C ALA A 164 13.99 -36.77 43.10
N VAL A 165 13.23 -37.02 42.05
CA VAL A 165 13.62 -36.55 40.69
C VAL A 165 13.71 -35.03 40.69
N GLU A 166 12.82 -34.35 41.43
CA GLU A 166 12.81 -32.87 41.54
C GLU A 166 14.15 -32.38 42.11
N SER A 167 14.91 -33.21 42.81
CA SER A 167 16.21 -32.81 43.39
C SER A 167 17.37 -33.02 42.39
N VAL A 168 17.15 -33.63 41.23
CA VAL A 168 18.23 -33.79 40.21
C VAL A 168 18.42 -32.42 39.56
N ASP A 169 19.62 -31.85 39.66
CA ASP A 169 19.86 -30.48 39.13
C ASP A 169 19.98 -30.55 37.61
N TRP A 170 19.69 -29.43 36.95
CA TRP A 170 20.06 -29.13 35.55
C TRP A 170 19.06 -29.76 34.57
N ILE A 171 18.66 -31.04 34.72
CA ILE A 171 17.84 -31.78 33.72
C ILE A 171 16.57 -30.98 33.41
N ASP A 172 16.12 -31.05 32.17
CA ASP A 172 14.86 -30.40 31.73
C ASP A 172 14.21 -31.30 30.68
N PRO A 173 13.73 -32.49 31.08
CA PRO A 173 13.17 -33.43 30.13
C PRO A 173 11.80 -32.99 29.62
N ASP A 174 11.43 -33.46 28.43
CA ASP A 174 10.00 -33.55 28.01
C ASP A 174 9.23 -34.25 29.12
N PRO A 175 8.14 -33.67 29.68
CA PRO A 175 7.35 -34.35 30.70
C PRO A 175 6.89 -35.77 30.35
N ASN A 176 6.58 -36.05 29.07
CA ASN A 176 6.15 -37.41 28.65
C ASN A 176 7.35 -38.36 28.60
N SER A 177 8.58 -37.87 28.73
CA SER A 177 9.83 -38.66 28.67
C SER A 177 10.60 -38.58 30.00
N ARG A 178 9.98 -38.04 31.05
CA ARG A 178 10.69 -37.66 32.29
C ARG A 178 10.95 -38.88 33.17
N PRO A 179 11.97 -38.80 34.05
CA PRO A 179 12.21 -39.84 35.02
C PRO A 179 11.19 -39.72 36.16
N LEU A 180 10.81 -40.85 36.74
CA LEU A 180 9.99 -40.86 37.97
C LEU A 180 10.79 -41.42 39.15
N ARG A 181 11.93 -42.07 38.89
CA ARG A 181 12.89 -42.47 39.95
C ARG A 181 14.32 -42.06 39.54
N ALA A 182 15.15 -41.80 40.52
CA ALA A 182 16.54 -41.34 40.38
C ALA A 182 17.37 -41.94 41.52
N LEU A 183 18.60 -42.31 41.21
CA LEU A 183 19.53 -42.99 42.12
C LEU A 183 20.87 -42.23 42.04
N HIS A 184 21.30 -41.61 43.14
CA HIS A 184 22.61 -40.92 43.28
C HIS A 184 23.65 -41.94 43.73
N ILE A 185 24.68 -42.16 42.91
CA ILE A 185 25.83 -43.06 43.23
C ILE A 185 27.04 -42.17 43.51
N GLU A 186 27.53 -42.22 44.75
CA GLU A 186 28.65 -41.36 45.23
C GLU A 186 29.97 -42.03 44.85
N GLY A 187 30.92 -41.26 44.32
CA GLY A 187 32.28 -41.75 44.00
C GLY A 187 32.31 -42.59 42.73
N GLU A 188 31.23 -42.56 41.93
CA GLU A 188 31.23 -43.17 40.58
C GLU A 188 31.10 -42.00 39.60
N GLY A 189 32.20 -41.67 38.91
CA GLY A 189 32.33 -40.41 38.20
C GLY A 189 32.65 -40.58 36.73
N SER A 190 33.40 -39.62 36.18
CA SER A 190 33.73 -39.57 34.75
C SER A 190 35.08 -38.90 34.56
N VAL A 191 35.72 -39.22 33.44
CA VAL A 191 36.98 -38.62 32.97
C VAL A 191 36.76 -38.11 31.54
N ASP A 192 37.52 -37.11 31.16
CA ASP A 192 37.61 -36.65 29.75
C ASP A 192 38.57 -37.60 29.03
N SER A 193 38.04 -38.42 28.12
CA SER A 193 38.80 -39.48 27.43
C SER A 193 39.97 -38.87 26.63
N GLY A 194 39.80 -37.68 26.04
CA GLY A 194 40.82 -36.97 25.25
C GLY A 194 41.97 -36.49 26.14
N ILE A 195 41.64 -35.94 27.29
CA ILE A 195 42.65 -35.47 28.29
C ILE A 195 43.34 -36.69 28.89
N LEU A 196 42.62 -37.79 29.11
CA LEU A 196 43.22 -39.06 29.59
C LEU A 196 44.25 -39.55 28.57
N LEU A 197 43.88 -39.63 27.29
CA LEU A 197 44.81 -40.11 26.23
C LEU A 197 46.05 -39.22 26.17
N ALA A 198 45.89 -37.89 26.21
CA ALA A 198 47.01 -36.92 26.18
C ALA A 198 47.90 -37.15 27.41
N ALA A 199 47.31 -37.32 28.60
CA ALA A 199 48.03 -37.52 29.87
C ALA A 199 48.80 -38.85 29.82
N LEU A 200 48.22 -39.89 29.23
CA LEU A 200 48.88 -41.23 29.14
C LEU A 200 50.08 -41.12 28.20
N GLU A 201 49.94 -40.47 27.04
CA GLU A 201 51.06 -40.30 26.06
C GLU A 201 52.19 -39.52 26.73
N ARG A 202 51.87 -38.41 27.38
CA ARG A 202 52.85 -37.53 28.08
C ARG A 202 53.55 -38.35 29.18
N SER A 203 52.79 -39.11 29.99
CA SER A 203 53.34 -39.92 31.11
C SER A 203 54.23 -41.04 30.55
N PHE A 204 53.84 -41.62 29.41
CA PHE A 204 54.59 -42.71 28.76
C PHE A 204 55.96 -42.20 28.31
N LEU A 205 55.99 -41.04 27.64
CA LEU A 205 57.24 -40.37 27.16
C LEU A 205 58.12 -40.00 28.36
N GLN A 206 57.54 -39.44 29.42
CA GLN A 206 58.29 -39.02 30.62
C GLN A 206 59.01 -40.22 31.26
N ALA A 207 58.44 -41.42 31.14
CA ALA A 207 58.95 -42.64 31.79
C ALA A 207 59.91 -43.38 30.85
N GLY A 208 60.20 -42.82 29.68
CA GLY A 208 61.19 -43.38 28.74
C GLY A 208 60.57 -44.18 27.62
N GLY A 209 59.24 -44.18 27.51
CA GLY A 209 58.55 -44.89 26.41
C GLY A 209 58.80 -44.21 25.07
N ARG A 210 58.75 -44.99 23.99
CA ARG A 210 58.91 -44.49 22.60
C ARG A 210 57.58 -44.67 21.86
N LEU A 211 57.03 -43.59 21.31
CA LEU A 211 55.82 -43.60 20.44
C LEU A 211 56.26 -43.68 18.98
N HIS A 212 55.93 -44.78 18.29
CA HIS A 212 56.26 -45.00 16.88
C HIS A 212 54.95 -45.04 16.10
N PRO A 213 54.57 -43.92 15.42
CA PRO A 213 53.22 -43.78 14.86
C PRO A 213 53.03 -44.54 13.54
N VAL A 214 53.18 -45.86 13.58
CA VAL A 214 52.84 -46.77 12.45
C VAL A 214 51.94 -47.87 13.04
N ASP A 215 51.30 -48.65 12.17
CA ASP A 215 50.47 -49.81 12.57
C ASP A 215 51.28 -51.09 12.36
N ALA A 216 51.08 -52.09 13.22
CA ALA A 216 51.55 -53.47 13.01
C ALA A 216 50.74 -54.07 11.86
N THR A 217 51.39 -54.71 10.89
CA THR A 217 50.73 -55.52 9.84
C THR A 217 50.79 -57.00 10.24
N GLU A 218 51.82 -57.41 10.97
CA GLU A 218 52.08 -58.86 11.21
C GLU A 218 52.93 -59.03 12.46
N ILE A 219 52.55 -59.99 13.31
CA ILE A 219 53.39 -60.49 14.43
C ILE A 219 54.22 -61.66 13.90
N ARG A 220 55.54 -61.57 13.98
CA ARG A 220 56.41 -62.70 13.53
C ARG A 220 56.77 -63.53 14.77
N ALA A 221 56.62 -64.84 14.64
CA ALA A 221 56.98 -65.85 15.66
C ALA A 221 57.52 -67.11 14.95
N SER A 222 58.39 -67.85 15.63
CA SER A 222 58.81 -69.22 15.26
C SER A 222 59.46 -69.86 16.47
N HIS A 223 59.50 -71.20 16.53
CA HIS A 223 59.90 -71.98 17.73
C HIS A 223 59.05 -71.47 18.90
N GLY A 224 57.74 -71.26 18.68
CA GLY A 224 56.70 -70.90 19.66
C GLY A 224 57.02 -69.65 20.47
N ARG A 225 57.67 -68.67 19.85
CA ARG A 225 58.27 -67.50 20.55
C ARG A 225 58.13 -66.27 19.65
N VAL A 226 57.76 -65.11 20.20
CA VAL A 226 57.66 -63.86 19.38
C VAL A 226 59.08 -63.40 19.05
N GLU A 227 59.28 -62.96 17.80
CA GLU A 227 60.52 -62.34 17.28
C GLU A 227 60.33 -60.83 17.11
N GLY A 228 59.10 -60.38 16.82
CA GLY A 228 58.76 -58.95 16.76
C GLY A 228 57.60 -58.71 15.80
N VAL A 229 57.58 -57.52 15.20
CA VAL A 229 56.40 -56.98 14.48
C VAL A 229 56.85 -56.32 13.16
N VAL A 230 56.25 -56.74 12.04
CA VAL A 230 56.33 -56.04 10.73
C VAL A 230 55.32 -54.88 10.81
N THR A 231 55.75 -53.66 10.42
CA THR A 231 54.92 -52.44 10.44
C THR A 231 54.47 -52.11 9.01
N ASP A 232 53.50 -51.20 8.86
CA ASP A 232 52.84 -50.93 7.56
C ASP A 232 53.70 -49.97 6.71
N ASP A 233 54.82 -49.47 7.23
CA ASP A 233 55.85 -48.77 6.43
C ASP A 233 56.90 -49.77 5.93
N GLY A 234 56.66 -51.08 6.07
CA GLY A 234 57.51 -52.16 5.52
C GLY A 234 58.67 -52.55 6.43
N ASP A 235 58.83 -51.90 7.58
CA ASP A 235 59.95 -52.11 8.52
C ASP A 235 59.69 -53.38 9.35
N PHE A 236 60.71 -53.93 10.00
CA PHE A 236 60.61 -55.03 11.01
C PHE A 236 61.21 -54.55 12.32
N LEU A 237 60.45 -54.61 13.42
CA LEU A 237 60.91 -54.22 14.78
C LEU A 237 61.09 -55.48 15.59
N PRO A 238 62.32 -55.79 16.08
CA PRO A 238 62.55 -56.98 16.89
C PRO A 238 62.08 -56.75 18.33
N ALA A 239 61.61 -57.80 19.00
CA ALA A 239 61.18 -57.74 20.41
C ALA A 239 61.10 -59.14 21.00
N GLY A 240 61.34 -59.25 22.30
CA GLY A 240 61.08 -60.47 23.10
C GLY A 240 59.62 -60.52 23.56
N HIS A 241 58.97 -59.36 23.69
CA HIS A 241 57.57 -59.24 24.18
C HIS A 241 56.74 -58.36 23.23
N VAL A 242 55.57 -58.86 22.84
CA VAL A 242 54.54 -58.11 22.06
C VAL A 242 53.23 -58.17 22.85
N VAL A 243 52.73 -57.00 23.26
CA VAL A 243 51.41 -56.81 23.90
C VAL A 243 50.45 -56.28 22.84
N VAL A 244 49.47 -57.08 22.46
CA VAL A 244 48.38 -56.68 21.51
C VAL A 244 47.25 -56.04 22.31
N ALA A 245 47.05 -54.74 22.10
CA ALA A 245 45.91 -53.94 22.64
C ALA A 245 45.39 -53.07 21.50
N ALA A 246 45.03 -53.72 20.39
CA ALA A 246 44.64 -53.06 19.12
C ALA A 246 43.11 -52.94 19.03
N GLY A 247 42.41 -52.91 20.17
CA GLY A 247 40.95 -52.84 20.20
C GLY A 247 40.33 -53.96 19.36
N ALA A 248 39.34 -53.63 18.53
CA ALA A 248 38.55 -54.63 17.79
C ALA A 248 39.41 -55.36 16.75
N ARG A 249 40.64 -54.91 16.48
CA ARG A 249 41.55 -55.57 15.49
C ARG A 249 42.43 -56.62 16.17
N SER A 250 42.37 -56.76 17.50
CA SER A 250 43.34 -57.53 18.31
C SER A 250 43.38 -59.02 17.91
N GLN A 251 42.21 -59.67 17.80
CA GLN A 251 42.17 -61.12 17.48
C GLN A 251 42.55 -61.34 16.02
N ARG A 252 42.11 -60.47 15.10
CA ARG A 252 42.43 -60.63 13.65
C ARG A 252 43.94 -60.58 13.48
N LEU A 253 44.66 -59.79 14.29
CA LEU A 253 46.14 -59.65 14.19
C LEU A 253 46.83 -60.96 14.64
N VAL A 254 46.36 -61.58 15.73
CA VAL A 254 47.00 -62.79 16.33
C VAL A 254 46.54 -64.06 15.62
N ALA A 255 45.38 -64.05 14.97
CA ALA A 255 44.74 -65.24 14.33
C ALA A 255 45.58 -65.75 13.16
N ALA A 256 46.50 -64.93 12.65
CA ALA A 256 47.44 -65.29 11.56
C ALA A 256 48.43 -66.36 12.04
N LEU A 257 48.78 -66.36 13.33
CA LEU A 257 49.77 -67.29 13.94
C LEU A 257 49.20 -68.71 14.01
N PRO A 258 50.05 -69.75 13.90
CA PRO A 258 49.58 -71.14 13.84
C PRO A 258 48.58 -71.59 14.91
N GLY A 259 47.41 -72.08 14.51
CA GLY A 259 46.37 -72.65 15.39
C GLY A 259 45.51 -71.60 16.08
N LEU A 260 45.95 -70.34 16.14
CA LEU A 260 45.37 -69.31 17.04
C LEU A 260 44.01 -68.81 16.53
N ALA A 261 43.67 -69.07 15.26
CA ALA A 261 42.38 -68.66 14.64
C ALA A 261 41.20 -69.25 15.43
N HIS A 262 41.36 -70.44 16.00
CA HIS A 262 40.30 -71.18 16.72
C HIS A 262 40.63 -71.29 18.21
N ARG A 263 41.62 -70.55 18.70
CA ARG A 263 42.08 -70.59 20.11
C ARG A 263 41.95 -69.23 20.79
N ILE A 264 41.95 -68.12 20.01
CA ILE A 264 41.66 -66.75 20.54
C ILE A 264 40.24 -66.41 20.11
N PRO A 265 39.29 -66.24 21.06
CA PRO A 265 37.91 -65.90 20.69
C PRO A 265 37.88 -64.66 19.78
N ARG A 266 37.07 -64.71 18.74
CA ARG A 266 36.87 -63.58 17.81
C ARG A 266 36.42 -62.34 18.59
N ILE A 267 36.87 -61.18 18.11
CA ILE A 267 36.45 -59.86 18.62
C ILE A 267 35.83 -59.10 17.43
N TYR A 268 34.59 -58.65 17.59
CA TYR A 268 33.86 -57.89 16.55
C TYR A 268 33.82 -56.41 16.96
N ASP A 269 33.29 -55.57 16.06
CA ASP A 269 33.17 -54.10 16.26
C ASP A 269 31.80 -53.78 16.87
N GLY A 270 31.76 -53.38 18.15
CA GLY A 270 30.57 -52.79 18.77
C GLY A 270 30.54 -51.30 18.43
N VAL A 271 30.06 -50.97 17.24
CA VAL A 271 30.19 -49.60 16.67
C VAL A 271 29.30 -48.68 17.50
N GLY A 272 29.91 -47.65 18.06
CA GLY A 272 29.26 -46.70 18.98
C GLY A 272 29.35 -45.27 18.45
N VAL A 273 28.23 -44.57 18.52
CA VAL A 273 28.13 -43.14 18.11
C VAL A 273 27.87 -42.31 19.34
N SER A 274 28.62 -41.22 19.47
CA SER A 274 28.50 -40.22 20.55
C SER A 274 28.68 -38.83 19.94
N ALA A 275 28.48 -37.78 20.72
CA ALA A 275 28.59 -36.41 20.18
C ALA A 275 29.07 -35.47 21.27
N LEU A 276 29.80 -34.45 20.84
CA LEU A 276 30.18 -33.27 21.66
C LEU A 276 29.26 -32.13 21.25
N VAL A 277 28.63 -31.50 22.23
CA VAL A 277 27.63 -30.43 22.04
C VAL A 277 28.08 -29.25 22.89
N ASP A 278 28.11 -28.05 22.31
CA ASP A 278 28.26 -26.77 23.07
C ASP A 278 26.87 -26.35 23.53
N THR A 279 26.61 -26.36 24.84
CA THR A 279 25.26 -26.09 25.37
C THR A 279 24.87 -24.64 25.08
N TRP A 280 23.58 -24.40 24.87
CA TRP A 280 22.94 -23.09 24.59
C TRP A 280 23.46 -22.01 25.55
N ASP A 281 23.71 -22.32 26.82
CA ASP A 281 24.06 -21.30 27.86
C ASP A 281 25.44 -21.57 28.48
N GLY A 282 26.22 -22.52 27.95
CA GLY A 282 27.53 -22.89 28.51
C GLY A 282 27.43 -23.74 29.76
N SER A 283 26.24 -24.07 30.26
CA SER A 283 26.07 -24.88 31.49
C SER A 283 26.23 -26.37 31.15
N GLY A 284 26.31 -27.18 32.20
CA GLY A 284 26.39 -28.64 32.16
C GLY A 284 25.99 -29.17 33.52
N PRO A 285 25.65 -30.46 33.66
CA PRO A 285 25.32 -31.02 34.97
C PRO A 285 26.62 -31.25 35.77
N ALA A 286 26.50 -31.29 37.09
CA ALA A 286 27.63 -31.50 38.02
C ALA A 286 27.94 -33.00 38.11
N THR A 287 26.97 -33.87 37.79
CA THR A 287 27.15 -35.34 37.82
C THR A 287 27.00 -35.93 36.43
N VAL A 288 27.52 -37.14 36.24
CA VAL A 288 27.07 -38.01 35.13
C VAL A 288 25.56 -38.18 35.27
N LEU A 289 24.86 -38.18 34.14
CA LEU A 289 23.42 -38.55 34.05
C LEU A 289 23.36 -39.77 33.14
N ARG A 290 22.72 -40.85 33.57
CA ARG A 290 22.64 -42.06 32.71
C ARG A 290 21.36 -42.84 32.99
N THR A 291 20.99 -43.66 32.02
CA THR A 291 20.07 -44.82 32.20
C THR A 291 20.93 -46.05 32.46
N SER A 292 20.30 -47.14 32.87
CA SER A 292 20.96 -48.46 32.82
C SER A 292 21.11 -48.85 31.34
N ASN A 293 21.90 -49.89 31.08
CA ASN A 293 22.16 -50.41 29.73
C ASN A 293 20.83 -50.82 29.10
N ARG A 294 20.68 -50.54 27.82
CA ARG A 294 19.40 -50.67 27.09
C ARG A 294 19.62 -51.67 25.93
N ALA A 295 18.69 -51.71 24.97
CA ALA A 295 18.62 -52.76 23.93
C ALA A 295 19.99 -52.97 23.28
N PHE A 296 20.48 -54.22 23.30
CA PHE A 296 21.70 -54.66 22.59
C PHE A 296 22.90 -53.80 23.01
N ALA A 297 22.96 -53.49 24.30
CA ALA A 297 24.11 -52.89 25.02
C ALA A 297 24.38 -51.47 24.53
N CYS A 298 23.35 -50.74 24.11
CA CYS A 298 23.47 -49.26 24.02
C CYS A 298 22.99 -48.68 25.36
N GLY A 299 22.88 -47.38 25.46
CA GLY A 299 22.41 -46.71 26.67
C GLY A 299 22.51 -45.21 26.48
N LEU A 300 21.84 -44.46 27.33
CA LEU A 300 21.79 -42.99 27.22
C LEU A 300 22.55 -42.41 28.40
N HIS A 301 23.45 -41.47 28.12
CA HIS A 301 24.19 -40.79 29.18
C HIS A 301 24.70 -39.44 28.69
N LEU A 302 24.93 -38.57 29.67
CA LEU A 302 25.60 -37.28 29.50
C LEU A 302 26.78 -37.26 30.46
N VAL A 303 27.98 -37.00 29.93
CA VAL A 303 29.24 -36.88 30.70
C VAL A 303 29.67 -35.43 30.67
N PRO A 304 29.83 -34.79 31.84
CA PRO A 304 30.31 -33.41 31.91
C PRO A 304 31.67 -33.25 31.23
N ARG A 305 31.87 -32.11 30.58
CA ARG A 305 33.17 -31.68 30.01
C ARG A 305 33.41 -30.24 30.46
N ALA A 306 34.67 -29.79 30.45
CA ALA A 306 35.04 -28.39 30.75
C ALA A 306 34.67 -27.52 29.56
N GLY A 307 34.51 -26.20 29.78
CA GLY A 307 34.47 -25.19 28.72
C GLY A 307 33.14 -25.11 27.98
N GLY A 308 32.02 -25.41 28.62
CA GLY A 308 30.67 -25.22 28.04
C GLY A 308 30.29 -26.31 27.04
N SER A 309 31.04 -27.41 27.00
CA SER A 309 30.76 -28.61 26.18
C SER A 309 30.11 -29.68 27.05
N VAL A 310 29.25 -30.53 26.49
CA VAL A 310 28.84 -31.81 27.14
C VAL A 310 29.04 -32.93 26.12
N TYR A 311 29.30 -34.13 26.63
CA TYR A 311 29.36 -35.36 25.84
C TYR A 311 28.01 -36.07 25.99
N ILE A 312 27.45 -36.52 24.88
CA ILE A 312 26.24 -37.38 24.92
C ILE A 312 26.56 -38.67 24.19
N GLY A 313 26.12 -39.77 24.79
CA GLY A 313 26.28 -41.12 24.22
C GLY A 313 25.16 -42.02 24.70
N ALA A 314 25.17 -43.26 24.21
CA ALA A 314 26.02 -43.70 23.14
C ALA A 314 25.34 -44.92 22.50
N THR A 315 25.33 -44.99 21.19
CA THR A 315 24.70 -46.10 20.44
C THR A 315 25.64 -47.31 20.50
N ASN A 316 25.12 -48.47 20.13
CA ASN A 316 25.93 -49.69 19.97
C ASN A 316 25.26 -50.56 18.91
N ALA A 317 26.04 -51.04 17.95
CA ALA A 317 25.61 -52.02 16.95
C ALA A 317 26.79 -52.94 16.68
N VAL A 318 26.61 -54.24 16.96
CA VAL A 318 27.69 -55.21 16.64
C VAL A 318 27.73 -55.37 15.12
N CYS A 319 28.89 -55.12 14.51
CA CYS A 319 29.11 -55.26 13.05
C CYS A 319 30.17 -56.35 12.82
N LEU A 320 29.91 -57.25 11.87
CA LEU A 320 30.83 -58.35 11.52
C LEU A 320 32.04 -57.80 10.75
N GLU A 321 31.96 -56.57 10.26
CA GLU A 321 33.09 -55.83 9.63
C GLU A 321 33.16 -54.43 10.24
N PRO A 322 34.36 -53.82 10.32
CA PRO A 322 34.49 -52.48 10.88
C PRO A 322 33.71 -51.40 10.10
N ARG A 323 33.27 -50.38 10.82
CA ARG A 323 32.60 -49.21 10.23
C ARG A 323 33.08 -48.00 10.99
N GLY A 324 33.50 -46.97 10.27
CA GLY A 324 34.12 -45.77 10.85
C GLY A 324 33.24 -44.56 10.75
N ALA A 325 32.00 -44.71 10.26
CA ALA A 325 31.06 -43.58 10.10
C ALA A 325 29.74 -43.92 10.78
N ALA A 326 29.12 -42.93 11.40
CA ALA A 326 27.78 -43.02 12.01
C ALA A 326 26.75 -43.24 10.89
N SER A 327 25.73 -44.03 11.16
CA SER A 327 24.54 -44.11 10.28
C SER A 327 23.62 -42.95 10.66
N ILE A 328 22.74 -42.56 9.74
CA ILE A 328 21.69 -41.54 10.03
C ILE A 328 20.90 -41.99 11.27
N GLU A 329 20.44 -43.23 11.28
CA GLU A 329 19.60 -43.81 12.36
C GLU A 329 20.26 -43.60 13.73
N GLU A 330 21.56 -43.85 13.83
CA GLU A 330 22.33 -43.75 15.09
C GLU A 330 22.32 -42.30 15.59
N THR A 331 22.63 -41.37 14.69
CA THR A 331 22.67 -39.93 15.01
C THR A 331 21.28 -39.50 15.53
N VAL A 332 20.21 -39.87 14.84
CA VAL A 332 18.83 -39.43 15.20
C VAL A 332 18.45 -40.03 16.56
N ALA A 333 18.73 -41.32 16.79
CA ALA A 333 18.31 -42.00 18.04
C ALA A 333 19.06 -41.37 19.22
N LEU A 334 20.36 -41.14 19.09
CA LEU A 334 21.18 -40.53 20.17
C LEU A 334 20.61 -39.14 20.51
N PHE A 335 20.44 -38.29 19.49
CA PHE A 335 19.97 -36.90 19.69
C PHE A 335 18.56 -36.91 20.26
N ASN A 336 17.67 -37.72 19.69
CA ASN A 336 16.25 -37.73 20.12
C ASN A 336 16.15 -38.14 21.59
N CYS A 337 16.87 -39.17 22.00
CA CYS A 337 16.84 -39.67 23.40
C CYS A 337 17.38 -38.58 24.35
N ALA A 338 18.51 -37.96 24.02
CA ALA A 338 19.16 -36.96 24.91
C ALA A 338 18.26 -35.73 25.08
N THR A 339 17.67 -35.21 23.99
CA THR A 339 16.85 -33.98 24.01
C THR A 339 15.56 -34.23 24.78
N HIS A 340 14.96 -35.42 24.67
CA HIS A 340 13.66 -35.73 25.32
C HIS A 340 13.87 -36.14 26.78
N GLN A 341 14.85 -37.01 27.04
CA GLN A 341 14.96 -37.69 28.36
C GLN A 341 15.89 -36.92 29.30
N LEU A 342 16.82 -36.11 28.81
CA LEU A 342 17.80 -35.40 29.68
C LEU A 342 17.54 -33.90 29.69
N HIS A 343 17.63 -33.22 28.55
CA HIS A 343 17.52 -31.74 28.50
C HIS A 343 17.05 -31.27 27.13
N ARG A 344 15.88 -30.65 27.08
CA ARG A 344 15.28 -30.11 25.83
C ARG A 344 16.13 -28.96 25.28
N GLY A 345 16.90 -28.27 26.13
CA GLY A 345 17.82 -27.20 25.71
C GLY A 345 18.91 -27.72 24.79
N LEU A 346 19.23 -29.01 24.83
CA LEU A 346 20.24 -29.61 23.89
C LEU A 346 19.72 -29.47 22.45
N ASN A 347 18.41 -29.37 22.26
CA ASN A 347 17.80 -29.21 20.92
C ASN A 347 18.37 -27.98 20.21
N GLY A 348 18.52 -26.88 20.93
CA GLY A 348 19.00 -25.59 20.38
C GLY A 348 20.49 -25.44 20.55
N SER A 349 21.16 -26.48 21.01
CA SER A 349 22.62 -26.43 21.28
C SER A 349 23.36 -26.78 19.98
N GLU A 350 24.61 -26.34 19.85
CA GLU A 350 25.42 -26.53 18.63
C GLU A 350 26.15 -27.88 18.69
N LEU A 351 26.00 -28.65 17.62
CA LEU A 351 26.74 -29.90 17.38
C LEU A 351 28.18 -29.54 17.00
N ARG A 352 29.15 -29.94 17.81
CA ARG A 352 30.57 -29.69 17.51
C ARG A 352 31.18 -30.93 16.86
N LYS A 353 30.79 -32.14 17.26
CA LYS A 353 31.45 -33.34 16.69
C LYS A 353 30.56 -34.57 16.88
N VAL A 354 30.40 -35.34 15.82
CA VAL A 354 29.84 -36.71 15.87
C VAL A 354 31.04 -37.66 15.93
N GLN A 355 31.13 -38.49 16.96
CA GLN A 355 32.28 -39.39 17.19
C GLN A 355 31.81 -40.83 16.98
N VAL A 356 32.68 -41.65 16.39
CA VAL A 356 32.42 -43.07 16.08
C VAL A 356 33.64 -43.87 16.49
N GLY A 357 33.44 -44.94 17.26
CA GLY A 357 34.49 -45.86 17.68
C GLY A 357 33.94 -47.28 17.80
N SER A 358 34.83 -48.27 17.79
CA SER A 358 34.48 -49.71 17.88
C SER A 358 34.81 -50.25 19.26
N ARG A 359 33.79 -50.46 20.09
CA ARG A 359 33.92 -51.26 21.33
C ARG A 359 34.39 -52.65 20.91
N PRO A 360 35.51 -53.17 21.45
CA PRO A 360 35.94 -54.53 21.16
C PRO A 360 34.97 -55.53 21.78
N ALA A 361 34.16 -56.16 20.92
CA ALA A 361 33.01 -57.02 21.31
C ALA A 361 33.41 -58.49 21.19
N PRO A 362 33.77 -59.15 22.31
CA PRO A 362 34.18 -60.57 22.25
C PRO A 362 32.97 -61.48 21.95
N ILE A 363 33.17 -62.48 21.08
CA ILE A 363 32.11 -63.40 20.61
C ILE A 363 31.50 -64.20 21.77
N ASP A 364 32.21 -64.39 22.90
CA ASP A 364 31.68 -65.16 24.06
C ASP A 364 31.33 -64.22 25.21
N GLY A 365 31.44 -62.91 25.01
CA GLY A 365 30.89 -61.91 25.94
C GLY A 365 31.85 -61.51 27.05
N PHE A 366 33.10 -61.98 27.05
CA PHE A 366 34.06 -61.69 28.13
C PHE A 366 35.41 -61.27 27.56
N PRO A 367 36.16 -60.44 28.33
CA PRO A 367 37.43 -59.92 27.85
C PRO A 367 38.51 -60.98 27.64
N LEU A 368 39.57 -60.56 26.96
CA LEU A 368 40.77 -61.35 26.59
C LEU A 368 41.99 -60.63 27.19
N ILE A 369 42.42 -61.09 28.35
CA ILE A 369 43.45 -60.40 29.19
C ILE A 369 44.46 -61.43 29.66
N GLY A 370 45.71 -61.34 29.20
CA GLY A 370 46.82 -62.12 29.76
C GLY A 370 47.67 -62.76 28.68
N GLY A 371 48.25 -63.90 29.01
CA GLY A 371 49.29 -64.57 28.21
C GLY A 371 48.66 -65.53 27.22
N THR A 372 49.51 -66.07 26.36
CA THR A 372 49.21 -66.86 25.15
C THR A 372 50.11 -68.11 25.22
N SER A 373 49.91 -69.10 24.37
CA SER A 373 50.77 -70.29 24.21
C SER A 373 52.04 -69.88 23.46
N VAL A 374 52.10 -68.68 22.89
CA VAL A 374 53.30 -68.12 22.22
C VAL A 374 54.07 -67.31 23.25
N GLU A 375 55.33 -67.68 23.49
CA GLU A 375 56.20 -67.06 24.50
C GLU A 375 56.39 -65.58 24.14
N GLY A 376 56.21 -64.70 25.10
CA GLY A 376 56.29 -63.23 24.96
C GLY A 376 55.09 -62.58 24.27
N LEU A 377 54.04 -63.34 23.90
CA LEU A 377 52.81 -62.77 23.27
C LEU A 377 51.72 -62.61 24.33
N TRP A 378 51.27 -61.36 24.52
CA TRP A 378 50.23 -60.94 25.50
C TRP A 378 49.09 -60.22 24.77
N MET A 379 47.90 -60.24 25.37
CA MET A 379 46.68 -59.61 24.82
C MET A 379 45.97 -58.84 25.93
N LEU A 380 45.50 -57.64 25.60
CA LEU A 380 44.58 -56.82 26.41
C LEU A 380 43.49 -56.32 25.46
N SER A 381 42.34 -56.99 25.40
CA SER A 381 41.25 -56.64 24.45
C SER A 381 39.92 -57.26 24.87
N GLY A 382 38.89 -57.03 24.06
CA GLY A 382 37.54 -57.59 24.24
C GLY A 382 36.83 -57.01 25.45
N THR A 383 37.14 -55.77 25.83
CA THR A 383 36.56 -55.12 27.04
C THR A 383 35.21 -54.45 26.75
N TYR A 384 34.76 -54.38 25.49
CA TYR A 384 33.38 -53.96 25.12
C TYR A 384 33.09 -52.57 25.73
N ARG A 385 32.23 -52.47 26.75
CA ARG A 385 31.70 -51.18 27.26
C ARG A 385 32.56 -50.58 28.39
N ASP A 386 33.52 -51.31 28.97
CA ASP A 386 34.13 -50.83 30.24
C ASP A 386 35.63 -51.15 30.36
N GLY A 387 36.34 -51.28 29.25
CA GLY A 387 37.81 -51.38 29.22
C GLY A 387 38.47 -50.12 29.78
N LEU A 388 37.96 -48.95 29.42
CA LEU A 388 38.55 -47.67 29.89
C LEU A 388 38.42 -47.61 31.43
N HIS A 389 37.25 -47.91 31.98
CA HIS A 389 37.04 -47.96 33.44
C HIS A 389 38.04 -48.95 34.09
N MET A 390 38.21 -50.13 33.50
CA MET A 390 39.00 -51.22 34.12
C MET A 390 40.50 -51.02 33.87
N SER A 391 40.90 -50.09 32.99
CA SER A 391 42.27 -49.96 32.44
C SER A 391 43.34 -50.01 33.52
N PRO A 392 43.30 -49.24 34.63
CA PRO A 392 44.42 -49.28 35.59
C PRO A 392 44.59 -50.68 36.19
N LEU A 393 43.47 -51.37 36.46
CA LEU A 393 43.49 -52.75 37.03
C LEU A 393 44.06 -53.71 35.97
N LEU A 394 43.58 -53.64 34.73
CA LEU A 394 43.99 -54.58 33.65
C LEU A 394 45.48 -54.38 33.34
N ALA A 395 45.96 -53.13 33.33
CA ALA A 395 47.36 -52.79 33.04
C ALA A 395 48.26 -53.43 34.09
N ARG A 396 47.91 -53.26 35.37
CA ARG A 396 48.70 -53.77 36.52
C ARG A 396 48.68 -55.29 36.50
N HIS A 397 47.54 -55.90 36.19
CA HIS A 397 47.45 -57.36 36.03
C HIS A 397 48.46 -57.85 35.00
N VAL A 398 48.42 -57.32 33.78
CA VAL A 398 49.26 -57.85 32.68
C VAL A 398 50.73 -57.58 33.00
N VAL A 399 51.06 -56.42 33.57
CA VAL A 399 52.46 -56.05 33.91
C VAL A 399 52.99 -57.01 34.99
N SER A 400 52.19 -57.33 36.00
CA SER A 400 52.54 -58.34 37.03
C SER A 400 52.86 -59.68 36.35
N LEU A 401 51.98 -60.18 35.47
CA LEU A 401 52.19 -61.46 34.75
C LEU A 401 53.52 -61.41 33.98
N MET A 402 53.80 -60.31 33.28
CA MET A 402 55.02 -60.16 32.45
C MET A 402 56.28 -60.17 33.33
N ASP A 403 56.14 -59.86 34.62
CA ASP A 403 57.22 -59.82 35.63
C ASP A 403 57.29 -61.14 36.42
N GLY A 404 56.52 -62.16 36.03
CA GLY A 404 56.47 -63.47 36.70
C GLY A 404 55.58 -63.49 37.94
N GLY A 405 54.79 -62.44 38.20
CA GLY A 405 53.77 -62.40 39.26
C GLY A 405 52.50 -63.11 38.87
N THR A 406 51.47 -63.08 39.72
CA THR A 406 50.14 -63.69 39.43
C THR A 406 49.08 -62.60 39.20
N GLY A 407 49.50 -61.32 39.23
CA GLY A 407 48.61 -60.17 38.95
C GLY A 407 47.41 -60.16 39.87
N VAL A 408 46.21 -59.94 39.31
CA VAL A 408 44.95 -59.72 40.07
C VAL A 408 44.20 -61.05 40.09
N ASP A 409 43.71 -61.46 41.26
CA ASP A 409 42.89 -62.71 41.39
C ASP A 409 41.58 -62.49 40.63
N GLY A 410 41.11 -63.50 39.92
CA GLY A 410 39.78 -63.47 39.28
C GLY A 410 39.83 -63.08 37.81
N LEU A 411 41.00 -62.74 37.27
CA LEU A 411 41.18 -62.41 35.82
C LEU A 411 41.70 -63.64 35.05
N ARG A 412 41.86 -64.78 35.74
CA ARG A 412 42.34 -66.05 35.16
C ARG A 412 41.32 -66.60 34.17
N GLU A 413 40.03 -66.52 34.50
CA GLU A 413 38.94 -67.05 33.63
C GLU A 413 38.89 -66.27 32.31
N PHE A 414 39.50 -65.07 32.24
CA PHE A 414 39.43 -64.17 31.06
C PHE A 414 40.72 -64.22 30.26
N ARG A 415 41.53 -65.26 30.45
CA ARG A 415 42.77 -65.53 29.68
C ARG A 415 42.40 -65.57 28.20
N PRO A 416 43.22 -64.99 27.31
CA PRO A 416 42.82 -64.80 25.91
C PRO A 416 42.76 -66.08 25.08
N GLU A 417 43.52 -67.09 25.47
CA GLU A 417 43.60 -68.37 24.72
C GLU A 417 42.71 -69.37 25.46
N ARG A 418 41.53 -69.64 24.91
CA ARG A 418 40.49 -70.40 25.63
C ARG A 418 39.47 -70.91 24.64
N ASP A 419 38.79 -71.99 25.01
CA ASP A 419 37.49 -72.39 24.43
C ASP A 419 36.53 -71.22 24.69
N LEU A 420 35.56 -71.02 23.81
CA LEU A 420 34.51 -69.99 24.01
C LEU A 420 33.81 -70.28 25.34
N ILE A 421 33.67 -69.26 26.17
CA ILE A 421 32.84 -69.31 27.41
C ILE A 421 31.38 -69.45 27.01
N SER A 422 30.62 -70.27 27.73
CA SER A 422 29.14 -70.36 27.67
C SER A 422 28.56 -69.89 29.00
N ALA A 423 28.42 -68.59 29.19
CA ALA A 423 28.08 -67.99 30.51
C ALA A 423 26.57 -68.10 30.77
N TRP A 424 25.76 -68.38 29.75
CA TRP A 424 24.28 -68.48 29.85
C TRP A 424 23.80 -69.70 29.08
N SER A 425 22.65 -70.24 29.46
CA SER A 425 21.93 -71.30 28.70
C SER A 425 21.39 -70.69 27.40
N ARG A 426 21.24 -71.52 26.37
CA ARG A 426 20.60 -71.12 25.10
C ARG A 426 19.21 -70.52 25.40
N GLU A 427 18.45 -71.13 26.31
CA GLU A 427 17.11 -70.65 26.72
C GLU A 427 17.20 -69.21 27.26
N GLU A 428 18.16 -68.93 28.12
CA GLU A 428 18.34 -67.58 28.73
C GLU A 428 18.61 -66.56 27.60
N ILE A 429 19.47 -66.93 26.65
CA ILE A 429 19.88 -66.01 25.55
C ILE A 429 18.69 -65.78 24.60
N LEU A 430 17.93 -66.81 24.26
CA LEU A 430 16.74 -66.68 23.39
C LEU A 430 15.69 -65.77 24.05
N ASP A 431 15.44 -65.91 25.34
CA ASP A 431 14.56 -64.99 26.09
C ASP A 431 15.11 -63.55 25.97
N ASP A 432 16.42 -63.40 26.15
CA ASP A 432 17.10 -62.08 26.18
C ASP A 432 16.98 -61.41 24.79
N VAL A 433 17.24 -62.14 23.71
CA VAL A 433 17.30 -61.56 22.34
C VAL A 433 15.90 -61.07 21.93
N VAL A 434 14.84 -61.76 22.34
CA VAL A 434 13.45 -61.34 22.02
C VAL A 434 13.11 -60.08 22.84
N ARG A 435 13.46 -60.09 24.12
CA ARG A 435 13.28 -58.93 25.03
C ARG A 435 13.99 -57.70 24.44
N HIS A 436 15.25 -57.85 24.06
CA HIS A 436 16.08 -56.73 23.53
C HIS A 436 15.49 -56.28 22.19
N THR A 437 14.99 -57.20 21.36
CA THR A 437 14.38 -56.82 20.06
C THR A 437 13.17 -55.93 20.34
N MET A 438 12.27 -56.36 21.24
CA MET A 438 11.07 -55.59 21.61
C MET A 438 11.50 -54.24 22.21
N ALA A 439 12.58 -54.20 22.98
CA ALA A 439 13.10 -52.97 23.61
C ALA A 439 13.52 -51.93 22.55
N THR A 440 13.97 -52.34 21.35
CA THR A 440 14.31 -51.38 20.27
C THR A 440 13.03 -50.60 19.89
N GLY A 441 11.85 -51.20 20.02
CA GLY A 441 10.57 -50.52 19.79
C GLY A 441 10.24 -49.56 20.93
N TYR A 442 10.24 -50.06 22.16
CA TYR A 442 9.83 -49.25 23.34
C TYR A 442 10.81 -48.09 23.56
N GLU A 443 12.08 -48.24 23.17
CA GLU A 443 13.11 -47.18 23.38
C GLU A 443 13.01 -46.09 22.30
N PHE A 444 12.28 -46.32 21.21
CA PHE A 444 12.23 -45.40 20.05
C PHE A 444 11.68 -44.03 20.47
N PRO A 445 10.55 -43.89 21.19
CA PRO A 445 9.58 -44.95 21.46
C PRO A 445 8.53 -45.03 20.35
N TRP A 446 8.08 -46.23 20.05
CA TRP A 446 7.05 -46.42 19.00
C TRP A 446 5.65 -46.13 19.57
N ARG A 447 4.68 -45.98 18.67
CA ARG A 447 3.24 -45.93 18.98
C ARG A 447 2.55 -46.89 18.00
N LEU A 448 1.99 -47.98 18.51
CA LEU A 448 1.47 -49.16 17.77
C LEU A 448 0.10 -49.48 18.30
N PRO A 449 -0.76 -50.19 17.53
CA PRO A 449 -1.96 -50.78 18.10
C PRO A 449 -1.55 -51.75 19.22
N LEU A 450 -2.40 -51.87 20.23
CA LEU A 450 -2.06 -52.51 21.53
C LEU A 450 -1.83 -54.02 21.37
N GLU A 451 -2.38 -54.66 20.35
CA GLU A 451 -2.21 -56.12 20.09
C GLU A 451 -0.87 -56.38 19.40
N TRP A 452 -0.21 -55.37 18.84
CA TRP A 452 0.94 -55.62 17.93
C TRP A 452 2.15 -56.16 18.67
N PRO A 453 2.53 -55.61 19.85
CA PRO A 453 3.71 -56.11 20.56
C PRO A 453 3.64 -57.61 20.89
N HIS A 454 2.51 -58.09 21.42
CA HIS A 454 2.33 -59.53 21.74
C HIS A 454 2.46 -60.34 20.45
N MET A 455 1.88 -59.89 19.35
CA MET A 455 1.98 -60.56 18.04
C MET A 455 3.45 -60.64 17.62
N MET A 456 4.21 -59.54 17.72
CA MET A 456 5.65 -59.53 17.32
C MET A 456 6.43 -60.51 18.21
N GLU A 457 6.20 -60.49 19.53
CA GLU A 457 6.92 -61.37 20.49
C GLU A 457 6.71 -62.83 20.08
N THR A 458 5.47 -63.22 19.78
CA THR A 458 5.15 -64.63 19.43
C THR A 458 5.87 -64.99 18.12
N PHE A 459 5.93 -64.09 17.14
CA PHE A 459 6.53 -64.41 15.82
C PHE A 459 8.05 -64.24 15.79
N LEU A 460 8.66 -63.62 16.82
CA LEU A 460 10.14 -63.48 16.88
C LEU A 460 10.78 -64.74 17.48
N GLN A 461 10.06 -65.47 18.33
CA GLN A 461 10.62 -66.59 19.14
C GLN A 461 11.16 -67.70 18.23
N GLY A 462 10.34 -68.14 17.27
CA GLY A 462 10.64 -69.25 16.35
C GLY A 462 11.93 -68.99 15.57
N PRO A 463 12.00 -67.91 14.77
CA PRO A 463 13.20 -67.64 13.97
C PRO A 463 14.50 -67.52 14.79
N PHE A 464 14.48 -66.96 16.00
CA PHE A 464 15.72 -66.85 16.81
C PHE A 464 16.10 -68.26 17.33
N ALA A 465 15.14 -69.07 17.76
CA ALA A 465 15.36 -70.46 18.21
C ALA A 465 15.98 -71.28 17.05
N GLU A 466 15.44 -71.12 15.84
CA GLU A 466 15.93 -71.79 14.61
C GLU A 466 17.39 -71.37 14.33
N LEU A 467 17.69 -70.08 14.44
CA LEU A 467 19.05 -69.57 14.16
C LEU A 467 20.01 -70.19 15.17
N ALA A 468 19.66 -70.16 16.46
CA ALA A 468 20.55 -70.63 17.55
C ALA A 468 20.86 -72.12 17.33
N ASP A 469 19.86 -72.89 16.94
CA ASP A 469 19.98 -74.36 16.72
C ASP A 469 20.89 -74.65 15.52
N ARG A 470 20.79 -73.84 14.48
CA ARG A 470 21.54 -73.95 13.21
C ARG A 470 23.02 -73.57 13.41
N LEU A 471 23.33 -72.60 14.28
CA LEU A 471 24.71 -72.04 14.36
C LEU A 471 25.67 -73.07 14.95
N SER A 472 25.23 -73.82 15.96
CA SER A 472 26.08 -74.74 16.73
C SER A 472 25.24 -75.57 17.68
N ASP A 473 25.69 -76.81 17.94
CA ASP A 473 25.10 -77.71 18.96
C ASP A 473 25.61 -77.32 20.35
N THR A 474 26.69 -76.53 20.47
CA THR A 474 27.28 -76.26 21.81
C THR A 474 27.31 -74.76 22.12
N TYR A 475 27.75 -73.91 21.19
CA TYR A 475 27.94 -72.47 21.45
C TYR A 475 26.65 -71.69 21.10
N THR A 476 26.33 -70.69 21.94
CA THR A 476 25.27 -69.68 21.64
C THR A 476 25.86 -68.28 21.77
N PRO A 477 25.83 -67.46 20.70
CA PRO A 477 26.26 -66.07 20.79
C PRO A 477 25.34 -65.27 21.71
N PRO A 478 25.87 -64.34 22.54
CA PRO A 478 25.03 -63.43 23.30
C PRO A 478 24.10 -62.62 22.38
N ALA A 479 23.01 -62.09 22.93
CA ALA A 479 21.91 -61.41 22.18
C ALA A 479 22.46 -60.35 21.22
N ASP A 480 23.39 -59.50 21.67
CA ASP A 480 23.98 -58.37 20.88
C ASP A 480 24.52 -58.92 19.57
N LEU A 481 25.25 -60.03 19.65
CA LEU A 481 25.87 -60.69 18.48
C LEU A 481 24.79 -61.46 17.71
N MET A 482 23.87 -62.12 18.42
CA MET A 482 22.86 -63.00 17.76
C MET A 482 22.00 -62.15 16.81
N THR A 483 21.61 -60.94 17.20
CA THR A 483 20.79 -60.06 16.31
C THR A 483 21.63 -59.70 15.07
N ALA A 484 22.91 -59.36 15.23
CA ALA A 484 23.79 -59.03 14.09
C ALA A 484 23.87 -60.23 13.14
N ILE A 485 23.96 -61.43 13.68
CA ILE A 485 24.06 -62.67 12.85
C ILE A 485 22.72 -62.90 12.15
N MET A 486 21.61 -62.74 12.86
CA MET A 486 20.25 -62.95 12.31
C MET A 486 20.08 -62.13 11.02
N PHE A 487 20.57 -60.90 10.99
CA PHE A 487 20.33 -59.95 9.86
C PHE A 487 21.57 -59.80 8.99
N SER A 488 22.56 -60.71 9.09
CA SER A 488 23.75 -60.75 8.22
C SER A 488 23.43 -61.58 6.97
N GLU A 489 24.31 -61.56 5.98
CA GLU A 489 24.19 -62.38 4.73
C GLU A 489 24.30 -63.87 5.07
N ARG A 490 23.67 -64.73 4.26
CA ARG A 490 23.75 -66.21 4.38
C ARG A 490 25.22 -66.67 4.48
N GLU A 491 26.12 -66.09 3.68
CA GLU A 491 27.55 -66.49 3.58
C GLU A 491 28.25 -66.17 4.92
N GLN A 492 27.88 -65.06 5.56
CA GLN A 492 28.47 -64.66 6.86
C GLN A 492 27.98 -65.62 7.95
N GLN A 493 26.70 -66.02 7.90
CA GLN A 493 26.13 -67.03 8.81
C GLN A 493 26.86 -68.37 8.63
N ASP A 494 27.06 -68.81 7.39
CA ASP A 494 27.69 -70.12 7.06
C ASP A 494 29.15 -70.09 7.54
N GLU A 495 29.84 -68.97 7.37
CA GLU A 495 31.26 -68.80 7.81
C GLU A 495 31.30 -68.93 9.34
N LEU A 496 30.31 -68.41 10.05
CA LEU A 496 30.26 -68.49 11.54
C LEU A 496 29.97 -69.94 11.97
N ILE A 497 29.10 -70.65 11.27
CA ILE A 497 28.81 -72.08 11.57
C ILE A 497 30.13 -72.87 11.49
N ALA A 498 30.90 -72.64 10.43
CA ALA A 498 32.24 -73.26 10.19
C ALA A 498 33.20 -72.87 11.33
N TYR A 499 33.23 -71.59 11.72
CA TYR A 499 34.10 -71.09 12.82
C TYR A 499 33.77 -71.85 14.11
N TYR A 500 32.50 -71.92 14.49
CA TYR A 500 32.06 -72.60 15.73
C TYR A 500 32.47 -74.08 15.69
N ALA A 501 32.30 -74.74 14.54
CA ALA A 501 32.65 -76.17 14.34
C ALA A 501 34.16 -76.35 14.55
N ASP A 502 34.98 -75.46 13.95
CA ASP A 502 36.46 -75.48 14.05
C ASP A 502 36.89 -75.22 15.49
N VAL A 503 36.22 -74.31 16.21
CA VAL A 503 36.53 -74.06 17.64
C VAL A 503 36.23 -75.34 18.43
N HIS A 504 35.09 -75.96 18.19
CA HIS A 504 34.67 -77.20 18.91
C HIS A 504 35.73 -78.30 18.70
N ARG A 505 36.13 -78.53 17.46
CA ARG A 505 37.19 -79.49 17.04
C ARG A 505 38.48 -79.21 17.81
N GLU A 506 38.94 -77.95 17.86
CA GLU A 506 40.22 -77.57 18.50
C GLU A 506 40.20 -77.91 20.00
N TRP A 507 39.07 -77.70 20.69
CA TRP A 507 39.04 -77.70 22.18
C TRP A 507 38.45 -79.00 22.75
N HIS A 508 37.81 -79.84 21.94
CA HIS A 508 37.21 -81.12 22.39
C HIS A 508 37.89 -82.27 21.63
N GLN B 27 43.39 3.50 -10.30
CA GLN B 27 43.73 2.28 -11.11
C GLN B 27 42.53 1.94 -11.99
N THR B 28 42.72 1.01 -12.94
CA THR B 28 41.65 0.25 -13.62
C THR B 28 41.57 -1.18 -13.04
N ASP B 29 42.30 -1.46 -11.97
CA ASP B 29 42.28 -2.75 -11.21
C ASP B 29 40.87 -3.01 -10.64
N VAL B 30 40.46 -4.27 -10.58
CA VAL B 30 39.18 -4.74 -9.98
C VAL B 30 39.51 -5.68 -8.81
N ILE B 31 38.91 -5.43 -7.65
CA ILE B 31 38.90 -6.36 -6.49
C ILE B 31 37.47 -6.90 -6.33
N VAL B 32 37.32 -8.22 -6.43
CA VAL B 32 36.09 -8.97 -6.04
C VAL B 32 36.27 -9.41 -4.59
N VAL B 33 35.38 -8.94 -3.71
CA VAL B 33 35.38 -9.32 -2.27
C VAL B 33 34.39 -10.47 -2.09
N GLY B 34 34.92 -11.71 -2.02
CA GLY B 34 34.12 -12.92 -1.73
C GLY B 34 34.38 -13.99 -2.73
N ASN B 35 34.43 -15.23 -2.27
CA ASN B 35 34.88 -16.40 -3.06
C ASN B 35 33.81 -17.49 -3.06
N GLY B 36 32.54 -17.10 -2.92
CA GLY B 36 31.41 -17.99 -3.21
C GLY B 36 31.12 -18.02 -4.69
N VAL B 37 29.98 -18.59 -5.05
CA VAL B 37 29.54 -18.70 -6.47
C VAL B 37 29.44 -17.30 -7.10
N LEU B 38 28.95 -16.29 -6.37
CA LEU B 38 28.67 -14.97 -7.00
C LEU B 38 29.98 -14.24 -7.25
N GLY B 39 30.88 -14.17 -6.25
CA GLY B 39 32.20 -13.54 -6.38
C GLY B 39 32.99 -14.18 -7.51
N LEU B 40 33.08 -15.50 -7.53
CA LEU B 40 33.87 -16.23 -8.56
C LEU B 40 33.22 -16.11 -9.93
N SER B 41 31.88 -16.14 -10.02
CA SER B 41 31.15 -16.05 -11.31
C SER B 41 31.42 -14.67 -11.92
N VAL B 42 31.32 -13.61 -11.13
CA VAL B 42 31.54 -12.22 -11.61
C VAL B 42 33.03 -12.05 -11.93
N GLY B 43 33.92 -12.60 -11.10
CA GLY B 43 35.38 -12.58 -11.35
C GLY B 43 35.73 -13.20 -12.69
N VAL B 44 35.16 -14.36 -12.98
CA VAL B 44 35.40 -15.08 -14.27
C VAL B 44 34.91 -14.18 -15.42
N GLU B 45 33.71 -13.61 -15.32
CA GLU B 45 33.11 -12.82 -16.42
C GLU B 45 33.94 -11.55 -16.65
N ILE B 46 34.37 -10.87 -15.60
CA ILE B 46 35.22 -9.63 -15.69
C ILE B 46 36.54 -10.01 -16.36
N ALA B 47 37.24 -11.03 -15.86
CA ALA B 47 38.56 -11.46 -16.36
C ALA B 47 38.45 -11.83 -17.83
N ARG B 48 37.38 -12.51 -18.24
CA ARG B 48 37.22 -13.02 -19.63
C ARG B 48 36.91 -11.86 -20.58
N THR B 49 36.20 -10.81 -20.14
CA THR B 49 35.64 -9.77 -21.03
C THR B 49 36.50 -8.51 -21.00
N ARG B 50 37.32 -8.30 -19.96
CA ARG B 50 38.29 -7.16 -19.89
C ARG B 50 39.70 -7.72 -19.67
N PRO B 51 40.33 -8.35 -20.69
CA PRO B 51 41.65 -8.97 -20.52
C PRO B 51 42.76 -7.94 -20.23
N ASP B 52 42.48 -6.66 -20.49
CA ASP B 52 43.37 -5.50 -20.25
C ASP B 52 43.45 -5.14 -18.75
N VAL B 53 42.49 -5.58 -17.91
CA VAL B 53 42.46 -5.17 -16.48
C VAL B 53 42.89 -6.35 -15.59
N ARG B 54 43.48 -6.02 -14.45
CA ARG B 54 43.87 -6.99 -13.40
C ARG B 54 42.70 -7.16 -12.42
N VAL B 55 42.16 -8.38 -12.31
CA VAL B 55 41.09 -8.68 -11.31
C VAL B 55 41.69 -9.61 -10.24
N THR B 56 41.57 -9.17 -8.98
CA THR B 56 41.98 -9.88 -7.76
C THR B 56 40.72 -10.28 -6.99
N LEU B 57 40.61 -11.56 -6.59
CA LEU B 57 39.46 -12.08 -5.82
C LEU B 57 39.91 -12.49 -4.41
N LEU B 58 39.28 -11.89 -3.40
CA LEU B 58 39.57 -12.07 -1.96
C LEU B 58 38.64 -13.14 -1.37
N GLY B 59 39.07 -13.75 -0.27
CA GLY B 59 38.35 -14.84 0.43
C GLY B 59 39.26 -16.03 0.66
N LYS B 60 39.00 -16.77 1.75
CA LYS B 60 39.88 -17.85 2.24
C LYS B 60 39.30 -19.21 1.87
N PRO B 61 40.15 -20.25 1.76
CA PRO B 61 39.65 -21.59 1.42
C PRO B 61 38.69 -22.16 2.47
N ALA B 62 38.72 -21.70 3.73
CA ALA B 62 37.78 -22.14 4.79
C ALA B 62 36.34 -21.73 4.43
N ARG B 63 36.15 -20.63 3.68
CA ARG B 63 34.81 -20.14 3.26
C ARG B 63 33.87 -20.15 4.46
N GLN B 64 34.26 -19.45 5.51
CA GLN B 64 33.49 -19.35 6.77
C GLN B 64 32.08 -18.85 6.44
N TYR B 65 31.06 -19.52 7.00
CA TYR B 65 29.61 -19.22 6.83
C TYR B 65 29.17 -19.37 5.37
N GLY B 66 30.02 -19.90 4.49
CA GLY B 66 29.79 -19.91 3.03
C GLY B 66 28.54 -20.70 2.65
N ALA B 67 27.61 -20.07 1.94
CA ALA B 67 26.37 -20.71 1.44
C ALA B 67 26.72 -21.74 0.37
N THR B 68 27.59 -21.36 -0.58
CA THR B 68 27.82 -22.15 -1.82
C THR B 68 28.29 -23.57 -1.48
N PRO B 69 29.32 -23.79 -0.62
CA PRO B 69 29.81 -25.15 -0.38
C PRO B 69 28.79 -26.04 0.34
N ALA B 70 27.82 -25.44 1.06
CA ALA B 70 26.76 -26.17 1.78
C ALA B 70 25.58 -26.50 0.83
N ALA B 71 25.61 -26.01 -0.40
CA ALA B 71 24.49 -26.13 -1.37
C ALA B 71 24.62 -27.43 -2.17
N GLY B 72 23.51 -27.95 -2.67
CA GLY B 72 23.48 -29.28 -3.33
C GLY B 72 24.25 -29.33 -4.65
N ALA B 73 23.80 -28.57 -5.66
CA ALA B 73 22.73 -27.60 -5.57
C ALA B 73 21.77 -27.80 -6.74
N MET B 74 20.51 -27.45 -6.51
CA MET B 74 19.44 -27.50 -7.52
C MET B 74 19.51 -26.24 -8.41
N LEU B 75 19.38 -26.41 -9.71
CA LEU B 75 19.20 -25.26 -10.64
C LEU B 75 17.70 -24.92 -10.64
N GLY B 76 17.25 -24.41 -9.50
CA GLY B 76 15.83 -24.27 -9.13
C GLY B 76 15.27 -22.96 -9.64
N ALA B 77 14.34 -23.09 -10.58
CA ALA B 77 13.51 -22.00 -11.16
C ALA B 77 12.04 -22.29 -10.82
N PHE B 78 11.47 -23.32 -11.41
CA PHE B 78 10.06 -23.75 -11.16
C PHE B 78 9.93 -24.40 -9.78
N GLY B 79 10.92 -25.19 -9.34
CA GLY B 79 10.91 -25.83 -8.00
C GLY B 79 10.88 -24.81 -6.88
N GLU B 80 11.37 -23.59 -7.10
CA GLU B 80 11.37 -22.50 -6.09
C GLU B 80 10.02 -21.74 -6.08
N VAL B 81 9.09 -22.03 -6.96
CA VAL B 81 7.81 -21.26 -7.06
C VAL B 81 6.98 -21.53 -5.80
N THR B 82 6.48 -20.47 -5.17
CA THR B 82 5.42 -20.53 -4.13
C THR B 82 4.26 -19.63 -4.54
N ALA B 83 3.05 -19.94 -4.06
CA ALA B 83 1.84 -19.11 -4.23
C ALA B 83 2.15 -17.70 -3.71
N HIS B 84 2.75 -17.58 -2.53
CA HIS B 84 3.03 -16.29 -1.87
C HIS B 84 3.98 -15.42 -2.72
N ALA B 85 5.06 -15.99 -3.25
CA ALA B 85 6.04 -15.26 -4.09
C ALA B 85 5.34 -14.73 -5.35
N LEU B 86 4.59 -15.59 -6.07
CA LEU B 86 3.91 -15.24 -7.35
C LEU B 86 2.67 -14.34 -7.15
N ALA B 87 2.24 -14.11 -5.91
CA ALA B 87 1.14 -13.17 -5.58
C ALA B 87 1.67 -11.72 -5.53
N SER B 88 2.98 -11.49 -5.59
CA SER B 88 3.56 -10.12 -5.60
C SER B 88 4.25 -9.86 -6.94
N GLU B 89 4.26 -8.59 -7.36
CA GLU B 89 4.93 -8.15 -8.62
C GLU B 89 6.43 -8.44 -8.50
N HIS B 90 7.05 -8.11 -7.37
CA HIS B 90 8.50 -8.35 -7.14
C HIS B 90 8.81 -9.85 -7.24
N GLY B 91 7.95 -10.70 -6.67
CA GLY B 91 8.07 -12.17 -6.75
C GLY B 91 8.03 -12.67 -8.19
N ARG B 92 7.06 -12.20 -8.98
CA ARG B 92 6.93 -12.60 -10.41
C ARG B 92 8.19 -12.14 -11.18
N LYS B 93 8.73 -10.97 -10.85
CA LYS B 93 9.95 -10.43 -11.51
C LYS B 93 11.16 -11.33 -11.19
N LYS B 94 11.32 -11.70 -9.91
CA LYS B 94 12.39 -12.62 -9.45
C LYS B 94 12.24 -13.96 -10.18
N HIS B 95 11.02 -14.49 -10.29
CA HIS B 95 10.77 -15.78 -10.97
C HIS B 95 11.20 -15.70 -12.45
N ALA B 96 10.84 -14.62 -13.15
CA ALA B 96 11.19 -14.42 -14.57
C ALA B 96 12.71 -14.55 -14.76
N LEU B 97 13.48 -13.90 -13.88
CA LEU B 97 14.96 -13.92 -13.91
C LEU B 97 15.49 -15.35 -13.69
N ALA B 98 14.87 -16.14 -12.79
CA ALA B 98 15.26 -17.55 -12.56
C ALA B 98 15.04 -18.34 -13.85
N VAL B 99 13.93 -18.14 -14.55
CA VAL B 99 13.64 -18.87 -15.81
C VAL B 99 14.69 -18.48 -16.85
N GLN B 100 15.04 -17.20 -16.94
CA GLN B 100 16.09 -16.70 -17.87
C GLN B 100 17.45 -17.33 -17.56
N ALA B 101 17.83 -17.39 -16.28
CA ALA B 101 19.14 -17.95 -15.85
C ALA B 101 19.29 -19.40 -16.32
N GLN B 102 18.21 -20.19 -16.28
CA GLN B 102 18.25 -21.63 -16.65
C GLN B 102 18.84 -21.80 -18.06
N ARG B 103 18.49 -20.91 -18.99
CA ARG B 103 18.90 -20.99 -20.41
C ARG B 103 20.42 -20.80 -20.55
N LEU B 104 21.09 -20.11 -19.61
CA LEU B 104 22.55 -19.83 -19.70
C LEU B 104 23.38 -21.02 -19.19
N TRP B 105 22.80 -21.95 -18.43
CA TRP B 105 23.60 -22.96 -17.68
C TRP B 105 24.36 -23.90 -18.62
N PRO B 106 23.78 -24.46 -19.70
CA PRO B 106 24.51 -25.42 -20.54
C PRO B 106 25.83 -24.89 -21.11
N GLU B 107 25.84 -23.69 -21.68
CA GLU B 107 27.05 -23.05 -22.29
C GLU B 107 28.00 -22.61 -21.16
N TRP B 108 27.47 -22.10 -20.05
CA TRP B 108 28.27 -21.71 -18.86
C TRP B 108 29.09 -22.91 -18.37
N ILE B 109 28.44 -24.05 -18.17
CA ILE B 109 29.10 -25.31 -17.74
C ILE B 109 30.17 -25.71 -18.77
N GLU B 110 29.84 -25.74 -20.05
CA GLU B 110 30.82 -26.05 -21.14
C GLU B 110 32.06 -25.17 -20.98
N SER B 111 31.86 -23.86 -20.83
CA SER B 111 32.93 -22.84 -20.73
C SER B 111 33.81 -23.06 -19.48
N LEU B 112 33.24 -23.64 -18.42
CA LEU B 112 33.97 -23.87 -17.15
C LEU B 112 34.71 -25.21 -17.23
N GLU B 113 34.08 -26.26 -17.76
CA GLU B 113 34.73 -27.60 -17.86
C GLU B 113 35.87 -27.56 -18.90
N ALA B 114 35.76 -26.68 -19.89
CA ALA B 114 36.75 -26.50 -20.99
C ALA B 114 38.14 -26.16 -20.42
N THR B 115 38.23 -25.53 -19.24
CA THR B 115 39.49 -25.11 -18.62
C THR B 115 40.12 -26.24 -17.81
N GLY B 116 39.46 -27.41 -17.75
CA GLY B 116 39.93 -28.58 -16.97
C GLY B 116 40.07 -29.79 -17.85
N THR B 117 40.17 -30.97 -17.23
CA THR B 117 40.34 -32.28 -17.93
C THR B 117 39.31 -33.27 -17.36
N ALA B 118 39.20 -34.47 -17.95
CA ALA B 118 38.23 -35.52 -17.54
C ALA B 118 38.30 -35.72 -16.02
N ALA B 119 39.52 -35.72 -15.46
CA ALA B 119 39.82 -36.06 -14.05
C ALA B 119 39.19 -35.05 -13.08
N ASP B 120 38.78 -33.87 -13.55
CA ASP B 120 38.20 -32.81 -12.66
C ASP B 120 36.74 -33.14 -12.29
N GLY B 121 36.11 -34.05 -13.04
CA GLY B 121 34.73 -34.47 -12.73
C GLY B 121 33.71 -33.52 -13.33
N ARG B 122 32.45 -33.91 -13.29
CA ARG B 122 31.38 -33.23 -14.06
C ARG B 122 30.62 -32.28 -13.13
N ILE B 123 30.39 -31.06 -13.58
CA ILE B 123 29.64 -30.03 -12.81
C ILE B 123 28.17 -30.47 -12.70
N LYS B 124 27.56 -30.89 -13.79
CA LYS B 124 26.12 -31.26 -13.85
C LYS B 124 25.95 -32.66 -13.24
N THR B 125 25.00 -32.83 -12.32
CA THR B 125 24.75 -34.16 -11.68
C THR B 125 23.37 -34.70 -12.04
N ALA B 126 22.47 -33.88 -12.56
CA ALA B 126 21.13 -34.31 -13.02
C ALA B 126 20.59 -33.30 -14.02
N ASP B 127 19.73 -33.76 -14.94
CA ASP B 127 19.08 -32.89 -15.96
C ASP B 127 17.66 -32.51 -15.53
N ASP B 128 16.99 -33.39 -14.78
CA ASP B 128 15.54 -33.27 -14.47
C ASP B 128 15.30 -33.27 -12.96
N THR B 129 14.12 -32.82 -12.56
CA THR B 129 13.64 -32.73 -11.16
C THR B 129 12.27 -33.39 -11.06
N VAL B 130 12.03 -34.13 -10.00
CA VAL B 130 10.66 -34.58 -9.61
C VAL B 130 10.29 -33.83 -8.31
N VAL B 131 9.18 -33.11 -8.35
CA VAL B 131 8.55 -32.46 -7.17
C VAL B 131 7.50 -33.44 -6.63
N LEU B 132 7.62 -33.77 -5.35
CA LEU B 132 6.74 -34.76 -4.67
C LEU B 132 5.78 -33.99 -3.77
N LEU B 133 4.54 -34.43 -3.71
CA LEU B 133 3.55 -33.90 -2.74
C LEU B 133 3.13 -35.02 -1.81
N ASN B 134 3.44 -34.87 -0.53
CA ASN B 134 3.02 -35.77 0.58
C ASN B 134 2.22 -34.94 1.59
N THR B 135 1.78 -35.55 2.70
CA THR B 135 0.92 -34.87 3.69
C THR B 135 1.72 -34.57 4.95
N VAL B 136 3.05 -34.59 4.88
CA VAL B 136 3.90 -34.26 6.06
C VAL B 136 4.21 -32.76 6.02
N GLY B 137 3.14 -31.97 6.10
CA GLY B 137 3.22 -30.52 6.01
C GLY B 137 1.84 -29.89 6.01
N HIS B 138 1.82 -28.57 5.93
CA HIS B 138 0.57 -27.77 5.99
C HIS B 138 -0.04 -27.77 4.60
N SER B 139 -1.34 -28.07 4.48
CA SER B 139 -2.08 -27.89 3.20
C SER B 139 -1.95 -26.44 2.70
N ALA B 140 -1.92 -25.46 3.62
CA ALA B 140 -1.89 -24.02 3.26
C ALA B 140 -0.56 -23.66 2.58
N LEU B 141 0.52 -24.45 2.76
CA LEU B 141 1.78 -24.24 2.02
C LEU B 141 1.86 -25.27 0.88
N ASP B 142 1.91 -26.55 1.22
CA ASP B 142 2.27 -27.62 0.25
C ASP B 142 1.22 -27.71 -0.86
N ASP B 143 -0.08 -27.68 -0.54
CA ASP B 143 -1.14 -27.83 -1.59
C ASP B 143 -1.12 -26.57 -2.46
N ALA B 144 -1.08 -25.38 -1.85
CA ALA B 144 -1.06 -24.08 -2.57
C ALA B 144 0.18 -24.02 -3.46
N ASN B 145 1.32 -24.49 -2.95
CA ASN B 145 2.62 -24.33 -3.68
C ASN B 145 2.68 -25.30 -4.84
N PHE B 146 2.16 -26.53 -4.67
CA PHE B 146 2.13 -27.52 -5.77
C PHE B 146 1.30 -26.96 -6.93
N ALA B 147 0.14 -26.37 -6.63
CA ALA B 147 -0.75 -25.76 -7.64
C ALA B 147 -0.03 -24.60 -8.34
N ALA B 148 0.70 -23.77 -7.58
CA ALA B 148 1.45 -22.61 -8.10
C ALA B 148 2.57 -23.08 -9.04
N VAL B 149 3.29 -24.15 -8.68
CA VAL B 149 4.37 -24.71 -9.55
C VAL B 149 3.75 -25.16 -10.88
N LEU B 150 2.67 -25.93 -10.84
CA LEU B 150 1.96 -26.44 -12.04
C LEU B 150 1.56 -25.23 -12.91
N THR B 151 1.00 -24.19 -12.31
CA THR B 151 0.52 -22.98 -13.03
C THR B 151 1.71 -22.26 -13.68
N ALA B 152 2.80 -22.07 -12.95
CA ALA B 152 4.01 -21.37 -13.47
C ALA B 152 4.57 -22.16 -14.67
N LEU B 153 4.61 -23.49 -14.60
CA LEU B 153 5.11 -24.37 -15.69
C LEU B 153 4.21 -24.20 -16.93
N LYS B 154 2.90 -24.18 -16.74
CA LYS B 154 1.91 -24.06 -17.84
C LYS B 154 2.03 -22.68 -18.49
N GLU B 155 2.10 -21.62 -17.70
CA GLU B 155 2.25 -20.22 -18.19
C GLU B 155 3.56 -20.05 -18.97
N ALA B 156 4.65 -20.71 -18.57
CA ALA B 156 5.98 -20.56 -19.19
C ALA B 156 6.12 -21.50 -20.41
N ASN B 157 5.15 -22.39 -20.62
CA ASN B 157 5.20 -23.46 -21.64
C ASN B 157 6.45 -24.33 -21.43
N ALA B 158 6.85 -24.55 -20.17
CA ALA B 158 8.00 -25.40 -19.82
C ALA B 158 7.61 -26.86 -20.02
N PRO B 159 8.52 -27.72 -20.51
CA PRO B 159 8.24 -29.14 -20.63
C PRO B 159 8.16 -29.77 -19.22
N HIS B 160 7.08 -30.51 -18.96
CA HIS B 160 6.79 -31.10 -17.62
C HIS B 160 5.66 -32.09 -17.80
N GLU B 161 5.49 -33.00 -16.84
CA GLU B 161 4.36 -33.95 -16.83
C GLU B 161 4.05 -34.29 -15.38
N GLU B 162 2.78 -34.28 -14.98
CA GLU B 162 2.36 -34.93 -13.73
C GLU B 162 2.44 -36.43 -13.98
N ILE B 163 3.16 -37.16 -13.15
CA ILE B 163 3.39 -38.62 -13.36
C ILE B 163 2.84 -39.40 -12.18
N ALA B 164 2.62 -40.70 -12.38
CA ALA B 164 2.26 -41.65 -11.31
C ALA B 164 3.41 -41.69 -10.30
N VAL B 165 3.11 -41.66 -9.00
CA VAL B 165 4.17 -41.78 -7.96
C VAL B 165 4.88 -43.13 -8.11
N GLU B 166 4.15 -44.17 -8.51
CA GLU B 166 4.71 -45.54 -8.74
C GLU B 166 5.79 -45.46 -9.82
N SER B 167 5.79 -44.46 -10.70
CA SER B 167 6.78 -44.35 -11.79
C SER B 167 8.02 -43.59 -11.34
N VAL B 168 8.04 -43.00 -10.14
CA VAL B 168 9.26 -42.29 -9.63
C VAL B 168 10.27 -43.37 -9.23
N ASP B 169 11.43 -43.40 -9.87
CA ASP B 169 12.44 -44.46 -9.61
C ASP B 169 13.10 -44.20 -8.25
N TRP B 170 13.61 -45.26 -7.64
CA TRP B 170 14.59 -45.22 -6.53
C TRP B 170 13.90 -44.99 -5.18
N ILE B 171 12.98 -44.02 -5.05
CA ILE B 171 12.38 -43.61 -3.74
C ILE B 171 11.82 -44.84 -3.02
N ASP B 172 11.91 -44.85 -1.70
CA ASP B 172 11.34 -45.92 -0.85
C ASP B 172 10.84 -45.29 0.43
N PRO B 173 9.78 -44.46 0.37
CA PRO B 173 9.30 -43.76 1.55
C PRO B 173 8.58 -44.69 2.53
N ASP B 174 8.56 -44.30 3.80
CA ASP B 174 7.53 -44.77 4.77
C ASP B 174 6.15 -44.58 4.14
N PRO B 175 5.30 -45.62 4.02
CA PRO B 175 3.96 -45.43 3.45
C PRO B 175 3.12 -44.31 4.09
N ASN B 176 3.25 -44.08 5.40
CA ASN B 176 2.50 -42.98 6.08
C ASN B 176 3.08 -41.61 5.71
N SER B 177 4.25 -41.54 5.06
CA SER B 177 4.94 -40.29 4.69
C SER B 177 5.08 -40.19 3.17
N ARG B 178 4.39 -41.03 2.41
CA ARG B 178 4.62 -41.20 0.95
C ARG B 178 3.97 -40.08 0.17
N PRO B 179 4.48 -39.80 -1.05
CA PRO B 179 3.85 -38.85 -1.95
C PRO B 179 2.63 -39.50 -2.60
N LEU B 180 1.60 -38.71 -2.87
CA LEU B 180 0.44 -39.17 -3.67
C LEU B 180 0.40 -38.46 -5.02
N ARG B 181 1.14 -37.35 -5.18
CA ARG B 181 1.31 -36.69 -6.50
C ARG B 181 2.80 -36.40 -6.73
N ALA B 182 3.17 -36.40 -8.01
CA ALA B 182 4.57 -36.22 -8.45
C ALA B 182 4.55 -35.47 -9.78
N LEU B 183 5.51 -34.58 -9.95
CA LEU B 183 5.61 -33.67 -11.11
C LEU B 183 7.05 -33.76 -11.63
N HIS B 184 7.22 -34.24 -12.87
CA HIS B 184 8.51 -34.33 -13.56
C HIS B 184 8.75 -33.03 -14.32
N ILE B 185 9.81 -32.29 -13.98
CA ILE B 185 10.22 -31.04 -14.66
C ILE B 185 11.48 -31.35 -15.48
N GLU B 186 11.36 -31.23 -16.80
CA GLU B 186 12.43 -31.59 -17.76
C GLU B 186 13.38 -30.38 -17.89
N GLY B 187 14.68 -30.62 -17.86
CA GLY B 187 15.70 -29.56 -18.06
C GLY B 187 15.87 -28.68 -16.84
N GLU B 188 15.33 -29.06 -15.69
CA GLU B 188 15.60 -28.37 -14.40
C GLU B 188 16.39 -29.37 -13.55
N GLY B 189 17.69 -29.13 -13.40
CA GLY B 189 18.60 -30.17 -12.88
C GLY B 189 19.38 -29.70 -11.68
N SER B 190 20.62 -30.20 -11.55
CA SER B 190 21.49 -29.95 -10.38
C SER B 190 22.94 -29.95 -10.82
N VAL B 191 23.76 -29.29 -10.01
CA VAL B 191 25.24 -29.24 -10.16
C VAL B 191 25.84 -29.65 -8.82
N ASP B 192 27.04 -30.19 -8.87
CA ASP B 192 27.87 -30.42 -7.65
C ASP B 192 28.53 -29.08 -7.30
N SER B 193 28.12 -28.47 -6.18
CA SER B 193 28.57 -27.13 -5.76
C SER B 193 30.10 -27.10 -5.56
N GLY B 194 30.71 -28.19 -5.07
CA GLY B 194 32.16 -28.28 -4.83
C GLY B 194 32.94 -28.34 -6.15
N ILE B 195 32.43 -29.10 -7.13
CA ILE B 195 33.04 -29.19 -8.47
C ILE B 195 32.83 -27.86 -9.19
N LEU B 196 31.68 -27.20 -9.00
CA LEU B 196 31.42 -25.86 -9.58
C LEU B 196 32.45 -24.87 -9.04
N LEU B 197 32.65 -24.81 -7.72
CA LEU B 197 33.62 -23.87 -7.09
C LEU B 197 35.03 -24.13 -7.62
N ALA B 198 35.45 -25.39 -7.71
CA ALA B 198 36.79 -25.77 -8.23
C ALA B 198 36.90 -25.32 -9.70
N ALA B 199 35.87 -25.55 -10.52
CA ALA B 199 35.85 -25.17 -11.95
C ALA B 199 35.91 -23.65 -12.10
N LEU B 200 35.22 -22.90 -11.22
CA LEU B 200 35.19 -21.42 -11.27
C LEU B 200 36.59 -20.88 -10.92
N GLU B 201 37.24 -21.41 -9.88
CA GLU B 201 38.60 -20.96 -9.46
C GLU B 201 39.58 -21.20 -10.62
N ARG B 202 39.53 -22.40 -11.19
CA ARG B 202 40.40 -22.81 -12.32
C ARG B 202 40.13 -21.90 -13.52
N SER B 203 38.87 -21.63 -13.84
CA SER B 203 38.46 -20.77 -14.99
C SER B 203 38.88 -19.33 -14.75
N PHE B 204 38.83 -18.88 -13.51
CA PHE B 204 39.22 -17.51 -13.12
C PHE B 204 40.72 -17.32 -13.38
N LEU B 205 41.54 -18.27 -12.95
CA LEU B 205 43.02 -18.28 -13.16
C LEU B 205 43.32 -18.35 -14.67
N GLN B 206 42.62 -19.20 -15.42
CA GLN B 206 42.82 -19.36 -16.88
C GLN B 206 42.58 -18.04 -17.60
N ALA B 207 41.69 -17.19 -17.09
CA ALA B 207 41.29 -15.92 -17.73
C ALA B 207 42.16 -14.77 -17.23
N GLY B 208 43.16 -15.04 -16.39
CA GLY B 208 44.13 -14.03 -15.92
C GLY B 208 43.78 -13.47 -14.55
N GLY B 209 42.79 -14.05 -13.87
CA GLY B 209 42.45 -13.64 -12.50
C GLY B 209 43.52 -14.01 -11.49
N ARG B 210 43.60 -13.27 -10.40
CA ARG B 210 44.54 -13.51 -9.27
C ARG B 210 43.72 -13.82 -8.01
N LEU B 211 44.00 -14.95 -7.36
CA LEU B 211 43.35 -15.38 -6.08
C LEU B 211 44.24 -14.96 -4.92
N HIS B 212 43.76 -14.04 -4.07
CA HIS B 212 44.51 -13.57 -2.87
C HIS B 212 43.73 -14.03 -1.64
N PRO B 213 44.16 -15.12 -0.97
CA PRO B 213 43.37 -15.74 0.10
C PRO B 213 43.44 -15.00 1.45
N VAL B 214 42.98 -13.75 1.46
CA VAL B 214 42.76 -12.94 2.69
C VAL B 214 41.33 -12.40 2.62
N ASP B 215 40.82 -11.86 3.72
CA ASP B 215 39.49 -11.20 3.79
C ASP B 215 39.68 -9.68 3.73
N ALA B 216 38.74 -8.97 3.11
CA ALA B 216 38.63 -7.50 3.20
C ALA B 216 38.18 -7.16 4.63
N THR B 217 38.83 -6.20 5.27
CA THR B 217 38.38 -5.61 6.56
C THR B 217 37.61 -4.32 6.29
N GLU B 218 37.99 -3.58 5.25
CA GLU B 218 37.47 -2.20 5.02
C GLU B 218 37.57 -1.84 3.55
N ILE B 219 36.51 -1.24 3.01
CA ILE B 219 36.51 -0.58 1.67
C ILE B 219 36.87 0.89 1.88
N ARG B 220 37.94 1.36 1.24
CA ARG B 220 38.35 2.78 1.35
C ARG B 220 37.77 3.54 0.15
N ALA B 221 37.16 4.68 0.44
CA ALA B 221 36.57 5.60 -0.56
C ALA B 221 36.72 7.04 -0.03
N SER B 222 36.79 8.00 -0.94
CA SER B 222 36.67 9.46 -0.66
C SER B 222 36.43 10.16 -1.98
N HIS B 223 35.88 11.37 -1.94
CA HIS B 223 35.39 12.11 -3.15
C HIS B 223 34.46 11.18 -3.93
N GLY B 224 33.58 10.45 -3.22
CA GLY B 224 32.51 9.58 -3.74
C GLY B 224 33.00 8.51 -4.70
N ARG B 225 34.20 7.97 -4.47
CA ARG B 225 34.90 7.09 -5.43
C ARG B 225 35.69 6.03 -4.65
N VAL B 226 35.67 4.76 -5.09
CA VAL B 226 36.45 3.69 -4.39
C VAL B 226 37.94 3.91 -4.70
N GLU B 227 38.78 3.73 -3.68
CA GLU B 227 40.27 3.75 -3.77
C GLU B 227 40.82 2.33 -3.66
N GLY B 228 40.14 1.44 -2.92
CA GLY B 228 40.51 0.02 -2.80
C GLY B 228 40.08 -0.58 -1.48
N VAL B 229 40.82 -1.57 -1.01
CA VAL B 229 40.41 -2.47 0.11
C VAL B 229 41.58 -2.70 1.05
N VAL B 230 41.40 -2.46 2.35
CA VAL B 230 42.29 -2.91 3.44
C VAL B 230 41.94 -4.39 3.71
N THR B 231 42.95 -5.26 3.79
CA THR B 231 42.81 -6.71 4.03
C THR B 231 43.18 -7.03 5.49
N ASP B 232 42.87 -8.24 5.96
CA ASP B 232 42.99 -8.61 7.40
C ASP B 232 44.44 -9.00 7.72
N ASP B 233 45.34 -9.03 6.74
CA ASP B 233 46.80 -9.14 6.98
C ASP B 233 47.42 -7.72 7.06
N GLY B 234 46.59 -6.66 7.13
CA GLY B 234 47.03 -5.28 7.35
C GLY B 234 47.41 -4.54 6.06
N ASP B 235 47.37 -5.21 4.91
CA ASP B 235 47.79 -4.65 3.60
C ASP B 235 46.69 -3.74 3.05
N PHE B 236 47.01 -2.89 2.07
CA PHE B 236 46.05 -2.06 1.29
C PHE B 236 46.20 -2.39 -0.19
N LEU B 237 45.11 -2.78 -0.85
CA LEU B 237 45.09 -3.12 -2.30
C LEU B 237 44.35 -1.99 -3.02
N PRO B 238 44.99 -1.28 -3.96
CA PRO B 238 44.33 -0.21 -4.69
C PRO B 238 43.44 -0.79 -5.79
N ALA B 239 42.35 -0.09 -6.12
CA ALA B 239 41.42 -0.50 -7.20
C ALA B 239 40.53 0.68 -7.60
N GLY B 240 40.17 0.72 -8.89
CA GLY B 240 39.10 1.60 -9.43
C GLY B 240 37.72 0.97 -9.27
N HIS B 241 37.65 -0.35 -9.16
CA HIS B 241 36.38 -1.12 -9.00
C HIS B 241 36.49 -2.11 -7.83
N VAL B 242 35.52 -2.09 -6.93
CA VAL B 242 35.33 -3.12 -5.87
C VAL B 242 33.93 -3.72 -6.01
N VAL B 243 33.87 -5.03 -6.26
CA VAL B 243 32.62 -5.82 -6.33
C VAL B 243 32.50 -6.61 -5.04
N VAL B 244 31.52 -6.26 -4.20
CA VAL B 244 31.23 -6.96 -2.92
C VAL B 244 30.26 -8.11 -3.20
N ALA B 245 30.74 -9.34 -3.04
CA ALA B 245 29.97 -10.60 -3.12
C ALA B 245 30.38 -11.48 -1.94
N ALA B 246 30.27 -10.93 -0.74
CA ALA B 246 30.76 -11.55 0.52
C ALA B 246 29.62 -12.30 1.22
N GLY B 247 28.61 -12.77 0.47
CA GLY B 247 27.44 -13.45 1.05
C GLY B 247 26.79 -12.62 2.15
N ALA B 248 26.47 -13.23 3.28
CA ALA B 248 25.71 -12.60 4.37
C ALA B 248 26.51 -11.46 5.03
N ARG B 249 27.80 -11.30 4.72
CA ARG B 249 28.64 -10.21 5.31
C ARG B 249 28.63 -8.96 4.42
N SER B 250 27.99 -9.01 3.24
CA SER B 250 28.13 -8.01 2.16
C SER B 250 27.67 -6.61 2.63
N GLN B 251 26.50 -6.49 3.26
CA GLN B 251 25.98 -5.17 3.68
C GLN B 251 26.78 -4.65 4.87
N ARG B 252 27.16 -5.50 5.82
CA ARG B 252 27.95 -5.06 7.02
C ARG B 252 29.27 -4.43 6.52
N LEU B 253 29.85 -4.93 5.43
CA LEU B 253 31.13 -4.41 4.88
C LEU B 253 30.92 -3.01 4.29
N VAL B 254 29.84 -2.78 3.55
CA VAL B 254 29.56 -1.51 2.80
C VAL B 254 28.94 -0.45 3.74
N ALA B 255 28.28 -0.88 4.83
CA ALA B 255 27.54 0.00 5.77
C ALA B 255 28.49 0.94 6.52
N ALA B 256 29.79 0.65 6.51
CA ALA B 256 30.84 1.49 7.13
C ALA B 256 30.98 2.81 6.36
N LEU B 257 30.73 2.81 5.06
CA LEU B 257 30.88 4.00 4.17
C LEU B 257 29.80 5.03 4.46
N PRO B 258 30.09 6.35 4.30
CA PRO B 258 29.16 7.41 4.70
C PRO B 258 27.72 7.29 4.18
N GLY B 259 26.72 7.25 5.08
CA GLY B 259 25.28 7.24 4.75
C GLY B 259 24.74 5.88 4.35
N LEU B 260 25.61 4.92 4.01
CA LEU B 260 25.21 3.65 3.34
C LEU B 260 24.55 2.69 4.33
N ALA B 261 24.69 2.90 5.64
CA ALA B 261 24.08 2.08 6.71
C ALA B 261 22.57 2.02 6.54
N HIS B 262 21.94 3.10 6.06
CA HIS B 262 20.46 3.23 5.92
C HIS B 262 20.06 3.28 4.45
N ARG B 263 20.98 2.99 3.53
CA ARG B 263 20.75 3.05 2.06
C ARG B 263 20.95 1.69 1.40
N ILE B 264 21.73 0.79 2.00
CA ILE B 264 21.88 -0.63 1.56
C ILE B 264 21.07 -1.50 2.51
N PRO B 265 19.98 -2.16 2.04
CA PRO B 265 19.19 -3.02 2.91
C PRO B 265 20.07 -4.04 3.63
N ARG B 266 19.81 -4.23 4.91
CA ARG B 266 20.52 -5.23 5.75
C ARG B 266 20.37 -6.63 5.11
N ILE B 267 21.41 -7.43 5.29
CA ILE B 267 21.43 -8.87 4.91
C ILE B 267 21.73 -9.68 6.17
N TYR B 268 20.87 -10.65 6.49
CA TYR B 268 21.01 -11.53 7.67
C TYR B 268 21.44 -12.93 7.21
N ASP B 269 21.72 -13.80 8.17
CA ASP B 269 22.18 -15.21 7.92
C ASP B 269 20.95 -16.13 7.90
N GLY B 270 20.60 -16.65 6.72
CA GLY B 270 19.65 -17.77 6.59
C GLY B 270 20.41 -19.07 6.78
N VAL B 271 20.65 -19.45 8.03
CA VAL B 271 21.57 -20.57 8.39
C VAL B 271 20.91 -21.86 7.91
N GLY B 272 21.62 -22.59 7.05
CA GLY B 272 21.13 -23.81 6.41
C GLY B 272 22.02 -25.01 6.73
N VAL B 273 21.39 -26.12 7.07
CA VAL B 273 22.07 -27.40 7.36
C VAL B 273 21.73 -28.40 6.25
N SER B 274 22.76 -29.05 5.73
CA SER B 274 22.66 -30.11 4.71
C SER B 274 23.63 -31.24 5.09
N ALA B 275 23.62 -32.33 4.36
CA ALA B 275 24.52 -33.45 4.67
C ALA B 275 24.87 -34.22 3.41
N LEU B 276 26.08 -34.78 3.42
CA LEU B 276 26.55 -35.75 2.40
C LEU B 276 26.47 -37.13 3.03
N VAL B 277 25.86 -38.06 2.34
CA VAL B 277 25.59 -39.44 2.82
C VAL B 277 26.14 -40.39 1.75
N ASP B 278 26.89 -41.40 2.14
CA ASP B 278 27.23 -42.57 1.28
C ASP B 278 26.10 -43.59 1.38
N THR B 279 25.37 -43.81 0.30
CA THR B 279 24.18 -44.69 0.34
C THR B 279 24.61 -46.13 0.63
N TRP B 280 23.74 -46.88 1.32
CA TRP B 280 23.90 -48.30 1.72
C TRP B 280 24.41 -49.14 0.55
N ASP B 281 23.97 -48.89 -0.69
CA ASP B 281 24.28 -49.77 -1.87
C ASP B 281 25.03 -49.00 -2.96
N GLY B 282 25.46 -47.75 -2.71
CA GLY B 282 26.14 -46.92 -3.72
C GLY B 282 25.18 -46.32 -4.74
N SER B 283 23.88 -46.61 -4.69
CA SER B 283 22.90 -46.08 -5.66
C SER B 283 22.52 -44.63 -5.29
N GLY B 284 21.83 -43.97 -6.20
CA GLY B 284 21.27 -42.62 -6.05
C GLY B 284 20.18 -42.43 -7.08
N PRO B 285 19.29 -41.43 -6.94
CA PRO B 285 18.27 -41.21 -7.96
C PRO B 285 18.89 -40.53 -9.18
N ALA B 286 18.24 -40.69 -10.34
CA ALA B 286 18.68 -40.13 -11.63
C ALA B 286 18.26 -38.65 -11.71
N THR B 287 17.24 -38.25 -10.95
CA THR B 287 16.74 -36.86 -10.93
C THR B 287 16.94 -36.25 -9.54
N VAL B 288 16.90 -34.93 -9.47
CA VAL B 288 16.62 -34.22 -8.20
C VAL B 288 15.26 -34.72 -7.70
N LEU B 289 15.14 -34.90 -6.39
CA LEU B 289 13.85 -35.16 -5.70
C LEU B 289 13.63 -34.00 -4.75
N ARG B 290 12.48 -33.33 -4.79
CA ARG B 290 12.25 -32.21 -3.85
C ARG B 290 10.76 -32.06 -3.52
N THR B 291 10.51 -31.39 -2.41
CA THR B 291 9.21 -30.76 -2.09
C THR B 291 9.28 -29.32 -2.57
N SER B 292 8.14 -28.64 -2.60
CA SER B 292 8.12 -27.17 -2.70
C SER B 292 8.67 -26.61 -1.38
N ASN B 293 8.95 -25.31 -1.38
CA ASN B 293 9.51 -24.60 -0.20
C ASN B 293 8.50 -24.73 0.95
N ARG B 294 9.01 -24.92 2.15
CA ARG B 294 8.21 -25.26 3.35
C ARG B 294 8.42 -24.16 4.39
N ALA B 295 8.05 -24.40 5.65
CA ALA B 295 7.96 -23.39 6.71
C ALA B 295 9.24 -22.55 6.79
N PHE B 296 9.10 -21.22 6.68
CA PHE B 296 10.20 -20.24 6.87
C PHE B 296 11.35 -20.55 5.91
N ALA B 297 10.99 -20.93 4.68
CA ALA B 297 11.90 -21.06 3.51
C ALA B 297 12.92 -22.19 3.71
N CYS B 298 12.57 -23.23 4.45
CA CYS B 298 13.32 -24.51 4.36
C CYS B 298 12.64 -25.36 3.28
N GLY B 299 13.09 -26.58 3.10
CA GLY B 299 12.53 -27.51 2.11
C GLY B 299 13.29 -28.81 2.17
N LEU B 300 12.72 -29.87 1.62
CA LEU B 300 13.35 -31.19 1.61
C LEU B 300 13.76 -31.50 0.16
N HIS B 301 14.99 -31.94 -0.02
CA HIS B 301 15.46 -32.34 -1.37
C HIS B 301 16.65 -33.28 -1.26
N LEU B 302 16.81 -34.06 -2.32
CA LEU B 302 17.97 -34.93 -2.53
C LEU B 302 18.55 -34.55 -3.89
N VAL B 303 19.85 -34.21 -3.91
CA VAL B 303 20.62 -33.85 -5.13
C VAL B 303 21.60 -34.98 -5.40
N PRO B 304 21.54 -35.60 -6.59
CA PRO B 304 22.51 -36.63 -6.97
C PRO B 304 23.95 -36.12 -6.91
N ARG B 305 24.86 -36.98 -6.51
CA ARG B 305 26.33 -36.75 -6.55
C ARG B 305 26.97 -38.00 -7.19
N ALA B 306 28.17 -37.85 -7.74
CA ALA B 306 28.96 -38.98 -8.30
C ALA B 306 29.53 -39.81 -7.14
N GLY B 307 29.87 -41.07 -7.39
CA GLY B 307 30.70 -41.89 -6.49
C GLY B 307 29.93 -42.47 -5.30
N GLY B 308 28.63 -42.74 -5.43
CA GLY B 308 27.85 -43.44 -4.37
C GLY B 308 27.48 -42.54 -3.20
N SER B 309 27.61 -41.22 -3.37
CA SER B 309 27.21 -40.19 -2.38
C SER B 309 25.86 -39.58 -2.82
N VAL B 310 25.05 -39.12 -1.87
CA VAL B 310 23.91 -38.20 -2.17
C VAL B 310 23.99 -37.01 -1.23
N TYR B 311 23.48 -35.88 -1.69
CA TYR B 311 23.33 -34.65 -0.87
C TYR B 311 21.87 -34.61 -0.41
N ILE B 312 21.66 -34.33 0.88
CA ILE B 312 20.29 -34.08 1.40
C ILE B 312 20.29 -32.71 2.05
N GLY B 313 19.22 -31.98 1.77
CA GLY B 313 19.01 -30.64 2.33
C GLY B 313 17.51 -30.34 2.42
N ALA B 314 17.19 -29.17 2.97
CA ALA B 314 18.12 -28.29 3.65
C ALA B 314 17.31 -27.44 4.61
N THR B 315 17.79 -27.25 5.82
CA THR B 315 17.11 -26.45 6.85
C THR B 315 17.34 -24.96 6.53
N ASN B 316 16.55 -24.11 7.18
CA ASN B 316 16.75 -22.65 7.09
C ASN B 316 16.26 -22.04 8.40
N ALA B 317 17.07 -21.18 9.00
CA ALA B 317 16.69 -20.39 10.19
C ALA B 317 17.37 -19.04 10.04
N VAL B 318 16.58 -17.98 9.97
CA VAL B 318 17.16 -16.61 9.91
C VAL B 318 17.72 -16.30 11.30
N CYS B 319 19.00 -15.96 11.36
CA CYS B 319 19.69 -15.57 12.61
C CYS B 319 20.18 -14.13 12.47
N LEU B 320 19.99 -13.31 13.51
CA LEU B 320 20.42 -11.88 13.52
C LEU B 320 21.93 -11.80 13.67
N GLU B 321 22.59 -12.90 14.08
CA GLU B 321 24.06 -13.02 14.12
C GLU B 321 24.46 -14.33 13.43
N PRO B 322 25.65 -14.38 12.80
CA PRO B 322 26.10 -15.59 12.11
C PRO B 322 26.26 -16.79 13.06
N ARG B 323 26.04 -17.99 12.52
CA ARG B 323 26.24 -19.26 13.27
C ARG B 323 26.84 -20.24 12.27
N GLY B 324 27.91 -20.92 12.68
CA GLY B 324 28.70 -21.79 11.80
C GLY B 324 28.53 -23.25 12.14
N ALA B 325 27.67 -23.59 13.10
CA ALA B 325 27.44 -24.99 13.53
C ALA B 325 25.96 -25.31 13.47
N ALA B 326 25.64 -26.55 13.07
CA ALA B 326 24.26 -27.09 13.08
C ALA B 326 23.80 -27.20 14.52
N SER B 327 22.53 -26.95 14.78
CA SER B 327 21.88 -27.32 16.04
C SER B 327 21.47 -28.79 15.94
N ILE B 328 21.30 -29.45 17.09
CA ILE B 328 20.78 -30.85 17.16
C ILE B 328 19.44 -30.90 16.41
N GLU B 329 18.53 -29.97 16.69
CA GLU B 329 17.16 -29.91 16.10
C GLU B 329 17.24 -29.96 14.57
N GLU B 330 18.15 -29.18 13.98
CA GLU B 330 18.30 -29.06 12.51
C GLU B 330 18.73 -30.41 11.92
N THR B 331 19.72 -31.05 12.54
CA THR B 331 20.24 -32.35 12.11
C THR B 331 19.10 -33.37 12.13
N VAL B 332 18.35 -33.43 13.23
CA VAL B 332 17.28 -34.44 13.42
C VAL B 332 16.17 -34.19 12.38
N ALA B 333 15.76 -32.94 12.16
CA ALA B 333 14.62 -32.63 11.25
C ALA B 333 15.03 -33.00 9.82
N LEU B 334 16.24 -32.65 9.41
CA LEU B 334 16.74 -32.95 8.04
C LEU B 334 16.73 -34.47 7.84
N PHE B 335 17.37 -35.20 8.75
CA PHE B 335 17.50 -36.67 8.63
C PHE B 335 16.13 -37.34 8.70
N ASN B 336 15.28 -36.92 9.64
CA ASN B 336 13.97 -37.58 9.82
C ASN B 336 13.13 -37.40 8.55
N CYS B 337 13.10 -36.20 7.98
CA CYS B 337 12.29 -35.91 6.77
C CYS B 337 12.82 -36.74 5.59
N ALA B 338 14.13 -36.79 5.37
CA ALA B 338 14.73 -37.50 4.21
C ALA B 338 14.46 -39.00 4.30
N THR B 339 14.63 -39.61 5.47
CA THR B 339 14.49 -41.08 5.68
C THR B 339 13.03 -41.49 5.53
N HIS B 340 12.08 -40.66 5.98
CA HIS B 340 10.63 -40.98 5.94
C HIS B 340 10.05 -40.67 4.56
N GLN B 341 10.36 -39.50 4.02
CA GLN B 341 9.64 -38.96 2.83
C GLN B 341 10.34 -39.36 1.53
N LEU B 342 11.64 -39.66 1.53
CA LEU B 342 12.38 -39.96 0.27
C LEU B 342 12.82 -41.43 0.24
N HIS B 343 13.62 -41.89 1.19
CA HIS B 343 14.20 -43.26 1.14
C HIS B 343 14.59 -43.74 2.53
N ARG B 344 13.90 -44.80 2.99
CA ARG B 344 14.16 -45.40 4.32
C ARG B 344 15.56 -46.01 4.38
N GLY B 345 16.14 -46.40 3.24
CA GLY B 345 17.51 -46.92 3.13
C GLY B 345 18.54 -45.89 3.58
N LEU B 346 18.23 -44.60 3.55
CA LEU B 346 19.17 -43.55 4.03
C LEU B 346 19.39 -43.72 5.54
N ASN B 347 18.45 -44.35 6.23
CA ASN B 347 18.57 -44.61 7.69
C ASN B 347 19.85 -45.42 7.99
N GLY B 348 20.16 -46.40 7.15
CA GLY B 348 21.31 -47.31 7.33
C GLY B 348 22.51 -46.82 6.56
N SER B 349 22.42 -45.64 5.96
CA SER B 349 23.51 -45.09 5.14
C SER B 349 24.48 -44.32 6.05
N GLU B 350 25.73 -44.18 5.62
CA GLU B 350 26.82 -43.56 6.43
C GLU B 350 26.82 -42.04 6.22
N LEU B 351 26.79 -41.32 7.33
CA LEU B 351 26.92 -39.85 7.37
C LEU B 351 28.39 -39.49 7.11
N ARG B 352 28.69 -38.81 6.02
CA ARG B 352 30.08 -38.40 5.71
C ARG B 352 30.29 -36.95 6.16
N LYS B 353 29.31 -36.07 6.08
CA LYS B 353 29.54 -34.65 6.44
C LYS B 353 28.21 -33.95 6.73
N VAL B 354 28.15 -33.24 7.85
CA VAL B 354 27.11 -32.23 8.14
C VAL B 354 27.66 -30.88 7.69
N GLN B 355 26.95 -30.20 6.78
CA GLN B 355 27.41 -28.91 6.19
C GLN B 355 26.49 -27.80 6.72
N VAL B 356 27.07 -26.63 6.96
CA VAL B 356 26.37 -25.43 7.47
C VAL B 356 26.87 -24.23 6.67
N GLY B 357 25.94 -23.43 6.17
CA GLY B 357 26.22 -22.20 5.40
C GLY B 357 25.13 -21.18 5.62
N SER B 358 25.41 -19.90 5.36
CA SER B 358 24.48 -18.78 5.55
C SER B 358 23.98 -18.29 4.19
N ARG B 359 22.73 -18.62 3.88
CA ARG B 359 22.00 -17.98 2.76
C ARG B 359 21.94 -16.48 3.06
N PRO B 360 22.41 -15.60 2.16
CA PRO B 360 22.29 -14.16 2.37
C PRO B 360 20.82 -13.73 2.29
N ALA B 361 20.23 -13.43 3.44
CA ALA B 361 18.78 -13.18 3.62
C ALA B 361 18.53 -11.67 3.69
N PRO B 362 18.09 -11.04 2.58
CA PRO B 362 17.85 -9.60 2.59
C PRO B 362 16.60 -9.24 3.43
N ILE B 363 16.68 -8.17 4.21
CA ILE B 363 15.62 -7.74 5.17
C ILE B 363 14.31 -7.41 4.44
N ASP B 364 14.33 -7.07 3.15
CA ASP B 364 13.11 -6.71 2.37
C ASP B 364 12.76 -7.83 1.38
N GLY B 365 13.49 -8.95 1.41
CA GLY B 365 13.11 -10.18 0.70
C GLY B 365 13.59 -10.25 -0.73
N PHE B 366 14.40 -9.29 -1.20
CA PHE B 366 14.86 -9.28 -2.61
C PHE B 366 16.36 -9.02 -2.69
N PRO B 367 17.01 -9.52 -3.75
CA PRO B 367 18.46 -9.40 -3.89
C PRO B 367 18.95 -7.95 -4.05
N LEU B 368 20.27 -7.82 -3.91
CA LEU B 368 21.04 -6.56 -3.99
C LEU B 368 22.08 -6.75 -5.09
N ILE B 369 21.77 -6.30 -6.30
CA ILE B 369 22.55 -6.58 -7.53
C ILE B 369 22.73 -5.27 -8.29
N GLY B 370 23.97 -4.79 -8.40
CA GLY B 370 24.30 -3.68 -9.30
C GLY B 370 25.12 -2.60 -8.63
N GLY B 371 24.94 -1.37 -9.08
CA GLY B 371 25.80 -0.23 -8.73
C GLY B 371 25.31 0.48 -7.49
N THR B 372 26.11 1.43 -7.06
CA THR B 372 26.03 2.16 -5.77
C THR B 372 26.19 3.65 -6.13
N SER B 373 25.93 4.56 -5.20
CA SER B 373 26.19 6.02 -5.33
C SER B 373 27.70 6.29 -5.20
N VAL B 374 28.49 5.29 -4.80
CA VAL B 374 29.97 5.35 -4.76
C VAL B 374 30.50 4.82 -6.09
N GLU B 375 31.24 5.65 -6.82
CA GLU B 375 31.78 5.32 -8.16
C GLU B 375 32.73 4.12 -8.03
N GLY B 376 32.54 3.11 -8.87
CA GLY B 376 33.32 1.86 -8.88
C GLY B 376 32.93 0.86 -7.78
N LEU B 377 31.93 1.16 -6.93
CA LEU B 377 31.44 0.21 -5.88
C LEU B 377 30.20 -0.54 -6.39
N TRP B 378 30.29 -1.86 -6.46
CA TRP B 378 29.24 -2.79 -6.95
C TRP B 378 28.94 -3.82 -5.87
N MET B 379 27.73 -4.38 -5.91
CA MET B 379 27.26 -5.42 -4.95
C MET B 379 26.57 -6.54 -5.72
N LEU B 380 26.85 -7.78 -5.31
CA LEU B 380 26.14 -9.00 -5.76
C LEU B 380 25.86 -9.82 -4.49
N SER B 381 24.66 -9.69 -3.90
CA SER B 381 24.33 -10.36 -2.63
C SER B 381 22.81 -10.42 -2.41
N GLY B 382 22.41 -10.95 -1.25
CA GLY B 382 21.01 -11.04 -0.82
C GLY B 382 20.19 -12.00 -1.68
N THR B 383 20.83 -13.03 -2.25
CA THR B 383 20.16 -13.98 -3.17
C THR B 383 19.48 -15.14 -2.42
N TYR B 384 19.65 -15.25 -1.10
CA TYR B 384 18.90 -16.20 -0.23
C TYR B 384 19.00 -17.63 -0.79
N ARG B 385 17.94 -18.18 -1.38
CA ARG B 385 17.86 -19.62 -1.74
C ARG B 385 18.33 -19.90 -3.18
N ASP B 386 18.56 -18.90 -4.04
CA ASP B 386 18.75 -19.21 -5.48
C ASP B 386 19.77 -18.28 -6.18
N GLY B 387 20.74 -17.73 -5.45
CA GLY B 387 21.90 -17.02 -6.01
C GLY B 387 22.74 -17.92 -6.89
N LEU B 388 22.98 -19.16 -6.45
CA LEU B 388 23.81 -20.11 -7.24
C LEU B 388 23.12 -20.35 -8.60
N HIS B 389 21.83 -20.65 -8.59
CA HIS B 389 21.05 -20.84 -9.84
C HIS B 389 21.16 -19.59 -10.74
N MET B 390 21.03 -18.41 -10.17
CA MET B 390 20.96 -17.15 -10.96
C MET B 390 22.36 -16.67 -11.36
N SER B 391 23.43 -17.24 -10.80
CA SER B 391 24.82 -16.71 -10.86
C SER B 391 25.22 -16.32 -12.30
N PRO B 392 25.09 -17.16 -13.36
CA PRO B 392 25.56 -16.75 -14.69
C PRO B 392 24.86 -15.48 -15.18
N LEU B 393 23.55 -15.36 -14.91
CA LEU B 393 22.74 -14.19 -15.31
C LEU B 393 23.20 -12.97 -14.50
N LEU B 394 23.37 -13.10 -13.18
CA LEU B 394 23.72 -11.97 -12.29
C LEU B 394 25.13 -11.46 -12.65
N ALA B 395 26.06 -12.37 -12.94
CA ALA B 395 27.45 -12.04 -13.30
C ALA B 395 27.45 -11.18 -14.57
N ARG B 396 26.72 -11.63 -15.60
CA ARG B 396 26.64 -10.97 -16.92
C ARG B 396 25.95 -9.61 -16.76
N HIS B 397 24.92 -9.53 -15.94
CA HIS B 397 24.24 -8.25 -15.63
C HIS B 397 25.26 -7.26 -15.08
N VAL B 398 25.98 -7.61 -14.01
CA VAL B 398 26.86 -6.63 -13.33
C VAL B 398 28.02 -6.26 -14.27
N VAL B 399 28.53 -7.21 -15.04
CA VAL B 399 29.65 -6.97 -15.99
C VAL B 399 29.20 -6.01 -17.10
N SER B 400 27.98 -6.18 -17.62
CA SER B 400 27.37 -5.24 -18.60
C SER B 400 27.32 -3.83 -17.99
N LEU B 401 26.81 -3.68 -16.77
CA LEU B 401 26.71 -2.36 -16.09
C LEU B 401 28.11 -1.74 -15.96
N MET B 402 29.11 -2.54 -15.57
CA MET B 402 30.51 -2.06 -15.36
C MET B 402 31.11 -1.57 -16.68
N ASP B 403 30.57 -2.04 -17.81
CA ASP B 403 31.04 -1.71 -19.19
C ASP B 403 30.17 -0.59 -19.80
N GLY B 404 29.28 0.03 -19.01
CA GLY B 404 28.39 1.11 -19.45
C GLY B 404 27.14 0.62 -20.19
N GLY B 405 26.87 -0.69 -20.17
CA GLY B 405 25.63 -1.29 -20.73
C GLY B 405 24.48 -1.16 -19.75
N THR B 406 23.31 -1.74 -20.07
CA THR B 406 22.12 -1.74 -19.17
C THR B 406 21.87 -3.16 -18.64
N GLY B 407 22.74 -4.11 -18.98
CA GLY B 407 22.68 -5.49 -18.47
C GLY B 407 21.36 -6.14 -18.81
N VAL B 408 20.76 -6.82 -17.83
CA VAL B 408 19.54 -7.66 -18.01
C VAL B 408 18.34 -6.82 -17.59
N ASP B 409 17.29 -6.79 -18.40
CA ASP B 409 16.04 -6.03 -18.10
C ASP B 409 15.39 -6.70 -16.89
N GLY B 410 14.89 -5.91 -15.94
CA GLY B 410 14.12 -6.44 -14.81
C GLY B 410 14.93 -6.65 -13.54
N LEU B 411 16.25 -6.46 -13.57
CA LEU B 411 17.13 -6.49 -12.38
C LEU B 411 17.39 -5.07 -11.86
N ARG B 412 16.77 -4.06 -12.48
CA ARG B 412 16.90 -2.64 -12.06
C ARG B 412 16.21 -2.44 -10.71
N GLU B 413 15.06 -3.07 -10.50
CA GLU B 413 14.30 -2.98 -9.22
C GLU B 413 15.10 -3.56 -8.04
N PHE B 414 16.14 -4.38 -8.32
CA PHE B 414 16.93 -5.08 -7.27
C PHE B 414 18.28 -4.40 -7.07
N ARG B 415 18.41 -3.15 -7.50
CA ARG B 415 19.60 -2.30 -7.29
C ARG B 415 19.88 -2.24 -5.79
N PRO B 416 21.15 -2.33 -5.36
CA PRO B 416 21.48 -2.51 -3.95
C PRO B 416 21.22 -1.29 -3.07
N GLU B 417 21.24 -0.09 -3.67
CA GLU B 417 21.06 1.17 -2.92
C GLU B 417 19.60 1.61 -3.14
N ARG B 418 18.76 1.42 -2.14
CA ARG B 418 17.30 1.56 -2.30
C ARG B 418 16.66 1.71 -0.93
N ASP B 419 15.50 2.35 -0.90
CA ASP B 419 14.53 2.21 0.20
C ASP B 419 14.15 0.72 0.28
N LEU B 420 13.82 0.22 1.46
CA LEU B 420 13.34 -1.17 1.62
C LEU B 420 12.11 -1.36 0.74
N ILE B 421 12.09 -2.43 -0.04
CA ILE B 421 10.91 -2.88 -0.83
C ILE B 421 9.81 -3.31 0.15
N SER B 422 8.56 -2.97 -0.14
CA SER B 422 7.34 -3.50 0.54
C SER B 422 6.55 -4.30 -0.50
N ALA B 423 6.91 -5.55 -0.72
CA ALA B 423 6.33 -6.38 -1.81
C ALA B 423 4.95 -6.93 -1.40
N TRP B 424 4.62 -6.91 -0.12
CA TRP B 424 3.34 -7.46 0.42
C TRP B 424 2.76 -6.49 1.44
N SER B 425 1.46 -6.52 1.64
CA SER B 425 0.75 -5.81 2.72
C SER B 425 1.10 -6.45 4.06
N ARG B 426 1.05 -5.66 5.12
CA ARG B 426 1.22 -6.15 6.51
C ARG B 426 0.25 -7.31 6.76
N GLU B 427 -1.00 -7.20 6.30
CA GLU B 427 -2.04 -8.24 6.46
C GLU B 427 -1.57 -9.54 5.80
N GLU B 428 -1.03 -9.48 4.57
CA GLU B 428 -0.56 -10.69 3.84
C GLU B 428 0.56 -11.37 4.65
N ILE B 429 1.48 -10.57 5.21
CA ILE B 429 2.66 -11.10 5.95
C ILE B 429 2.20 -11.70 7.28
N LEU B 430 1.28 -11.06 7.99
CA LEU B 430 0.73 -11.59 9.28
C LEU B 430 0.01 -12.92 9.03
N ASP B 431 -0.78 -13.05 7.96
CA ASP B 431 -1.40 -14.35 7.58
C ASP B 431 -0.27 -15.36 7.34
N ASP B 432 0.78 -14.97 6.62
CA ASP B 432 1.88 -15.87 6.19
C ASP B 432 2.63 -16.37 7.43
N VAL B 433 2.96 -15.49 8.37
CA VAL B 433 3.82 -15.84 9.53
C VAL B 433 3.09 -16.84 10.42
N VAL B 434 1.77 -16.72 10.57
CA VAL B 434 0.97 -17.65 11.40
C VAL B 434 0.90 -19.01 10.68
N ARG B 435 0.63 -18.99 9.37
CA ARG B 435 0.62 -20.20 8.50
C ARG B 435 1.95 -20.95 8.63
N HIS B 436 3.06 -20.24 8.47
CA HIS B 436 4.43 -20.83 8.51
C HIS B 436 4.69 -21.35 9.92
N THR B 437 4.24 -20.65 10.97
CA THR B 437 4.43 -21.13 12.36
C THR B 437 3.72 -22.48 12.52
N MET B 438 2.45 -22.56 12.10
CA MET B 438 1.65 -23.80 12.19
C MET B 438 2.32 -24.90 11.35
N ALA B 439 2.90 -24.54 10.20
CA ALA B 439 3.57 -25.50 9.29
C ALA B 439 4.77 -26.16 9.98
N THR B 440 5.46 -25.49 10.92
CA THR B 440 6.59 -26.11 11.65
C THR B 440 6.04 -27.32 12.45
N GLY B 441 4.78 -27.27 12.88
CA GLY B 441 4.10 -28.40 13.54
C GLY B 441 3.78 -29.51 12.56
N TYR B 442 3.07 -29.18 11.49
CA TYR B 442 2.59 -30.20 10.51
C TYR B 442 3.77 -30.87 9.81
N GLU B 443 4.89 -30.17 9.66
CA GLU B 443 6.09 -30.70 8.95
C GLU B 443 6.89 -31.64 9.87
N PHE B 444 6.65 -31.63 11.18
CA PHE B 444 7.46 -32.38 12.18
C PHE B 444 7.41 -33.88 11.88
N PRO B 445 6.26 -34.56 11.69
CA PRO B 445 4.92 -34.03 11.92
C PRO B 445 4.48 -34.28 13.36
N TRP B 446 3.75 -33.34 13.95
CA TRP B 446 3.24 -33.49 15.33
C TRP B 446 2.01 -34.39 15.34
N ARG B 447 1.65 -34.84 16.53
CA ARG B 447 0.36 -35.53 16.82
C ARG B 447 -0.21 -34.87 18.08
N LEU B 448 -1.32 -34.16 17.94
CA LEU B 448 -1.92 -33.22 18.93
C LEU B 448 -3.39 -33.55 19.03
N PRO B 449 -4.06 -33.19 20.15
CA PRO B 449 -5.52 -33.19 20.18
C PRO B 449 -6.04 -32.23 19.10
N LEU B 450 -7.19 -32.57 18.52
CA LEU B 450 -7.67 -31.95 17.26
C LEU B 450 -8.07 -30.49 17.48
N GLU B 451 -8.36 -30.06 18.71
CA GLU B 451 -8.73 -28.64 19.01
C GLU B 451 -7.46 -27.78 19.14
N TRP B 452 -6.28 -28.37 19.29
CA TRP B 452 -5.08 -27.57 19.68
C TRP B 452 -4.62 -26.65 18.54
N PRO B 453 -4.56 -27.11 17.28
CA PRO B 453 -4.11 -26.23 16.20
C PRO B 453 -4.91 -24.93 16.07
N HIS B 454 -6.24 -25.01 16.08
CA HIS B 454 -7.10 -23.80 15.99
C HIS B 454 -6.83 -22.90 17.20
N MET B 455 -6.69 -23.47 18.39
CA MET B 455 -6.36 -22.71 19.62
C MET B 455 -5.01 -21.98 19.44
N MET B 456 -3.98 -22.66 18.94
CA MET B 456 -2.65 -22.04 18.73
C MET B 456 -2.78 -20.90 17.70
N GLU B 457 -3.47 -21.13 16.58
CA GLU B 457 -3.65 -20.11 15.52
C GLU B 457 -4.28 -18.86 16.11
N THR B 458 -5.32 -18.99 16.93
CA THR B 458 -6.04 -17.82 17.51
C THR B 458 -5.09 -17.08 18.46
N PHE B 459 -4.26 -17.77 19.23
CA PHE B 459 -3.37 -17.12 20.22
C PHE B 459 -2.05 -16.62 19.60
N LEU B 460 -1.71 -17.02 18.37
CA LEU B 460 -0.49 -16.53 17.67
C LEU B 460 -0.76 -15.17 16.99
N GLN B 461 -2.01 -14.93 16.55
CA GLN B 461 -2.36 -13.79 15.66
C GLN B 461 -2.06 -12.46 16.37
N GLY B 462 -2.52 -12.30 17.61
CA GLY B 462 -2.38 -11.05 18.40
C GLY B 462 -0.93 -10.65 18.56
N PRO B 463 -0.08 -11.50 19.18
CA PRO B 463 1.34 -11.16 19.37
C PRO B 463 2.11 -10.83 18.08
N PHE B 464 1.84 -11.48 16.93
CA PHE B 464 2.54 -11.13 15.66
C PHE B 464 2.04 -9.78 15.17
N ALA B 465 0.73 -9.50 15.24
CA ALA B 465 0.14 -8.19 14.86
C ALA B 465 0.76 -7.07 15.72
N GLU B 466 0.89 -7.30 17.03
CA GLU B 466 1.49 -6.35 18.01
C GLU B 466 2.96 -6.09 17.64
N LEU B 467 3.71 -7.14 17.30
CA LEU B 467 5.15 -6.99 16.93
C LEU B 467 5.23 -6.13 15.67
N ALA B 468 4.44 -6.45 14.65
CA ALA B 468 4.50 -5.78 13.33
C ALA B 468 4.20 -4.28 13.52
N ASP B 469 3.21 -3.97 14.37
CA ASP B 469 2.78 -2.58 14.64
C ASP B 469 3.87 -1.80 15.36
N ARG B 470 4.58 -2.45 16.28
CA ARG B 470 5.65 -1.88 17.12
C ARG B 470 6.91 -1.61 16.28
N LEU B 471 7.23 -2.45 15.30
CA LEU B 471 8.54 -2.38 14.60
C LEU B 471 8.61 -1.10 13.75
N SER B 472 7.53 -0.74 13.07
CA SER B 472 7.49 0.38 12.09
C SER B 472 6.06 0.64 11.64
N ASP B 473 5.77 1.90 11.30
CA ASP B 473 4.50 2.33 10.70
C ASP B 473 4.49 2.02 9.21
N THR B 474 5.64 1.75 8.58
CA THR B 474 5.69 1.63 7.09
C THR B 474 6.27 0.27 6.68
N TYR B 475 7.36 -0.19 7.27
CA TYR B 475 8.04 -1.45 6.85
C TYR B 475 7.48 -2.64 7.65
N THR B 476 7.30 -3.78 6.96
CA THR B 476 7.01 -5.10 7.58
C THR B 476 8.04 -6.12 7.09
N PRO B 477 8.80 -6.76 7.99
CA PRO B 477 9.72 -7.82 7.59
C PRO B 477 8.94 -9.04 7.08
N PRO B 478 9.42 -9.73 6.05
CA PRO B 478 8.84 -11.01 5.62
C PRO B 478 8.80 -12.01 6.77
N ALA B 479 7.93 -13.02 6.69
CA ALA B 479 7.64 -14.01 7.76
C ALA B 479 8.93 -14.63 8.32
N ASP B 480 9.85 -15.06 7.44
CA ASP B 480 11.13 -15.72 7.82
C ASP B 480 11.89 -14.85 8.82
N LEU B 481 11.95 -13.55 8.55
CA LEU B 481 12.66 -12.57 9.42
C LEU B 481 11.77 -12.25 10.62
N MET B 482 10.45 -12.11 10.42
CA MET B 482 9.53 -11.68 11.51
C MET B 482 9.59 -12.71 12.65
N THR B 483 9.64 -14.02 12.36
CA THR B 483 9.72 -15.06 13.43
C THR B 483 11.06 -14.89 14.17
N ALA B 484 12.17 -14.67 13.47
CA ALA B 484 13.49 -14.47 14.12
C ALA B 484 13.43 -13.25 15.04
N ILE B 485 12.77 -12.18 14.62
CA ILE B 485 12.65 -10.94 15.45
C ILE B 485 11.76 -11.23 16.65
N MET B 486 10.64 -11.94 16.45
CA MET B 486 9.67 -12.26 17.52
C MET B 486 10.42 -12.93 18.68
N PHE B 487 11.36 -13.83 18.41
CA PHE B 487 12.02 -14.66 19.45
C PHE B 487 13.44 -14.16 19.73
N SER B 488 13.80 -12.94 19.31
CA SER B 488 15.09 -12.30 19.63
C SER B 488 14.97 -11.54 20.96
N GLU B 489 16.10 -11.07 21.50
CA GLU B 489 16.16 -10.25 22.75
C GLU B 489 15.46 -8.90 22.53
N ARG B 490 14.92 -8.30 23.58
CA ARG B 490 14.29 -6.95 23.57
C ARG B 490 15.24 -5.93 22.91
N GLU B 491 16.54 -5.98 23.21
CA GLU B 491 17.56 -5.01 22.74
C GLU B 491 17.72 -5.14 21.22
N GLN B 492 17.64 -6.37 20.70
CA GLN B 492 17.75 -6.63 19.23
C GLN B 492 16.51 -6.08 18.53
N GLN B 493 15.34 -6.26 19.13
CA GLN B 493 14.06 -5.70 18.63
C GLN B 493 14.15 -4.16 18.61
N ASP B 494 14.61 -3.55 19.69
CA ASP B 494 14.69 -2.07 19.84
C ASP B 494 15.69 -1.52 18.79
N GLU B 495 16.80 -2.21 18.57
CA GLU B 495 17.82 -1.82 17.57
C GLU B 495 17.19 -1.85 16.17
N LEU B 496 16.32 -2.83 15.89
CA LEU B 496 15.64 -2.94 14.57
C LEU B 496 14.62 -1.79 14.43
N ILE B 497 13.90 -1.43 15.48
CA ILE B 497 12.92 -0.30 15.44
C ILE B 497 13.69 0.97 15.04
N ALA B 498 14.85 1.20 15.67
CA ALA B 498 15.76 2.34 15.38
C ALA B 498 16.22 2.28 13.92
N TYR B 499 16.64 1.10 13.44
CA TYR B 499 17.11 0.91 12.04
C TYR B 499 15.99 1.31 11.07
N TYR B 500 14.77 0.78 11.26
CA TYR B 500 13.63 1.06 10.37
C TYR B 500 13.34 2.58 10.36
N ALA B 501 13.39 3.23 11.53
CA ALA B 501 13.13 4.68 11.69
C ALA B 501 14.19 5.47 10.89
N ASP B 502 15.46 5.08 11.02
CA ASP B 502 16.62 5.71 10.31
C ASP B 502 16.48 5.50 8.80
N VAL B 503 16.04 4.32 8.36
CA VAL B 503 15.82 4.07 6.91
C VAL B 503 14.71 5.00 6.42
N HIS B 504 13.60 5.11 7.18
CA HIS B 504 12.44 5.95 6.79
C HIS B 504 12.91 7.41 6.63
N ARG B 505 13.64 7.93 7.62
CA ARG B 505 14.25 9.29 7.63
C ARG B 505 15.07 9.51 6.36
N GLU B 506 15.97 8.57 6.02
CA GLU B 506 16.89 8.70 4.87
C GLU B 506 16.12 8.81 3.56
N TRP B 507 15.02 8.08 3.38
CA TRP B 507 14.38 7.89 2.04
C TRP B 507 13.11 8.74 1.88
N HIS B 508 12.57 9.30 2.95
CA HIS B 508 11.34 10.14 2.91
C HIS B 508 11.69 11.53 3.44
N GLN C 27 -48.94 -77.08 0.18
CA GLN C 27 -49.37 -75.66 0.00
C GLN C 27 -48.62 -75.06 -1.19
N THR C 28 -49.10 -73.92 -1.68
CA THR C 28 -48.36 -72.95 -2.54
C THR C 28 -47.88 -71.75 -1.70
N ASP C 29 -48.05 -71.81 -0.37
CA ASP C 29 -47.65 -70.76 0.61
C ASP C 29 -46.13 -70.59 0.58
N VAL C 30 -45.65 -69.36 0.79
CA VAL C 30 -44.21 -69.01 0.87
C VAL C 30 -43.91 -68.45 2.26
N ILE C 31 -42.88 -69.00 2.91
CA ILE C 31 -42.29 -68.44 4.17
C ILE C 31 -40.91 -67.89 3.84
N VAL C 32 -40.73 -66.59 4.09
CA VAL C 32 -39.40 -65.92 4.07
C VAL C 32 -38.89 -65.92 5.51
N VAL C 33 -37.73 -66.57 5.74
CA VAL C 33 -37.07 -66.60 7.07
C VAL C 33 -36.03 -65.48 7.09
N GLY C 34 -36.37 -64.35 7.74
CA GLY C 34 -35.43 -63.24 7.97
C GLY C 34 -36.02 -61.91 7.53
N ASN C 35 -35.77 -60.86 8.31
CA ASN C 35 -36.45 -59.55 8.15
C ASN C 35 -35.40 -58.44 7.97
N GLY C 36 -34.23 -58.78 7.42
CA GLY C 36 -33.26 -57.78 6.95
C GLY C 36 -33.65 -57.29 5.58
N VAL C 37 -32.73 -56.60 4.92
CA VAL C 37 -32.97 -56.08 3.55
C VAL C 37 -33.28 -57.24 2.57
N LEU C 38 -32.60 -58.38 2.69
CA LEU C 38 -32.73 -59.45 1.68
C LEU C 38 -34.09 -60.15 1.86
N GLY C 39 -34.45 -60.55 3.09
CA GLY C 39 -35.74 -61.20 3.37
C GLY C 39 -36.91 -60.30 2.94
N LEU C 40 -36.89 -59.02 3.34
CA LEU C 40 -37.99 -58.08 3.01
C LEU C 40 -38.02 -57.76 1.52
N SER C 41 -36.85 -57.65 0.86
CA SER C 41 -36.78 -57.34 -0.59
C SER C 41 -37.40 -58.50 -1.38
N VAL C 42 -37.06 -59.73 -1.02
CA VAL C 42 -37.59 -60.93 -1.73
C VAL C 42 -39.08 -61.07 -1.39
N GLY C 43 -39.47 -60.83 -0.14
CA GLY C 43 -40.89 -60.84 0.29
C GLY C 43 -41.72 -59.87 -0.54
N VAL C 44 -41.25 -58.63 -0.72
CA VAL C 44 -41.96 -57.61 -1.52
C VAL C 44 -42.10 -58.12 -2.96
N GLU C 45 -41.02 -58.64 -3.56
CA GLU C 45 -41.04 -59.08 -4.98
C GLU C 45 -42.00 -60.26 -5.16
N ILE C 46 -41.98 -61.23 -4.25
CA ILE C 46 -42.90 -62.41 -4.28
C ILE C 46 -44.35 -61.91 -4.17
N ALA C 47 -44.65 -61.11 -3.16
CA ALA C 47 -46.02 -60.62 -2.88
C ALA C 47 -46.54 -59.84 -4.08
N ARG C 48 -45.69 -59.03 -4.72
CA ARG C 48 -46.11 -58.14 -5.83
C ARG C 48 -46.34 -58.96 -7.11
N THR C 49 -45.59 -60.05 -7.32
CA THR C 49 -45.58 -60.77 -8.63
C THR C 49 -46.47 -62.03 -8.56
N ARG C 50 -46.76 -62.56 -7.37
CA ARG C 50 -47.69 -63.71 -7.20
C ARG C 50 -48.80 -63.32 -6.22
N PRO C 51 -49.76 -62.45 -6.62
CA PRO C 51 -50.82 -61.97 -5.73
C PRO C 51 -51.77 -63.08 -5.26
N ASP C 52 -51.75 -64.21 -5.96
CA ASP C 52 -52.55 -65.44 -5.71
C ASP C 52 -51.98 -66.23 -4.51
N VAL C 53 -50.72 -66.02 -4.10
CA VAL C 53 -50.06 -66.84 -3.04
C VAL C 53 -49.94 -66.02 -1.76
N ARG C 54 -49.97 -66.72 -0.64
CA ARG C 54 -49.76 -66.16 0.72
C ARG C 54 -48.27 -66.19 1.05
N VAL C 55 -47.65 -65.02 1.27
CA VAL C 55 -46.23 -64.95 1.70
C VAL C 55 -46.22 -64.42 3.14
N THR C 56 -45.59 -65.19 4.02
CA THR C 56 -45.38 -64.89 5.45
C THR C 56 -43.88 -64.66 5.68
N LEU C 57 -43.53 -63.54 6.33
CA LEU C 57 -42.11 -63.19 6.62
C LEU C 57 -41.86 -63.24 8.13
N LEU C 58 -40.88 -64.04 8.54
CA LEU C 58 -40.48 -64.25 9.97
C LEU C 58 -39.32 -63.32 10.34
N GLY C 59 -39.18 -63.06 11.64
CA GLY C 59 -38.15 -62.18 12.23
C GLY C 59 -38.75 -61.15 13.17
N LYS C 60 -37.98 -60.74 14.18
CA LYS C 60 -38.44 -59.87 15.29
C LYS C 60 -37.92 -58.45 15.08
N PRO C 61 -38.64 -57.44 15.61
CA PRO C 61 -38.23 -56.05 15.45
C PRO C 61 -36.85 -55.74 16.09
N ALA C 62 -36.37 -56.53 17.05
CA ALA C 62 -35.02 -56.34 17.66
C ALA C 62 -33.93 -56.57 16.59
N ARG C 63 -34.17 -57.42 15.59
CA ARG C 63 -33.20 -57.72 14.51
C ARG C 63 -31.82 -57.98 15.12
N GLN C 64 -31.76 -58.95 16.03
CA GLN C 64 -30.51 -59.34 16.73
C GLN C 64 -29.41 -59.64 15.68
N TYR C 65 -28.21 -59.08 15.90
CA TYR C 65 -27.00 -59.22 15.04
C TYR C 65 -27.25 -58.69 13.62
N GLY C 66 -28.35 -57.97 13.40
CA GLY C 66 -28.79 -57.57 12.05
C GLY C 66 -27.78 -56.63 11.40
N ALA C 67 -27.32 -56.99 10.20
CA ALA C 67 -26.40 -56.16 9.39
C ALA C 67 -27.13 -54.91 8.91
N THR C 68 -28.35 -55.06 8.41
CA THR C 68 -29.06 -53.97 7.68
C THR C 68 -29.21 -52.73 8.56
N PRO C 69 -29.72 -52.81 9.82
CA PRO C 69 -29.93 -51.62 10.64
C PRO C 69 -28.63 -50.90 11.04
N ALA C 70 -27.50 -51.62 11.04
CA ALA C 70 -26.16 -51.06 11.36
C ALA C 70 -25.51 -50.42 10.12
N ALA C 71 -26.14 -50.55 8.94
CA ALA C 71 -25.58 -50.10 7.65
C ALA C 71 -25.96 -48.63 7.40
N GLY C 72 -25.16 -47.93 6.62
CA GLY C 72 -25.31 -46.48 6.41
C GLY C 72 -26.58 -46.11 5.67
N ALA C 73 -26.69 -46.52 4.40
CA ALA C 73 -25.79 -47.43 3.74
C ALA C 73 -25.43 -46.87 2.36
N MET C 74 -24.24 -47.22 1.90
CA MET C 74 -23.73 -46.86 0.56
C MET C 74 -24.30 -47.84 -0.47
N LEU C 75 -24.75 -47.32 -1.61
CA LEU C 75 -25.09 -48.17 -2.79
C LEU C 75 -23.77 -48.39 -3.53
N GLY C 76 -22.90 -49.16 -2.91
CA GLY C 76 -21.48 -49.32 -3.26
C GLY C 76 -21.30 -50.39 -4.30
N ALA C 77 -20.88 -49.96 -5.48
CA ALA C 77 -20.53 -50.78 -6.66
C ALA C 77 -19.06 -50.51 -6.96
N PHE C 78 -18.75 -49.31 -7.44
CA PHE C 78 -17.37 -48.88 -7.77
C PHE C 78 -16.55 -48.60 -6.50
N GLY C 79 -17.16 -48.05 -5.46
CA GLY C 79 -16.49 -47.80 -4.17
C GLY C 79 -16.01 -49.08 -3.51
N GLU C 80 -16.64 -50.21 -3.80
CA GLU C 80 -16.26 -51.54 -3.26
C GLU C 80 -15.14 -52.20 -4.07
N VAL C 81 -14.70 -51.61 -5.17
CA VAL C 81 -13.67 -52.24 -6.04
C VAL C 81 -12.33 -52.28 -5.31
N THR C 82 -11.69 -53.44 -5.31
CA THR C 82 -10.27 -53.64 -4.91
C THR C 82 -9.50 -54.29 -6.05
N ALA C 83 -8.20 -54.06 -6.13
CA ALA C 83 -7.26 -54.73 -7.07
C ALA C 83 -7.39 -56.24 -6.88
N HIS C 84 -7.40 -56.70 -5.63
CA HIS C 84 -7.43 -58.14 -5.28
C HIS C 84 -8.73 -58.80 -5.82
N ALA C 85 -9.89 -58.18 -5.61
CA ALA C 85 -11.19 -58.71 -6.07
C ALA C 85 -11.18 -58.83 -7.62
N LEU C 86 -10.78 -57.78 -8.33
CA LEU C 86 -10.79 -57.70 -9.82
C LEU C 86 -9.67 -58.57 -10.46
N ALA C 87 -8.74 -59.10 -9.68
CA ALA C 87 -7.68 -60.02 -10.16
C ALA C 87 -8.23 -61.46 -10.27
N SER C 88 -9.43 -61.75 -9.76
CA SER C 88 -10.04 -63.10 -9.85
C SER C 88 -11.30 -63.05 -10.72
N GLU C 89 -11.59 -64.16 -11.41
CA GLU C 89 -12.80 -64.30 -12.25
C GLU C 89 -14.05 -64.15 -11.36
N HIS C 90 -14.08 -64.80 -10.19
CA HIS C 90 -15.24 -64.73 -9.26
C HIS C 90 -15.45 -63.28 -8.80
N GLY C 91 -14.36 -62.56 -8.50
CA GLY C 91 -14.41 -61.14 -8.12
C GLY C 91 -14.99 -60.26 -9.22
N ARG C 92 -14.55 -60.45 -10.47
CA ARG C 92 -15.08 -59.69 -11.64
C ARG C 92 -16.57 -60.01 -11.80
N LYS C 93 -16.99 -61.24 -11.58
CA LYS C 93 -18.42 -61.66 -11.69
C LYS C 93 -19.25 -60.93 -10.60
N LYS C 94 -18.75 -60.91 -9.36
CA LYS C 94 -19.39 -60.22 -8.22
C LYS C 94 -19.50 -58.73 -8.57
N HIS C 95 -18.44 -58.13 -9.09
CA HIS C 95 -18.43 -56.68 -9.47
C HIS C 95 -19.51 -56.41 -10.54
N ALA C 96 -19.61 -57.26 -11.56
CA ALA C 96 -20.58 -57.12 -12.67
C ALA C 96 -21.99 -57.04 -12.08
N LEU C 97 -22.31 -57.91 -11.12
CA LEU C 97 -23.64 -57.95 -10.45
C LEU C 97 -23.88 -56.66 -9.67
N ALA C 98 -22.86 -56.10 -9.00
CA ALA C 98 -22.98 -54.81 -8.28
C ALA C 98 -23.32 -53.69 -9.27
N VAL C 99 -22.66 -53.68 -10.44
CA VAL C 99 -22.92 -52.63 -11.46
C VAL C 99 -24.35 -52.80 -11.97
N GLN C 100 -24.81 -54.03 -12.19
CA GLN C 100 -26.20 -54.30 -12.65
C GLN C 100 -27.20 -53.86 -11.59
N ALA C 101 -26.96 -54.14 -10.32
CA ALA C 101 -27.88 -53.76 -9.20
C ALA C 101 -28.07 -52.25 -9.17
N GLN C 102 -27.02 -51.46 -9.39
CA GLN C 102 -27.07 -49.97 -9.31
C GLN C 102 -28.15 -49.45 -10.24
N ARG C 103 -28.33 -50.04 -11.43
CA ARG C 103 -29.28 -49.58 -12.45
C ARG C 103 -30.72 -49.79 -11.96
N LEU C 104 -30.98 -50.73 -11.05
CA LEU C 104 -32.35 -51.03 -10.55
C LEU C 104 -32.76 -50.05 -9.45
N TRP C 105 -31.83 -49.36 -8.79
CA TRP C 105 -32.12 -48.63 -7.53
C TRP C 105 -33.12 -47.50 -7.76
N PRO C 106 -32.98 -46.63 -8.79
CA PRO C 106 -33.92 -45.52 -8.96
C PRO C 106 -35.40 -45.93 -9.02
N GLU C 107 -35.75 -46.93 -9.84
CA GLU C 107 -37.16 -47.40 -9.98
C GLU C 107 -37.57 -48.19 -8.74
N TRP C 108 -36.66 -48.97 -8.14
CA TRP C 108 -36.92 -49.71 -6.88
C TRP C 108 -37.34 -48.72 -5.77
N ILE C 109 -36.57 -47.65 -5.58
CA ILE C 109 -36.88 -46.59 -4.58
C ILE C 109 -38.24 -45.96 -4.90
N GLU C 110 -38.47 -45.56 -6.15
CA GLU C 110 -39.79 -45.00 -6.58
C GLU C 110 -40.92 -45.95 -6.15
N SER C 111 -40.79 -47.24 -6.45
CA SER C 111 -41.82 -48.29 -6.18
C SER C 111 -42.04 -48.45 -4.67
N LEU C 112 -41.04 -48.18 -3.84
CA LEU C 112 -41.14 -48.32 -2.37
C LEU C 112 -41.71 -47.04 -1.76
N GLU C 113 -41.27 -45.86 -2.21
CA GLU C 113 -41.77 -44.56 -1.68
C GLU C 113 -43.22 -44.33 -2.13
N ALA C 114 -43.64 -44.91 -3.25
CA ALA C 114 -45.00 -44.81 -3.83
C ALA C 114 -46.04 -45.34 -2.83
N THR C 115 -45.68 -46.26 -1.93
CA THR C 115 -46.60 -46.86 -0.94
C THR C 115 -46.69 -45.99 0.31
N GLY C 116 -45.93 -44.89 0.37
CA GLY C 116 -45.89 -44.00 1.54
C GLY C 116 -46.20 -42.57 1.15
N THR C 117 -45.90 -41.61 2.01
CA THR C 117 -46.11 -40.14 1.80
C THR C 117 -44.83 -39.40 2.21
N ALA C 118 -44.77 -38.08 1.95
CA ALA C 118 -43.65 -37.19 2.31
C ALA C 118 -43.19 -37.46 3.76
N ALA C 119 -44.15 -37.62 4.67
CA ALA C 119 -43.93 -37.71 6.14
C ALA C 119 -43.16 -38.97 6.52
N ASP C 120 -43.03 -39.97 5.63
CA ASP C 120 -42.29 -41.23 5.91
C ASP C 120 -40.78 -41.02 5.81
N GLY C 121 -40.34 -39.89 5.25
CA GLY C 121 -38.92 -39.60 5.03
C GLY C 121 -38.50 -40.15 3.69
N ARG C 122 -37.33 -39.73 3.22
CA ARG C 122 -36.78 -40.13 1.91
C ARG C 122 -35.79 -41.27 2.13
N ILE C 123 -35.89 -42.31 1.29
CA ILE C 123 -34.96 -43.48 1.34
C ILE C 123 -33.57 -43.01 0.91
N LYS C 124 -33.47 -42.24 -0.19
CA LYS C 124 -32.18 -41.79 -0.77
C LYS C 124 -31.65 -40.63 0.07
N THR C 125 -30.39 -40.68 0.49
CA THR C 125 -29.76 -39.58 1.30
C THR C 125 -28.65 -38.86 0.53
N ALA C 126 -28.16 -39.46 -0.55
CA ALA C 126 -27.16 -38.82 -1.44
C ALA C 126 -27.22 -39.52 -2.80
N ASP C 127 -26.85 -38.79 -3.85
CA ASP C 127 -26.84 -39.29 -5.25
C ASP C 127 -25.44 -39.74 -5.67
N ASP C 128 -24.43 -39.07 -5.12
CA ASP C 128 -23.01 -39.18 -5.56
C ASP C 128 -22.12 -39.57 -4.37
N THR C 129 -20.93 -40.07 -4.71
CA THR C 129 -19.87 -40.49 -3.76
C THR C 129 -18.58 -39.82 -4.15
N VAL C 130 -17.82 -39.36 -3.15
CA VAL C 130 -16.40 -38.96 -3.34
C VAL C 130 -15.53 -40.00 -2.64
N VAL C 131 -14.62 -40.62 -3.39
CA VAL C 131 -13.57 -41.52 -2.85
C VAL C 131 -12.34 -40.67 -2.63
N LEU C 132 -11.82 -40.68 -1.40
CA LEU C 132 -10.65 -39.88 -1.00
C LEU C 132 -9.45 -40.81 -0.89
N LEU C 133 -8.28 -40.32 -1.32
CA LEU C 133 -7.01 -41.03 -1.13
C LEU C 133 -6.12 -40.18 -0.22
N ASN C 134 -5.83 -40.70 0.98
CA ASN C 134 -4.90 -40.12 1.96
C ASN C 134 -3.78 -41.13 2.21
N THR C 135 -2.83 -40.80 3.09
CA THR C 135 -1.66 -41.67 3.36
C THR C 135 -1.80 -42.36 4.71
N VAL C 136 -3.00 -42.41 5.27
CA VAL C 136 -3.24 -43.11 6.56
C VAL C 136 -3.63 -44.56 6.25
N GLY C 137 -2.69 -45.27 5.62
CA GLY C 137 -2.91 -46.65 5.19
C GLY C 137 -1.74 -47.19 4.40
N HIS C 138 -1.84 -48.43 3.96
CA HIS C 138 -0.77 -49.13 3.22
C HIS C 138 -0.87 -48.71 1.75
N SER C 139 0.22 -48.30 1.12
CA SER C 139 0.27 -48.07 -0.34
C SER C 139 -0.17 -49.34 -1.09
N ALA C 140 0.18 -50.52 -0.58
CA ALA C 140 -0.12 -51.81 -1.26
C ALA C 140 -1.64 -52.08 -1.28
N LEU C 141 -2.43 -51.44 -0.43
CA LEU C 141 -3.91 -51.51 -0.52
C LEU C 141 -4.44 -50.23 -1.16
N ASP C 142 -4.24 -49.09 -0.51
CA ASP C 142 -4.93 -47.81 -0.86
C ASP C 142 -4.51 -47.36 -2.27
N ASP C 143 -3.22 -47.39 -2.62
CA ASP C 143 -2.77 -46.92 -3.96
C ASP C 143 -3.28 -47.90 -5.03
N ALA C 144 -3.12 -49.19 -4.81
CA ALA C 144 -3.56 -50.25 -5.74
C ALA C 144 -5.08 -50.16 -5.92
N ASN C 145 -5.83 -49.91 -4.84
CA ASN C 145 -7.31 -49.93 -4.88
C ASN C 145 -7.83 -48.68 -5.58
N PHE C 146 -7.21 -47.53 -5.37
CA PHE C 146 -7.61 -46.27 -6.05
C PHE C 146 -7.46 -46.44 -7.56
N ALA C 147 -6.35 -47.03 -8.01
CA ALA C 147 -6.09 -47.29 -9.44
C ALA C 147 -7.14 -48.26 -9.99
N ALA C 148 -7.50 -49.31 -9.23
CA ALA C 148 -8.50 -50.33 -9.60
C ALA C 148 -9.88 -49.70 -9.73
N VAL C 149 -10.26 -48.80 -8.83
CA VAL C 149 -11.57 -48.08 -8.87
C VAL C 149 -11.62 -47.26 -10.18
N LEU C 150 -10.59 -46.47 -10.47
CA LEU C 150 -10.50 -45.64 -11.69
C LEU C 150 -10.66 -46.54 -12.92
N THR C 151 -9.98 -47.68 -12.95
CA THR C 151 -10.01 -48.64 -14.07
C THR C 151 -11.43 -49.21 -14.24
N ALA C 152 -12.07 -49.63 -13.14
CA ALA C 152 -13.43 -50.21 -13.17
C ALA C 152 -14.42 -49.18 -13.69
N LEU C 153 -14.29 -47.91 -13.29
CA LEU C 153 -15.19 -46.81 -13.74
C LEU C 153 -15.03 -46.61 -15.24
N LYS C 154 -13.78 -46.63 -15.74
CA LYS C 154 -13.47 -46.41 -17.18
C LYS C 154 -14.05 -47.58 -17.99
N GLU C 155 -13.81 -48.83 -17.56
CA GLU C 155 -14.32 -50.05 -18.24
C GLU C 155 -15.85 -50.05 -18.29
N ALA C 156 -16.54 -49.57 -17.26
CA ALA C 156 -18.01 -49.65 -17.15
C ALA C 156 -18.66 -48.43 -17.79
N ASN C 157 -17.88 -47.47 -18.29
CA ASN C 157 -18.40 -46.20 -18.86
C ASN C 157 -19.24 -45.47 -17.80
N ALA C 158 -18.88 -45.54 -16.53
CA ALA C 158 -19.61 -44.84 -15.44
C ALA C 158 -19.22 -43.37 -15.50
N PRO C 159 -20.17 -42.44 -15.27
CA PRO C 159 -19.82 -41.02 -15.19
C PRO C 159 -19.04 -40.77 -13.88
N HIS C 160 -17.90 -40.09 -13.98
CA HIS C 160 -16.95 -39.87 -12.86
C HIS C 160 -15.96 -38.82 -13.29
N GLU C 161 -15.29 -38.19 -12.33
CA GLU C 161 -14.21 -37.21 -12.60
C GLU C 161 -13.26 -37.25 -11.39
N GLU C 162 -11.96 -37.28 -11.65
CA GLU C 162 -10.97 -36.99 -10.60
C GLU C 162 -11.04 -35.49 -10.38
N ILE C 163 -11.24 -35.05 -9.15
CA ILE C 163 -11.44 -33.61 -8.83
C ILE C 163 -10.34 -33.13 -7.89
N ALA C 164 -10.15 -31.82 -7.82
CA ALA C 164 -9.26 -31.18 -6.83
C ALA C 164 -9.82 -31.48 -5.43
N VAL C 165 -8.95 -31.83 -4.49
CA VAL C 165 -9.38 -32.06 -3.08
C VAL C 165 -10.01 -30.79 -2.53
N GLU C 166 -9.47 -29.61 -2.90
CA GLU C 166 -9.99 -28.29 -2.46
C GLU C 166 -11.45 -28.14 -2.89
N SER C 167 -11.92 -28.86 -3.91
CA SER C 167 -13.31 -28.74 -4.41
C SER C 167 -14.25 -29.71 -3.64
N VAL C 168 -13.74 -30.59 -2.78
CA VAL C 168 -14.62 -31.48 -1.98
C VAL C 168 -15.24 -30.62 -0.87
N ASP C 169 -16.57 -30.49 -0.85
CA ASP C 169 -17.23 -29.59 0.12
C ASP C 169 -17.23 -30.26 1.50
N TRP C 170 -17.30 -29.45 2.54
CA TRP C 170 -17.64 -29.83 3.93
C TRP C 170 -16.42 -30.39 4.67
N ILE C 171 -15.62 -31.29 4.07
CA ILE C 171 -14.52 -32.00 4.81
C ILE C 171 -13.59 -30.98 5.48
N ASP C 172 -13.07 -31.34 6.65
CA ASP C 172 -12.10 -30.50 7.39
C ASP C 172 -11.11 -31.43 8.09
N PRO C 173 -10.28 -32.15 7.31
CA PRO C 173 -9.37 -33.13 7.89
C PRO C 173 -8.21 -32.45 8.63
N ASP C 174 -7.63 -33.19 9.59
CA ASP C 174 -6.24 -32.93 10.05
C ASP C 174 -5.34 -32.85 8.81
N PRO C 175 -4.56 -31.77 8.59
CA PRO C 175 -3.67 -31.69 7.44
C PRO C 175 -2.72 -32.90 7.27
N ASN C 176 -2.24 -33.50 8.36
CA ASN C 176 -1.33 -34.67 8.27
C ASN C 176 -2.12 -35.94 7.89
N SER C 177 -3.46 -35.89 7.86
CA SER C 177 -4.34 -37.03 7.52
C SER C 177 -5.17 -36.73 6.27
N ARG C 178 -4.85 -35.67 5.53
CA ARG C 178 -5.73 -35.11 4.48
C ARG C 178 -5.59 -35.94 3.20
N PRO C 179 -6.63 -35.89 2.33
CA PRO C 179 -6.55 -36.50 1.03
C PRO C 179 -5.71 -35.62 0.10
N LEU C 180 -4.99 -36.24 -0.83
CA LEU C 180 -4.30 -35.51 -1.91
C LEU C 180 -4.93 -35.85 -3.25
N ARG C 181 -5.75 -36.90 -3.34
CA ARG C 181 -6.57 -37.18 -4.55
C ARG C 181 -8.01 -37.48 -4.12
N ALA C 182 -8.94 -37.16 -5.01
CA ALA C 182 -10.40 -37.32 -4.80
C ALA C 182 -11.04 -37.69 -6.13
N LEU C 183 -12.00 -38.58 -6.08
CA LEU C 183 -12.72 -39.13 -7.24
C LEU C 183 -14.22 -38.97 -6.97
N HIS C 184 -14.90 -38.18 -7.81
CA HIS C 184 -16.36 -37.96 -7.76
C HIS C 184 -17.01 -39.02 -8.65
N ILE C 185 -17.85 -39.88 -8.06
CA ILE C 185 -18.62 -40.93 -8.77
C ILE C 185 -20.08 -40.49 -8.78
N GLU C 186 -20.61 -40.24 -9.98
CA GLU C 186 -21.97 -39.71 -10.21
C GLU C 186 -22.95 -40.88 -10.22
N GLY C 187 -24.07 -40.76 -9.51
CA GLY C 187 -25.13 -41.79 -9.47
C GLY C 187 -24.76 -42.99 -8.61
N GLU C 188 -23.71 -42.88 -7.80
CA GLU C 188 -23.38 -43.89 -6.77
C GLU C 188 -23.64 -43.22 -5.42
N GLY C 189 -24.73 -43.58 -4.76
CA GLY C 189 -25.28 -42.79 -3.66
C GLY C 189 -25.42 -43.61 -2.39
N SER C 190 -26.38 -43.21 -1.59
CA SER C 190 -26.64 -43.80 -0.26
C SER C 190 -28.14 -43.75 0.02
N VAL C 191 -28.55 -44.65 0.90
CA VAL C 191 -29.94 -44.75 1.43
C VAL C 191 -29.83 -44.74 2.95
N ASP C 192 -30.88 -44.26 3.61
CA ASP C 192 -31.07 -44.42 5.07
C ASP C 192 -31.61 -45.83 5.28
N SER C 193 -30.81 -46.71 5.87
CA SER C 193 -31.13 -48.15 6.03
C SER C 193 -32.41 -48.32 6.84
N GLY C 194 -32.67 -47.48 7.84
CA GLY C 194 -33.87 -47.53 8.70
C GLY C 194 -35.12 -47.14 7.94
N ILE C 195 -35.04 -46.10 7.12
CA ILE C 195 -36.16 -45.66 6.25
C ILE C 195 -36.39 -46.71 5.15
N LEU C 196 -35.33 -47.33 4.63
CA LEU C 196 -35.45 -48.42 3.63
C LEU C 196 -36.22 -49.58 4.27
N LEU C 197 -35.82 -50.03 5.47
CA LEU C 197 -36.49 -51.16 6.17
C LEU C 197 -37.98 -50.82 6.41
N ALA C 198 -38.31 -49.62 6.86
CA ALA C 198 -39.70 -49.16 7.10
C ALA C 198 -40.47 -49.18 5.77
N ALA C 199 -39.87 -48.68 4.68
CA ALA C 199 -40.51 -48.63 3.34
C ALA C 199 -40.75 -50.05 2.83
N LEU C 200 -39.82 -50.98 3.07
CA LEU C 200 -39.96 -52.39 2.62
C LEU C 200 -41.11 -53.06 3.38
N GLU C 201 -41.20 -52.87 4.70
CA GLU C 201 -42.27 -53.47 5.54
C GLU C 201 -43.63 -52.92 5.06
N ARG C 202 -43.74 -51.62 4.87
CA ARG C 202 -44.95 -50.91 4.39
C ARG C 202 -45.32 -51.47 3.01
N SER C 203 -44.36 -51.59 2.09
CA SER C 203 -44.59 -52.07 0.71
C SER C 203 -45.00 -53.55 0.74
N PHE C 204 -44.44 -54.34 1.65
CA PHE C 204 -44.73 -55.78 1.79
C PHE C 204 -46.19 -55.96 2.22
N LEU C 205 -46.63 -55.20 3.22
CA LEU C 205 -48.04 -55.21 3.73
C LEU C 205 -49.00 -54.73 2.62
N GLN C 206 -48.64 -53.68 1.89
CA GLN C 206 -49.50 -53.11 0.80
C GLN C 206 -49.73 -54.16 -0.28
N ALA C 207 -48.78 -55.09 -0.48
CA ALA C 207 -48.84 -56.10 -1.57
C ALA C 207 -49.49 -57.38 -1.06
N GLY C 208 -49.95 -57.41 0.20
CA GLY C 208 -50.67 -58.56 0.77
C GLY C 208 -49.79 -59.47 1.60
N GLY C 209 -48.54 -59.06 1.86
CA GLY C 209 -47.63 -59.88 2.69
C GLY C 209 -48.09 -59.91 4.14
N ARG C 210 -47.75 -60.96 4.88
CA ARG C 210 -48.06 -61.11 6.32
C ARG C 210 -46.75 -61.15 7.12
N LEU C 211 -46.61 -60.27 8.11
CA LEU C 211 -45.45 -60.19 9.03
C LEU C 211 -45.78 -60.98 10.30
N HIS C 212 -45.05 -62.07 10.56
CA HIS C 212 -45.21 -62.89 11.78
C HIS C 212 -43.95 -62.75 12.61
N PRO C 213 -43.95 -61.91 13.67
CA PRO C 213 -42.72 -61.54 14.39
C PRO C 213 -42.22 -62.62 15.37
N VAL C 214 -41.89 -63.78 14.84
CA VAL C 214 -41.21 -64.89 15.57
C VAL C 214 -40.01 -65.32 14.73
N ASP C 215 -39.11 -66.12 15.29
CA ASP C 215 -37.94 -66.68 14.58
C ASP C 215 -38.26 -68.13 14.18
N ALA C 216 -37.76 -68.58 13.03
CA ALA C 216 -37.71 -70.01 12.65
C ALA C 216 -36.70 -70.70 13.57
N THR C 217 -37.06 -71.85 14.15
CA THR C 217 -36.11 -72.75 14.87
C THR C 217 -35.64 -73.85 13.93
N GLU C 218 -36.48 -74.28 12.99
CA GLU C 218 -36.22 -75.50 12.19
C GLU C 218 -37.00 -75.45 10.88
N ILE C 219 -36.35 -75.83 9.79
CA ILE C 219 -37.00 -76.09 8.47
C ILE C 219 -37.34 -77.58 8.42
N ARG C 220 -38.61 -77.92 8.23
CA ARG C 220 -39.03 -79.34 8.10
C ARG C 220 -39.09 -79.69 6.61
N ALA C 221 -38.50 -80.82 6.26
CA ALA C 221 -38.48 -81.40 4.91
C ALA C 221 -38.45 -82.94 5.04
N SER C 222 -38.98 -83.63 4.04
CA SER C 222 -38.83 -85.10 3.85
C SER C 222 -39.24 -85.42 2.41
N HIS C 223 -38.75 -86.55 1.90
CA HIS C 223 -38.89 -86.93 0.46
C HIS C 223 -38.38 -85.76 -0.39
N GLY C 224 -37.24 -85.17 0.02
CA GLY C 224 -36.50 -84.11 -0.70
C GLY C 224 -37.33 -82.86 -1.01
N ARG C 225 -38.26 -82.50 -0.13
CA ARG C 225 -39.26 -81.44 -0.40
C ARG C 225 -39.54 -80.69 0.91
N VAL C 226 -39.63 -79.34 0.88
CA VAL C 226 -39.95 -78.56 2.10
C VAL C 226 -41.42 -78.75 2.45
N GLU C 227 -41.72 -78.90 3.74
CA GLU C 227 -43.08 -78.98 4.32
C GLU C 227 -43.42 -77.68 5.04
N GLY C 228 -42.42 -76.99 5.62
CA GLY C 228 -42.60 -75.70 6.29
C GLY C 228 -41.58 -75.46 7.39
N VAL C 229 -41.96 -74.68 8.41
CA VAL C 229 -41.03 -74.10 9.41
C VAL C 229 -41.64 -74.22 10.81
N VAL C 230 -40.90 -74.79 11.76
CA VAL C 230 -41.18 -74.71 13.21
C VAL C 230 -40.66 -73.34 13.69
N THR C 231 -41.46 -72.61 14.46
CA THR C 231 -41.12 -71.27 15.01
C THR C 231 -40.77 -71.39 16.49
N ASP C 232 -40.19 -70.36 17.09
CA ASP C 232 -39.62 -70.41 18.47
C ASP C 232 -40.73 -70.21 19.51
N ASP C 233 -41.97 -69.96 19.09
CA ASP C 233 -43.16 -70.02 19.99
C ASP C 233 -43.77 -71.43 19.93
N GLY C 234 -43.09 -72.42 19.34
CA GLY C 234 -43.49 -73.85 19.33
C GLY C 234 -44.44 -74.21 18.19
N ASP C 235 -44.87 -73.25 17.39
CA ASP C 235 -45.88 -73.44 16.30
C ASP C 235 -45.23 -74.08 15.08
N PHE C 236 -46.01 -74.64 14.16
CA PHE C 236 -45.57 -75.15 12.84
C PHE C 236 -46.33 -74.43 11.73
N LEU C 237 -45.62 -73.81 10.78
CA LEU C 237 -46.21 -73.11 9.62
C LEU C 237 -45.96 -73.94 8.37
N PRO C 238 -47.01 -74.39 7.66
CA PRO C 238 -46.83 -75.17 6.44
C PRO C 238 -46.48 -74.26 5.26
N ALA C 239 -45.70 -74.76 4.29
CA ALA C 239 -45.34 -74.03 3.06
C ALA C 239 -44.82 -74.99 2.00
N GLY C 240 -45.03 -74.64 0.73
CA GLY C 240 -44.39 -75.27 -0.44
C GLY C 240 -43.02 -74.65 -0.73
N HIS C 241 -42.80 -73.39 -0.30
CA HIS C 241 -41.53 -72.65 -0.51
C HIS C 241 -41.04 -72.02 0.80
N VAL C 242 -39.77 -72.23 1.14
CA VAL C 242 -39.07 -71.53 2.25
C VAL C 242 -37.83 -70.85 1.67
N VAL C 243 -37.80 -69.51 1.79
CA VAL C 243 -36.63 -68.67 1.41
C VAL C 243 -35.90 -68.28 2.69
N VAL C 244 -34.69 -68.78 2.86
CA VAL C 244 -33.81 -68.46 4.03
C VAL C 244 -32.98 -67.23 3.68
N ALA C 245 -33.23 -66.13 4.39
CA ALA C 245 -32.47 -64.85 4.31
C ALA C 245 -32.27 -64.38 5.76
N ALA C 246 -31.66 -65.25 6.58
CA ALA C 246 -31.50 -65.05 8.03
C ALA C 246 -30.09 -64.49 8.33
N GLY C 247 -29.49 -63.78 7.38
CA GLY C 247 -28.13 -63.22 7.53
C GLY C 247 -27.14 -64.29 7.94
N ALA C 248 -26.31 -64.00 8.95
CA ALA C 248 -25.17 -64.87 9.33
C ALA C 248 -25.67 -66.19 9.93
N ARG C 249 -26.96 -66.34 10.22
CA ARG C 249 -27.54 -67.59 10.78
C ARG C 249 -28.03 -68.53 9.66
N SER C 250 -27.98 -68.11 8.39
CA SER C 250 -28.67 -68.78 7.25
C SER C 250 -28.14 -70.21 7.04
N GLN C 251 -26.81 -70.43 7.03
CA GLN C 251 -26.24 -71.78 6.77
C GLN C 251 -26.49 -72.68 7.99
N ARG C 252 -26.37 -72.16 9.21
CA ARG C 252 -26.58 -72.96 10.46
C ARG C 252 -28.00 -73.51 10.41
N LEU C 253 -28.96 -72.75 9.89
CA LEU C 253 -30.40 -73.16 9.83
C LEU C 253 -30.58 -74.32 8.83
N VAL C 254 -29.95 -74.26 7.65
CA VAL C 254 -30.13 -75.24 6.54
C VAL C 254 -29.25 -76.49 6.77
N ALA C 255 -28.14 -76.36 7.50
CA ALA C 255 -27.13 -77.44 7.68
C ALA C 255 -27.72 -78.60 8.50
N ALA C 256 -28.86 -78.37 9.17
CA ALA C 256 -29.59 -79.39 9.96
C ALA C 256 -30.17 -80.47 9.03
N LEU C 257 -30.52 -80.10 7.79
CA LEU C 257 -31.15 -81.02 6.81
C LEU C 257 -30.14 -82.05 6.29
N PRO C 258 -30.57 -83.28 5.95
CA PRO C 258 -29.67 -84.37 5.54
C PRO C 258 -28.63 -84.03 4.47
N GLY C 259 -27.34 -84.23 4.76
CA GLY C 259 -26.22 -84.07 3.81
C GLY C 259 -25.74 -82.63 3.67
N LEU C 260 -26.58 -81.66 4.03
CA LEU C 260 -26.39 -80.22 3.66
C LEU C 260 -25.27 -79.57 4.49
N ALA C 261 -24.85 -80.18 5.61
CA ALA C 261 -23.80 -79.67 6.52
C ALA C 261 -22.49 -79.44 5.76
N HIS C 262 -22.18 -80.29 4.75
CA HIS C 262 -20.92 -80.19 3.97
C HIS C 262 -21.20 -79.82 2.52
N ARG C 263 -22.42 -79.38 2.22
CA ARG C 263 -22.84 -78.97 0.85
C ARG C 263 -23.22 -77.49 0.78
N ILE C 264 -23.58 -76.86 1.90
CA ILE C 264 -23.82 -75.39 1.99
C ILE C 264 -22.60 -74.76 2.66
N PRO C 265 -21.81 -73.92 1.96
CA PRO C 265 -20.65 -73.26 2.58
C PRO C 265 -21.05 -72.53 3.86
N ARG C 266 -20.22 -72.68 4.90
CA ARG C 266 -20.41 -71.98 6.19
C ARG C 266 -20.46 -70.48 5.97
N ILE C 267 -21.24 -69.80 6.80
CA ILE C 267 -21.29 -68.31 6.88
C ILE C 267 -20.93 -67.90 8.32
N TYR C 268 -19.97 -67.00 8.47
CA TYR C 268 -19.51 -66.47 9.79
C TYR C 268 -20.02 -65.04 9.96
N ASP C 269 -19.77 -64.45 11.14
CA ASP C 269 -20.19 -63.06 11.51
C ASP C 269 -19.05 -62.09 11.19
N GLY C 270 -19.23 -61.26 10.15
CA GLY C 270 -18.35 -60.10 9.89
C GLY C 270 -18.81 -58.93 10.74
N VAL C 271 -18.43 -58.93 12.02
CA VAL C 271 -18.99 -58.01 13.04
C VAL C 271 -18.52 -56.60 12.67
N GLY C 272 -19.48 -55.70 12.48
CA GLY C 272 -19.24 -54.32 12.03
C GLY C 272 -19.77 -53.32 13.03
N VAL C 273 -18.95 -52.31 13.32
CA VAL C 273 -19.33 -51.21 14.23
C VAL C 273 -19.44 -49.93 13.41
N SER C 274 -20.53 -49.20 13.64
CA SER C 274 -20.83 -47.90 13.02
C SER C 274 -21.41 -46.99 14.10
N ALA C 275 -21.62 -45.73 13.79
CA ALA C 275 -22.14 -44.77 14.79
C ALA C 275 -22.96 -43.69 14.11
N LEU C 276 -23.97 -43.22 14.82
CA LEU C 276 -24.77 -42.04 14.46
C LEU C 276 -24.27 -40.89 15.34
N VAL C 277 -23.95 -39.77 14.71
CA VAL C 277 -23.40 -38.57 15.37
C VAL C 277 -24.29 -37.41 14.99
N ASP C 278 -24.71 -36.60 15.96
CA ASP C 278 -25.33 -35.27 15.71
C ASP C 278 -24.21 -34.24 15.55
N THR C 279 -24.05 -33.69 14.36
CA THR C 279 -22.91 -32.80 14.07
C THR C 279 -23.05 -31.51 14.90
N TRP C 280 -21.91 -30.93 15.27
CA TRP C 280 -21.77 -29.68 16.07
C TRP C 280 -22.70 -28.59 15.53
N ASP C 281 -22.90 -28.46 14.21
CA ASP C 281 -23.66 -27.33 13.61
C ASP C 281 -24.89 -27.82 12.83
N GLY C 282 -25.24 -29.10 12.91
CA GLY C 282 -26.36 -29.67 12.15
C GLY C 282 -26.05 -29.91 10.68
N SER C 283 -24.86 -29.57 10.20
CA SER C 283 -24.48 -29.74 8.77
C SER C 283 -24.08 -31.21 8.51
N GLY C 284 -23.94 -31.54 7.23
CA GLY C 284 -23.50 -32.85 6.74
C GLY C 284 -23.02 -32.66 5.30
N PRO C 285 -22.25 -33.60 4.73
CA PRO C 285 -21.83 -33.48 3.35
C PRO C 285 -22.98 -33.81 2.40
N ALA C 286 -22.91 -33.30 1.17
CA ALA C 286 -23.93 -33.51 0.12
C ALA C 286 -23.73 -34.88 -0.53
N THR C 287 -22.51 -35.44 -0.45
CA THR C 287 -22.17 -36.76 -1.03
C THR C 287 -21.76 -37.73 0.06
N VAL C 288 -21.80 -39.02 -0.25
CA VAL C 288 -21.02 -40.03 0.51
C VAL C 288 -19.55 -39.60 0.44
N LEU C 289 -18.83 -39.77 1.53
CA LEU C 289 -17.36 -39.64 1.60
C LEU C 289 -16.82 -41.00 2.00
N ARG C 290 -15.87 -41.56 1.25
CA ARG C 290 -15.33 -42.88 1.62
C ARG C 290 -13.87 -43.00 1.17
N THR C 291 -13.18 -43.96 1.79
CA THR C 291 -11.93 -44.56 1.29
C THR C 291 -12.31 -45.82 0.52
N SER C 292 -11.36 -46.40 -0.20
CA SER C 292 -11.49 -47.78 -0.69
C SER C 292 -11.44 -48.72 0.52
N ASN C 293 -11.81 -49.98 0.32
CA ASN C 293 -11.80 -51.02 1.36
C ASN C 293 -10.37 -51.16 1.89
N ARG C 294 -10.26 -51.33 3.22
CA ARG C 294 -8.97 -51.30 3.94
C ARG C 294 -8.76 -52.65 4.61
N ALA C 295 -7.82 -52.74 5.55
CA ALA C 295 -7.32 -54.01 6.11
C ALA C 295 -8.50 -54.89 6.55
N PHE C 296 -8.52 -56.13 6.05
CA PHE C 296 -9.48 -57.20 6.46
C PHE C 296 -10.93 -56.70 6.30
N ALA C 297 -11.16 -55.98 5.21
CA ALA C 297 -12.49 -55.60 4.68
C ALA C 297 -13.21 -54.64 5.62
N CYS C 298 -12.48 -53.82 6.37
CA CYS C 298 -13.07 -52.62 6.98
C CYS C 298 -12.89 -51.47 5.99
N GLY C 299 -13.24 -50.26 6.39
CA GLY C 299 -13.19 -49.08 5.52
C GLY C 299 -13.73 -47.89 6.27
N LEU C 300 -13.43 -46.69 5.80
CA LEU C 300 -13.89 -45.45 6.43
C LEU C 300 -14.88 -44.81 5.49
N HIS C 301 -16.04 -44.41 6.01
CA HIS C 301 -17.03 -43.66 5.21
C HIS C 301 -17.95 -42.86 6.12
N LEU C 302 -18.53 -41.84 5.53
CA LEU C 302 -19.59 -41.01 6.12
C LEU C 302 -20.75 -41.03 5.12
N VAL C 303 -21.93 -41.40 5.61
CA VAL C 303 -23.20 -41.43 4.83
C VAL C 303 -24.10 -40.33 5.38
N PRO C 304 -24.52 -39.38 4.53
CA PRO C 304 -25.44 -38.33 4.95
C PRO C 304 -26.76 -38.93 5.49
N ARG C 305 -27.31 -38.27 6.49
CA ARG C 305 -28.66 -38.56 7.07
C ARG C 305 -29.40 -37.22 7.18
N ALA C 306 -30.73 -37.26 7.23
CA ALA C 306 -31.58 -36.07 7.47
C ALA C 306 -31.48 -35.69 8.96
N GLY C 307 -31.82 -34.44 9.27
CA GLY C 307 -32.07 -33.98 10.66
C GLY C 307 -30.80 -33.74 11.47
N GLY C 308 -29.70 -33.33 10.84
CA GLY C 308 -28.46 -32.93 11.53
C GLY C 308 -27.63 -34.09 12.04
N SER C 309 -27.93 -35.31 11.60
CA SER C 309 -27.21 -36.55 11.96
C SER C 309 -26.26 -36.93 10.79
N VAL C 310 -25.13 -37.57 11.09
CA VAL C 310 -24.34 -38.29 10.05
C VAL C 310 -24.09 -39.69 10.56
N TYR C 311 -23.97 -40.62 9.62
CA TYR C 311 -23.56 -42.02 9.90
C TYR C 311 -22.07 -42.12 9.59
N ILE C 312 -21.31 -42.74 10.49
CA ILE C 312 -19.89 -43.05 10.23
C ILE C 312 -19.71 -44.55 10.40
N GLY C 313 -18.95 -45.11 9.49
CA GLY C 313 -18.60 -46.55 9.51
C GLY C 313 -17.26 -46.75 8.82
N ALA C 314 -16.80 -47.99 8.81
CA ALA C 314 -17.40 -49.08 9.56
C ALA C 314 -16.32 -50.13 9.75
N THR C 315 -16.22 -50.68 10.95
CA THR C 315 -15.21 -51.71 11.30
C THR C 315 -15.68 -53.04 10.73
N ASN C 316 -14.78 -54.00 10.71
CA ASN C 316 -15.11 -55.39 10.32
C ASN C 316 -14.14 -56.30 11.04
N ALA C 317 -14.67 -57.34 11.69
CA ALA C 317 -13.87 -58.42 12.28
C ALA C 317 -14.65 -59.71 12.08
N VAL C 318 -14.07 -60.66 11.36
CA VAL C 318 -14.68 -62.00 11.20
C VAL C 318 -14.59 -62.71 12.55
N CYS C 319 -15.72 -63.11 13.10
CA CYS C 319 -15.81 -63.84 14.40
C CYS C 319 -16.40 -65.22 14.14
N LEU C 320 -15.80 -66.27 14.73
CA LEU C 320 -16.25 -67.67 14.56
C LEU C 320 -17.55 -67.88 15.36
N GLU C 321 -17.88 -66.97 16.28
CA GLU C 321 -19.20 -66.93 16.99
C GLU C 321 -19.77 -65.53 16.91
N PRO C 322 -21.11 -65.37 16.95
CA PRO C 322 -21.74 -64.05 16.90
C PRO C 322 -21.34 -63.16 18.09
N ARG C 323 -21.31 -61.86 17.86
CA ARG C 323 -21.00 -60.86 18.92
C ARG C 323 -21.93 -59.67 18.65
N GLY C 324 -22.61 -59.22 19.69
CA GLY C 324 -23.64 -58.16 19.58
C GLY C 324 -23.18 -56.85 20.16
N ALA C 325 -21.95 -56.76 20.66
CA ALA C 325 -21.42 -55.53 21.28
C ALA C 325 -20.11 -55.10 20.59
N ALA C 326 -19.90 -53.81 20.44
CA ALA C 326 -18.64 -53.20 19.96
C ALA C 326 -17.56 -53.45 21.00
N SER C 327 -16.33 -53.71 20.57
CA SER C 327 -15.15 -53.66 21.44
C SER C 327 -14.70 -52.20 21.58
N ILE C 328 -13.97 -51.89 22.64
CA ILE C 328 -13.37 -50.54 22.83
C ILE C 328 -12.51 -50.22 21.59
N GLU C 329 -11.66 -51.13 21.16
CA GLU C 329 -10.72 -50.94 20.01
C GLU C 329 -11.48 -50.48 18.76
N GLU C 330 -12.62 -51.10 18.48
CA GLU C 330 -13.45 -50.82 17.27
C GLU C 330 -13.97 -49.39 17.35
N THR C 331 -14.52 -49.01 18.50
CA THR C 331 -15.07 -47.67 18.72
C THR C 331 -13.96 -46.64 18.52
N VAL C 332 -12.79 -46.84 19.12
CA VAL C 332 -11.68 -45.85 19.05
C VAL C 332 -11.20 -45.73 17.60
N ALA C 333 -11.03 -46.84 16.89
CA ALA C 333 -10.47 -46.81 15.51
C ALA C 333 -11.46 -46.08 14.59
N LEU C 334 -12.75 -46.39 14.70
CA LEU C 334 -13.79 -45.73 13.87
C LEU C 334 -13.76 -44.21 14.13
N PHE C 335 -13.83 -43.81 15.38
CA PHE C 335 -13.89 -42.38 15.76
C PHE C 335 -12.60 -41.67 15.35
N ASN C 336 -11.45 -42.28 15.64
CA ASN C 336 -10.15 -41.65 15.35
C ASN C 336 -10.00 -41.41 13.84
N CYS C 337 -10.34 -42.39 13.03
CA CYS C 337 -10.22 -42.28 11.55
C CYS C 337 -11.16 -41.18 11.03
N ALA C 338 -12.42 -41.15 11.48
CA ALA C 338 -13.41 -40.18 10.97
C ALA C 338 -13.01 -38.75 11.34
N THR C 339 -12.57 -38.51 12.59
CA THR C 339 -12.24 -37.15 13.08
C THR C 339 -10.99 -36.62 12.38
N HIS C 340 -10.01 -37.49 12.08
CA HIS C 340 -8.73 -37.07 11.47
C HIS C 340 -8.87 -36.96 9.95
N GLN C 341 -9.51 -37.94 9.30
CA GLN C 341 -9.46 -38.09 7.82
C GLN C 341 -10.65 -37.40 7.17
N LEU C 342 -11.77 -37.18 7.86
CA LEU C 342 -12.99 -36.59 7.24
C LEU C 342 -13.27 -35.19 7.80
N HIS C 343 -13.50 -35.07 9.10
CA HIS C 343 -13.92 -33.77 9.69
C HIS C 343 -13.56 -33.71 11.18
N ARG C 344 -12.67 -32.78 11.53
CA ARG C 344 -12.24 -32.58 12.94
C ARG C 344 -13.40 -32.08 13.80
N GLY C 345 -14.40 -31.43 13.21
CA GLY C 345 -15.62 -31.00 13.91
C GLY C 345 -16.39 -32.17 14.50
N LEU C 346 -16.23 -33.38 13.98
CA LEU C 346 -16.89 -34.59 14.55
C LEU C 346 -16.38 -34.83 15.98
N ASN C 347 -15.17 -34.36 16.27
CA ASN C 347 -14.56 -34.50 17.62
C ASN C 347 -15.47 -33.90 18.69
N GLY C 348 -16.05 -32.73 18.41
CA GLY C 348 -16.91 -32.00 19.35
C GLY C 348 -18.37 -32.34 19.17
N SER C 349 -18.68 -33.29 18.30
CA SER C 349 -20.07 -33.65 17.97
C SER C 349 -20.56 -34.70 18.99
N GLU C 350 -21.88 -34.78 19.19
CA GLU C 350 -22.51 -35.69 20.16
C GLU C 350 -22.71 -37.09 19.56
N LEU C 351 -22.25 -38.10 20.28
CA LEU C 351 -22.47 -39.52 19.97
C LEU C 351 -23.92 -39.86 20.32
N ARG C 352 -24.74 -40.23 19.33
CA ARG C 352 -26.14 -40.62 19.59
C ARG C 352 -26.24 -42.13 19.69
N LYS C 353 -25.48 -42.90 18.90
CA LYS C 353 -25.65 -44.36 18.92
C LYS C 353 -24.40 -45.05 18.38
N VAL C 354 -23.92 -46.06 19.09
CA VAL C 354 -22.96 -47.06 18.55
C VAL C 354 -23.78 -48.25 18.06
N GLN C 355 -23.66 -48.62 16.79
CA GLN C 355 -24.45 -49.69 16.16
C GLN C 355 -23.51 -50.86 15.86
N VAL C 356 -24.02 -52.08 16.02
CA VAL C 356 -23.27 -53.34 15.78
C VAL C 356 -24.18 -54.27 15.00
N GLY C 357 -23.65 -54.86 13.92
CA GLY C 357 -24.37 -55.85 13.09
C GLY C 357 -23.38 -56.84 12.51
N SER C 358 -23.86 -58.01 12.07
CA SER C 358 -23.03 -59.10 11.50
C SER C 358 -23.23 -59.14 9.99
N ARG C 359 -22.24 -58.69 9.24
CA ARG C 359 -22.13 -58.98 7.79
C ARG C 359 -22.07 -60.50 7.64
N PRO C 360 -22.96 -61.13 6.86
CA PRO C 360 -22.86 -62.57 6.59
C PRO C 360 -21.61 -62.86 5.74
N ALA C 361 -20.60 -63.43 6.38
CA ALA C 361 -19.23 -63.63 5.82
C ALA C 361 -19.07 -65.08 5.35
N PRO C 362 -19.24 -65.36 4.04
CA PRO C 362 -19.13 -66.74 3.56
C PRO C 362 -17.67 -67.24 3.60
N ILE C 363 -17.47 -68.50 4.00
CA ILE C 363 -16.12 -69.10 4.20
C ILE C 363 -15.30 -69.11 2.90
N ASP C 364 -15.92 -69.10 1.71
CA ASP C 364 -15.19 -69.13 0.42
C ASP C 364 -15.23 -67.75 -0.25
N GLY C 365 -15.82 -66.75 0.40
CA GLY C 365 -15.70 -65.33 -0.01
C GLY C 365 -16.77 -64.90 -1.00
N PHE C 366 -17.77 -65.73 -1.28
CA PHE C 366 -18.81 -65.40 -2.28
C PHE C 366 -20.20 -65.73 -1.75
N PRO C 367 -21.22 -65.01 -2.22
CA PRO C 367 -22.58 -65.19 -1.72
C PRO C 367 -23.19 -66.56 -2.04
N LEU C 368 -24.31 -66.83 -1.38
CA LEU C 368 -25.12 -68.07 -1.47
C LEU C 368 -26.53 -67.64 -1.89
N ILE C 369 -26.81 -67.72 -3.19
CA ILE C 369 -28.04 -67.15 -3.81
C ILE C 369 -28.62 -68.22 -4.74
N GLY C 370 -29.80 -68.73 -4.41
CA GLY C 370 -30.58 -69.52 -5.35
C GLY C 370 -31.13 -70.78 -4.71
N GLY C 371 -31.27 -71.82 -5.53
CA GLY C 371 -31.95 -73.07 -5.19
C GLY C 371 -31.03 -74.06 -4.54
N THR C 372 -31.64 -75.13 -4.07
CA THR C 372 -31.07 -76.19 -3.21
C THR C 372 -31.48 -77.52 -3.87
N SER C 373 -30.91 -78.64 -3.44
CA SER C 373 -31.34 -80.00 -3.86
C SER C 373 -32.66 -80.37 -3.18
N VAL C 374 -33.10 -79.58 -2.19
CA VAL C 374 -34.43 -79.71 -1.54
C VAL C 374 -35.43 -78.83 -2.28
N GLU C 375 -36.48 -79.45 -2.81
CA GLU C 375 -37.54 -78.79 -3.62
C GLU C 375 -38.22 -77.73 -2.76
N GLY C 376 -38.34 -76.51 -3.27
CA GLY C 376 -38.96 -75.36 -2.57
C GLY C 376 -38.04 -74.70 -1.54
N LEU C 377 -36.79 -75.16 -1.35
CA LEU C 377 -35.83 -74.53 -0.40
C LEU C 377 -34.88 -73.61 -1.17
N TRP C 378 -34.90 -72.32 -0.81
CA TRP C 378 -34.10 -71.24 -1.44
C TRP C 378 -33.27 -70.54 -0.36
N MET C 379 -32.15 -69.95 -0.76
CA MET C 379 -31.24 -69.20 0.13
C MET C 379 -30.87 -67.87 -0.54
N LEU C 380 -30.83 -66.82 0.28
CA LEU C 380 -30.30 -65.49 -0.08
C LEU C 380 -29.43 -65.03 1.10
N SER C 381 -28.10 -65.26 1.03
CA SER C 381 -27.19 -64.95 2.16
C SER C 381 -25.73 -64.86 1.72
N GLY C 382 -24.85 -64.61 2.67
CA GLY C 382 -23.39 -64.57 2.46
C GLY C 382 -22.97 -63.38 1.62
N THR C 383 -23.70 -62.28 1.70
CA THR C 383 -23.45 -61.06 0.86
C THR C 383 -22.41 -60.13 1.51
N TYR C 384 -21.97 -60.39 2.75
CA TYR C 384 -20.81 -59.68 3.38
C TYR C 384 -21.06 -58.15 3.32
N ARG C 385 -20.33 -57.40 2.49
CA ARG C 385 -20.30 -55.91 2.56
C ARG C 385 -21.36 -55.26 1.64
N ASP C 386 -22.05 -55.99 0.76
CA ASP C 386 -22.86 -55.32 -0.29
C ASP C 386 -24.14 -56.09 -0.65
N GLY C 387 -24.71 -56.86 0.27
CA GLY C 387 -26.05 -57.46 0.12
C GLY C 387 -27.14 -56.41 0.01
N LEU C 388 -27.06 -55.34 0.80
CA LEU C 388 -28.08 -54.26 0.77
C LEU C 388 -28.05 -53.62 -0.63
N HIS C 389 -26.87 -53.28 -1.13
CA HIS C 389 -26.71 -52.73 -2.49
C HIS C 389 -27.30 -53.68 -3.54
N MET C 390 -27.05 -54.97 -3.43
CA MET C 390 -27.42 -55.97 -4.46
C MET C 390 -28.88 -56.41 -4.30
N SER C 391 -29.55 -56.04 -3.21
CA SER C 391 -30.87 -56.58 -2.80
C SER C 391 -31.89 -56.61 -3.95
N PRO C 392 -32.15 -55.52 -4.70
CA PRO C 392 -33.19 -55.57 -5.74
C PRO C 392 -32.87 -56.61 -6.82
N LEU C 393 -31.59 -56.74 -7.18
CA LEU C 393 -31.13 -57.72 -8.19
C LEU C 393 -31.30 -59.13 -7.63
N LEU C 394 -30.86 -59.38 -6.39
CA LEU C 394 -30.91 -60.73 -5.78
C LEU C 394 -32.36 -61.18 -5.60
N ALA C 395 -33.24 -60.27 -5.20
CA ALA C 395 -34.68 -60.54 -5.00
C ALA C 395 -35.30 -61.01 -6.33
N ARG C 396 -35.04 -60.27 -7.40
CA ARG C 396 -35.59 -60.54 -8.76
C ARG C 396 -35.03 -61.86 -9.28
N HIS C 397 -33.75 -62.13 -9.04
CA HIS C 397 -33.12 -63.41 -9.42
C HIS C 397 -33.89 -64.56 -8.77
N VAL C 398 -34.04 -64.53 -7.45
CA VAL C 398 -34.63 -65.69 -6.72
C VAL C 398 -36.10 -65.84 -7.13
N VAL C 399 -36.82 -64.74 -7.30
CA VAL C 399 -38.26 -64.77 -7.68
C VAL C 399 -38.41 -65.37 -9.08
N SER C 400 -37.54 -65.01 -10.02
CA SER C 400 -37.50 -65.63 -11.38
C SER C 400 -37.31 -67.14 -11.26
N LEU C 401 -36.31 -67.60 -10.49
CA LEU C 401 -36.04 -69.04 -10.30
C LEU C 401 -37.28 -69.74 -9.73
N MET C 402 -37.94 -69.13 -8.74
CA MET C 402 -39.13 -69.72 -8.07
C MET C 402 -40.30 -69.84 -9.06
N ASP C 403 -40.27 -69.06 -10.15
CA ASP C 403 -41.33 -69.03 -11.19
C ASP C 403 -40.91 -69.91 -12.39
N GLY C 404 -39.82 -70.67 -12.27
CA GLY C 404 -39.30 -71.56 -13.33
C GLY C 404 -38.47 -70.82 -14.38
N GLY C 405 -38.12 -69.54 -14.16
CA GLY C 405 -37.20 -68.76 -15.02
C GLY C 405 -35.75 -69.11 -14.73
N THR C 406 -34.80 -68.41 -15.38
CA THR C 406 -33.34 -68.60 -15.14
C THR C 406 -32.76 -67.37 -14.42
N GLY C 407 -33.61 -66.41 -14.05
CA GLY C 407 -33.22 -65.24 -13.26
C GLY C 407 -32.14 -64.44 -13.96
N VAL C 408 -31.12 -64.03 -13.23
CA VAL C 408 -30.05 -63.10 -13.69
C VAL C 408 -28.86 -63.95 -14.11
N ASP C 409 -28.29 -63.64 -15.28
CA ASP C 409 -27.06 -64.28 -15.80
C ASP C 409 -25.93 -63.92 -14.83
N GLY C 410 -25.05 -64.88 -14.53
CA GLY C 410 -23.81 -64.63 -13.79
C GLY C 410 -23.94 -64.90 -12.30
N LEU C 411 -25.11 -65.33 -11.82
CA LEU C 411 -25.32 -65.72 -10.39
C LEU C 411 -25.17 -67.25 -10.24
N ARG C 412 -24.81 -67.97 -11.30
CA ARG C 412 -24.82 -69.45 -11.33
C ARG C 412 -23.71 -70.00 -10.42
N GLU C 413 -22.52 -69.38 -10.48
CA GLU C 413 -21.35 -69.80 -9.66
C GLU C 413 -21.63 -69.59 -8.17
N PHE C 414 -22.63 -68.78 -7.82
CA PHE C 414 -22.91 -68.38 -6.42
C PHE C 414 -24.13 -69.15 -5.88
N ARG C 415 -24.50 -70.25 -6.54
CA ARG C 415 -25.57 -71.18 -6.09
C ARG C 415 -25.19 -71.64 -4.68
N PRO C 416 -26.16 -71.76 -3.74
CA PRO C 416 -25.83 -72.02 -2.33
C PRO C 416 -25.30 -73.43 -2.06
N GLU C 417 -25.65 -74.40 -2.89
CA GLU C 417 -25.22 -75.82 -2.72
C GLU C 417 -24.03 -76.06 -3.65
N ARG C 418 -22.81 -76.09 -3.13
CA ARG C 418 -21.58 -76.07 -3.95
C ARG C 418 -20.40 -76.54 -3.11
N ASP C 419 -19.40 -77.07 -3.79
CA ASP C 419 -18.01 -77.18 -3.25
C ASP C 419 -17.57 -75.75 -2.92
N LEU C 420 -16.70 -75.58 -1.94
CA LEU C 420 -16.11 -74.24 -1.63
C LEU C 420 -15.40 -73.74 -2.89
N ILE C 421 -15.68 -72.51 -3.27
CA ILE C 421 -14.94 -71.80 -4.35
C ILE C 421 -13.49 -71.56 -3.89
N SER C 422 -12.54 -71.74 -4.80
CA SER C 422 -11.11 -71.36 -4.67
C SER C 422 -10.83 -70.26 -5.68
N ALA C 423 -11.15 -69.00 -5.36
CA ALA C 423 -11.10 -67.89 -6.34
C ALA C 423 -9.67 -67.39 -6.54
N TRP C 424 -8.75 -67.74 -5.65
CA TRP C 424 -7.35 -67.28 -5.66
C TRP C 424 -6.43 -68.47 -5.36
N SER C 425 -5.19 -68.39 -5.82
CA SER C 425 -4.10 -69.33 -5.43
C SER C 425 -3.76 -69.12 -3.97
N ARG C 426 -3.26 -70.16 -3.30
CA ARG C 426 -2.79 -70.05 -1.90
C ARG C 426 -1.71 -68.95 -1.83
N GLU C 427 -0.83 -68.86 -2.83
CA GLU C 427 0.24 -67.83 -2.91
C GLU C 427 -0.38 -66.43 -2.91
N GLU C 428 -1.44 -66.19 -3.70
CA GLU C 428 -2.12 -64.86 -3.78
C GLU C 428 -2.69 -64.51 -2.39
N ILE C 429 -3.29 -65.48 -1.71
CA ILE C 429 -3.95 -65.26 -0.39
C ILE C 429 -2.87 -64.98 0.68
N LEU C 430 -1.77 -65.73 0.67
CA LEU C 430 -0.65 -65.53 1.63
C LEU C 430 -0.03 -64.14 1.44
N ASP C 431 0.17 -63.68 0.21
CA ASP C 431 0.62 -62.31 -0.07
C ASP C 431 -0.40 -61.33 0.53
N ASP C 432 -1.69 -61.58 0.32
CA ASP C 432 -2.79 -60.67 0.73
C ASP C 432 -2.82 -60.58 2.27
N VAL C 433 -2.75 -61.71 2.98
CA VAL C 433 -2.93 -61.73 4.45
C VAL C 433 -1.77 -60.98 5.12
N VAL C 434 -0.55 -61.05 4.56
CA VAL C 434 0.63 -60.32 5.13
C VAL C 434 0.44 -58.83 4.87
N ARG C 435 0.04 -58.47 3.65
CA ARG C 435 -0.24 -57.07 3.25
C ARG C 435 -1.30 -56.49 4.18
N HIS C 436 -2.42 -57.19 4.39
CA HIS C 436 -3.55 -56.71 5.23
C HIS C 436 -3.07 -56.61 6.68
N THR C 437 -2.23 -57.53 7.15
CA THR C 437 -1.71 -57.48 8.54
C THR C 437 -0.89 -56.18 8.69
N MET C 438 0.02 -55.91 7.77
CA MET C 438 0.86 -54.70 7.78
C MET C 438 -0.04 -53.46 7.68
N ALA C 439 -1.11 -53.53 6.91
CA ALA C 439 -2.07 -52.40 6.73
C ALA C 439 -2.74 -52.04 8.06
N THR C 440 -2.95 -52.98 8.99
CA THR C 440 -3.53 -52.68 10.32
C THR C 440 -2.59 -51.69 11.04
N GLY C 441 -1.28 -51.76 10.78
CA GLY C 441 -0.30 -50.81 11.34
C GLY C 441 -0.41 -49.45 10.66
N TYR C 442 -0.32 -49.42 9.34
CA TYR C 442 -0.29 -48.15 8.58
C TYR C 442 -1.60 -47.41 8.72
N GLU C 443 -2.72 -48.11 8.93
CA GLU C 443 -4.06 -47.48 9.05
C GLU C 443 -4.29 -46.89 10.45
N PHE C 444 -3.45 -47.25 11.44
CA PHE C 444 -3.66 -46.87 12.86
C PHE C 444 -3.65 -45.35 13.01
N PRO C 445 -2.69 -44.56 12.51
CA PRO C 445 -1.44 -45.02 11.92
C PRO C 445 -0.35 -45.15 12.99
N TRP C 446 0.52 -46.15 12.86
CA TRP C 446 1.62 -46.36 13.82
C TRP C 446 2.78 -45.41 13.49
N ARG C 447 3.69 -45.28 14.44
CA ARG C 447 5.02 -44.64 14.26
C ARG C 447 6.04 -45.59 14.88
N LEU C 448 6.91 -46.16 14.05
CA LEU C 448 7.86 -47.27 14.40
C LEU C 448 9.22 -46.88 13.83
N PRO C 449 10.33 -47.47 14.32
CA PRO C 449 11.61 -47.37 13.64
C PRO C 449 11.48 -47.95 12.22
N LEU C 450 12.22 -47.39 11.28
CA LEU C 450 11.99 -47.60 9.83
C LEU C 450 12.33 -49.03 9.41
N GLU C 451 13.16 -49.76 10.18
CA GLU C 451 13.53 -51.16 9.85
C GLU C 451 12.43 -52.12 10.34
N TRP C 452 11.52 -51.70 11.20
CA TRP C 452 10.60 -52.65 11.86
C TRP C 452 9.59 -53.26 10.89
N PRO C 453 8.96 -52.48 9.99
CA PRO C 453 7.98 -53.05 9.05
C PRO C 453 8.53 -54.20 8.20
N HIS C 454 9.70 -54.03 7.60
CA HIS C 454 10.35 -55.09 6.78
C HIS C 454 10.60 -56.31 7.66
N MET C 455 11.08 -56.11 8.89
CA MET C 455 11.31 -57.21 9.85
C MET C 455 10.00 -57.96 10.11
N MET C 456 8.91 -57.24 10.38
CA MET C 456 7.59 -57.87 10.68
C MET C 456 7.13 -58.65 9.43
N GLU C 457 7.22 -58.08 8.24
CA GLU C 457 6.79 -58.74 6.98
C GLU C 457 7.52 -60.08 6.83
N THR C 458 8.84 -60.10 7.04
CA THR C 458 9.65 -61.33 6.85
C THR C 458 9.21 -62.37 7.91
N PHE C 459 8.90 -61.97 9.14
CA PHE C 459 8.54 -62.93 10.23
C PHE C 459 7.06 -63.31 10.21
N LEU C 460 6.21 -62.62 9.45
CA LEU C 460 4.77 -62.97 9.32
C LEU C 460 4.56 -64.07 8.27
N GLN C 461 5.43 -64.12 7.25
CA GLN C 461 5.24 -64.97 6.04
C GLN C 461 5.19 -66.46 6.43
N GLY C 462 6.17 -66.93 7.23
CA GLY C 462 6.33 -68.33 7.64
C GLY C 462 5.08 -68.83 8.37
N PRO C 463 4.70 -68.22 9.51
CA PRO C 463 3.53 -68.68 10.26
C PRO C 463 2.21 -68.72 9.46
N PHE C 464 1.96 -67.77 8.54
CA PHE C 464 0.72 -67.80 7.73
C PHE C 464 0.81 -68.94 6.71
N ALA C 465 1.96 -69.15 6.07
CA ALA C 465 2.22 -70.27 5.13
C ALA C 465 1.99 -71.61 5.85
N GLU C 466 2.50 -71.75 7.07
CA GLU C 466 2.37 -72.97 7.91
C GLU C 466 0.88 -73.21 8.24
N LEU C 467 0.14 -72.15 8.57
CA LEU C 467 -1.30 -72.28 8.91
C LEU C 467 -2.03 -72.77 7.67
N ALA C 468 -1.80 -72.14 6.52
CA ALA C 468 -2.52 -72.44 5.26
C ALA C 468 -2.28 -73.92 4.89
N ASP C 469 -1.05 -74.39 5.04
CA ASP C 469 -0.63 -75.76 4.71
C ASP C 469 -1.31 -76.78 5.64
N ARG C 470 -1.44 -76.43 6.91
CA ARG C 470 -2.04 -77.28 7.98
C ARG C 470 -3.57 -77.39 7.80
N LEU C 471 -4.24 -76.34 7.34
CA LEU C 471 -5.73 -76.29 7.36
C LEU C 471 -6.30 -77.30 6.34
N SER C 472 -5.68 -77.40 5.17
CA SER C 472 -6.19 -78.21 4.04
C SER C 472 -5.15 -78.25 2.90
N ASP C 473 -5.15 -79.34 2.13
CA ASP C 473 -4.32 -79.49 0.91
C ASP C 473 -5.00 -78.77 -0.26
N THR C 474 -6.28 -78.43 -0.17
CA THR C 474 -7.03 -77.92 -1.36
C THR C 474 -7.63 -76.54 -1.05
N TYR C 475 -8.28 -76.34 0.09
CA TYR C 475 -8.99 -75.07 0.41
C TYR C 475 -8.04 -74.11 1.15
N THR C 476 -8.12 -72.82 0.79
CA THR C 476 -7.47 -71.72 1.52
C THR C 476 -8.53 -70.66 1.86
N PRO C 477 -8.74 -70.34 3.15
CA PRO C 477 -9.64 -69.26 3.53
C PRO C 477 -9.12 -67.93 3.05
N PRO C 478 -10.00 -67.01 2.59
CA PRO C 478 -9.57 -65.64 2.27
C PRO C 478 -8.94 -64.96 3.50
N ALA C 479 -8.13 -63.92 3.28
CA ALA C 479 -7.32 -63.23 4.31
C ALA C 479 -8.14 -62.88 5.55
N ASP C 480 -9.33 -62.29 5.38
CA ASP C 480 -10.23 -61.83 6.48
C ASP C 480 -10.48 -62.98 7.44
N LEU C 481 -10.78 -64.17 6.90
CA LEU C 481 -11.04 -65.38 7.70
C LEU C 481 -9.72 -65.95 8.21
N MET C 482 -8.67 -65.95 7.39
CA MET C 482 -7.38 -66.59 7.75
C MET C 482 -6.81 -65.90 9.00
N THR C 483 -6.90 -64.56 9.12
CA THR C 483 -6.38 -63.86 10.31
C THR C 483 -7.20 -64.29 11.53
N ALA C 484 -8.53 -64.39 11.42
CA ALA C 484 -9.40 -64.82 12.54
C ALA C 484 -8.99 -66.24 12.97
N ILE C 485 -8.69 -67.12 12.02
CA ILE C 485 -8.30 -68.53 12.32
C ILE C 485 -6.93 -68.52 12.98
N MET C 486 -5.98 -67.73 12.47
CA MET C 486 -4.60 -67.65 13.01
C MET C 486 -4.66 -67.37 14.52
N PHE C 487 -5.54 -66.49 14.97
CA PHE C 487 -5.56 -66.00 16.37
C PHE C 487 -6.73 -66.63 17.14
N SER C 488 -7.34 -67.71 16.63
CA SER C 488 -8.42 -68.47 17.33
C SER C 488 -7.75 -69.56 18.20
N GLU C 489 -8.54 -70.22 19.05
CA GLU C 489 -8.08 -71.35 19.91
C GLU C 489 -7.68 -72.55 19.03
N ARG C 490 -6.76 -73.38 19.50
CA ARG C 490 -6.33 -74.64 18.82
C ARG C 490 -7.55 -75.49 18.44
N GLU C 491 -8.55 -75.59 19.32
CA GLU C 491 -9.77 -76.45 19.14
C GLU C 491 -10.60 -75.91 17.97
N GLN C 492 -10.68 -74.58 17.82
CA GLN C 492 -11.42 -73.94 16.71
C GLN C 492 -10.69 -74.21 15.39
N GLN C 493 -9.36 -74.14 15.40
CA GLN C 493 -8.51 -74.48 14.23
C GLN C 493 -8.73 -75.96 13.84
N ASP C 494 -8.70 -76.87 14.82
CA ASP C 494 -8.83 -78.33 14.59
C ASP C 494 -10.23 -78.63 14.02
N GLU C 495 -11.26 -77.95 14.53
CA GLU C 495 -12.66 -78.11 14.07
C GLU C 495 -12.74 -77.68 12.59
N LEU C 496 -12.03 -76.62 12.20
CA LEU C 496 -12.01 -76.14 10.80
C LEU C 496 -11.29 -77.14 9.90
N ILE C 497 -10.18 -77.73 10.36
CA ILE C 497 -9.43 -78.75 9.57
C ILE C 497 -10.40 -79.90 9.27
N ALA C 498 -11.15 -80.35 10.27
CA ALA C 498 -12.18 -81.43 10.16
C ALA C 498 -13.26 -81.01 9.16
N TYR C 499 -13.77 -79.76 9.26
CA TYR C 499 -14.80 -79.24 8.35
C TYR C 499 -14.30 -79.29 6.90
N TYR C 500 -13.11 -78.77 6.63
CA TYR C 500 -12.53 -78.73 5.28
C TYR C 500 -12.38 -80.18 4.74
N ALA C 501 -11.94 -81.12 5.58
CA ALA C 501 -11.75 -82.55 5.22
C ALA C 501 -13.11 -83.15 4.82
N ASP C 502 -14.15 -82.89 5.62
CA ASP C 502 -15.54 -83.37 5.39
C ASP C 502 -16.10 -82.77 4.09
N VAL C 503 -15.83 -81.49 3.82
CA VAL C 503 -16.28 -80.85 2.56
C VAL C 503 -15.56 -81.55 1.38
N HIS C 504 -14.25 -81.78 1.50
CA HIS C 504 -13.44 -82.42 0.42
C HIS C 504 -14.01 -83.82 0.12
N ARG C 505 -14.27 -84.62 1.15
CA ARG C 505 -14.89 -85.97 1.07
C ARG C 505 -16.22 -85.89 0.31
N GLU C 506 -17.10 -84.95 0.68
CA GLU C 506 -18.46 -84.82 0.08
C GLU C 506 -18.36 -84.53 -1.43
N TRP C 507 -17.40 -83.71 -1.88
CA TRP C 507 -17.41 -83.13 -3.25
C TRP C 507 -16.41 -83.82 -4.18
N HIS C 508 -15.48 -84.62 -3.66
CA HIS C 508 -14.46 -85.34 -4.47
C HIS C 508 -14.64 -86.84 -4.24
N VAL D 30 -42.16 -32.40 54.69
CA VAL D 30 -40.84 -32.12 54.06
C VAL D 30 -40.87 -32.61 52.62
N ILE D 31 -40.48 -31.74 51.68
CA ILE D 31 -40.25 -32.10 50.26
C ILE D 31 -38.73 -32.04 49.99
N VAL D 32 -38.15 -33.16 49.59
CA VAL D 32 -36.77 -33.24 49.04
C VAL D 32 -36.88 -33.13 47.51
N VAL D 33 -36.26 -32.10 46.94
CA VAL D 33 -36.23 -31.90 45.46
C VAL D 33 -34.91 -32.49 44.93
N GLY D 34 -34.99 -33.70 44.37
CA GLY D 34 -33.87 -34.36 43.69
C GLY D 34 -33.67 -35.77 44.20
N ASN D 35 -33.34 -36.69 43.29
CA ASN D 35 -33.32 -38.14 43.55
C ASN D 35 -31.94 -38.72 43.21
N GLY D 36 -30.89 -37.90 43.32
CA GLY D 36 -29.51 -38.38 43.31
C GLY D 36 -29.12 -38.89 44.68
N VAL D 37 -27.83 -39.14 44.88
CA VAL D 37 -27.30 -39.64 46.17
C VAL D 37 -27.63 -38.65 47.30
N LEU D 38 -27.55 -37.34 47.07
CA LEU D 38 -27.69 -36.35 48.17
C LEU D 38 -29.17 -36.25 48.58
N GLY D 39 -30.08 -36.10 47.62
CA GLY D 39 -31.53 -36.05 47.89
C GLY D 39 -32.00 -37.30 48.61
N LEU D 40 -31.63 -38.48 48.12
CA LEU D 40 -32.06 -39.77 48.71
C LEU D 40 -31.39 -40.00 50.07
N SER D 41 -30.13 -39.61 50.23
CA SER D 41 -29.39 -39.79 51.51
C SER D 41 -30.06 -38.93 52.60
N VAL D 42 -30.40 -37.68 52.28
CA VAL D 42 -31.05 -36.77 53.26
C VAL D 42 -32.48 -37.25 53.49
N GLY D 43 -33.18 -37.70 52.45
CA GLY D 43 -34.53 -38.29 52.58
C GLY D 43 -34.55 -39.46 53.55
N VAL D 44 -33.59 -40.38 53.40
CA VAL D 44 -33.49 -41.58 54.28
C VAL D 44 -33.25 -41.10 55.72
N GLU D 45 -32.34 -40.16 55.93
CA GLU D 45 -31.97 -39.70 57.31
C GLU D 45 -33.16 -39.00 57.96
N ILE D 46 -33.88 -38.14 57.22
CA ILE D 46 -35.09 -37.43 57.73
C ILE D 46 -36.15 -38.48 58.10
N ALA D 47 -36.49 -39.38 57.18
CA ALA D 47 -37.56 -40.39 57.36
C ALA D 47 -37.24 -41.26 58.59
N ARG D 48 -35.97 -41.64 58.76
CA ARG D 48 -35.55 -42.56 59.85
C ARG D 48 -35.57 -41.84 61.20
N THR D 49 -35.26 -40.54 61.25
CA THR D 49 -35.02 -39.82 62.53
C THR D 49 -36.25 -39.00 62.94
N ARG D 50 -37.16 -38.68 62.02
CA ARG D 50 -38.44 -37.99 62.34
C ARG D 50 -39.60 -38.83 61.81
N PRO D 51 -39.93 -39.98 62.44
CA PRO D 51 -41.00 -40.87 61.95
C PRO D 51 -42.39 -40.23 62.00
N ASP D 52 -42.52 -39.14 62.77
CA ASP D 52 -43.75 -38.32 62.94
C ASP D 52 -44.03 -37.45 61.72
N VAL D 53 -43.04 -37.17 60.84
CA VAL D 53 -43.22 -36.22 59.70
C VAL D 53 -43.29 -37.01 58.39
N ARG D 54 -44.03 -36.45 57.44
CA ARG D 54 -44.20 -36.99 56.07
C ARG D 54 -43.10 -36.36 55.19
N VAL D 55 -42.26 -37.20 54.60
CA VAL D 55 -41.19 -36.73 53.66
C VAL D 55 -41.53 -37.29 52.27
N THR D 56 -41.66 -36.38 51.31
CA THR D 56 -41.88 -36.67 49.86
C THR D 56 -40.61 -36.28 49.09
N LEU D 57 -40.12 -37.19 48.25
CA LEU D 57 -38.90 -36.96 47.42
C LEU D 57 -39.30 -36.92 45.93
N LEU D 58 -38.97 -35.81 45.26
CA LEU D 58 -39.25 -35.54 43.83
C LEU D 58 -38.05 -35.94 42.95
N GLY D 59 -38.33 -36.19 41.68
CA GLY D 59 -37.34 -36.63 40.67
C GLY D 59 -37.81 -37.87 39.94
N LYS D 60 -37.39 -38.01 38.68
CA LYS D 60 -37.87 -39.05 37.74
C LYS D 60 -36.85 -40.18 37.63
N PRO D 61 -37.30 -41.41 37.28
CA PRO D 61 -36.38 -42.53 37.11
C PRO D 61 -35.35 -42.30 35.97
N ALA D 62 -35.62 -41.42 35.00
CA ALA D 62 -34.68 -41.07 33.91
C ALA D 62 -33.42 -40.40 34.50
N ARG D 63 -33.56 -39.68 35.63
CA ARG D 63 -32.43 -38.97 36.28
C ARG D 63 -31.64 -38.21 35.21
N GLN D 64 -32.32 -37.34 34.48
CA GLN D 64 -31.71 -36.52 33.42
C GLN D 64 -30.52 -35.75 34.00
N TYR D 65 -29.38 -35.78 33.30
CA TYR D 65 -28.10 -35.10 33.66
C TYR D 65 -27.54 -35.62 34.99
N GLY D 66 -28.09 -36.71 35.52
CA GLY D 66 -27.77 -37.18 36.88
C GLY D 66 -26.30 -37.59 37.01
N ALA D 67 -25.59 -37.01 37.99
CA ALA D 67 -24.18 -37.33 38.28
C ALA D 67 -24.09 -38.73 38.88
N THR D 68 -24.98 -39.06 39.83
CA THR D 68 -24.85 -40.28 40.66
C THR D 68 -24.83 -41.54 39.79
N PRO D 69 -25.78 -41.76 38.85
CA PRO D 69 -25.80 -42.99 38.06
C PRO D 69 -24.59 -43.14 37.11
N ALA D 70 -23.93 -42.05 36.76
CA ALA D 70 -22.72 -42.03 35.89
C ALA D 70 -21.45 -42.27 36.71
N ALA D 71 -21.56 -42.34 38.04
CA ALA D 71 -20.41 -42.43 38.97
C ALA D 71 -20.04 -43.90 39.19
N GLY D 72 -18.79 -44.18 39.53
CA GLY D 72 -18.26 -45.55 39.63
C GLY D 72 -18.89 -46.35 40.78
N ALA D 73 -18.66 -45.93 42.03
CA ALA D 73 -18.00 -44.70 42.39
C ALA D 73 -16.94 -44.99 43.45
N MET D 74 -15.90 -44.17 43.46
CA MET D 74 -14.80 -44.25 44.44
C MET D 74 -15.23 -43.51 45.72
N LEU D 75 -14.97 -44.12 46.88
CA LEU D 75 -15.12 -43.42 48.17
C LEU D 75 -13.82 -42.64 48.40
N GLY D 76 -13.64 -41.61 47.58
CA GLY D 76 -12.37 -40.88 47.37
C GLY D 76 -12.26 -39.75 48.38
N ALA D 77 -11.27 -39.91 49.26
CA ALA D 77 -10.82 -38.93 50.27
C ALA D 77 -9.38 -38.55 49.93
N PHE D 78 -8.45 -39.49 50.10
CA PHE D 78 -7.01 -39.29 49.82
C PHE D 78 -6.76 -39.29 48.30
N GLY D 79 -7.48 -40.11 47.53
CA GLY D 79 -7.35 -40.16 46.07
C GLY D 79 -7.72 -38.83 45.40
N GLU D 80 -8.57 -38.03 46.05
CA GLU D 80 -9.00 -36.70 45.55
C GLU D 80 -8.00 -35.59 45.93
N VAL D 81 -6.96 -35.88 46.69
CA VAL D 81 -6.03 -34.82 47.17
C VAL D 81 -5.23 -34.29 45.97
N THR D 82 -5.16 -32.96 45.83
CA THR D 82 -4.22 -32.26 44.92
C THR D 82 -3.40 -31.25 45.72
N ALA D 83 -2.19 -30.92 45.24
CA ALA D 83 -1.32 -29.87 45.81
C ALA D 83 -2.12 -28.56 45.84
N HIS D 84 -2.81 -28.23 44.76
CA HIS D 84 -3.55 -26.95 44.61
C HIS D 84 -4.67 -26.85 45.66
N ALA D 85 -5.47 -27.89 45.86
CA ALA D 85 -6.57 -27.92 46.85
C ALA D 85 -5.99 -27.70 48.26
N LEU D 86 -4.96 -28.46 48.65
CA LEU D 86 -4.35 -28.44 50.01
C LEU D 86 -3.50 -27.17 50.26
N ALA D 87 -3.24 -26.34 49.24
CA ALA D 87 -2.55 -25.04 49.38
C ALA D 87 -3.54 -23.96 49.86
N SER D 88 -4.85 -24.22 49.89
CA SER D 88 -5.86 -23.24 50.35
C SER D 88 -6.53 -23.76 51.64
N GLU D 89 -6.95 -22.83 52.50
CA GLU D 89 -7.65 -23.15 53.77
C GLU D 89 -8.98 -23.87 53.43
N HIS D 90 -9.72 -23.39 52.44
CA HIS D 90 -11.02 -23.97 52.02
C HIS D 90 -10.79 -25.40 51.51
N GLY D 91 -9.72 -25.63 50.77
CA GLY D 91 -9.34 -26.97 50.28
C GLY D 91 -9.05 -27.93 51.42
N ARG D 92 -8.25 -27.51 52.40
CA ARG D 92 -7.92 -28.34 53.58
C ARG D 92 -9.21 -28.65 54.35
N LYS D 93 -10.14 -27.70 54.45
CA LYS D 93 -11.43 -27.90 55.17
C LYS D 93 -12.26 -28.96 54.44
N LYS D 94 -12.35 -28.86 53.11
CA LYS D 94 -13.08 -29.84 52.25
C LYS D 94 -12.45 -31.22 52.46
N HIS D 95 -11.11 -31.31 52.44
CA HIS D 95 -10.40 -32.60 52.61
C HIS D 95 -10.74 -33.21 53.98
N ALA D 96 -10.74 -32.41 55.05
CA ALA D 96 -11.04 -32.87 56.43
C ALA D 96 -12.41 -33.55 56.44
N LEU D 97 -13.40 -32.94 55.81
CA LEU D 97 -14.79 -33.48 55.73
C LEU D 97 -14.79 -34.81 54.96
N ALA D 98 -14.00 -34.95 53.89
CA ALA D 98 -13.88 -36.21 53.14
C ALA D 98 -13.31 -37.32 54.05
N VAL D 99 -12.30 -37.00 54.84
CA VAL D 99 -11.68 -38.00 55.77
C VAL D 99 -12.74 -38.41 56.80
N GLN D 100 -13.52 -37.46 57.32
CA GLN D 100 -14.59 -37.73 58.32
C GLN D 100 -15.66 -38.63 57.70
N ALA D 101 -16.10 -38.34 56.47
CA ALA D 101 -17.16 -39.10 55.76
C ALA D 101 -16.77 -40.58 55.64
N GLN D 102 -15.49 -40.87 55.37
CA GLN D 102 -15.01 -42.26 55.15
C GLN D 102 -15.40 -43.14 56.34
N ARG D 103 -15.30 -42.61 57.57
CA ARG D 103 -15.55 -43.38 58.82
C ARG D 103 -17.03 -43.78 58.91
N LEU D 104 -17.96 -43.06 58.28
CA LEU D 104 -19.41 -43.34 58.36
C LEU D 104 -19.83 -44.47 57.39
N TRP D 105 -19.03 -44.76 56.36
CA TRP D 105 -19.50 -45.60 55.23
C TRP D 105 -19.82 -47.04 55.67
N PRO D 106 -18.99 -47.73 56.48
CA PRO D 106 -19.29 -49.13 56.82
C PRO D 106 -20.66 -49.35 57.48
N GLU D 107 -21.03 -48.55 58.49
CA GLU D 107 -22.34 -48.66 59.20
C GLU D 107 -23.47 -48.16 58.28
N TRP D 108 -23.23 -47.11 57.48
CA TRP D 108 -24.22 -46.59 56.50
C TRP D 108 -24.60 -47.70 55.52
N ILE D 109 -23.63 -48.38 54.94
CA ILE D 109 -23.85 -49.52 53.99
C ILE D 109 -24.63 -50.63 54.71
N GLU D 110 -24.20 -51.04 55.90
CA GLU D 110 -24.93 -52.07 56.71
C GLU D 110 -26.41 -51.67 56.83
N SER D 111 -26.68 -50.43 57.22
CA SER D 111 -28.04 -49.90 57.47
C SER D 111 -28.88 -49.89 56.18
N LEU D 112 -28.24 -49.76 55.01
CA LEU D 112 -28.96 -49.74 53.71
C LEU D 112 -29.19 -51.17 53.21
N GLU D 113 -28.19 -52.05 53.33
CA GLU D 113 -28.31 -53.46 52.86
C GLU D 113 -29.30 -54.22 53.76
N ALA D 114 -29.43 -53.83 55.02
CA ALA D 114 -30.32 -54.45 56.03
C ALA D 114 -31.78 -54.42 55.56
N THR D 115 -32.17 -53.45 54.72
CA THR D 115 -33.56 -53.30 54.24
C THR D 115 -33.81 -54.17 53.00
N GLY D 116 -32.79 -54.90 52.53
CA GLY D 116 -32.88 -55.75 51.33
C GLY D 116 -32.49 -57.18 51.65
N THR D 117 -32.21 -57.98 50.62
CA THR D 117 -31.80 -59.41 50.71
C THR D 117 -30.57 -59.64 49.83
N ALA D 118 -29.98 -60.84 49.89
CA ALA D 118 -28.81 -61.27 49.09
C ALA D 118 -29.01 -60.86 47.61
N ALA D 119 -30.22 -61.07 47.08
CA ALA D 119 -30.57 -60.90 45.66
C ALA D 119 -30.42 -59.43 45.20
N ASP D 120 -30.37 -58.47 46.13
CA ASP D 120 -30.27 -57.02 45.79
C ASP D 120 -28.84 -56.66 45.39
N GLY D 121 -27.86 -57.51 45.68
CA GLY D 121 -26.45 -57.27 45.34
C GLY D 121 -25.77 -56.44 46.41
N ARG D 122 -24.46 -56.33 46.33
CA ARG D 122 -23.62 -55.69 47.37
C ARG D 122 -23.30 -54.26 46.95
N ILE D 123 -23.47 -53.31 47.87
CA ILE D 123 -23.16 -51.87 47.63
C ILE D 123 -21.64 -51.72 47.49
N LYS D 124 -20.85 -52.31 48.37
CA LYS D 124 -19.37 -52.19 48.38
C LYS D 124 -18.78 -53.08 47.29
N THR D 125 -17.90 -52.56 46.44
CA THR D 125 -17.26 -53.35 45.35
C THR D 125 -15.76 -53.49 45.57
N ALA D 126 -15.16 -52.68 46.44
CA ALA D 126 -13.72 -52.78 46.78
C ALA D 126 -13.48 -52.11 48.13
N ASP D 127 -12.47 -52.57 48.85
CA ASP D 127 -12.08 -52.00 50.18
C ASP D 127 -10.89 -51.04 50.03
N ASP D 128 -10.00 -51.29 49.06
CA ASP D 128 -8.71 -50.59 48.92
C ASP D 128 -8.58 -49.92 47.54
N THR D 129 -7.64 -49.00 47.43
CA THR D 129 -7.32 -48.22 46.21
C THR D 129 -5.82 -48.28 45.98
N VAL D 130 -5.40 -48.45 44.72
CA VAL D 130 -3.99 -48.22 44.29
C VAL D 130 -3.96 -46.97 43.42
N VAL D 131 -3.16 -45.98 43.80
CA VAL D 131 -2.88 -44.77 43.00
C VAL D 131 -1.60 -45.06 42.22
N LEU D 132 -1.68 -44.90 40.90
CA LEU D 132 -0.54 -45.15 39.98
C LEU D 132 0.04 -43.80 39.53
N LEU D 133 1.35 -43.72 39.42
CA LEU D 133 2.03 -42.55 38.81
C LEU D 133 2.75 -43.03 37.54
N ASN D 134 2.30 -42.52 36.38
CA ASN D 134 2.94 -42.73 35.06
C ASN D 134 3.33 -41.36 34.50
N THR D 135 3.89 -41.32 33.29
CA THR D 135 4.40 -40.07 32.68
C THR D 135 3.46 -39.62 31.56
N VAL D 136 2.22 -40.12 31.53
CA VAL D 136 1.23 -39.68 30.51
C VAL D 136 0.45 -38.50 31.09
N GLY D 137 1.17 -37.42 31.38
CA GLY D 137 0.59 -36.23 32.00
C GLY D 137 1.69 -35.22 32.33
N HIS D 138 1.28 -34.11 32.91
CA HIS D 138 2.16 -32.97 33.23
C HIS D 138 2.83 -33.27 34.56
N SER D 139 4.15 -33.13 34.65
CA SER D 139 4.88 -33.22 35.95
C SER D 139 4.29 -32.20 36.95
N ALA D 140 3.87 -31.02 36.47
CA ALA D 140 3.37 -29.93 37.35
C ALA D 140 2.04 -30.34 38.01
N LEU D 141 1.30 -31.31 37.46
CA LEU D 141 0.09 -31.84 38.13
C LEU D 141 0.43 -33.18 38.79
N ASP D 142 0.81 -34.18 37.99
CA ASP D 142 0.88 -35.58 38.46
C ASP D 142 1.97 -35.73 39.52
N ASP D 143 3.17 -35.15 39.34
CA ASP D 143 4.27 -35.31 40.32
C ASP D 143 3.88 -34.56 41.62
N ALA D 144 3.39 -33.33 41.49
CA ALA D 144 2.97 -32.50 42.64
C ALA D 144 1.84 -33.20 43.40
N ASN D 145 0.90 -33.81 42.67
CA ASN D 145 -0.32 -34.37 43.29
C ASN D 145 0.03 -35.69 43.99
N PHE D 146 0.91 -36.49 43.42
CA PHE D 146 1.36 -37.75 44.06
C PHE D 146 2.01 -37.42 45.42
N ALA D 147 2.88 -36.41 45.45
CA ALA D 147 3.58 -35.97 46.69
C ALA D 147 2.54 -35.48 47.71
N ALA D 148 1.52 -34.73 47.26
CA ALA D 148 0.44 -34.19 48.12
C ALA D 148 -0.39 -35.34 48.72
N VAL D 149 -0.71 -36.36 47.93
CA VAL D 149 -1.47 -37.55 48.42
C VAL D 149 -0.65 -38.22 49.54
N LEU D 150 0.63 -38.50 49.28
CA LEU D 150 1.54 -39.15 50.26
C LEU D 150 1.54 -38.32 51.56
N THR D 151 1.66 -37.00 51.45
CA THR D 151 1.72 -36.07 52.61
C THR D 151 0.40 -36.12 53.39
N ALA D 152 -0.74 -36.06 52.69
CA ALA D 152 -2.08 -36.09 53.33
C ALA D 152 -2.27 -37.41 54.08
N LEU D 153 -1.83 -38.54 53.51
CA LEU D 153 -1.93 -39.88 54.14
C LEU D 153 -1.10 -39.91 55.43
N LYS D 154 0.12 -39.35 55.37
CA LYS D 154 1.05 -39.33 56.52
C LYS D 154 0.47 -38.44 57.64
N GLU D 155 -0.01 -37.26 57.31
CA GLU D 155 -0.62 -36.31 58.28
C GLU D 155 -1.86 -36.93 58.94
N ALA D 156 -2.66 -37.71 58.22
CA ALA D 156 -3.93 -38.27 58.72
C ALA D 156 -3.70 -39.60 59.44
N ASN D 157 -2.47 -40.11 59.43
CA ASN D 157 -2.12 -41.43 60.01
C ASN D 157 -2.96 -42.52 59.32
N ALA D 158 -3.28 -42.37 58.03
CA ALA D 158 -4.08 -43.36 57.27
C ALA D 158 -3.19 -44.55 56.96
N PRO D 159 -3.70 -45.79 57.02
CA PRO D 159 -2.89 -46.95 56.66
C PRO D 159 -2.67 -46.97 55.13
N HIS D 160 -1.42 -47.10 54.70
CA HIS D 160 -1.01 -46.99 53.28
C HIS D 160 0.42 -47.51 53.17
N GLU D 161 0.84 -47.88 51.97
CA GLU D 161 2.27 -48.05 51.69
C GLU D 161 2.54 -47.87 50.20
N GLU D 162 3.69 -47.28 49.93
CA GLU D 162 4.22 -47.20 48.56
C GLU D 162 4.70 -48.60 48.23
N ILE D 163 4.22 -49.18 47.13
CA ILE D 163 4.54 -50.58 46.76
C ILE D 163 5.26 -50.60 45.41
N ALA D 164 5.93 -51.71 45.13
CA ALA D 164 6.53 -52.00 43.81
C ALA D 164 5.39 -52.08 42.79
N VAL D 165 5.57 -51.46 41.62
CA VAL D 165 4.54 -51.53 40.54
C VAL D 165 4.36 -52.99 40.12
N GLU D 166 5.43 -53.79 40.14
CA GLU D 166 5.42 -55.23 39.83
C GLU D 166 4.44 -55.97 40.75
N SER D 167 4.15 -55.43 41.94
CA SER D 167 3.25 -56.09 42.91
C SER D 167 1.78 -55.68 42.69
N VAL D 168 1.49 -54.73 41.79
CA VAL D 168 0.07 -54.35 41.52
C VAL D 168 -0.54 -55.46 40.69
N ASP D 169 -1.59 -56.13 41.18
CA ASP D 169 -2.20 -57.28 40.49
C ASP D 169 -3.03 -56.75 39.31
N TRP D 170 -3.21 -57.60 38.31
CA TRP D 170 -4.22 -57.49 37.24
C TRP D 170 -3.74 -56.54 36.12
N ILE D 171 -3.21 -55.35 36.43
CA ILE D 171 -2.89 -54.30 35.41
C ILE D 171 -1.99 -54.89 34.33
N ASP D 172 -2.17 -54.43 33.09
CA ASP D 172 -1.32 -54.84 31.95
C ASP D 172 -1.15 -53.62 31.04
N PRO D 173 -0.43 -52.58 31.50
CA PRO D 173 -0.29 -51.36 30.72
C PRO D 173 0.64 -51.56 29.51
N ASP D 174 0.47 -50.73 28.49
CA ASP D 174 1.53 -50.43 27.51
C ASP D 174 2.80 -50.05 28.27
N PRO D 175 3.96 -50.70 28.05
CA PRO D 175 5.19 -50.30 28.74
C PRO D 175 5.56 -48.81 28.63
N ASN D 176 5.27 -48.15 27.50
CA ASN D 176 5.56 -46.70 27.35
C ASN D 176 4.57 -45.85 28.13
N SER D 177 3.49 -46.44 28.67
CA SER D 177 2.43 -45.74 29.45
C SER D 177 2.37 -46.27 30.89
N ARG D 178 3.37 -47.03 31.32
CA ARG D 178 3.31 -47.82 32.57
C ARG D 178 3.59 -46.91 33.77
N PRO D 179 3.11 -47.32 34.95
CA PRO D 179 3.44 -46.62 36.19
C PRO D 179 4.87 -46.99 36.61
N LEU D 180 5.56 -46.06 37.24
CA LEU D 180 6.85 -46.34 37.90
C LEU D 180 6.73 -46.23 39.42
N ARG D 181 5.66 -45.62 39.92
CA ARG D 181 5.35 -45.63 41.37
C ARG D 181 3.87 -45.98 41.57
N ALA D 182 3.59 -46.61 42.70
CA ALA D 182 2.24 -47.09 43.07
C ALA D 182 2.09 -46.94 44.59
N LEU D 183 0.88 -46.59 45.01
CA LEU D 183 0.55 -46.29 46.40
C LEU D 183 -0.72 -47.06 46.74
N HIS D 184 -0.63 -48.01 47.68
CA HIS D 184 -1.77 -48.82 48.19
C HIS D 184 -2.40 -48.06 49.37
N ILE D 185 -3.66 -47.67 49.25
CA ILE D 185 -4.43 -46.99 50.32
C ILE D 185 -5.46 -47.99 50.86
N GLU D 186 -5.31 -48.35 52.13
CA GLU D 186 -6.16 -49.37 52.81
C GLU D 186 -7.42 -48.68 53.32
N GLY D 187 -8.58 -49.30 53.10
CA GLY D 187 -9.87 -48.81 53.61
C GLY D 187 -10.40 -47.63 52.83
N GLU D 188 -9.83 -47.35 51.66
CA GLU D 188 -10.40 -46.36 50.70
C GLU D 188 -10.87 -47.16 49.49
N GLY D 189 -12.18 -47.33 49.34
CA GLY D 189 -12.73 -48.32 48.41
C GLY D 189 -13.72 -47.71 47.45
N SER D 190 -14.74 -48.49 47.07
CA SER D 190 -15.71 -48.13 46.04
C SER D 190 -17.05 -48.79 46.33
N VAL D 191 -18.09 -48.18 45.79
CA VAL D 191 -19.49 -48.68 45.84
C VAL D 191 -20.01 -48.74 44.40
N ASP D 192 -20.95 -49.63 44.15
CA ASP D 192 -21.74 -49.65 42.90
C ASP D 192 -22.83 -48.58 43.03
N SER D 193 -22.73 -47.50 42.27
CA SER D 193 -23.62 -46.33 42.37
C SER D 193 -25.07 -46.73 42.09
N GLY D 194 -25.31 -47.68 41.17
CA GLY D 194 -26.67 -48.16 40.81
C GLY D 194 -27.29 -48.96 41.95
N ILE D 195 -26.50 -49.82 42.59
CA ILE D 195 -26.96 -50.62 43.75
C ILE D 195 -27.16 -49.67 44.96
N LEU D 196 -26.30 -48.66 45.10
CA LEU D 196 -26.46 -47.63 46.17
C LEU D 196 -27.79 -46.91 45.97
N LEU D 197 -28.09 -46.42 44.77
CA LEU D 197 -29.35 -45.69 44.48
C LEU D 197 -30.56 -46.60 44.78
N ALA D 198 -30.54 -47.86 44.34
CA ALA D 198 -31.63 -48.83 44.59
C ALA D 198 -31.78 -49.05 46.10
N ALA D 199 -30.68 -49.21 46.83
CA ALA D 199 -30.67 -49.44 48.30
C ALA D 199 -31.24 -48.21 49.01
N LEU D 200 -30.91 -47.00 48.55
CA LEU D 200 -31.39 -45.74 49.17
C LEU D 200 -32.90 -45.62 48.96
N GLU D 201 -33.40 -45.89 47.75
CA GLU D 201 -34.86 -45.81 47.45
C GLU D 201 -35.61 -46.82 48.33
N ARG D 202 -35.12 -48.05 48.39
CA ARG D 202 -35.72 -49.15 49.19
C ARG D 202 -35.72 -48.74 50.67
N SER D 203 -34.60 -48.21 51.18
CA SER D 203 -34.46 -47.81 52.60
C SER D 203 -35.39 -46.62 52.90
N PHE D 204 -35.54 -45.71 51.94
CA PHE D 204 -36.40 -44.52 52.07
C PHE D 204 -37.86 -44.96 52.23
N LEU D 205 -38.33 -45.87 51.37
CA LEU D 205 -39.71 -46.43 51.39
C LEU D 205 -39.93 -47.19 52.70
N GLN D 206 -38.96 -48.00 53.15
CA GLN D 206 -39.09 -48.81 54.39
C GLN D 206 -39.28 -47.88 55.60
N ALA D 207 -38.74 -46.67 55.56
CA ALA D 207 -38.75 -45.71 56.69
C ALA D 207 -39.97 -44.79 56.58
N GLY D 208 -40.85 -45.01 55.60
CA GLY D 208 -42.12 -44.28 55.47
C GLY D 208 -42.03 -43.14 54.47
N GLY D 209 -40.93 -43.01 53.73
CA GLY D 209 -40.78 -41.96 52.70
C GLY D 209 -41.70 -42.22 51.53
N ARG D 210 -42.12 -41.16 50.83
CA ARG D 210 -42.97 -41.22 49.63
C ARG D 210 -42.16 -40.73 48.42
N LEU D 211 -42.06 -41.55 47.37
CA LEU D 211 -41.39 -41.21 46.08
C LEU D 211 -42.46 -40.72 45.12
N HIS D 212 -42.39 -39.44 44.72
CA HIS D 212 -43.34 -38.84 43.74
C HIS D 212 -42.54 -38.49 42.50
N PRO D 213 -42.61 -39.32 41.42
CA PRO D 213 -41.73 -39.20 40.26
C PRO D 213 -42.12 -38.06 39.30
N VAL D 214 -42.09 -36.83 39.78
CA VAL D 214 -42.25 -35.60 38.97
C VAL D 214 -41.09 -34.67 39.35
N ASP D 215 -40.87 -33.63 38.57
CA ASP D 215 -39.84 -32.58 38.84
C ASP D 215 -40.53 -31.36 39.46
N ALA D 216 -39.84 -30.68 40.37
CA ALA D 216 -40.22 -29.33 40.84
C ALA D 216 -39.99 -28.35 39.69
N THR D 217 -40.96 -27.48 39.39
CA THR D 217 -40.82 -26.35 38.45
C THR D 217 -40.52 -25.08 39.25
N GLU D 218 -41.02 -24.96 40.48
CA GLU D 218 -40.96 -23.70 41.24
C GLU D 218 -41.09 -23.98 42.75
N ILE D 219 -40.26 -23.33 43.55
CA ILE D 219 -40.41 -23.25 45.03
C ILE D 219 -41.26 -22.01 45.35
N ARG D 220 -42.40 -22.18 46.02
CA ARG D 220 -43.24 -21.03 46.42
C ARG D 220 -42.88 -20.64 47.86
N ALA D 221 -42.68 -19.35 48.07
CA ALA D 221 -42.39 -18.73 49.38
C ALA D 221 -43.00 -17.33 49.41
N SER D 222 -43.35 -16.85 50.60
CA SER D 222 -43.74 -15.45 50.88
C SER D 222 -43.68 -15.24 52.39
N HIS D 223 -43.54 -13.99 52.84
CA HIS D 223 -43.26 -13.63 54.25
C HIS D 223 -42.03 -14.43 54.71
N GLY D 224 -41.01 -14.51 53.85
CA GLY D 224 -39.69 -15.12 54.09
C GLY D 224 -39.75 -16.58 54.55
N ARG D 225 -40.72 -17.35 54.05
CA ARG D 225 -41.02 -18.70 54.56
C ARG D 225 -41.47 -19.59 53.40
N VAL D 226 -41.01 -20.85 53.33
CA VAL D 226 -41.43 -21.78 52.23
C VAL D 226 -42.87 -22.20 52.48
N GLU D 227 -43.68 -22.25 51.40
CA GLU D 227 -45.08 -22.76 51.38
C GLU D 227 -45.13 -24.14 50.71
N GLY D 228 -44.25 -24.39 49.75
CA GLY D 228 -44.14 -25.70 49.08
C GLY D 228 -43.60 -25.58 47.65
N VAL D 229 -44.01 -26.50 46.79
CA VAL D 229 -43.38 -26.73 45.46
C VAL D 229 -44.47 -26.96 44.41
N VAL D 230 -44.43 -26.19 43.32
CA VAL D 230 -45.18 -26.47 42.07
C VAL D 230 -44.40 -27.54 41.29
N THR D 231 -45.07 -28.59 40.81
CA THR D 231 -44.46 -29.72 40.06
C THR D 231 -44.81 -29.56 38.58
N ASP D 232 -44.13 -30.32 37.71
CA ASP D 232 -44.20 -30.14 36.22
C ASP D 232 -45.44 -30.84 35.66
N ASP D 233 -46.22 -31.54 36.51
CA ASP D 233 -47.58 -32.03 36.14
C ASP D 233 -48.64 -30.99 36.54
N GLY D 234 -48.22 -29.76 36.92
CA GLY D 234 -49.12 -28.63 37.19
C GLY D 234 -49.64 -28.59 38.63
N ASP D 235 -49.31 -29.58 39.45
CA ASP D 235 -49.81 -29.72 40.84
C ASP D 235 -49.05 -28.76 41.77
N PHE D 236 -49.59 -28.50 42.98
CA PHE D 236 -48.90 -27.77 44.08
C PHE D 236 -48.85 -28.67 45.32
N LEU D 237 -47.65 -28.89 45.86
CA LEU D 237 -47.44 -29.72 47.08
C LEU D 237 -47.07 -28.77 48.22
N PRO D 238 -47.87 -28.72 49.31
CA PRO D 238 -47.55 -27.86 50.44
C PRO D 238 -46.46 -28.49 51.32
N ALA D 239 -45.63 -27.67 51.96
CA ALA D 239 -44.58 -28.14 52.90
C ALA D 239 -44.09 -26.97 53.76
N GLY D 240 -43.66 -27.28 54.99
CA GLY D 240 -42.93 -26.36 55.88
C GLY D 240 -41.45 -26.38 55.60
N HIS D 241 -40.93 -27.47 55.01
CA HIS D 241 -39.49 -27.64 54.69
C HIS D 241 -39.32 -28.11 53.24
N VAL D 242 -38.45 -27.44 52.48
CA VAL D 242 -38.01 -27.86 51.13
C VAL D 242 -36.48 -27.98 51.15
N VAL D 243 -35.98 -29.18 50.88
CA VAL D 243 -34.53 -29.49 50.72
C VAL D 243 -34.24 -29.63 49.23
N VAL D 244 -33.48 -28.69 48.68
CA VAL D 244 -33.06 -28.71 47.25
C VAL D 244 -31.74 -29.48 47.14
N ALA D 245 -31.80 -30.65 46.48
CA ALA D 245 -30.64 -31.50 46.12
C ALA D 245 -30.82 -31.95 44.68
N ALA D 246 -30.99 -30.98 43.79
CA ALA D 246 -31.33 -31.19 42.36
C ALA D 246 -30.06 -31.18 41.50
N GLY D 247 -28.91 -31.52 42.07
CA GLY D 247 -27.62 -31.51 41.36
C GLY D 247 -27.37 -30.16 40.70
N ALA D 248 -26.95 -30.16 39.43
CA ALA D 248 -26.50 -28.95 38.72
C ALA D 248 -27.68 -27.98 38.50
N ARG D 249 -28.92 -28.39 38.75
CA ARG D 249 -30.12 -27.52 38.58
C ARG D 249 -30.46 -26.76 39.88
N SER D 250 -29.74 -27.04 40.98
CA SER D 250 -30.14 -26.62 42.36
C SER D 250 -30.20 -25.10 42.50
N GLN D 251 -29.18 -24.36 42.04
CA GLN D 251 -29.15 -22.88 42.20
C GLN D 251 -30.16 -22.24 41.25
N ARG D 252 -30.31 -22.75 40.01
CA ARG D 252 -31.26 -22.18 39.03
C ARG D 252 -32.66 -22.25 39.64
N LEU D 253 -32.98 -23.29 40.41
CA LEU D 253 -34.32 -23.47 41.03
C LEU D 253 -34.56 -22.43 42.14
N VAL D 254 -33.57 -22.15 42.97
CA VAL D 254 -33.68 -21.24 44.16
C VAL D 254 -33.51 -19.77 43.73
N ALA D 255 -32.82 -19.50 42.62
CA ALA D 255 -32.46 -18.14 42.16
C ALA D 255 -33.72 -17.36 41.74
N ALA D 256 -34.84 -18.05 41.53
CA ALA D 256 -36.16 -17.45 41.19
C ALA D 256 -36.69 -16.63 42.37
N LEU D 257 -36.37 -17.04 43.61
CA LEU D 257 -36.86 -16.39 44.85
C LEU D 257 -36.21 -15.02 45.03
N PRO D 258 -36.93 -14.03 45.63
CA PRO D 258 -36.42 -12.67 45.77
C PRO D 258 -35.01 -12.51 46.36
N GLY D 259 -34.10 -11.84 45.64
CA GLY D 259 -32.74 -11.49 46.12
C GLY D 259 -31.74 -12.63 45.96
N LEU D 260 -32.21 -13.88 45.83
CA LEU D 260 -31.36 -15.10 45.98
C LEU D 260 -30.48 -15.31 44.74
N ALA D 261 -30.81 -14.66 43.60
CA ALA D 261 -30.05 -14.77 42.33
C ALA D 261 -28.58 -14.40 42.54
N HIS D 262 -28.29 -13.44 43.44
CA HIS D 262 -26.92 -12.93 43.68
C HIS D 262 -26.44 -13.30 45.08
N ARG D 263 -27.15 -14.19 45.77
CA ARG D 263 -26.84 -14.62 47.16
C ARG D 263 -26.53 -16.12 47.23
N ILE D 264 -27.01 -16.92 46.27
CA ILE D 264 -26.67 -18.36 46.13
C ILE D 264 -25.67 -18.50 44.98
N PRO D 265 -24.40 -18.90 45.24
CA PRO D 265 -23.43 -19.06 44.16
C PRO D 265 -23.97 -19.97 43.04
N ARG D 266 -23.77 -19.56 41.81
CA ARG D 266 -24.15 -20.36 40.61
C ARG D 266 -23.51 -21.75 40.67
N ILE D 267 -24.23 -22.72 40.13
CA ILE D 267 -23.74 -24.11 39.92
C ILE D 267 -23.83 -24.43 38.42
N TYR D 268 -22.74 -24.87 37.81
CA TYR D 268 -22.67 -25.24 36.37
C TYR D 268 -22.58 -26.77 36.25
N ASP D 269 -22.61 -27.26 35.01
CA ASP D 269 -22.55 -28.72 34.68
C ASP D 269 -21.08 -29.12 34.44
N GLY D 270 -20.49 -29.88 35.36
CA GLY D 270 -19.22 -30.59 35.11
C GLY D 270 -19.51 -31.89 34.38
N VAL D 271 -19.69 -31.82 33.07
CA VAL D 271 -20.20 -32.97 32.25
C VAL D 271 -19.11 -34.03 32.25
N GLY D 272 -19.48 -35.23 32.70
CA GLY D 272 -18.57 -36.36 32.87
C GLY D 272 -19.02 -37.56 32.07
N VAL D 273 -18.07 -38.19 31.39
CA VAL D 273 -18.31 -39.42 30.60
C VAL D 273 -17.57 -40.57 31.26
N SER D 274 -18.27 -41.69 31.41
CA SER D 274 -17.75 -42.94 31.96
C SER D 274 -18.31 -44.09 31.13
N ALA D 275 -17.86 -45.32 31.37
CA ALA D 275 -18.33 -46.47 30.58
C ALA D 275 -18.33 -47.73 31.43
N LEU D 276 -19.26 -48.62 31.15
CA LEU D 276 -19.31 -50.00 31.67
C LEU D 276 -18.80 -50.91 30.55
N VAL D 277 -17.86 -51.77 30.89
CA VAL D 277 -17.17 -52.68 29.95
C VAL D 277 -17.28 -54.09 30.55
N ASP D 278 -17.67 -55.07 29.74
CA ASP D 278 -17.53 -56.51 30.08
C ASP D 278 -16.13 -56.96 29.70
N THR D 279 -15.29 -57.32 30.66
CA THR D 279 -13.88 -57.67 30.39
C THR D 279 -13.81 -58.95 29.55
N TRP D 280 -12.78 -59.03 28.70
CA TRP D 280 -12.48 -60.15 27.77
C TRP D 280 -12.60 -61.50 28.49
N ASP D 281 -12.18 -61.61 29.77
CA ASP D 281 -12.10 -62.91 30.48
C ASP D 281 -12.99 -62.93 31.74
N GLY D 282 -13.84 -61.91 31.95
CA GLY D 282 -14.69 -61.81 33.14
C GLY D 282 -13.93 -61.36 34.38
N SER D 283 -12.62 -61.16 34.33
CA SER D 283 -11.80 -60.73 35.49
C SER D 283 -11.95 -59.23 35.71
N GLY D 284 -11.47 -58.76 36.85
CA GLY D 284 -11.43 -57.34 37.24
C GLY D 284 -10.39 -57.21 38.35
N PRO D 285 -9.92 -56.00 38.66
CA PRO D 285 -8.98 -55.84 39.77
C PRO D 285 -9.73 -55.94 41.11
N ALA D 286 -9.00 -56.29 42.16
CA ALA D 286 -9.54 -56.43 43.53
C ALA D 286 -9.65 -55.04 44.17
N THR D 287 -8.88 -54.07 43.69
CA THR D 287 -8.87 -52.69 44.21
C THR D 287 -9.34 -51.70 43.15
N VAL D 288 -9.76 -50.54 43.60
CA VAL D 288 -9.82 -49.34 42.71
C VAL D 288 -8.40 -49.13 42.16
N LEU D 289 -8.31 -48.76 40.89
CA LEU D 289 -7.06 -48.30 40.25
C LEU D 289 -7.31 -46.87 39.81
N ARG D 290 -6.43 -45.93 40.15
CA ARG D 290 -6.66 -44.52 39.77
C ARG D 290 -5.34 -43.78 39.63
N THR D 291 -5.39 -42.68 38.88
CA THR D 291 -4.40 -41.59 38.92
C THR D 291 -4.91 -40.54 39.90
N SER D 292 -4.08 -39.58 40.26
CA SER D 292 -4.55 -38.33 40.88
C SER D 292 -5.35 -37.54 39.85
N ASN D 293 -6.08 -36.53 40.31
CA ASN D 293 -6.90 -35.65 39.47
C ASN D 293 -6.00 -34.97 38.44
N ARG D 294 -6.49 -34.85 37.22
CA ARG D 294 -5.70 -34.41 36.04
C ARG D 294 -6.35 -33.13 35.48
N ALA D 295 -5.99 -32.74 34.26
CA ALA D 295 -6.32 -31.43 33.67
C ALA D 295 -7.81 -31.13 33.82
N PHE D 296 -8.12 -29.97 34.41
CA PHE D 296 -9.50 -29.42 34.53
C PHE D 296 -10.43 -30.45 35.21
N ALA D 297 -9.89 -31.12 36.23
CA ALA D 297 -10.61 -31.97 37.20
C ALA D 297 -11.20 -33.21 36.52
N CYS D 298 -10.57 -33.71 35.47
CA CYS D 298 -10.83 -35.09 35.03
C CYS D 298 -9.84 -36.00 35.74
N GLY D 299 -9.82 -37.27 35.38
CA GLY D 299 -8.93 -38.26 36.01
C GLY D 299 -9.23 -39.62 35.46
N LEU D 300 -8.30 -40.56 35.63
CA LEU D 300 -8.44 -41.92 35.09
C LEU D 300 -8.61 -42.87 36.25
N HIS D 301 -9.61 -43.73 36.18
CA HIS D 301 -9.82 -44.75 37.22
C HIS D 301 -10.63 -45.92 36.66
N LEU D 302 -10.45 -47.04 37.33
CA LEU D 302 -11.25 -48.25 37.12
C LEU D 302 -11.83 -48.62 38.49
N VAL D 303 -13.15 -48.80 38.55
CA VAL D 303 -13.90 -49.22 39.76
C VAL D 303 -14.43 -50.62 39.52
N PRO D 304 -14.08 -51.59 40.38
CA PRO D 304 -14.61 -52.95 40.27
C PRO D 304 -16.14 -52.97 40.31
N ARG D 305 -16.73 -53.87 39.55
CA ARG D 305 -18.19 -54.19 39.57
C ARG D 305 -18.32 -55.70 39.63
N ALA D 306 -19.48 -56.19 40.08
CA ALA D 306 -19.81 -57.64 40.09
C ALA D 306 -20.12 -58.09 38.66
N GLY D 307 -20.01 -59.39 38.40
CA GLY D 307 -20.55 -60.03 37.18
C GLY D 307 -19.72 -59.82 35.93
N GLY D 308 -18.38 -59.67 36.05
CA GLY D 308 -17.45 -59.60 34.91
C GLY D 308 -17.49 -58.24 34.20
N SER D 309 -18.07 -57.23 34.83
CA SER D 309 -18.12 -55.83 34.36
C SER D 309 -17.03 -55.00 35.09
N VAL D 310 -16.46 -54.00 34.43
CA VAL D 310 -15.67 -52.94 35.13
C VAL D 310 -16.23 -51.59 34.71
N TYR D 311 -16.12 -50.62 35.60
CA TYR D 311 -16.45 -49.20 35.34
C TYR D 311 -15.14 -48.49 35.02
N ILE D 312 -15.12 -47.68 33.97
CA ILE D 312 -13.95 -46.82 33.68
C ILE D 312 -14.47 -45.38 33.59
N GLY D 313 -13.69 -44.49 34.19
CA GLY D 313 -13.97 -43.06 34.18
C GLY D 313 -12.67 -42.28 34.32
N ALA D 314 -12.80 -40.96 34.28
CA ALA D 314 -14.02 -40.26 33.92
C ALA D 314 -13.61 -38.89 33.42
N THR D 315 -14.23 -38.42 32.34
CA THR D 315 -13.92 -37.10 31.75
C THR D 315 -14.61 -36.03 32.59
N ASN D 316 -14.23 -34.79 32.37
CA ASN D 316 -14.90 -33.62 32.99
C ASN D 316 -14.73 -32.45 32.05
N ALA D 317 -15.81 -31.75 31.77
CA ALA D 317 -15.81 -30.49 30.99
C ALA D 317 -16.89 -29.59 31.59
N VAL D 318 -16.50 -28.45 32.12
CA VAL D 318 -17.49 -27.48 32.65
C VAL D 318 -18.23 -26.88 31.45
N CYS D 319 -19.55 -27.00 31.43
CA CYS D 319 -20.43 -26.44 30.38
C CYS D 319 -21.37 -25.40 31.02
N LEU D 320 -21.53 -24.24 30.39
CA LEU D 320 -22.41 -23.14 30.87
C LEU D 320 -23.89 -23.54 30.67
N GLU D 321 -24.14 -24.55 29.83
CA GLU D 321 -25.49 -25.15 29.63
C GLU D 321 -25.37 -26.67 29.76
N PRO D 322 -26.42 -27.35 30.25
CA PRO D 322 -26.39 -28.81 30.39
C PRO D 322 -26.20 -29.54 29.06
N ARG D 323 -25.56 -30.70 29.11
CA ARG D 323 -25.35 -31.59 27.94
C ARG D 323 -25.52 -33.02 28.43
N GLY D 324 -26.32 -33.80 27.74
CA GLY D 324 -26.71 -35.15 28.15
C GLY D 324 -26.07 -36.23 27.28
N ALA D 325 -25.21 -35.85 26.33
CA ALA D 325 -24.57 -36.83 25.42
C ALA D 325 -23.05 -36.65 25.44
N ALA D 326 -22.32 -37.76 25.38
CA ALA D 326 -20.85 -37.77 25.27
C ALA D 326 -20.46 -37.19 23.91
N SER D 327 -19.36 -36.44 23.86
CA SER D 327 -18.72 -36.07 22.58
C SER D 327 -17.83 -37.25 22.15
N ILE D 328 -17.52 -37.34 20.86
CA ILE D 328 -16.56 -38.33 20.31
C ILE D 328 -15.25 -38.20 21.08
N GLU D 329 -14.72 -36.99 21.21
CA GLU D 329 -13.42 -36.70 21.88
C GLU D 329 -13.37 -37.31 23.29
N GLU D 330 -14.46 -37.18 24.05
CA GLU D 330 -14.54 -37.68 25.46
C GLU D 330 -14.42 -39.21 25.45
N THR D 331 -15.19 -39.87 24.58
CA THR D 331 -15.19 -41.34 24.47
C THR D 331 -13.77 -41.81 24.13
N VAL D 332 -13.13 -41.20 23.14
CA VAL D 332 -11.79 -41.65 22.66
C VAL D 332 -10.76 -41.44 23.79
N ALA D 333 -10.79 -40.30 24.48
CA ALA D 333 -9.76 -39.99 25.51
C ALA D 333 -9.93 -40.98 26.67
N LEU D 334 -11.15 -41.23 27.12
CA LEU D 334 -11.42 -42.19 28.22
C LEU D 334 -10.88 -43.57 27.84
N PHE D 335 -11.27 -44.07 26.68
CA PHE D 335 -10.88 -45.43 26.23
C PHE D 335 -9.36 -45.50 26.02
N ASN D 336 -8.78 -44.50 25.36
CA ASN D 336 -7.33 -44.51 25.05
C ASN D 336 -6.52 -44.56 26.36
N CYS D 337 -6.87 -43.74 27.34
CA CYS D 337 -6.15 -43.67 28.63
C CYS D 337 -6.28 -45.01 29.37
N ALA D 338 -7.48 -45.59 29.45
CA ALA D 338 -7.71 -46.83 30.21
C ALA D 338 -6.95 -47.99 29.58
N THR D 339 -6.99 -48.14 28.24
CA THR D 339 -6.35 -49.28 27.53
C THR D 339 -4.84 -49.18 27.64
N HIS D 340 -4.26 -47.98 27.59
CA HIS D 340 -2.78 -47.79 27.59
C HIS D 340 -2.23 -47.84 29.03
N GLN D 341 -2.91 -47.15 29.97
CA GLN D 341 -2.33 -46.89 31.31
C GLN D 341 -2.77 -47.96 32.30
N LEU D 342 -3.89 -48.66 32.09
CA LEU D 342 -4.40 -49.64 33.09
C LEU D 342 -4.30 -51.07 32.54
N HIS D 343 -4.98 -51.38 31.44
CA HIS D 343 -5.05 -52.78 30.92
C HIS D 343 -5.33 -52.80 29.43
N ARG D 344 -4.38 -53.30 28.65
CA ARG D 344 -4.48 -53.40 27.18
C ARG D 344 -5.60 -54.38 26.77
N GLY D 345 -5.93 -55.35 27.65
CA GLY D 345 -7.04 -56.29 27.45
C GLY D 345 -8.38 -55.58 27.36
N LEU D 346 -8.52 -54.38 27.90
CA LEU D 346 -9.78 -53.60 27.77
C LEU D 346 -10.04 -53.27 26.30
N ASN D 347 -8.99 -53.25 25.47
CA ASN D 347 -9.11 -52.99 24.02
C ASN D 347 -10.07 -54.00 23.36
N GLY D 348 -9.96 -55.27 23.74
CA GLY D 348 -10.75 -56.38 23.19
C GLY D 348 -12.01 -56.63 23.99
N SER D 349 -12.29 -55.79 24.98
CA SER D 349 -13.44 -55.97 25.88
C SER D 349 -14.67 -55.28 25.24
N GLU D 350 -15.87 -55.75 25.60
CA GLU D 350 -17.14 -55.29 24.99
C GLU D 350 -17.68 -54.07 25.74
N LEU D 351 -17.98 -53.01 25.00
CA LEU D 351 -18.61 -51.78 25.50
C LEU D 351 -20.09 -52.08 25.77
N ARG D 352 -20.53 -52.00 27.02
CA ARG D 352 -21.95 -52.23 27.38
C ARG D 352 -22.66 -50.89 27.49
N LYS D 353 -22.03 -49.84 27.97
CA LYS D 353 -22.77 -48.57 28.17
C LYS D 353 -21.80 -47.39 28.25
N VAL D 354 -22.09 -46.33 27.51
CA VAL D 354 -21.46 -44.99 27.71
C VAL D 354 -22.41 -44.20 28.59
N GLN D 355 -21.91 -43.71 29.74
CA GLN D 355 -22.73 -42.96 30.73
C GLN D 355 -22.28 -41.51 30.73
N VAL D 356 -23.24 -40.60 30.89
CA VAL D 356 -23.02 -39.14 30.94
C VAL D 356 -23.82 -38.58 32.12
N GLY D 357 -23.17 -37.75 32.95
CA GLY D 357 -23.81 -37.06 34.09
C GLY D 357 -23.16 -35.73 34.33
N SER D 358 -23.84 -34.83 35.04
CA SER D 358 -23.35 -33.46 35.36
C SER D 358 -22.94 -33.39 36.83
N ARG D 359 -21.64 -33.38 37.08
CA ARG D 359 -21.08 -32.99 38.40
C ARG D 359 -21.55 -31.58 38.68
N PRO D 360 -22.24 -31.32 39.82
CA PRO D 360 -22.62 -29.95 40.18
C PRO D 360 -21.38 -29.12 40.52
N ALA D 361 -21.01 -28.22 39.61
CA ALA D 361 -19.75 -27.46 39.63
C ALA D 361 -20.01 -26.05 40.16
N PRO D 362 -19.74 -25.78 41.45
CA PRO D 362 -19.97 -24.44 42.00
C PRO D 362 -18.99 -23.40 41.44
N ILE D 363 -19.48 -22.20 41.13
CA ILE D 363 -18.68 -21.11 40.50
C ILE D 363 -17.51 -20.68 41.37
N ASP D 364 -17.55 -20.87 42.70
CA ASP D 364 -16.45 -20.46 43.62
C ASP D 364 -15.68 -21.69 44.12
N GLY D 365 -16.01 -22.89 43.62
CA GLY D 365 -15.19 -24.10 43.82
C GLY D 365 -15.53 -24.87 45.07
N PHE D 366 -16.57 -24.48 45.82
CA PHE D 366 -16.90 -25.16 47.11
C PHE D 366 -18.40 -25.46 47.19
N PRO D 367 -18.79 -26.50 47.94
CA PRO D 367 -20.17 -26.91 48.01
C PRO D 367 -21.09 -25.89 48.69
N LEU D 368 -22.40 -26.14 48.53
CA LEU D 368 -23.53 -25.33 49.05
C LEU D 368 -24.38 -26.25 49.92
N ILE D 369 -24.14 -26.21 51.23
CA ILE D 369 -24.70 -27.19 52.20
C ILE D 369 -25.24 -26.39 53.40
N GLY D 370 -26.56 -26.42 53.60
CA GLY D 370 -27.17 -25.93 54.84
C GLY D 370 -28.35 -25.04 54.58
N GLY D 371 -28.58 -24.09 55.50
CA GLY D 371 -29.80 -23.26 55.54
C GLY D 371 -29.65 -22.01 54.69
N THR D 372 -30.77 -21.29 54.58
CA THR D 372 -31.02 -20.15 53.68
C THR D 372 -31.63 -19.05 54.56
N SER D 373 -31.74 -17.82 54.07
CA SER D 373 -32.46 -16.71 54.73
C SER D 373 -33.98 -16.93 54.61
N VAL D 374 -34.41 -17.89 53.80
CA VAL D 374 -35.84 -18.30 53.69
C VAL D 374 -36.08 -19.45 54.66
N GLU D 375 -37.01 -19.26 55.60
CA GLU D 375 -37.34 -20.22 56.66
C GLU D 375 -37.83 -21.52 56.02
N GLY D 376 -37.26 -22.66 56.44
CA GLY D 376 -37.60 -24.00 55.91
C GLY D 376 -36.96 -24.32 54.55
N LEU D 377 -36.15 -23.42 53.96
CA LEU D 377 -35.45 -23.68 52.67
C LEU D 377 -34.00 -24.11 52.95
N TRP D 378 -33.65 -25.32 52.50
CA TRP D 378 -32.32 -25.95 52.68
C TRP D 378 -31.75 -26.33 51.32
N MET D 379 -30.42 -26.41 51.23
CA MET D 379 -29.70 -26.77 49.98
C MET D 379 -28.62 -27.81 50.31
N LEU D 380 -28.49 -28.81 49.45
CA LEU D 380 -27.39 -29.80 49.44
C LEU D 380 -26.94 -29.95 47.98
N SER D 381 -25.89 -29.22 47.57
CA SER D 381 -25.44 -29.21 46.15
C SER D 381 -24.01 -28.68 46.00
N GLY D 382 -23.55 -28.61 44.75
CA GLY D 382 -22.23 -28.04 44.40
C GLY D 382 -21.09 -28.91 44.89
N THR D 383 -21.29 -30.22 44.99
CA THR D 383 -20.28 -31.17 45.52
C THR D 383 -19.31 -31.65 44.43
N TYR D 384 -19.54 -31.31 43.15
CA TYR D 384 -18.55 -31.55 42.05
C TYR D 384 -18.14 -33.03 42.03
N ARG D 385 -16.92 -33.37 42.42
CA ARG D 385 -16.34 -34.72 42.21
C ARG D 385 -16.61 -35.68 43.39
N ASP D 386 -17.09 -35.21 44.56
CA ASP D 386 -17.09 -36.10 45.76
C ASP D 386 -18.28 -35.89 46.68
N GLY D 387 -19.42 -35.47 46.15
CA GLY D 387 -20.72 -35.46 46.86
C GLY D 387 -21.15 -36.84 47.28
N LEU D 388 -21.00 -37.83 46.41
CA LEU D 388 -21.40 -39.23 46.71
C LEU D 388 -20.58 -39.73 47.91
N HIS D 389 -19.26 -39.54 47.88
CA HIS D 389 -18.38 -39.92 49.01
C HIS D 389 -18.84 -39.23 50.31
N MET D 390 -19.15 -37.94 50.24
CA MET D 390 -19.45 -37.12 51.44
C MET D 390 -20.91 -37.32 51.91
N SER D 391 -21.76 -37.98 51.10
CA SER D 391 -23.23 -38.01 51.26
C SER D 391 -23.65 -38.36 52.71
N PRO D 392 -23.17 -39.42 53.38
CA PRO D 392 -23.67 -39.75 54.72
C PRO D 392 -23.39 -38.61 55.71
N LEU D 393 -22.23 -37.97 55.60
CA LEU D 393 -21.85 -36.83 56.47
C LEU D 393 -22.74 -35.63 56.16
N LEU D 394 -22.93 -35.29 54.88
CA LEU D 394 -23.71 -34.09 54.48
C LEU D 394 -25.19 -34.28 54.89
N ALA D 395 -25.73 -35.48 54.74
CA ALA D 395 -27.13 -35.81 55.09
C ALA D 395 -27.33 -35.57 56.60
N ARG D 396 -26.42 -36.10 57.42
CA ARG D 396 -26.48 -36.00 58.90
C ARG D 396 -26.33 -34.54 59.31
N HIS D 397 -25.43 -33.81 58.67
CA HIS D 397 -25.25 -32.35 58.93
C HIS D 397 -26.59 -31.64 58.73
N VAL D 398 -27.21 -31.78 57.57
CA VAL D 398 -28.42 -30.99 57.23
C VAL D 398 -29.56 -31.43 58.14
N VAL D 399 -29.68 -32.72 58.44
CA VAL D 399 -30.77 -33.25 59.32
C VAL D 399 -30.59 -32.68 60.74
N SER D 400 -29.37 -32.62 61.25
CA SER D 400 -29.06 -31.98 62.56
C SER D 400 -29.54 -30.52 62.53
N LEU D 401 -29.17 -29.75 61.50
CA LEU D 401 -29.57 -28.31 61.38
C LEU D 401 -31.10 -28.20 61.38
N MET D 402 -31.80 -29.08 60.65
CA MET D 402 -33.29 -29.04 60.54
C MET D 402 -33.93 -29.37 61.90
N ASP D 403 -33.20 -30.02 62.81
CA ASP D 403 -33.64 -30.41 64.17
C ASP D 403 -33.18 -29.37 65.21
N GLY D 404 -32.62 -28.24 64.77
CA GLY D 404 -32.12 -27.17 65.66
C GLY D 404 -30.73 -27.45 66.23
N GLY D 405 -30.02 -28.48 65.77
CA GLY D 405 -28.64 -28.80 66.14
C GLY D 405 -27.64 -27.94 65.38
N THR D 406 -26.33 -28.16 65.56
CA THR D 406 -25.27 -27.43 64.83
C THR D 406 -24.56 -28.36 63.83
N GLY D 407 -25.03 -29.61 63.71
CA GLY D 407 -24.53 -30.58 62.71
C GLY D 407 -23.04 -30.79 62.85
N VAL D 408 -22.32 -30.78 61.74
CA VAL D 408 -20.87 -31.14 61.67
C VAL D 408 -20.05 -29.85 61.69
N ASP D 409 -19.01 -29.81 62.52
CA ASP D 409 -18.25 -28.57 62.85
C ASP D 409 -17.75 -27.77 61.64
N GLY D 410 -17.22 -28.35 60.56
CA GLY D 410 -16.38 -27.59 59.61
C GLY D 410 -17.12 -27.19 58.34
N LEU D 411 -18.45 -27.22 58.33
CA LEU D 411 -19.30 -27.04 57.12
C LEU D 411 -19.82 -25.60 57.07
N ARG D 412 -19.40 -24.73 57.98
CA ARG D 412 -19.99 -23.37 58.16
C ARG D 412 -19.63 -22.48 56.97
N GLU D 413 -18.38 -22.55 56.52
CA GLU D 413 -17.88 -21.75 55.37
C GLU D 413 -18.60 -22.15 54.08
N PHE D 414 -19.26 -23.31 54.04
CA PHE D 414 -19.88 -23.86 52.81
C PHE D 414 -21.41 -23.68 52.85
N ARG D 415 -21.88 -22.78 53.72
CA ARG D 415 -23.31 -22.39 53.80
C ARG D 415 -23.72 -21.88 52.42
N PRO D 416 -24.93 -22.22 51.93
CA PRO D 416 -25.29 -21.95 50.53
C PRO D 416 -25.51 -20.47 50.20
N GLU D 417 -25.87 -19.67 51.21
CA GLU D 417 -26.14 -18.22 51.01
C GLU D 417 -24.88 -17.47 51.46
N ARG D 418 -24.10 -16.98 50.50
CA ARG D 418 -22.75 -16.44 50.78
C ARG D 418 -22.29 -15.58 49.60
N ASP D 419 -21.41 -14.64 49.90
CA ASP D 419 -20.51 -14.02 48.89
C ASP D 419 -19.69 -15.16 48.27
N LEU D 420 -19.31 -15.03 47.00
CA LEU D 420 -18.41 -16.02 46.36
C LEU D 420 -17.12 -16.11 47.18
N ILE D 421 -16.71 -17.33 47.51
CA ILE D 421 -15.39 -17.61 48.12
C ILE D 421 -14.28 -17.27 47.11
N SER D 422 -13.19 -16.67 47.59
CA SER D 422 -11.93 -16.46 46.85
C SER D 422 -10.84 -17.29 47.55
N ALA D 423 -10.75 -18.59 47.25
CA ALA D 423 -9.89 -19.53 47.99
C ALA D 423 -8.43 -19.39 47.53
N TRP D 424 -8.19 -18.77 46.37
CA TRP D 424 -6.84 -18.61 45.77
C TRP D 424 -6.70 -17.18 45.25
N SER D 425 -5.46 -16.69 45.16
CA SER D 425 -5.12 -15.42 44.50
C SER D 425 -5.33 -15.57 42.98
N ARG D 426 -5.63 -14.46 42.31
CA ARG D 426 -5.72 -14.41 40.84
C ARG D 426 -4.44 -14.99 40.23
N GLU D 427 -3.27 -14.64 40.78
CA GLU D 427 -1.95 -15.12 40.30
C GLU D 427 -1.90 -16.66 40.38
N GLU D 428 -2.33 -17.25 41.49
CA GLU D 428 -2.33 -18.73 41.67
C GLU D 428 -3.22 -19.38 40.60
N ILE D 429 -4.39 -18.79 40.32
CA ILE D 429 -5.38 -19.36 39.37
C ILE D 429 -4.84 -19.23 37.94
N LEU D 430 -4.23 -18.10 37.58
CA LEU D 430 -3.64 -17.89 36.24
C LEU D 430 -2.49 -18.89 36.01
N ASP D 431 -1.64 -19.12 36.99
CA ASP D 431 -0.60 -20.19 36.90
C ASP D 431 -1.29 -21.54 36.67
N ASP D 432 -2.35 -21.82 37.42
CA ASP D 432 -3.06 -23.13 37.40
C ASP D 432 -3.70 -23.34 36.01
N VAL D 433 -4.37 -22.34 35.45
CA VAL D 433 -5.15 -22.49 34.19
C VAL D 433 -4.17 -22.77 33.03
N VAL D 434 -2.99 -22.17 33.04
CA VAL D 434 -1.96 -22.38 31.98
C VAL D 434 -1.39 -23.80 32.15
N ARG D 435 -1.08 -24.19 33.37
CA ARG D 435 -0.59 -25.55 33.71
C ARG D 435 -1.61 -26.59 33.23
N HIS D 436 -2.88 -26.42 33.58
CA HIS D 436 -3.97 -27.37 33.22
C HIS D 436 -4.12 -27.38 31.68
N THR D 437 -4.00 -26.24 31.01
CA THR D 437 -4.12 -26.17 29.54
C THR D 437 -3.00 -27.04 28.93
N MET D 438 -1.77 -26.84 29.37
CA MET D 438 -0.59 -27.60 28.89
C MET D 438 -0.80 -29.09 29.21
N ALA D 439 -1.39 -29.41 30.36
CA ALA D 439 -1.64 -30.80 30.80
C ALA D 439 -2.60 -31.51 29.83
N THR D 440 -3.53 -30.81 29.17
CA THR D 440 -4.42 -31.45 28.16
C THR D 440 -3.56 -32.01 27.02
N GLY D 441 -2.41 -31.39 26.73
CA GLY D 441 -1.44 -31.90 25.75
C GLY D 441 -0.71 -33.12 26.27
N TYR D 442 -0.08 -33.01 27.43
CA TYR D 442 0.78 -34.06 28.00
C TYR D 442 -0.05 -35.31 28.32
N GLU D 443 -1.34 -35.15 28.63
CA GLU D 443 -2.23 -36.27 29.00
C GLU D 443 -2.74 -37.00 27.75
N PHE D 444 -2.61 -36.42 26.56
CA PHE D 444 -3.18 -36.96 25.30
C PHE D 444 -2.62 -38.36 25.02
N PRO D 445 -1.30 -38.64 25.02
CA PRO D 445 -0.23 -37.64 25.09
C PRO D 445 0.18 -37.18 23.69
N TRP D 446 0.53 -35.91 23.56
CA TRP D 446 0.95 -35.35 22.26
C TRP D 446 2.41 -35.70 21.98
N ARG D 447 2.82 -35.50 20.74
CA ARG D 447 4.25 -35.53 20.30
C ARG D 447 4.45 -34.28 19.44
N LEU D 448 5.26 -33.34 19.91
CA LEU D 448 5.45 -31.96 19.39
C LEU D 448 6.92 -31.69 19.26
N PRO D 449 7.34 -30.74 18.41
CA PRO D 449 8.72 -30.25 18.45
C PRO D 449 8.97 -29.64 19.84
N LEU D 450 10.20 -29.75 20.35
CA LEU D 450 10.50 -29.53 21.78
C LEU D 450 10.39 -28.05 22.15
N GLU D 451 10.44 -27.12 21.20
CA GLU D 451 10.29 -25.67 21.47
C GLU D 451 8.80 -25.30 21.60
N TRP D 452 7.88 -26.15 21.15
CA TRP D 452 6.45 -25.72 21.01
C TRP D 452 5.80 -25.52 22.37
N PRO D 453 5.99 -26.40 23.38
CA PRO D 453 5.34 -26.21 24.68
C PRO D 453 5.67 -24.86 25.33
N HIS D 454 6.94 -24.48 25.37
CA HIS D 454 7.36 -23.17 25.96
C HIS D 454 6.71 -22.04 25.17
N MET D 455 6.66 -22.14 23.85
CA MET D 455 6.01 -21.13 22.98
C MET D 455 4.52 -21.01 23.35
N MET D 456 3.82 -22.14 23.49
CA MET D 456 2.37 -22.15 23.83
C MET D 456 2.19 -21.51 25.22
N GLU D 457 3.01 -21.89 26.21
CA GLU D 457 2.92 -21.35 27.60
C GLU D 457 3.03 -19.82 27.56
N THR D 458 4.00 -19.27 26.83
CA THR D 458 4.24 -17.81 26.78
C THR D 458 3.02 -17.14 26.11
N PHE D 459 2.41 -17.73 25.08
CA PHE D 459 1.29 -17.10 24.35
C PHE D 459 -0.07 -17.37 25.01
N LEU D 460 -0.16 -18.28 25.98
CA LEU D 460 -1.42 -18.55 26.74
C LEU D 460 -1.56 -17.55 27.90
N GLN D 461 -0.46 -17.08 28.47
CA GLN D 461 -0.43 -16.30 29.74
C GLN D 461 -1.21 -15.01 29.58
N GLY D 462 -0.91 -14.23 28.53
CA GLY D 462 -1.51 -12.92 28.25
C GLY D 462 -3.03 -13.01 28.15
N PRO D 463 -3.58 -13.79 27.20
CA PRO D 463 -5.03 -13.92 27.05
C PRO D 463 -5.78 -14.38 28.31
N PHE D 464 -5.24 -15.28 29.13
CA PHE D 464 -5.93 -15.70 30.38
C PHE D 464 -5.88 -14.55 31.40
N ALA D 465 -4.75 -13.85 31.53
CA ALA D 465 -4.61 -12.66 32.42
C ALA D 465 -5.61 -11.58 32.00
N GLU D 466 -5.76 -11.33 30.70
CA GLU D 466 -6.69 -10.34 30.10
C GLU D 466 -8.14 -10.76 30.45
N LEU D 467 -8.47 -12.04 30.32
CA LEU D 467 -9.84 -12.53 30.60
C LEU D 467 -10.13 -12.30 32.09
N ALA D 468 -9.21 -12.69 32.97
CA ALA D 468 -9.39 -12.62 34.43
C ALA D 468 -9.63 -11.16 34.84
N ASP D 469 -8.87 -10.24 34.25
CA ASP D 469 -8.95 -8.79 34.54
C ASP D 469 -10.29 -8.21 34.08
N ARG D 470 -10.78 -8.68 32.94
CA ARG D 470 -12.05 -8.24 32.29
C ARG D 470 -13.26 -8.75 33.08
N LEU D 471 -13.21 -9.94 33.66
CA LEU D 471 -14.40 -10.59 34.25
C LEU D 471 -14.85 -9.83 35.52
N SER D 472 -13.90 -9.39 36.34
CA SER D 472 -14.17 -8.80 37.67
C SER D 472 -12.89 -8.25 38.28
N ASP D 473 -13.01 -7.19 39.09
CA ASP D 473 -11.92 -6.60 39.88
C ASP D 473 -11.68 -7.44 41.15
N THR D 474 -12.62 -8.31 41.56
CA THR D 474 -12.52 -8.98 42.87
C THR D 474 -12.58 -10.51 42.71
N TYR D 475 -13.51 -11.04 41.91
CA TYR D 475 -13.70 -12.52 41.78
C TYR D 475 -12.85 -13.07 40.63
N THR D 476 -12.26 -14.24 40.85
CA THR D 476 -11.60 -15.05 39.79
C THR D 476 -12.19 -16.46 39.78
N PRO D 477 -12.77 -16.91 38.65
CA PRO D 477 -13.25 -18.29 38.55
C PRO D 477 -12.09 -19.27 38.62
N PRO D 478 -12.24 -20.43 39.30
CA PRO D 478 -11.23 -21.48 39.26
C PRO D 478 -10.94 -21.92 37.80
N ALA D 479 -9.78 -22.53 37.57
CA ALA D 479 -9.25 -22.88 36.22
C ALA D 479 -10.30 -23.63 35.38
N ASP D 480 -10.96 -24.64 35.96
CA ASP D 480 -11.97 -25.50 35.29
C ASP D 480 -13.03 -24.63 34.63
N LEU D 481 -13.52 -23.62 35.36
CA LEU D 481 -14.56 -22.69 34.86
C LEU D 481 -13.90 -21.67 33.94
N MET D 482 -12.71 -21.17 34.27
CA MET D 482 -12.06 -20.10 33.49
C MET D 482 -11.83 -20.58 32.04
N THR D 483 -11.42 -21.84 31.82
CA THR D 483 -11.22 -22.36 30.44
C THR D 483 -12.57 -22.39 29.72
N ALA D 484 -13.65 -22.83 30.37
CA ALA D 484 -15.01 -22.86 29.76
C ALA D 484 -15.41 -21.44 29.36
N ILE D 485 -15.11 -20.44 30.19
CA ILE D 485 -15.49 -19.03 29.90
C ILE D 485 -14.62 -18.54 28.75
N MET D 486 -13.32 -18.83 28.75
CA MET D 486 -12.37 -18.39 27.69
C MET D 486 -12.93 -18.77 26.31
N PHE D 487 -13.50 -19.97 26.17
CA PHE D 487 -13.91 -20.52 24.85
C PHE D 487 -15.43 -20.45 24.67
N SER D 488 -16.15 -19.70 25.50
CA SER D 488 -17.61 -19.46 25.37
C SER D 488 -17.86 -18.27 24.43
N GLU D 489 -19.11 -18.05 24.03
CA GLU D 489 -19.53 -16.89 23.19
C GLU D 489 -19.31 -15.58 23.96
N ARG D 490 -19.08 -14.48 23.25
CA ARG D 490 -18.93 -13.10 23.82
C ARG D 490 -20.12 -12.79 24.76
N GLU D 491 -21.34 -13.14 24.38
CA GLU D 491 -22.59 -12.84 25.13
C GLU D 491 -22.58 -13.58 26.47
N GLN D 492 -22.07 -14.81 26.50
CA GLN D 492 -21.98 -15.63 27.74
C GLN D 492 -20.94 -15.00 28.67
N GLN D 493 -19.82 -14.54 28.12
CA GLN D 493 -18.77 -13.81 28.87
C GLN D 493 -19.36 -12.52 29.49
N ASP D 494 -20.08 -11.74 28.68
CA ASP D 494 -20.67 -10.44 29.10
C ASP D 494 -21.70 -10.68 30.20
N GLU D 495 -22.50 -11.74 30.08
CA GLU D 495 -23.53 -12.12 31.09
C GLU D 495 -22.82 -12.45 32.41
N LEU D 496 -21.66 -13.11 32.37
CA LEU D 496 -20.88 -13.47 33.58
C LEU D 496 -20.30 -12.20 34.21
N ILE D 497 -19.82 -11.25 33.42
CA ILE D 497 -19.27 -9.96 33.94
C ILE D 497 -20.38 -9.28 34.75
N ALA D 498 -21.58 -9.22 34.19
CA ALA D 498 -22.81 -8.65 34.82
C ALA D 498 -23.11 -9.40 36.12
N TYR D 499 -23.09 -10.73 36.08
CA TYR D 499 -23.37 -11.59 37.27
C TYR D 499 -22.38 -11.24 38.40
N TYR D 500 -21.08 -11.22 38.10
CA TYR D 500 -20.03 -10.92 39.11
C TYR D 500 -20.25 -9.52 39.70
N ALA D 501 -20.60 -8.53 38.86
CA ALA D 501 -20.85 -7.14 39.28
C ALA D 501 -22.04 -7.11 40.24
N ASP D 502 -23.13 -7.81 39.90
CA ASP D 502 -24.37 -7.91 40.71
C ASP D 502 -24.07 -8.60 42.04
N VAL D 503 -23.23 -9.65 42.04
CA VAL D 503 -22.83 -10.33 43.31
C VAL D 503 -22.05 -9.33 44.17
N HIS D 504 -21.11 -8.59 43.58
CA HIS D 504 -20.27 -7.61 44.32
C HIS D 504 -21.17 -6.56 44.98
N ARG D 505 -22.12 -6.00 44.22
CA ARG D 505 -23.13 -5.01 44.67
C ARG D 505 -23.89 -5.58 45.88
N GLU D 506 -24.39 -6.80 45.79
CA GLU D 506 -25.21 -7.44 46.85
C GLU D 506 -24.43 -7.57 48.16
N TRP D 507 -23.14 -7.90 48.11
CA TRP D 507 -22.37 -8.34 49.31
C TRP D 507 -21.43 -7.24 49.83
N HIS D 508 -21.17 -6.18 49.06
CA HIS D 508 -20.21 -5.10 49.41
C HIS D 508 -20.94 -3.75 49.48
N GLN E 27 -48.66 23.04 30.33
CA GLN E 27 -47.19 23.09 30.18
C GLN E 27 -46.75 24.51 29.79
N THR E 28 -45.45 24.75 29.78
CA THR E 28 -44.80 26.09 29.68
C THR E 28 -44.37 26.35 28.20
N ASP E 29 -44.71 27.52 27.65
CA ASP E 29 -44.44 27.84 26.22
C ASP E 29 -43.03 28.41 25.99
N VAL E 30 -42.38 27.87 24.95
CA VAL E 30 -41.10 28.38 24.39
C VAL E 30 -41.35 28.80 22.94
N ILE E 31 -40.93 30.02 22.60
CA ILE E 31 -40.92 30.54 21.21
C ILE E 31 -39.45 30.68 20.78
N VAL E 32 -39.08 29.95 19.71
CA VAL E 32 -37.78 30.12 19.00
C VAL E 32 -38.03 31.10 17.85
N VAL E 33 -37.35 32.23 17.86
CA VAL E 33 -37.42 33.25 16.77
C VAL E 33 -36.27 32.99 15.79
N GLY E 34 -36.58 32.32 14.67
CA GLY E 34 -35.64 32.12 13.56
C GLY E 34 -35.60 30.67 13.14
N ASN E 35 -35.51 30.43 11.84
CA ASN E 35 -35.69 29.09 11.24
C ASN E 35 -34.46 28.72 10.39
N GLY E 36 -33.29 29.26 10.75
CA GLY E 36 -32.01 28.78 10.24
C GLY E 36 -31.56 27.56 11.00
N VAL E 37 -30.31 27.17 10.81
CA VAL E 37 -29.73 25.98 11.49
C VAL E 37 -29.78 26.14 13.02
N LEU E 38 -29.55 27.34 13.55
CA LEU E 38 -29.42 27.50 15.03
C LEU E 38 -30.81 27.42 15.66
N GLY E 39 -31.78 28.17 15.14
CA GLY E 39 -33.17 28.15 15.63
C GLY E 39 -33.76 26.74 15.58
N LEU E 40 -33.62 26.05 14.45
CA LEU E 40 -34.19 24.70 14.27
C LEU E 40 -33.43 23.68 15.10
N SER E 41 -32.10 23.81 15.24
CA SER E 41 -31.28 22.87 16.04
C SER E 41 -31.70 22.97 17.52
N VAL E 42 -31.87 24.19 18.03
CA VAL E 42 -32.29 24.40 19.45
C VAL E 42 -33.75 23.94 19.61
N GLY E 43 -34.61 24.24 18.63
CA GLY E 43 -36.02 23.77 18.62
C GLY E 43 -36.11 22.25 18.73
N VAL E 44 -35.31 21.54 17.93
CA VAL E 44 -35.29 20.06 17.93
C VAL E 44 -34.84 19.58 19.31
N GLU E 45 -33.77 20.15 19.88
CA GLU E 45 -33.21 19.70 21.17
C GLU E 45 -34.21 19.95 22.30
N ILE E 46 -34.88 21.12 22.32
CA ILE E 46 -35.91 21.44 23.34
C ILE E 46 -37.07 20.44 23.21
N ALA E 47 -37.63 20.28 22.01
CA ALA E 47 -38.82 19.43 21.76
C ALA E 47 -38.51 17.98 22.18
N ARG E 48 -37.30 17.49 21.88
CA ARG E 48 -36.92 16.09 22.15
C ARG E 48 -36.70 15.86 23.65
N THR E 49 -36.19 16.85 24.38
CA THR E 49 -35.61 16.67 25.74
C THR E 49 -36.61 17.19 26.80
N ARG E 50 -37.59 18.01 26.43
CA ARG E 50 -38.47 18.76 27.37
C ARG E 50 -39.91 18.42 27.04
N PRO E 51 -40.43 17.23 27.45
CA PRO E 51 -41.82 16.84 27.18
C PRO E 51 -42.85 17.74 27.87
N ASP E 52 -42.41 18.50 28.86
CA ASP E 52 -43.21 19.49 29.65
C ASP E 52 -43.44 20.78 28.86
N VAL E 53 -42.68 21.07 27.81
CA VAL E 53 -42.64 22.40 27.12
C VAL E 53 -43.36 22.29 25.77
N ARG E 54 -44.19 23.26 25.43
CA ARG E 54 -44.73 23.44 24.05
C ARG E 54 -43.81 24.40 23.29
N VAL E 55 -43.14 23.96 22.22
CA VAL E 55 -42.17 24.85 21.50
C VAL E 55 -42.73 25.22 20.13
N THR E 56 -42.81 26.53 19.88
CA THR E 56 -43.24 27.15 18.61
C THR E 56 -42.02 27.84 17.97
N LEU E 57 -41.75 27.58 16.69
CA LEU E 57 -40.61 28.16 15.95
C LEU E 57 -41.13 29.08 14.84
N LEU E 58 -40.71 30.35 14.86
CA LEU E 58 -41.10 31.42 13.92
C LEU E 58 -40.07 31.53 12.79
N GLY E 59 -40.52 32.10 11.66
CA GLY E 59 -39.71 32.25 10.43
C GLY E 59 -40.45 31.70 9.22
N LYS E 60 -40.19 32.28 8.05
CA LYS E 60 -40.91 32.00 6.79
C LYS E 60 -40.08 31.10 5.89
N PRO E 61 -40.72 30.31 5.00
CA PRO E 61 -39.97 29.46 4.09
C PRO E 61 -39.04 30.24 3.13
N ALA E 62 -39.28 31.52 2.88
CA ALA E 62 -38.41 32.38 2.02
C ALA E 62 -37.03 32.54 2.69
N ARG E 63 -36.96 32.49 4.02
CA ARG E 63 -35.68 32.62 4.79
C ARG E 63 -34.89 33.81 4.24
N GLN E 64 -35.52 34.98 4.25
CA GLN E 64 -34.89 36.24 3.78
C GLN E 64 -33.56 36.45 4.50
N TYR E 65 -32.50 36.78 3.73
CA TYR E 65 -31.12 37.03 4.22
C TYR E 65 -30.50 35.79 4.86
N GLY E 66 -31.16 34.63 4.78
CA GLY E 66 -30.77 33.43 5.54
C GLY E 66 -29.39 32.92 5.16
N ALA E 67 -28.49 32.78 6.14
CA ALA E 67 -27.12 32.27 5.93
C ALA E 67 -27.19 30.78 5.60
N THR E 68 -28.00 30.01 6.33
CA THR E 68 -27.97 28.53 6.27
C THR E 68 -28.24 28.03 4.85
N PRO E 69 -29.32 28.47 4.14
CA PRO E 69 -29.62 27.93 2.80
C PRO E 69 -28.56 28.28 1.75
N ALA E 70 -27.77 29.35 1.98
CA ALA E 70 -26.68 29.78 1.08
C ALA E 70 -25.39 29.02 1.37
N ALA E 71 -25.36 28.19 2.41
CA ALA E 71 -24.14 27.51 2.90
C ALA E 71 -23.97 26.17 2.18
N GLY E 72 -22.75 25.67 2.07
CA GLY E 72 -22.44 24.46 1.28
C GLY E 72 -23.05 23.18 1.86
N ALA E 73 -22.62 22.77 3.04
CA ALA E 73 -21.72 23.51 3.92
C ALA E 73 -20.62 22.58 4.41
N MET E 74 -19.47 23.17 4.70
CA MET E 74 -18.30 22.46 5.24
C MET E 74 -18.46 22.33 6.77
N LEU E 75 -18.17 21.16 7.31
CA LEU E 75 -18.07 20.96 8.77
C LEU E 75 -16.67 21.39 9.19
N GLY E 76 -16.42 22.69 9.07
CA GLY E 76 -15.09 23.33 9.12
C GLY E 76 -14.69 23.63 10.55
N ALA E 77 -13.65 22.92 11.00
CA ALA E 77 -12.96 23.11 12.29
C ALA E 77 -11.51 23.51 11.99
N PHE E 78 -10.72 22.58 11.44
CA PHE E 78 -9.31 22.83 11.07
C PHE E 78 -9.21 23.70 9.81
N GLY E 79 -10.12 23.52 8.83
CA GLY E 79 -10.15 24.33 7.61
C GLY E 79 -10.38 25.81 7.89
N GLU E 80 -11.03 26.14 9.02
CA GLU E 80 -11.30 27.54 9.43
C GLU E 80 -10.12 28.16 10.18
N VAL E 81 -9.05 27.41 10.45
CA VAL E 81 -7.90 27.94 11.25
C VAL E 81 -7.17 29.01 10.44
N THR E 82 -6.91 30.16 11.07
CA THR E 82 -5.97 31.19 10.56
C THR E 82 -4.93 31.49 11.64
N ALA E 83 -3.74 31.95 11.24
CA ALA E 83 -2.69 32.41 12.17
C ALA E 83 -3.27 33.50 13.08
N HIS E 84 -4.00 34.46 12.52
CA HIS E 84 -4.55 35.62 13.26
C HIS E 84 -5.54 35.16 14.35
N ALA E 85 -6.46 34.25 14.03
CA ALA E 85 -7.46 33.73 15.00
C ALA E 85 -6.75 33.03 16.18
N LEU E 86 -5.79 32.14 15.88
CA LEU E 86 -5.06 31.31 16.90
C LEU E 86 -4.02 32.14 17.67
N ALA E 87 -3.74 33.39 17.28
CA ALA E 87 -2.85 34.32 18.02
C ALA E 87 -3.60 34.98 19.17
N SER E 88 -4.94 34.83 19.27
CA SER E 88 -5.72 35.40 20.41
C SER E 88 -6.31 34.28 21.27
N GLU E 89 -6.46 34.54 22.56
CA GLU E 89 -7.06 33.60 23.53
C GLU E 89 -8.49 33.27 23.10
N HIS E 90 -9.28 34.30 22.74
CA HIS E 90 -10.69 34.12 22.31
C HIS E 90 -10.74 33.25 21.06
N GLY E 91 -9.82 33.45 20.11
CA GLY E 91 -9.71 32.64 18.88
C GLY E 91 -9.44 31.17 19.19
N ARG E 92 -8.47 30.90 20.07
CA ARG E 92 -8.14 29.51 20.48
C ARG E 92 -9.35 28.86 21.17
N LYS E 93 -10.10 29.64 21.97
CA LYS E 93 -11.31 29.13 22.67
C LYS E 93 -12.39 28.74 21.64
N LYS E 94 -12.61 29.61 20.65
CA LYS E 94 -13.58 29.37 19.55
C LYS E 94 -13.15 28.11 18.80
N HIS E 95 -11.86 27.97 18.50
CA HIS E 95 -11.33 26.79 17.76
C HIS E 95 -11.61 25.50 18.54
N ALA E 96 -11.36 25.51 19.86
CA ALA E 96 -11.58 24.33 20.74
C ALA E 96 -13.03 23.86 20.61
N LEU E 97 -13.98 24.79 20.63
CA LEU E 97 -15.43 24.49 20.52
C LEU E 97 -15.73 23.89 19.13
N ALA E 98 -15.10 24.37 18.06
CA ALA E 98 -15.28 23.81 16.70
C ALA E 98 -14.80 22.35 16.69
N VAL E 99 -13.67 22.06 17.31
CA VAL E 99 -13.13 20.67 17.34
C VAL E 99 -14.11 19.79 18.13
N GLN E 100 -14.66 20.29 19.24
CA GLN E 100 -15.65 19.53 20.06
C GLN E 100 -16.92 19.26 19.24
N ALA E 101 -17.43 20.26 18.51
CA ALA E 101 -18.66 20.14 17.70
C ALA E 101 -18.54 18.99 16.68
N GLN E 102 -17.36 18.83 16.07
CA GLN E 102 -17.13 17.81 15.02
C GLN E 102 -17.53 16.42 15.53
N ARG E 103 -17.23 16.12 16.81
CA ARG E 103 -17.47 14.78 17.42
C ARG E 103 -18.97 14.50 17.52
N LEU E 104 -19.83 15.52 17.58
CA LEU E 104 -21.30 15.34 17.74
C LEU E 104 -21.98 15.03 16.40
N TRP E 105 -21.35 15.33 15.26
CA TRP E 105 -22.06 15.33 13.96
C TRP E 105 -22.55 13.94 13.56
N PRO E 106 -21.76 12.84 13.69
CA PRO E 106 -22.23 11.53 13.23
C PRO E 106 -23.55 11.07 13.88
N GLU E 107 -23.68 11.16 15.20
CA GLU E 107 -24.92 10.73 15.92
C GLU E 107 -26.04 11.75 15.66
N TRP E 108 -25.72 13.04 15.57
CA TRP E 108 -26.72 14.11 15.24
C TRP E 108 -27.38 13.79 13.89
N ILE E 109 -26.57 13.52 12.87
CA ILE E 109 -27.06 13.18 11.50
C ILE E 109 -27.94 11.91 11.58
N GLU E 110 -27.46 10.85 12.23
CA GLU E 110 -28.25 9.60 12.43
C GLU E 110 -29.63 9.94 13.01
N SER E 111 -29.66 10.74 14.08
CA SER E 111 -30.89 11.12 14.82
C SER E 111 -31.84 11.92 13.93
N LEU E 112 -31.32 12.68 12.95
CA LEU E 112 -32.15 13.50 12.05
C LEU E 112 -32.65 12.65 10.87
N GLU E 113 -31.80 11.81 10.28
CA GLU E 113 -32.19 10.95 9.12
C GLU E 113 -33.19 9.87 9.58
N ALA E 114 -33.13 9.46 10.86
CA ALA E 114 -34.00 8.42 11.46
C ALA E 114 -35.47 8.81 11.34
N THR E 115 -35.80 10.11 11.29
CA THR E 115 -37.18 10.61 11.24
C THR E 115 -37.70 10.64 9.79
N GLY E 116 -36.85 10.26 8.82
CA GLY E 116 -37.20 10.30 7.39
C GLY E 116 -37.01 8.94 6.75
N THR E 117 -36.97 8.89 5.42
CA THR E 117 -36.81 7.65 4.60
C THR E 117 -35.71 7.90 3.55
N ALA E 118 -35.31 6.86 2.81
CA ALA E 118 -34.30 6.91 1.72
C ALA E 118 -34.57 8.10 0.81
N ALA E 119 -35.85 8.35 0.48
CA ALA E 119 -36.30 9.35 -0.52
C ALA E 119 -35.97 10.79 -0.07
N ASP E 120 -35.66 11.02 1.21
CA ASP E 120 -35.37 12.37 1.75
C ASP E 120 -33.93 12.79 1.41
N GLY E 121 -33.08 11.86 0.99
CA GLY E 121 -31.69 12.14 0.63
C GLY E 121 -30.78 12.17 1.85
N ARG E 122 -29.48 12.22 1.61
CA ARG E 122 -28.46 12.06 2.67
C ARG E 122 -27.96 13.44 3.08
N ILE E 123 -27.87 13.68 4.39
CA ILE E 123 -27.36 14.96 4.95
C ILE E 123 -25.87 15.08 4.66
N LYS E 124 -25.09 14.03 4.90
CA LYS E 124 -23.61 14.03 4.71
C LYS E 124 -23.29 13.90 3.22
N THR E 125 -22.43 14.77 2.68
CA THR E 125 -22.05 14.72 1.23
C THR E 125 -20.56 14.38 1.06
N ALA E 126 -19.75 14.49 2.12
CA ALA E 126 -18.31 14.12 2.08
C ALA E 126 -17.83 13.87 3.50
N ASP E 127 -16.81 13.02 3.65
CA ASP E 127 -16.21 12.68 4.96
C ASP E 127 -14.91 13.48 5.18
N ASP E 128 -14.19 13.80 4.10
CA ASP E 128 -12.82 14.37 4.16
C ASP E 128 -12.75 15.70 3.40
N THR E 129 -11.70 16.47 3.69
CA THR E 129 -11.42 17.78 3.07
C THR E 129 -9.97 17.78 2.56
N VAL E 130 -9.73 18.35 1.39
CA VAL E 130 -8.35 18.70 0.92
C VAL E 130 -8.24 20.23 0.93
N VAL E 131 -7.24 20.75 1.64
CA VAL E 131 -6.87 22.19 1.63
C VAL E 131 -5.75 22.34 0.61
N LEU E 132 -5.95 23.25 -0.36
CA LEU E 132 -4.99 23.48 -1.46
C LEU E 132 -4.26 24.80 -1.19
N LEU E 133 -2.98 24.84 -1.50
CA LEU E 133 -2.19 26.08 -1.45
C LEU E 133 -1.70 26.41 -2.87
N ASN E 134 -2.19 27.53 -3.41
CA ASN E 134 -1.77 28.09 -4.71
C ASN E 134 -1.21 29.50 -4.45
N THR E 135 -0.80 30.20 -5.51
CA THR E 135 -0.16 31.53 -5.38
C THR E 135 -1.13 32.63 -5.81
N VAL E 136 -2.42 32.34 -5.88
CA VAL E 136 -3.45 33.35 -6.28
C VAL E 136 -3.96 34.01 -4.99
N GLY E 137 -3.04 34.67 -4.28
CA GLY E 137 -3.34 35.27 -2.98
C GLY E 137 -2.07 35.81 -2.34
N HIS E 138 -2.23 36.41 -1.17
CA HIS E 138 -1.13 37.06 -0.42
C HIS E 138 -0.37 35.96 0.34
N SER E 139 0.95 35.92 0.24
CA SER E 139 1.79 35.04 1.09
C SER E 139 1.50 35.30 2.57
N ALA E 140 1.25 36.55 2.95
CA ALA E 140 1.04 36.94 4.37
C ALA E 140 -0.27 36.34 4.91
N LEU E 141 -1.22 35.94 4.06
CA LEU E 141 -2.43 35.20 4.52
C LEU E 141 -2.25 33.72 4.21
N ASP E 142 -2.14 33.35 2.94
CA ASP E 142 -2.25 31.94 2.49
C ASP E 142 -1.07 31.12 3.07
N ASP E 143 0.17 31.61 3.02
CA ASP E 143 1.34 30.82 3.50
C ASP E 143 1.24 30.70 5.04
N ALA E 144 0.96 31.82 5.73
CA ALA E 144 0.83 31.85 7.20
C ALA E 144 -0.32 30.92 7.63
N ASN E 145 -1.44 30.92 6.90
CA ASN E 145 -2.65 30.18 7.30
C ASN E 145 -2.44 28.68 7.06
N PHE E 146 -1.77 28.31 5.98
CA PHE E 146 -1.47 26.89 5.69
C PHE E 146 -0.63 26.31 6.83
N ALA E 147 0.39 27.06 7.27
CA ALA E 147 1.29 26.65 8.38
C ALA E 147 0.46 26.52 9.67
N ALA E 148 -0.45 27.45 9.94
CA ALA E 148 -1.32 27.46 11.14
C ALA E 148 -2.26 26.25 11.13
N VAL E 149 -2.82 25.89 9.98
CA VAL E 149 -3.71 24.70 9.84
C VAL E 149 -2.89 23.44 10.19
N LEU E 150 -1.71 23.28 9.60
CA LEU E 150 -0.80 22.13 9.84
C LEU E 150 -0.52 22.05 11.36
N THR E 151 -0.21 23.17 11.99
CA THR E 151 0.15 23.26 13.43
C THR E 151 -1.06 22.85 14.28
N ALA E 152 -2.25 23.37 13.98
CA ALA E 152 -3.49 23.08 14.74
C ALA E 152 -3.79 21.57 14.65
N LEU E 153 -3.63 20.97 13.46
CA LEU E 153 -3.87 19.52 13.23
C LEU E 153 -2.88 18.70 14.09
N LYS E 154 -1.61 19.11 14.13
CA LYS E 154 -0.54 18.39 14.89
C LYS E 154 -0.81 18.50 16.39
N GLU E 155 -1.14 19.70 16.89
CA GLU E 155 -1.46 19.94 18.32
C GLU E 155 -2.68 19.13 18.75
N ALA E 156 -3.69 18.94 17.88
CA ALA E 156 -4.96 18.25 18.22
C ALA E 156 -4.80 16.73 18.03
N ASN E 157 -3.68 16.27 17.46
CA ASN E 157 -3.47 14.87 17.06
C ASN E 157 -4.58 14.42 16.09
N ALA E 158 -5.07 15.32 15.23
CA ALA E 158 -6.11 15.01 14.22
C ALA E 158 -5.47 14.20 13.10
N PRO E 159 -6.18 13.19 12.54
CA PRO E 159 -5.65 12.43 11.42
C PRO E 159 -5.63 13.32 10.15
N HIS E 160 -4.48 13.37 9.48
CA HIS E 160 -4.23 14.26 8.31
C HIS E 160 -2.94 13.82 7.65
N GLU E 161 -2.72 14.20 6.39
CA GLU E 161 -1.37 14.12 5.79
C GLU E 161 -1.26 15.10 4.63
N GLU E 162 -0.07 15.67 4.53
CA GLU E 162 0.31 16.50 3.37
C GLU E 162 0.51 15.52 2.22
N ILE E 163 -0.17 15.73 1.10
CA ILE E 163 -0.15 14.79 -0.04
C ILE E 163 0.40 15.51 -1.28
N ALA E 164 0.84 14.72 -2.27
CA ALA E 164 1.22 15.23 -3.60
C ALA E 164 -0.01 15.85 -4.25
N VAL E 165 0.14 17.02 -4.88
CA VAL E 165 -0.99 17.66 -5.59
C VAL E 165 -1.48 16.74 -6.71
N GLU E 166 -0.58 16.03 -7.36
CA GLU E 166 -0.91 15.07 -8.45
C GLU E 166 -1.85 13.98 -7.92
N SER E 167 -1.90 13.73 -6.61
CA SER E 167 -2.77 12.69 -6.02
C SER E 167 -4.16 13.26 -5.69
N VAL E 168 -4.40 14.57 -5.80
CA VAL E 168 -5.75 15.14 -5.56
C VAL E 168 -6.62 14.78 -6.76
N ASP E 169 -7.71 14.03 -6.55
CA ASP E 169 -8.55 13.55 -7.67
C ASP E 169 -9.40 14.71 -8.18
N TRP E 170 -9.81 14.62 -9.45
CA TRP E 170 -10.90 15.41 -10.06
C TRP E 170 -10.40 16.80 -10.49
N ILE E 171 -9.66 17.54 -9.66
CA ILE E 171 -9.29 18.97 -9.94
C ILE E 171 -8.63 19.07 -11.32
N ASP E 172 -8.86 20.18 -12.01
CA ASP E 172 -8.24 20.46 -13.32
C ASP E 172 -7.99 21.96 -13.39
N PRO E 173 -7.06 22.48 -12.57
CA PRO E 173 -6.83 23.93 -12.53
C PRO E 173 -6.10 24.43 -13.77
N ASP E 174 -6.27 25.71 -14.08
CA ASP E 174 -5.30 26.47 -14.91
C ASP E 174 -3.91 26.25 -14.32
N PRO E 175 -2.89 25.78 -15.08
CA PRO E 175 -1.54 25.62 -14.54
C PRO E 175 -0.97 26.86 -13.85
N ASN E 176 -1.27 28.08 -14.32
CA ASN E 176 -0.76 29.32 -13.68
C ASN E 176 -1.50 29.60 -12.37
N SER E 177 -2.58 28.87 -12.06
CA SER E 177 -3.41 29.06 -10.84
C SER E 177 -3.39 27.79 -9.97
N ARG E 178 -2.50 26.85 -10.25
CA ARG E 178 -2.55 25.48 -9.68
C ARG E 178 -1.99 25.47 -8.26
N PRO E 179 -2.39 24.47 -7.45
CA PRO E 179 -1.81 24.28 -6.14
C PRO E 179 -0.44 23.63 -6.27
N LEU E 180 0.47 23.96 -5.38
CA LEU E 180 1.78 23.26 -5.28
C LEU E 180 1.86 22.48 -3.97
N ARG E 181 0.98 22.75 -3.00
CA ARG E 181 0.85 21.92 -1.77
C ARG E 181 -0.64 21.60 -1.52
N ALA E 182 -0.88 20.46 -0.90
CA ALA E 182 -2.22 19.93 -0.59
C ALA E 182 -2.16 19.19 0.74
N LEU E 183 -3.22 19.31 1.52
CA LEU E 183 -3.35 18.76 2.88
C LEU E 183 -4.69 18.02 2.94
N HIS E 184 -4.65 16.70 3.14
CA HIS E 184 -5.84 15.83 3.32
C HIS E 184 -6.19 15.79 4.81
N ILE E 185 -7.38 16.26 5.17
CA ILE E 185 -7.91 16.22 6.56
C ILE E 185 -9.00 15.16 6.62
N GLU E 186 -8.77 14.11 7.41
CA GLU E 186 -9.67 12.95 7.53
C GLU E 186 -10.76 13.27 8.55
N GLY E 187 -12.02 12.96 8.24
CA GLY E 187 -13.15 13.13 9.17
C GLY E 187 -13.59 14.57 9.29
N GLU E 188 -13.13 15.45 8.41
CA GLU E 188 -13.65 16.84 8.31
C GLU E 188 -14.36 16.94 6.96
N GLY E 189 -15.68 16.97 6.99
CA GLY E 189 -16.51 16.71 5.80
C GLY E 189 -17.47 17.84 5.50
N SER E 190 -18.61 17.48 4.92
CA SER E 190 -19.62 18.46 4.47
C SER E 190 -21.01 17.84 4.57
N VAL E 191 -22.00 18.71 4.67
CA VAL E 191 -23.44 18.36 4.67
C VAL E 191 -24.12 19.20 3.59
N ASP E 192 -25.22 18.69 3.06
CA ASP E 192 -26.13 19.47 2.18
C ASP E 192 -27.02 20.31 3.10
N SER E 193 -26.83 21.63 3.08
CA SER E 193 -27.51 22.58 3.98
C SER E 193 -29.03 22.50 3.78
N GLY E 194 -29.51 22.30 2.55
CA GLY E 194 -30.95 22.20 2.21
C GLY E 194 -31.57 20.92 2.78
N ILE E 195 -30.86 19.80 2.67
CA ILE E 195 -31.30 18.50 3.23
C ILE E 195 -31.24 18.57 4.77
N LEU E 196 -30.23 19.26 5.31
CA LEU E 196 -30.13 19.47 6.78
C LEU E 196 -31.35 20.25 7.26
N LEU E 197 -31.69 21.38 6.61
CA LEU E 197 -32.85 22.22 7.02
C LEU E 197 -34.15 21.38 6.94
N ALA E 198 -34.35 20.61 5.87
CA ALA E 198 -35.55 19.75 5.69
C ALA E 198 -35.59 18.72 6.82
N ALA E 199 -34.45 18.08 7.14
CA ALA E 199 -34.35 17.03 8.18
C ALA E 199 -34.64 17.64 9.56
N LEU E 200 -34.18 18.88 9.81
CA LEU E 200 -34.40 19.55 11.11
C LEU E 200 -35.89 19.87 11.25
N GLU E 201 -36.54 20.41 10.22
CA GLU E 201 -37.99 20.74 10.26
C GLU E 201 -38.79 19.46 10.52
N ARG E 202 -38.50 18.39 9.79
CA ARG E 202 -39.18 17.08 9.90
C ARG E 202 -38.97 16.54 11.32
N SER E 203 -37.74 16.59 11.85
CA SER E 203 -37.39 16.06 13.19
C SER E 203 -38.11 16.91 14.27
N PHE E 204 -38.21 18.22 14.05
CA PHE E 204 -38.86 19.17 14.98
C PHE E 204 -40.34 18.82 15.10
N LEU E 205 -41.03 18.63 13.96
CA LEU E 205 -42.46 18.26 13.90
C LEU E 205 -42.68 16.89 14.56
N GLN E 206 -41.82 15.91 14.27
CA GLN E 206 -41.94 14.54 14.83
C GLN E 206 -41.87 14.57 16.36
N ALA E 207 -41.13 15.53 16.93
CA ALA E 207 -40.89 15.63 18.39
C ALA E 207 -41.95 16.52 19.05
N GLY E 208 -42.93 17.00 18.29
CA GLY E 208 -44.08 17.76 18.82
C GLY E 208 -43.91 19.26 18.66
N GLY E 209 -42.88 19.71 17.95
CA GLY E 209 -42.69 21.15 17.68
C GLY E 209 -43.74 21.69 16.76
N ARG E 210 -44.05 22.99 16.88
CA ARG E 210 -45.03 23.71 16.02
C ARG E 210 -44.26 24.75 15.18
N LEU E 211 -44.39 24.67 13.84
CA LEU E 211 -43.82 25.66 12.88
C LEU E 211 -44.90 26.70 12.57
N HIS E 212 -44.68 27.95 12.96
CA HIS E 212 -45.62 29.07 12.72
C HIS E 212 -44.93 30.03 11.76
N PRO E 213 -45.26 30.00 10.44
CA PRO E 213 -44.48 30.71 9.43
C PRO E 213 -44.79 32.20 9.36
N VAL E 214 -44.53 32.92 10.44
CA VAL E 214 -44.58 34.41 10.50
C VAL E 214 -43.26 34.86 11.12
N ASP E 215 -42.96 36.16 11.03
CA ASP E 215 -41.76 36.77 11.65
C ASP E 215 -42.18 37.46 12.95
N ALA E 216 -41.29 37.44 13.95
CA ALA E 216 -41.41 38.28 15.16
C ALA E 216 -41.16 39.73 14.74
N THR E 217 -42.01 40.67 15.17
CA THR E 217 -41.77 42.13 15.02
C THR E 217 -41.21 42.69 16.32
N GLU E 218 -41.58 42.10 17.47
CA GLU E 218 -41.27 42.70 18.79
C GLU E 218 -41.28 41.60 19.86
N ILE E 219 -40.28 41.64 20.75
CA ILE E 219 -40.27 40.86 22.01
C ILE E 219 -40.90 41.73 23.09
N ARG E 220 -41.96 41.26 23.73
CA ARG E 220 -42.59 42.02 24.85
C ARG E 220 -42.04 41.47 26.17
N ALA E 221 -41.63 42.39 27.04
CA ALA E 221 -41.13 42.12 28.41
C ALA E 221 -41.60 43.25 29.33
N SER E 222 -41.75 42.94 30.62
CA SER E 222 -41.91 43.92 31.72
C SER E 222 -41.65 43.19 33.04
N HIS E 223 -41.30 43.93 34.09
CA HIS E 223 -40.79 43.38 35.37
C HIS E 223 -39.64 42.42 35.05
N GLY E 224 -38.75 42.83 34.12
CA GLY E 224 -37.49 42.14 33.74
C GLY E 224 -37.68 40.71 33.28
N ARG E 225 -38.80 40.42 32.61
CA ARG E 225 -39.25 39.03 32.30
C ARG E 225 -39.93 39.02 30.94
N VAL E 226 -39.66 38.03 30.09
CA VAL E 226 -40.33 37.93 28.76
C VAL E 226 -41.79 37.53 28.98
N GLU E 227 -42.71 38.16 28.25
CA GLU E 227 -44.15 37.86 28.19
C GLU E 227 -44.49 37.13 26.88
N GLY E 228 -43.76 37.42 25.80
CA GLY E 228 -43.90 36.72 24.50
C GLY E 228 -43.49 37.62 23.35
N VAL E 229 -44.11 37.37 22.19
CA VAL E 229 -43.66 37.92 20.88
C VAL E 229 -44.88 38.42 20.09
N VAL E 230 -44.85 39.68 19.65
CA VAL E 230 -45.75 40.23 18.61
C VAL E 230 -45.21 39.76 17.25
N THR E 231 -46.09 39.23 16.39
CA THR E 231 -45.74 38.72 15.04
C THR E 231 -46.19 39.74 13.98
N ASP E 232 -45.73 39.57 12.73
CA ASP E 232 -45.92 40.58 11.66
C ASP E 232 -47.31 40.43 11.03
N ASP E 233 -48.10 39.45 11.44
CA ASP E 233 -49.54 39.35 11.09
C ASP E 233 -50.38 40.03 12.19
N GLY E 234 -49.75 40.77 13.12
CA GLY E 234 -50.43 41.59 14.14
C GLY E 234 -50.80 40.80 15.40
N ASP E 235 -50.54 39.51 15.44
CA ASP E 235 -50.93 38.61 16.56
C ASP E 235 -49.93 38.79 17.73
N PHE E 236 -50.29 38.34 18.93
CA PHE E 236 -49.40 38.25 20.12
C PHE E 236 -49.35 36.81 20.60
N LEU E 237 -48.16 36.23 20.72
CA LEU E 237 -47.96 34.84 21.21
C LEU E 237 -47.35 34.92 22.60
N PRO E 238 -48.02 34.39 23.65
CA PRO E 238 -47.47 34.41 25.00
C PRO E 238 -46.42 33.32 25.18
N ALA E 239 -45.40 33.56 26.01
CA ALA E 239 -44.35 32.57 26.33
C ALA E 239 -43.61 32.98 27.59
N GLY E 240 -43.11 31.99 28.32
CA GLY E 240 -42.16 32.17 29.44
C GLY E 240 -40.73 32.25 28.94
N HIS E 241 -40.45 31.64 27.77
CA HIS E 241 -39.09 31.59 27.17
C HIS E 241 -39.13 32.02 25.70
N VAL E 242 -38.24 32.94 25.31
CA VAL E 242 -37.99 33.35 23.91
C VAL E 242 -36.51 33.16 23.61
N VAL E 243 -36.21 32.30 22.63
CA VAL E 243 -34.85 32.05 22.09
C VAL E 243 -34.75 32.80 20.76
N VAL E 244 -33.92 33.83 20.71
CA VAL E 244 -33.63 34.61 19.48
C VAL E 244 -32.47 33.94 18.73
N ALA E 245 -32.77 33.38 17.56
CA ALA E 245 -31.78 32.81 16.60
C ALA E 245 -32.18 33.30 15.21
N ALA E 246 -32.27 34.63 15.06
CA ALA E 246 -32.77 35.30 13.85
C ALA E 246 -31.60 35.72 12.95
N GLY E 247 -30.46 35.03 13.03
CA GLY E 247 -29.26 35.37 12.26
C GLY E 247 -28.86 36.82 12.44
N ALA E 248 -28.58 37.53 11.35
CA ALA E 248 -28.03 38.91 11.40
C ALA E 248 -29.07 39.89 11.97
N ARG E 249 -30.33 39.50 12.15
CA ARG E 249 -31.39 40.38 12.70
C ARG E 249 -31.49 40.24 14.23
N SER E 250 -30.71 39.35 14.85
CA SER E 250 -30.90 38.91 16.26
C SER E 250 -30.72 40.08 17.24
N GLN E 251 -29.66 40.87 17.10
CA GLN E 251 -29.39 41.98 18.05
C GLN E 251 -30.39 43.13 17.80
N ARG E 252 -30.73 43.43 16.54
CA ARG E 252 -31.69 44.53 16.23
C ARG E 252 -33.01 44.20 16.90
N LEU E 253 -33.41 42.93 16.99
CA LEU E 253 -34.70 42.51 17.60
C LEU E 253 -34.67 42.77 19.12
N VAL E 254 -33.57 42.44 19.80
CA VAL E 254 -33.47 42.53 21.29
C VAL E 254 -33.10 43.94 21.74
N ALA E 255 -32.48 44.75 20.87
CA ALA E 255 -31.96 46.10 21.18
C ALA E 255 -33.10 47.07 21.51
N ALA E 256 -34.33 46.72 21.15
CA ALA E 256 -35.55 47.50 21.45
C ALA E 256 -35.82 47.51 22.97
N LEU E 257 -35.46 46.44 23.67
CA LEU E 257 -35.72 46.25 25.14
C LEU E 257 -34.83 47.19 25.95
N PRO E 258 -35.30 47.66 27.13
CA PRO E 258 -34.57 48.66 27.93
C PRO E 258 -33.08 48.37 28.19
N GLY E 259 -32.19 49.30 27.80
CA GLY E 259 -30.74 49.24 28.06
C GLY E 259 -29.97 48.34 27.11
N LEU E 260 -30.64 47.42 26.40
CA LEU E 260 -30.00 46.28 25.69
C LEU E 260 -29.27 46.75 24.42
N ALA E 261 -29.56 47.96 23.92
CA ALA E 261 -28.94 48.54 22.70
C ALA E 261 -27.41 48.62 22.88
N HIS E 262 -26.93 48.85 24.10
CA HIS E 262 -25.50 49.04 24.43
C HIS E 262 -24.98 47.88 25.29
N ARG E 263 -25.74 46.80 25.42
CA ARG E 263 -25.40 45.63 26.25
C ARG E 263 -25.31 44.34 25.43
N ILE E 264 -25.99 44.27 24.28
CA ILE E 264 -25.88 43.16 23.30
C ILE E 264 -25.02 43.66 22.14
N PRO E 265 -23.81 43.11 21.92
CA PRO E 265 -22.97 43.56 20.82
C PRO E 265 -23.74 43.52 19.49
N ARG E 266 -23.59 44.57 18.69
CA ARG E 266 -24.21 44.66 17.35
C ARG E 266 -23.78 43.45 16.50
N ILE E 267 -24.71 43.01 15.65
CA ILE E 267 -24.48 41.95 14.64
C ILE E 267 -24.79 42.56 13.27
N TYR E 268 -23.82 42.52 12.36
CA TYR E 268 -23.96 43.06 10.99
C TYR E 268 -24.12 41.89 10.01
N ASP E 269 -24.37 42.21 8.75
CA ASP E 269 -24.57 41.22 7.66
C ASP E 269 -23.23 40.95 6.96
N GLY E 270 -22.66 39.76 7.16
CA GLY E 270 -21.53 39.26 6.35
C GLY E 270 -22.09 38.64 5.08
N VAL E 271 -22.40 39.49 4.10
CA VAL E 271 -23.17 39.07 2.88
C VAL E 271 -22.27 38.15 2.08
N GLY E 272 -22.75 36.94 1.84
CA GLY E 272 -22.02 35.86 1.16
C GLY E 272 -22.75 35.39 -0.10
N VAL E 273 -21.99 35.22 -1.16
CA VAL E 273 -22.52 34.72 -2.46
C VAL E 273 -21.90 33.35 -2.73
N SER E 274 -22.76 32.41 -3.10
CA SER E 274 -22.38 31.03 -3.48
C SER E 274 -23.21 30.63 -4.70
N ALA E 275 -22.94 29.48 -5.27
CA ALA E 275 -23.68 29.04 -6.48
C ALA E 275 -23.76 27.53 -6.52
N LEU E 276 -24.87 27.04 -7.10
CA LEU E 276 -25.06 25.62 -7.46
C LEU E 276 -24.85 25.51 -8.97
N VAL E 277 -24.01 24.57 -9.35
CA VAL E 277 -23.58 24.36 -10.76
C VAL E 277 -23.84 22.89 -11.07
N ASP E 278 -24.48 22.61 -12.21
CA ASP E 278 -24.56 21.24 -12.80
C ASP E 278 -23.31 21.01 -13.63
N THR E 279 -22.45 20.10 -13.22
CA THR E 279 -21.14 19.92 -13.89
C THR E 279 -21.37 19.36 -15.31
N TRP E 280 -20.49 19.73 -16.22
CA TRP E 280 -20.47 19.35 -17.66
C TRP E 280 -20.70 17.83 -17.82
N ASP E 281 -20.17 16.98 -16.94
CA ASP E 281 -20.20 15.50 -17.10
C ASP E 281 -20.94 14.81 -15.94
N GLY E 282 -21.59 15.57 -15.05
CA GLY E 282 -22.28 15.01 -13.88
C GLY E 282 -21.33 14.60 -12.76
N SER E 283 -20.01 14.74 -12.92
CA SER E 283 -19.02 14.33 -11.90
C SER E 283 -18.92 15.43 -10.82
N GLY E 284 -18.24 15.09 -9.74
CA GLY E 284 -17.91 15.97 -8.60
C GLY E 284 -16.75 15.36 -7.84
N PRO E 285 -16.05 16.11 -6.98
CA PRO E 285 -14.97 15.53 -6.19
C PRO E 285 -15.56 14.71 -5.03
N ALA E 286 -14.77 13.76 -4.53
CA ALA E 286 -15.17 12.87 -3.41
C ALA E 286 -14.97 13.60 -2.09
N THR E 287 -14.11 14.62 -2.05
CA THR E 287 -13.83 15.42 -0.83
C THR E 287 -14.26 16.87 -1.03
N VAL E 288 -14.44 17.58 0.08
CA VAL E 288 -14.41 19.06 0.06
C VAL E 288 -13.05 19.47 -0.52
N LEU E 289 -13.05 20.52 -1.34
CA LEU E 289 -11.81 21.18 -1.82
C LEU E 289 -11.88 22.62 -1.31
N ARG E 290 -10.86 23.12 -0.61
CA ARG E 290 -10.90 24.50 -0.10
C ARG E 290 -9.50 25.10 -0.04
N THR E 291 -9.47 26.42 0.00
CA THR E 291 -8.32 27.22 0.48
C THR E 291 -8.55 27.52 1.94
N SER E 292 -7.53 28.02 2.62
CA SER E 292 -7.73 28.68 3.94
C SER E 292 -8.50 29.98 3.70
N ASN E 293 -8.99 30.58 4.78
CA ASN E 293 -9.76 31.84 4.76
C ASN E 293 -8.87 32.92 4.14
N ARG E 294 -9.48 33.77 3.32
CA ARG E 294 -8.76 34.76 2.47
C ARG E 294 -9.25 36.15 2.87
N ALA E 295 -8.98 37.17 2.04
CA ALA E 295 -9.15 38.59 2.38
C ALA E 295 -10.55 38.84 2.97
N PHE E 296 -10.60 39.43 4.17
CA PHE E 296 -11.84 39.89 4.83
C PHE E 296 -12.84 38.74 4.96
N ALA E 297 -12.32 37.57 5.28
CA ALA E 297 -13.07 36.36 5.71
C ALA E 297 -13.92 35.80 4.56
N CYS E 298 -13.49 35.97 3.32
CA CYS E 298 -14.03 35.13 2.22
C CYS E 298 -13.11 33.91 2.10
N GLY E 299 -13.33 33.08 1.09
CA GLY E 299 -12.52 31.89 0.84
C GLY E 299 -13.10 31.13 -0.34
N LEU E 300 -12.32 30.23 -0.89
CA LEU E 300 -12.74 29.46 -2.08
C LEU E 300 -12.93 28.00 -1.66
N HIS E 301 -14.05 27.42 -2.02
CA HIS E 301 -14.31 25.99 -1.73
C HIS E 301 -15.34 25.44 -2.69
N LEU E 302 -15.27 24.12 -2.83
CA LEU E 302 -16.26 23.30 -3.55
C LEU E 302 -16.74 22.23 -2.57
N VAL E 303 -18.05 22.16 -2.37
CA VAL E 303 -18.72 21.16 -1.50
C VAL E 303 -19.50 20.21 -2.40
N PRO E 304 -19.21 18.90 -2.33
CA PRO E 304 -19.95 17.90 -3.11
C PRO E 304 -21.44 17.96 -2.81
N ARG E 305 -22.26 17.72 -3.83
CA ARG E 305 -23.73 17.54 -3.72
C ARG E 305 -24.08 16.28 -4.52
N ALA E 306 -25.23 15.67 -4.22
CA ALA E 306 -25.76 14.51 -4.98
C ALA E 306 -26.31 15.00 -6.32
N GLY E 307 -26.42 14.10 -7.30
CA GLY E 307 -27.21 14.32 -8.53
C GLY E 307 -26.52 15.21 -9.56
N GLY E 308 -25.19 15.20 -9.64
CA GLY E 308 -24.44 15.90 -10.70
C GLY E 308 -24.35 17.41 -10.48
N SER E 309 -24.68 17.88 -9.28
CA SER E 309 -24.55 19.30 -8.84
C SER E 309 -23.27 19.45 -8.00
N VAL E 310 -22.61 20.61 -8.04
CA VAL E 310 -21.60 20.99 -7.01
C VAL E 310 -21.98 22.35 -6.47
N TYR E 311 -21.60 22.61 -5.23
CA TYR E 311 -21.72 23.92 -4.57
C TYR E 311 -20.35 24.59 -4.67
N ILE E 312 -20.32 25.86 -5.06
CA ILE E 312 -19.08 26.67 -5.00
C ILE E 312 -19.36 27.89 -4.15
N GLY E 313 -18.40 28.21 -3.30
CA GLY E 313 -18.45 29.39 -2.44
C GLY E 313 -17.05 29.87 -2.12
N ALA E 314 -16.97 30.96 -1.37
CA ALA E 314 -18.09 31.82 -1.04
C ALA E 314 -17.52 33.19 -0.72
N THR E 315 -18.17 34.23 -1.21
CA THR E 315 -17.72 35.63 -1.01
C THR E 315 -18.13 36.05 0.42
N ASN E 316 -17.57 37.15 0.87
CA ASN E 316 -17.98 37.78 2.15
C ASN E 316 -17.74 39.28 2.03
N ALA E 317 -18.73 40.07 2.39
CA ALA E 317 -18.60 41.54 2.52
C ALA E 317 -19.45 41.97 3.70
N VAL E 318 -18.83 42.56 4.70
CA VAL E 318 -19.59 43.09 5.86
C VAL E 318 -20.35 44.33 5.39
N CYS E 319 -21.68 44.33 5.54
CA CYS E 319 -22.55 45.45 5.16
C CYS E 319 -23.25 45.98 6.42
N LEU E 320 -23.27 47.30 6.59
CA LEU E 320 -23.91 47.97 7.75
C LEU E 320 -25.43 47.90 7.63
N GLU E 321 -25.95 47.57 6.45
CA GLU E 321 -27.39 47.30 6.20
C GLU E 321 -27.51 45.99 5.41
N PRO E 322 -28.61 45.23 5.60
CA PRO E 322 -28.81 43.98 4.88
C PRO E 322 -28.87 44.16 3.35
N ARG E 323 -28.43 43.13 2.65
CA ARG E 323 -28.49 43.06 1.17
C ARG E 323 -28.82 41.63 0.81
N GLY E 324 -29.81 41.45 -0.05
CA GLY E 324 -30.35 40.12 -0.41
C GLY E 324 -30.02 39.74 -1.83
N ALA E 325 -29.24 40.54 -2.54
CA ALA E 325 -28.84 40.25 -3.95
C ALA E 325 -27.32 40.30 -4.07
N ALA E 326 -26.77 39.40 -4.88
CA ALA E 326 -25.34 39.36 -5.24
C ALA E 326 -25.02 40.60 -6.05
N SER E 327 -23.83 41.16 -5.86
CA SER E 327 -23.29 42.21 -6.75
C SER E 327 -22.65 41.50 -7.95
N ILE E 328 -22.50 42.21 -9.07
CA ILE E 328 -21.78 41.68 -10.26
C ILE E 328 -20.39 41.21 -9.81
N GLU E 329 -19.66 42.06 -9.09
CA GLU E 329 -18.27 41.81 -8.64
C GLU E 329 -18.17 40.46 -7.91
N GLU E 330 -19.12 40.18 -7.02
CA GLU E 330 -19.14 38.95 -6.19
C GLU E 330 -19.28 37.72 -7.09
N THR E 331 -20.23 37.77 -8.01
CA THR E 331 -20.49 36.67 -8.96
C THR E 331 -19.21 36.39 -9.77
N VAL E 332 -18.59 37.44 -10.31
CA VAL E 332 -17.40 37.28 -11.19
C VAL E 332 -16.23 36.71 -10.37
N ALA E 333 -16.00 37.20 -9.16
CA ALA E 333 -14.84 36.77 -8.34
C ALA E 333 -15.02 35.29 -7.96
N LEU E 334 -16.22 34.90 -7.54
CA LEU E 334 -16.52 33.49 -7.15
C LEU E 334 -16.25 32.58 -8.35
N PHE E 335 -16.85 32.90 -9.50
CA PHE E 335 -16.75 32.05 -10.72
C PHE E 335 -15.30 32.02 -11.19
N ASN E 336 -14.63 33.17 -11.25
CA ASN E 336 -13.26 33.24 -11.78
C ASN E 336 -12.32 32.38 -10.92
N CYS E 337 -12.42 32.49 -9.60
CA CYS E 337 -11.54 31.73 -8.67
C CYS E 337 -11.81 30.21 -8.83
N ALA E 338 -13.06 29.78 -8.87
CA ALA E 338 -13.41 28.34 -8.94
C ALA E 338 -12.92 27.73 -10.26
N THR E 339 -13.13 28.42 -11.39
CA THR E 339 -12.79 27.89 -12.74
C THR E 339 -11.27 27.82 -12.90
N HIS E 340 -10.51 28.76 -12.34
CA HIS E 340 -9.04 28.82 -12.48
C HIS E 340 -8.37 27.89 -11.47
N GLN E 341 -8.79 27.94 -10.21
CA GLN E 341 -8.03 27.32 -9.10
C GLN E 341 -8.52 25.89 -8.83
N LEU E 342 -9.76 25.52 -9.19
CA LEU E 342 -10.30 24.17 -8.86
C LEU E 342 -10.50 23.36 -10.13
N HIS E 343 -11.34 23.80 -11.07
CA HIS E 343 -11.68 22.99 -12.27
C HIS E 343 -12.13 23.87 -13.43
N ARG E 344 -11.35 23.87 -14.50
CA ARG E 344 -11.65 24.65 -15.73
C ARG E 344 -12.94 24.17 -16.39
N GLY E 345 -13.32 22.92 -16.18
CA GLY E 345 -14.58 22.34 -16.69
C GLY E 345 -15.80 23.05 -16.13
N LEU E 346 -15.69 23.70 -14.95
CA LEU E 346 -16.82 24.49 -14.39
C LEU E 346 -17.17 25.64 -15.33
N ASN E 347 -16.23 26.09 -16.16
CA ASN E 347 -16.44 27.17 -17.13
C ASN E 347 -17.60 26.84 -18.07
N GLY E 348 -17.66 25.59 -18.53
CA GLY E 348 -18.68 25.12 -19.49
C GLY E 348 -19.85 24.50 -18.78
N SER E 349 -19.89 24.56 -17.46
CA SER E 349 -20.95 23.93 -16.65
C SER E 349 -22.12 24.92 -16.54
N GLU E 350 -23.33 24.42 -16.31
CA GLU E 350 -24.56 25.24 -16.26
C GLU E 350 -24.76 25.79 -14.84
N LEU E 351 -24.97 27.10 -14.76
CA LEU E 351 -25.36 27.82 -13.52
C LEU E 351 -26.82 27.50 -13.22
N ARG E 352 -27.09 26.84 -12.10
CA ARG E 352 -28.48 26.55 -11.70
C ARG E 352 -28.96 27.63 -10.72
N LYS E 353 -28.11 28.12 -9.82
CA LYS E 353 -28.61 29.08 -8.81
C LYS E 353 -27.46 29.91 -8.24
N VAL E 354 -27.65 31.21 -8.17
CA VAL E 354 -26.80 32.15 -7.39
C VAL E 354 -27.51 32.32 -6.04
N GLN E 355 -26.82 32.01 -4.94
CA GLN E 355 -27.41 32.05 -3.57
C GLN E 355 -26.73 33.21 -2.82
N VAL E 356 -27.51 33.89 -1.99
CA VAL E 356 -27.06 35.05 -1.17
C VAL E 356 -27.64 34.87 0.23
N GLY E 357 -26.79 34.99 1.24
CA GLY E 357 -27.18 34.93 2.66
C GLY E 357 -26.27 35.80 3.49
N SER E 358 -26.73 36.16 4.69
CA SER E 358 -26.01 37.05 5.64
C SER E 358 -25.43 36.22 6.78
N ARG E 359 -24.13 36.00 6.77
CA ARG E 359 -23.39 35.49 7.95
C ARG E 359 -23.60 36.51 9.07
N PRO E 360 -24.11 36.08 10.25
CA PRO E 360 -24.22 37.00 11.38
C PRO E 360 -22.84 37.40 11.90
N ALA E 361 -22.44 38.64 11.62
CA ALA E 361 -21.07 39.17 11.85
C ALA E 361 -21.07 40.01 13.12
N PRO E 362 -20.61 39.46 14.25
CA PRO E 362 -20.58 40.23 15.51
C PRO E 362 -19.50 41.33 15.47
N ILE E 363 -19.83 42.52 15.97
CA ILE E 363 -18.94 43.72 15.95
C ILE E 363 -17.64 43.47 16.71
N ASP E 364 -17.60 42.55 17.68
CA ASP E 364 -16.38 42.26 18.49
C ASP E 364 -15.76 40.92 18.07
N GLY E 365 -16.31 40.27 17.05
CA GLY E 365 -15.65 39.12 16.39
C GLY E 365 -16.00 37.79 17.02
N PHE E 366 -16.89 37.73 18.01
CA PHE E 366 -17.21 36.46 18.71
C PHE E 366 -18.71 36.27 18.85
N PRO E 367 -19.17 35.01 18.91
CA PRO E 367 -20.59 34.71 18.97
C PRO E 367 -21.28 35.21 20.25
N LEU E 368 -22.60 35.17 20.18
CA LEU E 368 -23.55 35.59 21.24
C LEU E 368 -24.44 34.39 21.56
N ILE E 369 -24.08 33.65 22.60
CA ILE E 369 -24.68 32.32 22.93
C ILE E 369 -25.00 32.30 24.43
N GLY E 370 -26.27 32.26 24.79
CA GLY E 370 -26.68 32.00 26.19
C GLY E 370 -27.74 32.96 26.65
N GLY E 371 -27.75 33.22 27.95
CA GLY E 371 -28.82 33.94 28.67
C GLY E 371 -28.56 35.44 28.67
N THR E 372 -29.53 36.18 29.16
CA THR E 372 -29.68 37.64 29.10
C THR E 372 -30.04 38.08 30.53
N SER E 373 -30.03 39.37 30.83
CA SER E 373 -30.50 39.96 32.10
C SER E 373 -32.03 39.94 32.15
N VAL E 374 -32.69 39.66 31.03
CA VAL E 374 -34.17 39.49 30.94
C VAL E 374 -34.50 38.01 31.13
N GLU E 375 -35.30 37.72 32.15
CA GLU E 375 -35.67 36.34 32.55
C GLU E 375 -36.42 35.69 31.37
N GLY E 376 -36.01 34.48 31.00
CA GLY E 376 -36.55 33.71 29.86
C GLY E 376 -36.09 34.17 28.48
N LEU E 377 -35.22 35.20 28.38
CA LEU E 377 -34.69 35.67 27.05
C LEU E 377 -33.30 35.06 26.81
N TRP E 378 -33.18 34.31 25.72
CA TRP E 378 -31.95 33.60 25.28
C TRP E 378 -31.59 34.05 23.86
N MET E 379 -30.30 33.93 23.51
CA MET E 379 -29.76 34.31 22.19
C MET E 379 -28.83 33.20 21.70
N LEU E 380 -28.94 32.87 20.40
CA LEU E 380 -27.99 32.03 19.65
C LEU E 380 -27.72 32.75 18.33
N SER E 381 -26.62 33.50 18.24
CA SER E 381 -26.31 34.31 17.03
C SER E 381 -24.84 34.72 16.99
N GLY E 382 -24.47 35.48 15.97
CA GLY E 382 -23.13 36.04 15.78
C GLY E 382 -22.09 34.97 15.47
N THR E 383 -22.49 33.87 14.83
CA THR E 383 -21.58 32.74 14.55
C THR E 383 -20.82 32.92 13.22
N TYR E 384 -21.11 33.96 12.44
CA TYR E 384 -20.28 34.36 11.26
C TYR E 384 -20.12 33.15 10.31
N ARG E 385 -18.94 32.57 10.21
CA ARG E 385 -18.58 31.56 9.16
C ARG E 385 -18.87 30.11 9.62
N ASP E 386 -19.17 29.84 10.90
CA ASP E 386 -19.16 28.41 11.36
C ASP E 386 -20.23 28.10 12.41
N GLY E 387 -21.34 28.84 12.42
CA GLY E 387 -22.52 28.51 13.24
C GLY E 387 -23.12 27.16 12.85
N LEU E 388 -23.22 26.88 11.55
CA LEU E 388 -23.81 25.61 11.07
C LEU E 388 -22.95 24.45 11.60
N HIS E 389 -21.62 24.52 11.45
CA HIS E 389 -20.70 23.49 11.98
C HIS E 389 -20.91 23.33 13.50
N MET E 390 -21.03 24.42 14.24
CA MET E 390 -21.06 24.38 15.72
C MET E 390 -22.47 24.05 16.23
N SER E 391 -23.49 24.04 15.36
CA SER E 391 -24.93 24.02 15.74
C SER E 391 -25.24 22.94 16.77
N PRO E 392 -24.85 21.64 16.62
CA PRO E 392 -25.27 20.64 17.60
C PRO E 392 -24.72 20.97 19.00
N LEU E 393 -23.49 21.47 19.07
CA LEU E 393 -22.85 21.85 20.35
C LEU E 393 -23.57 23.07 20.94
N LEU E 394 -23.83 24.10 20.13
CA LEU E 394 -24.46 25.36 20.61
C LEU E 394 -25.89 25.07 21.10
N ALA E 395 -26.63 24.22 20.39
CA ALA E 395 -28.02 23.85 20.71
C ALA E 395 -28.04 23.18 22.08
N ARG E 396 -27.15 22.21 22.30
CA ARG E 396 -27.07 21.43 23.55
C ARG E 396 -26.65 22.34 24.69
N HIS E 397 -25.72 23.25 24.45
CA HIS E 397 -25.31 24.26 25.45
C HIS E 397 -26.54 25.06 25.91
N VAL E 398 -27.26 25.68 24.99
CA VAL E 398 -28.37 26.59 25.37
C VAL E 398 -29.49 25.79 26.05
N VAL E 399 -29.77 24.58 25.57
CA VAL E 399 -30.85 23.71 26.13
C VAL E 399 -30.47 23.32 27.57
N SER E 400 -29.21 22.96 27.82
CA SER E 400 -28.70 22.68 29.17
C SER E 400 -28.95 23.90 30.07
N LEU E 401 -28.55 25.10 29.65
CA LEU E 401 -28.73 26.36 30.44
C LEU E 401 -30.22 26.54 30.76
N MET E 402 -31.10 26.34 29.78
CA MET E 402 -32.56 26.55 29.95
C MET E 402 -33.14 25.54 30.95
N ASP E 403 -32.46 24.42 31.18
CA ASP E 403 -32.86 23.34 32.11
C ASP E 403 -32.14 23.50 33.46
N GLY E 404 -31.43 24.60 33.68
CA GLY E 404 -30.69 24.87 34.93
C GLY E 404 -29.33 24.19 35.00
N GLY E 405 -28.84 23.60 33.90
CA GLY E 405 -27.47 23.03 33.79
C GLY E 405 -26.45 24.12 33.53
N THR E 406 -25.18 23.75 33.34
CA THR E 406 -24.08 24.69 33.01
C THR E 406 -23.62 24.49 31.56
N GLY E 407 -24.28 23.60 30.81
CA GLY E 407 -24.03 23.39 29.38
C GLY E 407 -22.58 23.01 29.12
N VAL E 408 -21.95 23.62 28.13
CA VAL E 408 -20.59 23.26 27.64
C VAL E 408 -19.59 24.24 28.27
N ASP E 409 -18.49 23.73 28.81
CA ASP E 409 -17.41 24.59 29.38
C ASP E 409 -16.79 25.39 28.25
N GLY E 410 -16.48 26.65 28.49
CA GLY E 410 -15.73 27.50 27.53
C GLY E 410 -16.63 28.36 26.66
N LEU E 411 -17.95 28.25 26.78
CA LEU E 411 -18.93 29.11 26.03
C LEU E 411 -19.40 30.27 26.92
N ARG E 412 -18.86 30.39 28.14
CA ARG E 412 -19.22 31.46 29.10
C ARG E 412 -18.73 32.80 28.60
N GLU E 413 -17.53 32.86 28.02
CA GLU E 413 -16.95 34.13 27.51
C GLU E 413 -17.78 34.69 26.35
N PHE E 414 -18.64 33.86 25.72
CA PHE E 414 -19.42 34.24 24.52
C PHE E 414 -20.88 34.53 24.90
N ARG E 415 -21.15 34.77 26.17
CA ARG E 415 -22.48 35.19 26.69
C ARG E 415 -22.91 36.43 25.92
N PRO E 416 -24.20 36.54 25.52
CA PRO E 416 -24.64 37.59 24.61
C PRO E 416 -24.66 39.00 25.20
N GLU E 417 -24.82 39.10 26.53
CA GLU E 417 -24.90 40.40 27.22
C GLU E 417 -23.52 40.67 27.83
N ARG E 418 -22.76 41.57 27.23
CA ARG E 418 -21.34 41.75 27.56
C ARG E 418 -20.88 43.10 27.02
N ASP E 419 -19.85 43.64 27.65
CA ASP E 419 -18.97 44.67 27.05
C ASP E 419 -18.37 44.04 25.78
N LEU E 420 -18.08 44.86 24.78
CA LEU E 420 -17.40 44.37 23.55
C LEU E 420 -16.06 43.73 23.96
N ILE E 421 -15.80 42.53 23.46
CA ILE E 421 -14.49 41.84 23.59
C ILE E 421 -13.45 42.64 22.79
N SER E 422 -12.24 42.79 23.33
CA SER E 422 -11.03 43.29 22.61
C SER E 422 -10.03 42.14 22.52
N ALA E 423 -10.16 41.28 21.52
CA ALA E 423 -9.38 40.01 21.43
C ALA E 423 -7.98 40.30 20.87
N TRP E 424 -7.77 41.46 20.25
CA TRP E 424 -6.48 41.85 19.62
C TRP E 424 -6.15 43.28 19.97
N SER E 425 -4.86 43.63 19.95
CA SER E 425 -4.37 45.03 20.08
C SER E 425 -4.76 45.80 18.81
N ARG E 426 -4.93 47.11 18.94
CA ARG E 426 -5.16 48.02 17.79
C ARG E 426 -4.04 47.81 16.75
N GLU E 427 -2.79 47.68 17.21
CA GLU E 427 -1.62 47.46 16.33
C GLU E 427 -1.81 46.17 15.51
N GLU E 428 -2.24 45.08 16.13
CA GLU E 428 -2.45 43.78 15.45
C GLU E 428 -3.52 43.95 14.36
N ILE E 429 -4.59 44.67 14.67
CA ILE E 429 -5.75 44.85 13.73
C ILE E 429 -5.32 45.75 12.56
N LEU E 430 -4.58 46.83 12.83
CA LEU E 430 -4.08 47.74 11.77
C LEU E 430 -3.14 46.99 10.82
N ASP E 431 -2.25 46.15 11.33
CA ASP E 431 -1.39 45.27 10.49
C ASP E 431 -2.31 44.38 9.63
N ASP E 432 -3.33 43.79 10.25
CA ASP E 432 -4.23 42.81 9.60
C ASP E 432 -5.01 43.50 8.46
N VAL E 433 -5.57 44.68 8.71
CA VAL E 433 -6.47 45.36 7.74
C VAL E 433 -5.67 45.77 6.49
N VAL E 434 -4.41 46.15 6.64
CA VAL E 434 -3.54 46.52 5.49
C VAL E 434 -3.20 45.25 4.69
N ARG E 435 -2.83 44.18 5.40
CA ARG E 435 -2.55 42.85 4.81
C ARG E 435 -3.76 42.38 3.99
N HIS E 436 -4.95 42.41 4.59
CA HIS E 436 -6.20 41.94 3.95
C HIS E 436 -6.52 42.85 2.76
N THR E 437 -6.28 44.15 2.86
CA THR E 437 -6.54 45.09 1.73
C THR E 437 -5.65 44.67 0.55
N MET E 438 -4.35 44.48 0.80
CA MET E 438 -3.39 44.07 -0.25
C MET E 438 -3.80 42.71 -0.81
N ALA E 439 -4.31 41.81 0.03
CA ALA E 439 -4.75 40.46 -0.39
C ALA E 439 -5.91 40.54 -1.40
N THR E 440 -6.77 41.56 -1.35
CA THR E 440 -7.87 41.73 -2.35
C THR E 440 -7.23 41.90 -3.74
N GLY E 441 -6.03 42.49 -3.82
CA GLY E 441 -5.28 42.60 -5.09
C GLY E 441 -4.70 41.26 -5.52
N TYR E 442 -3.94 40.62 -4.65
CA TYR E 442 -3.22 39.37 -4.98
C TYR E 442 -4.22 38.24 -5.27
N GLU E 443 -5.42 38.28 -4.69
CA GLU E 443 -6.44 37.21 -4.87
C GLU E 443 -7.21 37.42 -6.18
N PHE E 444 -7.10 38.58 -6.83
CA PHE E 444 -7.90 38.94 -8.04
C PHE E 444 -7.62 37.96 -9.17
N PRO E 445 -6.37 37.63 -9.57
CA PRO E 445 -5.14 38.31 -9.14
C PRO E 445 -4.82 39.49 -10.07
N TRP E 446 -4.27 40.55 -9.51
CA TRP E 446 -3.91 41.74 -10.31
C TRP E 446 -2.57 41.50 -11.01
N ARG E 447 -2.27 42.36 -11.98
CA ARG E 447 -0.95 42.51 -12.62
C ARG E 447 -0.63 44.00 -12.65
N LEU E 448 0.39 44.41 -11.90
CA LEU E 448 0.75 45.82 -11.57
C LEU E 448 2.24 45.99 -11.81
N PRO E 449 2.73 47.22 -12.02
CA PRO E 449 4.17 47.47 -11.95
C PRO E 449 4.68 47.09 -10.55
N LEU E 450 5.91 46.61 -10.47
CA LEU E 450 6.44 45.91 -9.27
C LEU E 450 6.62 46.85 -8.09
N GLU E 451 6.72 48.15 -8.30
CA GLU E 451 6.86 49.16 -7.20
C GLU E 451 5.48 49.49 -6.61
N TRP E 452 4.37 49.14 -7.28
CA TRP E 452 3.05 49.66 -6.86
C TRP E 452 2.59 49.07 -5.53
N PRO E 453 2.71 47.76 -5.29
CA PRO E 453 2.26 47.19 -4.01
C PRO E 453 2.88 47.84 -2.78
N HIS E 454 4.21 48.03 -2.77
CA HIS E 454 4.90 48.69 -1.64
C HIS E 454 4.36 50.12 -1.47
N MET E 455 4.16 50.83 -2.58
CA MET E 455 3.61 52.21 -2.55
C MET E 455 2.21 52.18 -1.91
N MET E 456 1.34 51.25 -2.32
CA MET E 456 -0.03 51.16 -1.77
C MET E 456 0.04 50.84 -0.26
N GLU E 457 0.88 49.89 0.15
CA GLU E 457 1.03 49.49 1.57
C GLU E 457 1.40 50.72 2.41
N THR E 458 2.36 51.53 1.95
CA THR E 458 2.84 52.70 2.72
C THR E 458 1.68 53.72 2.81
N PHE E 459 0.88 53.91 1.77
CA PHE E 459 -0.19 54.94 1.76
C PHE E 459 -1.49 54.43 2.41
N LEU E 460 -1.64 53.12 2.66
CA LEU E 460 -2.86 52.59 3.34
C LEU E 460 -2.73 52.70 4.85
N GLN E 461 -1.51 52.69 5.40
CA GLN E 461 -1.26 52.57 6.86
C GLN E 461 -1.85 53.78 7.59
N GLY E 462 -1.54 54.99 7.13
CA GLY E 462 -1.96 56.26 7.74
C GLY E 462 -3.48 56.36 7.89
N PRO E 463 -4.24 56.30 6.78
CA PRO E 463 -5.69 56.42 6.85
C PRO E 463 -6.39 55.38 7.74
N PHE E 464 -5.91 54.13 7.81
CA PHE E 464 -6.53 53.11 8.69
C PHE E 464 -6.20 53.44 10.16
N ALA E 465 -4.97 53.85 10.45
CA ALA E 465 -4.55 54.28 11.82
C ALA E 465 -5.41 55.46 12.28
N GLU E 466 -5.63 56.44 11.39
CA GLU E 466 -6.46 57.64 11.66
C GLU E 466 -7.91 57.21 11.95
N LEU E 467 -8.46 56.28 11.18
CA LEU E 467 -9.85 55.82 11.37
C LEU E 467 -9.96 55.16 12.74
N ALA E 468 -9.03 54.25 13.06
CA ALA E 468 -9.06 53.46 14.31
C ALA E 468 -9.03 54.42 15.51
N ASP E 469 -8.19 55.45 15.44
CA ASP E 469 -8.00 56.45 16.51
C ASP E 469 -9.28 57.28 16.70
N ARG E 470 -9.95 57.63 15.61
CA ARG E 470 -11.17 58.45 15.57
C ARG E 470 -12.38 57.67 16.11
N LEU E 471 -12.47 56.37 15.88
CA LEU E 471 -13.71 55.59 16.18
C LEU E 471 -13.92 55.49 17.70
N SER E 472 -12.84 55.27 18.45
CA SER E 472 -12.90 55.00 19.91
C SER E 472 -11.49 55.00 20.50
N ASP E 473 -11.40 55.42 21.76
CA ASP E 473 -10.16 55.34 22.57
C ASP E 473 -9.99 53.92 23.12
N THR E 474 -11.02 53.08 23.12
CA THR E 474 -10.88 51.74 23.76
C THR E 474 -11.16 50.60 22.76
N TYR E 475 -12.22 50.68 21.96
CA TYR E 475 -12.63 49.57 21.06
C TYR E 475 -11.97 49.73 19.68
N THR E 476 -11.56 48.60 19.09
CA THR E 476 -11.13 48.52 17.67
C THR E 476 -11.92 47.44 16.95
N PRO E 477 -12.67 47.78 15.87
CA PRO E 477 -13.35 46.75 15.08
C PRO E 477 -12.35 45.84 14.38
N PRO E 478 -12.60 44.52 14.30
CA PRO E 478 -11.77 43.63 13.48
C PRO E 478 -11.72 44.10 12.01
N ALA E 479 -10.69 43.68 11.28
CA ALA E 479 -10.37 44.13 9.90
C ALA E 479 -11.59 44.09 8.99
N ASP E 480 -12.36 42.98 9.01
CA ASP E 480 -13.54 42.76 8.13
C ASP E 480 -14.51 43.92 8.28
N LEU E 481 -14.75 44.32 9.52
CA LEU E 481 -15.68 45.44 9.85
C LEU E 481 -14.98 46.77 9.58
N MET E 482 -13.68 46.88 9.91
CA MET E 482 -12.94 48.17 9.78
C MET E 482 -12.96 48.63 8.32
N THR E 483 -12.77 47.72 7.35
CA THR E 483 -12.79 48.10 5.90
C THR E 483 -14.21 48.60 5.55
N ALA E 484 -15.26 47.92 6.02
CA ALA E 484 -16.66 48.34 5.75
C ALA E 484 -16.88 49.76 6.30
N ILE E 485 -16.35 50.04 7.49
CA ILE E 485 -16.51 51.37 8.14
C ILE E 485 -15.71 52.40 7.34
N MET E 486 -14.48 52.07 6.95
CA MET E 486 -13.58 53.00 6.21
C MET E 486 -14.33 53.53 4.97
N PHE E 487 -15.09 52.69 4.27
CA PHE E 487 -15.71 53.06 2.97
C PHE E 487 -17.22 53.29 3.13
N SER E 488 -17.71 53.47 4.35
CA SER E 488 -19.13 53.84 4.63
C SER E 488 -19.27 55.37 4.60
N GLU E 489 -20.50 55.88 4.62
CA GLU E 489 -20.81 57.34 4.67
C GLU E 489 -20.32 57.93 6.00
N ARG E 490 -19.98 59.22 6.01
CA ARG E 490 -19.58 59.99 7.22
C ARG E 490 -20.61 59.79 8.36
N GLU E 491 -21.90 59.80 8.04
CA GLU E 491 -23.02 59.72 9.03
C GLU E 491 -23.00 58.33 9.68
N GLN E 492 -22.68 57.28 8.92
CA GLN E 492 -22.60 55.88 9.44
C GLN E 492 -21.40 55.77 10.36
N GLN E 493 -20.27 56.38 10.00
CA GLN E 493 -19.06 56.45 10.85
C GLN E 493 -19.38 57.18 12.16
N ASP E 494 -20.04 58.33 12.09
CA ASP E 494 -20.38 59.17 13.27
C ASP E 494 -21.33 58.40 14.18
N GLU E 495 -22.30 57.68 13.62
CA GLU E 495 -23.27 56.85 14.38
C GLU E 495 -22.51 55.76 15.13
N LEU E 496 -21.47 55.17 14.52
CA LEU E 496 -20.65 54.11 15.16
C LEU E 496 -19.80 54.71 16.29
N ILE E 497 -19.26 55.90 16.11
CA ILE E 497 -18.47 56.60 17.16
C ILE E 497 -19.38 56.76 18.40
N ALA E 498 -20.61 57.22 18.18
CA ALA E 498 -21.65 57.41 19.22
C ALA E 498 -21.96 56.07 19.89
N TYR E 499 -22.14 55.00 19.09
CA TYR E 499 -22.43 53.63 19.61
C TYR E 499 -21.30 53.19 20.54
N TYR E 500 -20.05 53.30 20.10
CA TYR E 500 -18.88 52.87 20.90
C TYR E 500 -18.82 53.67 22.22
N ALA E 501 -19.09 54.97 22.17
CA ALA E 501 -19.09 55.89 23.34
C ALA E 501 -20.17 55.41 24.33
N ASP E 502 -21.38 55.12 23.83
CA ASP E 502 -22.53 54.65 24.63
C ASP E 502 -22.24 53.28 25.23
N VAL E 503 -21.57 52.39 24.51
CA VAL E 503 -21.16 51.06 25.06
C VAL E 503 -20.17 51.31 26.21
N HIS E 504 -19.18 52.18 26.00
CA HIS E 504 -18.14 52.47 27.02
C HIS E 504 -18.81 53.00 28.31
N ARG E 505 -19.72 53.97 28.17
CA ARG E 505 -20.54 54.56 29.26
C ARG E 505 -21.27 53.45 30.03
N GLU E 506 -21.97 52.55 29.33
CA GLU E 506 -22.79 51.49 29.95
C GLU E 506 -21.92 50.56 30.81
N TRP E 507 -20.70 50.22 30.37
CA TRP E 507 -19.91 49.10 30.96
C TRP E 507 -18.80 49.59 31.88
N HIS E 508 -18.46 50.88 31.86
CA HIS E 508 -17.39 51.47 32.71
C HIS E 508 -18.02 52.56 33.58
N GLN F 27 -62.09 24.50 -41.73
CA GLN F 27 -62.44 25.74 -40.98
C GLN F 27 -61.83 26.95 -41.67
N THR F 28 -62.23 28.17 -41.27
CA THR F 28 -61.49 29.43 -41.50
C THR F 28 -60.75 29.85 -40.22
N ASP F 29 -60.70 29.00 -39.19
CA ASP F 29 -59.95 29.19 -37.93
C ASP F 29 -58.45 29.30 -38.21
N VAL F 30 -57.74 30.12 -37.43
CA VAL F 30 -56.26 30.30 -37.48
C VAL F 30 -55.68 29.88 -36.13
N ILE F 31 -54.67 29.01 -36.15
CA ILE F 31 -53.81 28.69 -34.98
C ILE F 31 -52.42 29.28 -35.22
N VAL F 32 -51.98 30.17 -34.33
CA VAL F 32 -50.58 30.65 -34.22
C VAL F 32 -49.87 29.76 -33.21
N VAL F 33 -48.83 29.06 -33.65
CA VAL F 33 -47.99 28.19 -32.78
C VAL F 33 -46.78 29.02 -32.33
N GLY F 34 -46.83 29.55 -31.10
CA GLY F 34 -45.70 30.25 -30.47
C GLY F 34 -46.13 31.59 -29.93
N ASN F 35 -45.60 31.95 -28.77
CA ASN F 35 -46.05 33.14 -27.99
C ASN F 35 -44.88 34.07 -27.71
N GLY F 36 -43.87 34.07 -28.59
CA GLY F 36 -42.84 35.11 -28.62
C GLY F 36 -43.35 36.34 -29.33
N VAL F 37 -42.44 37.26 -29.64
CA VAL F 37 -42.79 38.52 -30.35
C VAL F 37 -43.40 38.20 -31.72
N LEU F 38 -42.91 37.19 -32.44
CA LEU F 38 -43.36 36.96 -33.83
C LEU F 38 -44.77 36.35 -33.83
N GLY F 39 -45.00 35.31 -33.03
CA GLY F 39 -46.33 34.67 -32.87
C GLY F 39 -47.37 35.68 -32.46
N LEU F 40 -47.09 36.47 -31.42
CA LEU F 40 -48.05 37.46 -30.87
C LEU F 40 -48.25 38.62 -31.85
N SER F 41 -47.19 39.05 -32.55
CA SER F 41 -47.29 40.18 -33.51
C SER F 41 -48.18 39.76 -34.68
N VAL F 42 -47.99 38.56 -35.21
CA VAL F 42 -48.80 38.05 -36.35
C VAL F 42 -50.22 37.77 -35.84
N GLY F 43 -50.38 37.23 -34.63
CA GLY F 43 -51.71 37.01 -34.02
C GLY F 43 -52.50 38.31 -33.91
N VAL F 44 -51.86 39.37 -33.44
CA VAL F 44 -52.52 40.71 -33.30
C VAL F 44 -52.95 41.18 -34.70
N GLU F 45 -52.07 41.10 -35.70
CA GLU F 45 -52.36 41.62 -37.06
C GLU F 45 -53.50 40.82 -37.70
N ILE F 46 -53.51 39.50 -37.57
CA ILE F 46 -54.58 38.61 -38.10
C ILE F 46 -55.90 38.98 -37.41
N ALA F 47 -55.93 39.01 -36.09
CA ALA F 47 -57.15 39.29 -35.30
C ALA F 47 -57.71 40.66 -35.68
N ARG F 48 -56.85 41.66 -35.87
CA ARG F 48 -57.28 43.05 -36.14
C ARG F 48 -57.84 43.17 -37.57
N THR F 49 -57.30 42.41 -38.54
CA THR F 49 -57.60 42.64 -39.97
C THR F 49 -58.63 41.62 -40.48
N ARG F 50 -58.82 40.49 -39.79
CA ARG F 50 -59.88 39.50 -40.13
C ARG F 50 -60.78 39.26 -38.91
N PRO F 51 -61.64 40.24 -38.53
CA PRO F 51 -62.48 40.12 -37.33
C PRO F 51 -63.51 38.99 -37.42
N ASP F 52 -63.75 38.51 -38.65
CA ASP F 52 -64.68 37.39 -38.99
C ASP F 52 -64.09 36.02 -38.61
N VAL F 53 -62.76 35.90 -38.40
CA VAL F 53 -62.11 34.58 -38.15
C VAL F 53 -61.70 34.48 -36.68
N ARG F 54 -61.69 33.26 -36.17
CA ARG F 54 -61.22 32.92 -34.81
C ARG F 54 -59.72 32.60 -34.85
N VAL F 55 -58.89 33.40 -34.17
CA VAL F 55 -57.42 33.11 -34.07
C VAL F 55 -57.10 32.68 -32.63
N THR F 56 -56.50 31.51 -32.51
CA THR F 56 -56.02 30.88 -31.26
C THR F 56 -54.49 30.88 -31.27
N LEU F 57 -53.85 31.35 -30.19
CA LEU F 57 -52.38 31.40 -30.06
C LEU F 57 -51.92 30.46 -28.96
N LEU F 58 -51.05 29.51 -29.31
CA LEU F 58 -50.51 28.44 -28.44
C LEU F 58 -49.16 28.89 -27.86
N GLY F 59 -48.79 28.30 -26.72
CA GLY F 59 -47.55 28.61 -25.98
C GLY F 59 -47.85 28.89 -24.51
N LYS F 60 -46.88 28.57 -23.65
CA LYS F 60 -47.05 28.60 -22.18
C LYS F 60 -46.39 29.85 -21.61
N PRO F 61 -46.86 30.33 -20.45
CA PRO F 61 -46.26 31.50 -19.82
C PRO F 61 -44.78 31.30 -19.43
N ALA F 62 -44.30 30.06 -19.25
CA ALA F 62 -42.88 29.76 -18.96
C ALA F 62 -41.99 30.20 -20.15
N ARG F 63 -42.51 30.17 -21.39
CA ARG F 63 -41.76 30.57 -22.61
C ARG F 63 -40.39 29.90 -22.58
N GLN F 64 -40.37 28.59 -22.48
CA GLN F 64 -39.13 27.79 -22.45
C GLN F 64 -38.28 28.13 -23.68
N TYR F 65 -36.99 28.38 -23.46
CA TYR F 65 -35.96 28.73 -24.48
C TYR F 65 -36.30 30.04 -25.19
N GLY F 66 -37.29 30.78 -24.71
CA GLY F 66 -37.84 31.97 -25.43
C GLY F 66 -36.79 33.05 -25.60
N ALA F 67 -36.57 33.49 -26.85
CA ALA F 67 -35.62 34.57 -27.19
C ALA F 67 -36.18 35.90 -26.67
N THR F 68 -37.48 36.16 -26.89
CA THR F 68 -38.08 37.50 -26.70
C THR F 68 -37.91 37.97 -25.24
N PRO F 69 -38.26 37.17 -24.21
CA PRO F 69 -38.15 37.65 -22.82
C PRO F 69 -36.71 37.90 -22.36
N ALA F 70 -35.73 37.27 -23.02
CA ALA F 70 -34.29 37.45 -22.73
C ALA F 70 -33.71 38.68 -23.45
N ALA F 71 -34.50 39.32 -24.31
CA ALA F 71 -34.05 40.43 -25.18
C ALA F 71 -34.19 41.77 -24.46
N GLY F 72 -33.40 42.76 -24.82
CA GLY F 72 -33.35 44.06 -24.10
C GLY F 72 -34.64 44.87 -24.22
N ALA F 73 -34.98 45.32 -25.43
CA ALA F 73 -34.34 44.96 -26.67
C ALA F 73 -34.09 46.23 -27.50
N MET F 74 -33.05 46.18 -28.32
CA MET F 74 -32.68 47.27 -29.24
C MET F 74 -33.52 47.18 -30.51
N LEU F 75 -34.03 48.32 -30.98
CA LEU F 75 -34.66 48.41 -32.33
C LEU F 75 -33.52 48.60 -33.33
N GLY F 76 -32.71 47.56 -33.49
CA GLY F 76 -31.41 47.59 -34.16
C GLY F 76 -31.56 47.34 -35.66
N ALA F 77 -31.24 48.38 -36.42
CA ALA F 77 -31.16 48.42 -37.89
C ALA F 77 -29.72 48.72 -38.29
N PHE F 78 -29.26 49.95 -38.04
CA PHE F 78 -27.87 50.39 -38.33
C PHE F 78 -26.88 49.77 -37.32
N GLY F 79 -27.26 49.62 -36.05
CA GLY F 79 -26.40 48.99 -35.01
C GLY F 79 -26.07 47.55 -35.35
N GLU F 80 -26.91 46.86 -36.12
CA GLU F 80 -26.69 45.45 -36.53
C GLU F 80 -25.80 45.35 -37.78
N VAL F 81 -25.41 46.46 -38.40
CA VAL F 81 -24.61 46.42 -39.66
C VAL F 81 -23.22 45.86 -39.37
N THR F 82 -22.79 44.89 -40.17
CA THR F 82 -21.39 44.42 -40.24
C THR F 82 -20.89 44.52 -41.68
N ALA F 83 -19.58 44.66 -41.86
CA ALA F 83 -18.91 44.62 -43.18
C ALA F 83 -19.28 43.33 -43.89
N HIS F 84 -19.21 42.20 -43.19
CA HIS F 84 -19.45 40.85 -43.75
C HIS F 84 -20.90 40.72 -44.27
N ALA F 85 -21.90 41.16 -43.50
CA ALA F 85 -23.32 41.11 -43.90
C ALA F 85 -23.54 41.95 -45.18
N LEU F 86 -23.05 43.19 -45.20
CA LEU F 86 -23.24 44.15 -46.33
C LEU F 86 -22.37 43.80 -47.56
N ALA F 87 -21.45 42.84 -47.45
CA ALA F 87 -20.64 42.33 -48.60
C ALA F 87 -21.44 41.30 -49.40
N SER F 88 -22.61 40.84 -48.94
CA SER F 88 -23.46 39.89 -49.68
C SER F 88 -24.79 40.55 -50.08
N GLU F 89 -25.34 40.13 -51.21
CA GLU F 89 -26.65 40.63 -51.72
C GLU F 89 -27.74 40.32 -50.69
N HIS F 90 -27.76 39.09 -50.15
CA HIS F 90 -28.77 38.66 -49.15
C HIS F 90 -28.66 39.54 -47.89
N GLY F 91 -27.43 39.85 -47.45
CA GLY F 91 -27.18 40.74 -46.31
C GLY F 91 -27.73 42.14 -46.54
N ARG F 92 -27.47 42.73 -47.71
CA ARG F 92 -27.97 44.09 -48.05
C ARG F 92 -29.51 44.05 -48.08
N LYS F 93 -30.11 42.96 -48.56
CA LYS F 93 -31.59 42.82 -48.62
C LYS F 93 -32.17 42.78 -47.19
N LYS F 94 -31.55 42.00 -46.31
CA LYS F 94 -31.94 41.89 -44.88
C LYS F 94 -31.82 43.28 -44.24
N HIS F 95 -30.74 44.01 -44.50
CA HIS F 95 -30.52 45.36 -43.92
C HIS F 95 -31.65 46.31 -44.37
N ALA F 96 -32.00 46.29 -45.66
CA ALA F 96 -33.07 47.17 -46.22
C ALA F 96 -34.38 46.95 -45.42
N LEU F 97 -34.72 45.70 -45.15
CA LEU F 97 -35.95 45.33 -44.40
C LEU F 97 -35.87 45.86 -42.96
N ALA F 98 -34.70 45.81 -42.31
CA ALA F 98 -34.52 46.38 -40.95
C ALA F 98 -34.77 47.89 -40.99
N VAL F 99 -34.28 48.59 -42.00
CA VAL F 99 -34.48 50.06 -42.10
C VAL F 99 -35.99 50.33 -42.30
N GLN F 100 -36.66 49.54 -43.11
CA GLN F 100 -38.13 49.67 -43.34
C GLN F 100 -38.91 49.43 -42.05
N ALA F 101 -38.55 48.39 -41.29
CA ALA F 101 -39.25 48.04 -40.02
C ALA F 101 -39.22 49.21 -39.04
N GLN F 102 -38.10 49.94 -38.97
CA GLN F 102 -37.93 51.06 -38.01
C GLN F 102 -39.07 52.08 -38.16
N ARG F 103 -39.50 52.35 -39.40
CA ARG F 103 -40.54 53.37 -39.71
C ARG F 103 -41.91 52.95 -39.12
N LEU F 104 -42.16 51.65 -38.93
CA LEU F 104 -43.47 51.15 -38.43
C LEU F 104 -43.58 51.24 -36.90
N TRP F 105 -42.46 51.37 -36.18
CA TRP F 105 -42.46 51.17 -34.71
C TRP F 105 -43.29 52.23 -33.99
N PRO F 106 -43.21 53.54 -34.31
CA PRO F 106 -43.97 54.55 -33.55
C PRO F 106 -45.50 54.31 -33.52
N GLU F 107 -46.12 54.02 -34.67
CA GLU F 107 -47.59 53.78 -34.79
C GLU F 107 -47.91 52.41 -34.18
N TRP F 108 -47.05 51.40 -34.38
CA TRP F 108 -47.21 50.05 -33.78
C TRP F 108 -47.31 50.17 -32.25
N ILE F 109 -46.36 50.87 -31.63
CA ILE F 109 -46.33 51.11 -30.17
C ILE F 109 -47.61 51.84 -29.74
N GLU F 110 -48.00 52.92 -30.41
CA GLU F 110 -49.26 53.66 -30.12
C GLU F 110 -50.44 52.68 -30.09
N SER F 111 -50.55 51.84 -31.13
CA SER F 111 -51.66 50.87 -31.32
C SER F 111 -51.67 49.81 -30.20
N LEU F 112 -50.52 49.50 -29.62
CA LEU F 112 -50.41 48.48 -28.55
C LEU F 112 -50.69 49.12 -27.19
N GLU F 113 -50.16 50.32 -26.93
CA GLU F 113 -50.37 51.01 -25.62
C GLU F 113 -51.84 51.47 -25.50
N ALA F 114 -52.50 51.73 -26.63
CA ALA F 114 -53.91 52.19 -26.70
C ALA F 114 -54.85 51.19 -26.01
N THR F 115 -54.50 49.89 -25.98
CA THR F 115 -55.34 48.82 -25.40
C THR F 115 -55.13 48.71 -23.89
N GLY F 116 -54.24 49.53 -23.32
CA GLY F 116 -53.90 49.50 -21.88
C GLY F 116 -54.13 50.84 -21.23
N THR F 117 -53.59 51.04 -20.04
CA THR F 117 -53.71 52.30 -19.24
C THR F 117 -52.31 52.74 -18.79
N ALA F 118 -52.20 53.93 -18.18
CA ALA F 118 -50.91 54.51 -17.70
C ALA F 118 -50.14 53.46 -16.90
N ALA F 119 -50.85 52.70 -16.05
CA ALA F 119 -50.29 51.76 -15.07
C ALA F 119 -49.56 50.59 -15.75
N ASP F 120 -49.78 50.35 -17.05
CA ASP F 120 -49.15 49.21 -17.77
C ASP F 120 -47.69 49.53 -18.10
N GLY F 121 -47.29 50.80 -18.05
CA GLY F 121 -45.90 51.20 -18.30
C GLY F 121 -45.63 51.35 -19.79
N ARG F 122 -44.47 51.89 -20.13
CA ARG F 122 -44.18 52.37 -21.50
C ARG F 122 -43.34 51.31 -22.22
N ILE F 123 -43.72 50.99 -23.45
CA ILE F 123 -43.00 50.01 -24.30
C ILE F 123 -41.61 50.60 -24.66
N LYS F 124 -41.55 51.84 -25.10
CA LYS F 124 -40.31 52.50 -25.57
C LYS F 124 -39.47 52.91 -24.35
N THR F 125 -38.18 52.56 -24.32
CA THR F 125 -37.29 52.92 -23.18
C THR F 125 -36.20 53.91 -23.61
N ALA F 126 -35.95 54.04 -24.91
CA ALA F 126 -34.97 55.03 -25.44
C ALA F 126 -35.29 55.33 -26.90
N ASP F 127 -34.94 56.53 -27.36
CA ASP F 127 -35.17 56.98 -28.76
C ASP F 127 -33.89 56.80 -29.60
N ASP F 128 -32.72 56.93 -28.98
CA ASP F 128 -31.41 57.03 -29.67
C ASP F 128 -30.46 55.94 -29.17
N THR F 129 -29.41 55.70 -29.96
CA THR F 129 -28.34 54.72 -29.69
C THR F 129 -26.98 55.41 -29.84
N VAL F 130 -26.04 55.13 -28.95
CA VAL F 130 -24.61 55.45 -29.14
C VAL F 130 -23.85 54.14 -29.37
N VAL F 131 -23.16 54.05 -30.51
CA VAL F 131 -22.23 52.94 -30.83
C VAL F 131 -20.83 53.39 -30.40
N LEU F 132 -20.19 52.59 -29.55
CA LEU F 132 -18.85 52.90 -28.99
C LEU F 132 -17.82 52.01 -29.69
N LEU F 133 -16.66 52.57 -29.97
CA LEU F 133 -15.51 51.79 -30.49
C LEU F 133 -14.38 51.86 -29.45
N ASN F 134 -14.03 50.71 -28.88
CA ASN F 134 -12.88 50.52 -27.96
C ASN F 134 -11.94 49.48 -28.59
N THR F 135 -10.86 49.12 -27.91
CA THR F 135 -9.84 48.19 -28.45
C THR F 135 -9.94 46.83 -27.77
N VAL F 136 -11.05 46.54 -27.10
CA VAL F 136 -11.24 45.22 -26.43
C VAL F 136 -11.92 44.28 -27.43
N GLY F 137 -11.22 44.03 -28.54
CA GLY F 137 -11.74 43.23 -29.64
C GLY F 137 -10.78 43.23 -30.81
N HIS F 138 -11.15 42.52 -31.85
CA HIS F 138 -10.33 42.34 -33.06
C HIS F 138 -10.53 43.56 -33.95
N SER F 139 -9.45 44.19 -34.43
CA SER F 139 -9.54 45.26 -35.45
C SER F 139 -10.30 44.74 -36.69
N ALA F 140 -10.12 43.47 -37.05
CA ALA F 140 -10.72 42.89 -38.27
C ALA F 140 -12.25 42.81 -38.15
N LEU F 141 -12.81 42.85 -36.94
CA LEU F 141 -14.28 42.94 -36.76
C LEU F 141 -14.65 44.39 -36.40
N ASP F 142 -14.17 44.87 -35.26
CA ASP F 142 -14.67 46.14 -34.65
C ASP F 142 -14.34 47.33 -35.58
N ASP F 143 -13.12 47.43 -36.12
CA ASP F 143 -12.74 48.59 -36.97
C ASP F 143 -13.55 48.51 -38.29
N ALA F 144 -13.60 47.34 -38.91
CA ALA F 144 -14.31 47.10 -40.18
C ALA F 144 -15.81 47.40 -39.97
N ASN F 145 -16.36 46.99 -38.82
CA ASN F 145 -17.83 47.08 -38.60
C ASN F 145 -18.20 48.54 -38.30
N PHE F 146 -17.36 49.26 -37.56
CA PHE F 146 -17.63 50.70 -37.27
C PHE F 146 -17.69 51.47 -38.59
N ALA F 147 -16.74 51.21 -39.51
CA ALA F 147 -16.69 51.86 -40.83
C ALA F 147 -17.96 51.51 -41.63
N ALA F 148 -18.39 50.25 -41.59
CA ALA F 148 -19.59 49.75 -42.31
C ALA F 148 -20.85 50.43 -41.76
N VAL F 149 -20.96 50.60 -40.44
CA VAL F 149 -22.13 51.28 -39.81
C VAL F 149 -22.18 52.73 -40.33
N LEU F 150 -21.06 53.45 -40.27
CA LEU F 150 -20.95 54.87 -40.74
C LEU F 150 -21.40 54.93 -42.20
N THR F 151 -20.92 54.00 -43.04
CA THR F 151 -21.22 53.96 -44.49
C THR F 151 -22.72 53.71 -44.71
N ALA F 152 -23.30 52.74 -44.01
CA ALA F 152 -24.74 52.40 -44.13
C ALA F 152 -25.59 53.61 -43.74
N LEU F 153 -25.23 54.34 -42.68
CA LEU F 153 -25.95 55.55 -42.21
C LEU F 153 -25.89 56.63 -43.30
N LYS F 154 -24.71 56.83 -43.90
CA LYS F 154 -24.49 57.87 -44.95
C LYS F 154 -25.31 57.51 -46.21
N GLU F 155 -25.25 56.26 -46.65
CA GLU F 155 -26.01 55.77 -47.84
C GLU F 155 -27.53 55.90 -47.61
N ALA F 156 -28.03 55.70 -46.40
CA ALA F 156 -29.48 55.72 -46.09
C ALA F 156 -29.94 57.16 -45.80
N ASN F 157 -29.02 58.11 -45.72
CA ASN F 157 -29.28 59.50 -45.30
C ASN F 157 -29.95 59.52 -43.92
N ALA F 158 -29.58 58.58 -43.03
CA ALA F 158 -30.11 58.50 -41.66
C ALA F 158 -29.50 59.61 -40.82
N PRO F 159 -30.26 60.24 -39.92
CA PRO F 159 -29.70 61.25 -39.03
C PRO F 159 -28.75 60.58 -38.01
N HIS F 160 -27.53 61.12 -37.89
CA HIS F 160 -26.46 60.53 -37.05
C HIS F 160 -25.34 61.56 -36.94
N GLU F 161 -24.49 61.44 -35.94
CA GLU F 161 -23.28 62.29 -35.78
C GLU F 161 -22.20 61.47 -35.09
N GLU F 162 -20.98 61.52 -35.58
CA GLU F 162 -19.81 61.06 -34.79
C GLU F 162 -19.59 62.12 -33.72
N ILE F 163 -19.56 61.73 -32.46
CA ILE F 163 -19.47 62.69 -31.32
C ILE F 163 -18.20 62.41 -30.52
N ALA F 164 -17.77 63.38 -29.74
CA ALA F 164 -16.66 63.23 -28.75
C ALA F 164 -17.09 62.16 -27.73
N VAL F 165 -16.19 61.24 -27.38
CA VAL F 165 -16.49 60.24 -26.32
C VAL F 165 -16.79 60.96 -25.00
N GLU F 166 -16.10 62.08 -24.75
CA GLU F 166 -16.30 62.92 -23.54
C GLU F 166 -17.76 63.40 -23.47
N SER F 167 -18.47 63.47 -24.60
CA SER F 167 -19.88 63.96 -24.62
C SER F 167 -20.87 62.82 -24.38
N VAL F 168 -20.44 61.55 -24.32
CA VAL F 168 -21.36 60.42 -24.04
C VAL F 168 -21.69 60.48 -22.54
N ASP F 169 -22.96 60.66 -22.19
CA ASP F 169 -23.36 60.82 -20.77
C ASP F 169 -23.29 59.45 -20.08
N TRP F 170 -23.11 59.47 -18.76
CA TRP F 170 -23.36 58.35 -17.84
C TRP F 170 -22.17 57.37 -17.80
N ILE F 171 -21.62 56.96 -18.96
CA ILE F 171 -20.57 55.88 -19.03
C ILE F 171 -19.41 56.22 -18.10
N ASP F 172 -18.82 55.19 -17.50
CA ASP F 172 -17.63 55.34 -16.63
C ASP F 172 -16.73 54.13 -16.84
N PRO F 173 -16.13 53.98 -18.03
CA PRO F 173 -15.34 52.80 -18.33
C PRO F 173 -13.99 52.79 -17.59
N ASP F 174 -13.44 51.60 -17.38
CA ASP F 174 -11.97 51.42 -17.14
C ASP F 174 -11.23 52.17 -18.24
N PRO F 175 -10.31 53.11 -17.93
CA PRO F 175 -9.54 53.79 -18.99
C PRO F 175 -8.85 52.88 -20.00
N ASN F 176 -8.35 51.71 -19.57
CA ASN F 176 -7.69 50.76 -20.51
C ASN F 176 -8.73 50.05 -21.41
N SER F 177 -10.02 50.20 -21.13
CA SER F 177 -11.13 49.54 -21.89
C SER F 177 -12.04 50.60 -22.51
N ARG F 178 -11.63 51.87 -22.53
CA ARG F 178 -12.52 52.99 -22.87
C ARG F 178 -12.68 53.10 -24.39
N PRO F 179 -13.80 53.74 -24.84
CA PRO F 179 -13.99 54.03 -26.24
C PRO F 179 -13.14 55.24 -26.62
N LEU F 180 -12.65 55.27 -27.87
CA LEU F 180 -11.98 56.46 -28.42
C LEU F 180 -12.82 57.07 -29.54
N ARG F 181 -13.81 56.35 -30.07
CA ARG F 181 -14.80 56.91 -31.02
C ARG F 181 -16.22 56.51 -30.59
N ALA F 182 -17.18 57.38 -30.92
CA ALA F 182 -18.60 57.24 -30.53
C ALA F 182 -19.46 57.80 -31.66
N LEU F 183 -20.57 57.13 -31.91
CA LEU F 183 -21.48 57.43 -33.03
C LEU F 183 -22.90 57.49 -32.44
N HIS F 184 -23.54 58.67 -32.49
CA HIS F 184 -24.93 58.91 -32.05
C HIS F 184 -25.86 58.64 -33.24
N ILE F 185 -26.75 57.66 -33.11
CA ILE F 185 -27.78 57.31 -34.13
C ILE F 185 -29.13 57.78 -33.59
N GLU F 186 -29.74 58.74 -34.29
CA GLU F 186 -31.01 59.37 -33.87
C GLU F 186 -32.17 58.51 -34.36
N GLY F 187 -33.17 58.26 -33.50
CA GLY F 187 -34.38 57.51 -33.86
C GLY F 187 -34.15 56.02 -33.96
N GLU F 188 -33.01 55.52 -33.47
CA GLU F 188 -32.77 54.07 -33.33
C GLU F 188 -32.71 53.79 -31.82
N GLY F 189 -33.76 53.18 -31.28
CA GLY F 189 -33.96 53.15 -29.82
C GLY F 189 -34.12 51.75 -29.29
N SER F 190 -34.92 51.61 -28.23
CA SER F 190 -35.11 50.35 -27.49
C SER F 190 -36.52 50.28 -26.94
N VAL F 191 -36.97 49.05 -26.70
CA VAL F 191 -38.26 48.74 -26.05
C VAL F 191 -37.96 47.80 -24.87
N ASP F 192 -38.82 47.83 -23.87
CA ASP F 192 -38.82 46.82 -22.79
C ASP F 192 -39.55 45.58 -23.33
N SER F 193 -38.81 44.49 -23.54
CA SER F 193 -39.33 43.25 -24.16
C SER F 193 -40.49 42.66 -23.34
N GLY F 194 -40.44 42.75 -22.00
CA GLY F 194 -41.49 42.24 -21.09
C GLY F 194 -42.78 43.05 -21.19
N ILE F 195 -42.64 44.38 -21.28
CA ILE F 195 -43.80 45.29 -21.44
C ILE F 195 -44.36 45.11 -22.85
N LEU F 196 -43.50 44.90 -23.84
CA LEU F 196 -43.95 44.61 -25.23
C LEU F 196 -44.79 43.33 -25.24
N LEU F 197 -44.29 42.24 -24.66
CA LEU F 197 -45.02 40.94 -24.62
C LEU F 197 -46.38 41.11 -23.92
N ALA F 198 -46.43 41.82 -22.78
CA ALA F 198 -47.69 42.07 -22.02
C ALA F 198 -48.64 42.88 -22.91
N ALA F 199 -48.15 43.92 -23.60
CA ALA F 199 -48.96 44.78 -24.49
C ALA F 199 -49.49 43.98 -25.67
N LEU F 200 -48.68 43.06 -26.22
CA LEU F 200 -49.10 42.23 -27.38
C LEU F 200 -50.21 41.26 -26.94
N GLU F 201 -50.07 40.61 -25.79
CA GLU F 201 -51.10 39.66 -25.26
C GLU F 201 -52.42 40.41 -25.06
N ARG F 202 -52.34 41.56 -24.40
CA ARG F 202 -53.51 42.42 -24.11
C ARG F 202 -54.15 42.88 -25.42
N SER F 203 -53.36 43.30 -26.41
CA SER F 203 -53.84 43.78 -27.73
C SER F 203 -54.46 42.63 -28.52
N PHE F 204 -53.91 41.44 -28.38
CA PHE F 204 -54.40 40.22 -29.06
C PHE F 204 -55.82 39.90 -28.55
N LEU F 205 -56.01 39.90 -27.23
CA LEU F 205 -57.32 39.68 -26.56
C LEU F 205 -58.31 40.77 -26.97
N GLN F 206 -57.89 42.03 -26.99
CA GLN F 206 -58.75 43.19 -27.35
C GLN F 206 -59.28 43.03 -28.77
N ALA F 207 -58.53 42.37 -29.66
CA ALA F 207 -58.87 42.22 -31.08
C ALA F 207 -59.64 40.92 -31.31
N GLY F 208 -59.96 40.16 -30.26
CA GLY F 208 -60.78 38.95 -30.34
C GLY F 208 -59.96 37.68 -30.38
N GLY F 209 -58.65 37.77 -30.18
CA GLY F 209 -57.78 36.58 -30.11
C GLY F 209 -58.05 35.75 -28.86
N ARG F 210 -57.76 34.46 -28.93
CA ARG F 210 -57.88 33.49 -27.81
C ARG F 210 -56.50 32.94 -27.49
N LEU F 211 -56.07 33.03 -26.22
CA LEU F 211 -54.78 32.51 -25.70
C LEU F 211 -55.04 31.13 -25.09
N HIS F 212 -54.46 30.07 -25.67
CA HIS F 212 -54.60 28.69 -25.17
C HIS F 212 -53.22 28.22 -24.72
N PRO F 213 -52.92 28.24 -23.40
CA PRO F 213 -51.57 28.01 -22.89
C PRO F 213 -51.14 26.53 -22.88
N VAL F 214 -51.10 25.92 -24.05
CA VAL F 214 -50.51 24.57 -24.28
C VAL F 214 -49.54 24.69 -25.44
N ASP F 215 -48.70 23.67 -25.66
CA ASP F 215 -47.76 23.60 -26.80
C ASP F 215 -48.36 22.69 -27.89
N ALA F 216 -48.09 22.99 -29.15
CA ALA F 216 -48.36 22.08 -30.29
C ALA F 216 -47.37 20.92 -30.19
N THR F 217 -47.83 19.67 -30.33
CA THR F 217 -46.97 18.48 -30.48
C THR F 217 -46.85 18.13 -31.96
N GLU F 218 -47.87 18.39 -32.76
CA GLU F 218 -47.95 17.89 -34.16
C GLU F 218 -48.88 18.78 -34.99
N ILE F 219 -48.45 19.11 -36.21
CA ILE F 219 -49.30 19.75 -37.25
C ILE F 219 -49.90 18.62 -38.08
N ARG F 220 -51.22 18.52 -38.17
CA ARG F 220 -51.88 17.49 -38.99
C ARG F 220 -52.23 18.12 -40.34
N ALA F 221 -51.91 17.39 -41.40
CA ALA F 221 -52.19 17.74 -42.80
C ALA F 221 -52.45 16.45 -43.59
N SER F 222 -53.23 16.55 -44.67
CA SER F 222 -53.39 15.51 -45.71
C SER F 222 -54.06 16.16 -46.91
N HIS F 223 -53.90 15.57 -48.10
CA HIS F 223 -54.31 16.17 -49.39
C HIS F 223 -53.69 17.57 -49.48
N GLY F 224 -52.42 17.70 -49.09
CA GLY F 224 -51.56 18.91 -49.19
C GLY F 224 -52.16 20.14 -48.52
N ARG F 225 -52.88 19.95 -47.41
CA ARG F 225 -53.69 21.02 -46.78
C ARG F 225 -53.65 20.84 -45.26
N VAL F 226 -53.51 21.92 -44.48
CA VAL F 226 -53.51 21.81 -43.00
C VAL F 226 -54.94 21.51 -42.53
N GLU F 227 -55.07 20.61 -41.56
CA GLU F 227 -56.33 20.27 -40.85
C GLU F 227 -56.33 20.88 -39.43
N GLY F 228 -55.16 21.02 -38.81
CA GLY F 228 -55.01 21.67 -37.49
C GLY F 228 -53.82 21.15 -36.72
N VAL F 229 -53.92 21.18 -35.39
CA VAL F 229 -52.76 20.97 -34.47
C VAL F 229 -53.19 20.07 -33.30
N VAL F 230 -52.44 19.00 -33.06
CA VAL F 230 -52.49 18.19 -31.81
C VAL F 230 -51.67 18.96 -30.76
N THR F 231 -52.21 19.13 -29.56
CA THR F 231 -51.57 19.85 -28.42
C THR F 231 -51.06 18.83 -27.40
N ASP F 232 -50.22 19.27 -26.46
CA ASP F 232 -49.49 18.37 -25.53
C ASP F 232 -50.40 17.96 -24.35
N ASP F 233 -51.62 18.48 -24.27
CA ASP F 233 -52.68 17.95 -23.36
C ASP F 233 -53.52 16.89 -24.07
N GLY F 234 -53.10 16.44 -25.27
CA GLY F 234 -53.73 15.32 -26.01
C GLY F 234 -54.89 15.76 -26.91
N ASP F 235 -55.26 17.04 -26.88
CA ASP F 235 -56.42 17.60 -27.63
C ASP F 235 -56.04 17.77 -29.12
N PHE F 236 -57.04 17.92 -29.99
CA PHE F 236 -56.88 18.29 -31.42
C PHE F 236 -57.67 19.56 -31.70
N LEU F 237 -57.00 20.59 -32.23
CA LEU F 237 -57.64 21.89 -32.57
C LEU F 237 -57.70 21.97 -34.11
N PRO F 238 -58.91 22.09 -34.70
CA PRO F 238 -59.02 22.19 -36.16
C PRO F 238 -58.70 23.62 -36.63
N ALA F 239 -58.17 23.75 -37.83
CA ALA F 239 -57.83 25.06 -38.44
C ALA F 239 -57.63 24.92 -39.95
N GLY F 240 -57.99 25.97 -40.69
CA GLY F 240 -57.65 26.14 -42.11
C GLY F 240 -56.26 26.77 -42.27
N HIS F 241 -55.79 27.50 -41.26
CA HIS F 241 -54.46 28.17 -41.25
C HIS F 241 -53.69 27.85 -39.96
N VAL F 242 -52.44 27.41 -40.10
CA VAL F 242 -51.47 27.26 -38.99
C VAL F 242 -50.24 28.11 -39.30
N VAL F 243 -49.96 29.10 -38.44
CA VAL F 243 -48.75 29.96 -38.51
C VAL F 243 -47.78 29.49 -37.43
N VAL F 244 -46.65 28.91 -37.85
CA VAL F 244 -45.58 28.43 -36.95
C VAL F 244 -44.61 29.58 -36.68
N ALA F 245 -44.59 30.05 -35.43
CA ALA F 245 -43.64 31.07 -34.90
C ALA F 245 -43.15 30.59 -33.55
N ALA F 246 -42.59 29.38 -33.53
CA ALA F 246 -42.18 28.67 -32.30
C ALA F 246 -40.69 28.89 -32.03
N GLY F 247 -40.11 30.00 -32.51
CA GLY F 247 -38.68 30.27 -32.34
C GLY F 247 -37.83 29.12 -32.85
N ALA F 248 -36.82 28.71 -32.08
CA ALA F 248 -35.81 27.73 -32.49
C ALA F 248 -36.46 26.34 -32.68
N ARG F 249 -37.71 26.13 -32.28
CA ARG F 249 -38.41 24.81 -32.43
C ARG F 249 -39.20 24.75 -33.74
N SER F 250 -39.24 25.84 -34.51
CA SER F 250 -40.18 26.03 -35.65
C SER F 250 -39.95 24.97 -36.75
N GLN F 251 -38.70 24.75 -37.17
CA GLN F 251 -38.44 23.79 -38.27
C GLN F 251 -38.62 22.36 -37.77
N ARG F 252 -38.23 22.03 -36.55
CA ARG F 252 -38.39 20.65 -35.99
C ARG F 252 -39.89 20.30 -36.00
N LEU F 253 -40.77 21.25 -35.78
CA LEU F 253 -42.24 21.04 -35.75
C LEU F 253 -42.76 20.71 -37.17
N VAL F 254 -42.31 21.43 -38.19
CA VAL F 254 -42.80 21.32 -39.60
C VAL F 254 -42.09 20.15 -40.33
N ALA F 255 -40.90 19.75 -39.88
CA ALA F 255 -40.05 18.72 -40.54
C ALA F 255 -40.71 17.34 -40.47
N ALA F 256 -41.70 17.17 -39.60
CA ALA F 256 -42.47 15.92 -39.43
C ALA F 256 -43.35 15.67 -40.68
N LEU F 257 -43.80 16.74 -41.35
CA LEU F 257 -44.69 16.67 -42.53
C LEU F 257 -43.94 16.13 -43.75
N PRO F 258 -44.62 15.39 -44.66
CA PRO F 258 -43.95 14.70 -45.78
C PRO F 258 -43.00 15.57 -46.63
N GLY F 259 -41.72 15.17 -46.73
CA GLY F 259 -40.70 15.82 -47.60
C GLY F 259 -40.10 17.09 -47.01
N LEU F 260 -40.73 17.68 -45.98
CA LEU F 260 -40.39 19.04 -45.49
C LEU F 260 -39.08 19.04 -44.69
N ALA F 261 -38.59 17.88 -44.25
CA ALA F 261 -37.33 17.72 -43.50
C ALA F 261 -36.15 18.30 -44.29
N HIS F 262 -36.18 18.20 -45.63
CA HIS F 262 -35.08 18.64 -46.52
C HIS F 262 -35.51 19.83 -47.37
N ARG F 263 -36.65 20.45 -47.05
CA ARG F 263 -37.22 21.59 -47.83
C ARG F 263 -37.35 22.84 -46.95
N ILE F 264 -37.43 22.69 -45.63
CA ILE F 264 -37.40 23.84 -44.66
C ILE F 264 -36.01 23.85 -44.03
N PRO F 265 -35.18 24.90 -44.26
CA PRO F 265 -33.86 24.97 -43.66
C PRO F 265 -33.93 24.78 -42.13
N ARG F 266 -33.02 23.99 -41.60
CA ARG F 266 -32.90 23.76 -40.14
C ARG F 266 -32.72 25.09 -39.42
N ILE F 267 -33.26 25.16 -38.20
CA ILE F 267 -33.07 26.29 -37.27
C ILE F 267 -32.45 25.74 -35.99
N TYR F 268 -31.33 26.30 -35.57
CA TYR F 268 -30.60 25.89 -34.35
C TYR F 268 -30.81 26.95 -33.25
N ASP F 269 -30.31 26.66 -32.04
CA ASP F 269 -30.43 27.55 -30.85
C ASP F 269 -29.19 28.46 -30.76
N GLY F 270 -29.36 29.75 -31.05
CA GLY F 270 -28.35 30.78 -30.74
C GLY F 270 -28.50 31.19 -29.28
N VAL F 271 -27.96 30.40 -28.36
CA VAL F 271 -28.21 30.54 -26.90
C VAL F 271 -27.57 31.85 -26.45
N GLY F 272 -28.39 32.74 -25.89
CA GLY F 272 -27.99 34.08 -25.47
C GLY F 272 -28.22 34.29 -23.98
N VAL F 273 -27.24 34.87 -23.32
CA VAL F 273 -27.31 35.22 -21.88
C VAL F 273 -27.30 36.74 -21.75
N SER F 274 -28.23 37.25 -20.94
CA SER F 274 -28.38 38.68 -20.62
C SER F 274 -28.68 38.80 -19.13
N ALA F 275 -28.73 40.01 -18.58
CA ALA F 275 -29.00 40.18 -17.15
C ALA F 275 -29.71 41.49 -16.91
N LEU F 276 -30.54 41.51 -15.87
CA LEU F 276 -31.19 42.71 -15.31
C LEU F 276 -30.43 43.07 -14.03
N VAL F 277 -30.02 44.31 -13.92
CA VAL F 277 -29.18 44.82 -12.81
C VAL F 277 -29.91 46.06 -12.25
N ASP F 278 -30.04 46.16 -10.94
CA ASP F 278 -30.46 47.39 -10.24
C ASP F 278 -29.20 48.23 -9.99
N THR F 279 -29.09 49.38 -10.65
CA THR F 279 -27.85 50.20 -10.58
C THR F 279 -27.65 50.72 -9.14
N TRP F 280 -26.41 50.88 -8.74
CA TRP F 280 -25.94 51.35 -7.41
C TRP F 280 -26.73 52.61 -6.99
N ASP F 281 -27.05 53.52 -7.90
CA ASP F 281 -27.66 54.84 -7.57
C ASP F 281 -29.04 55.02 -8.22
N GLY F 282 -29.60 53.98 -8.84
CA GLY F 282 -30.89 54.06 -9.54
C GLY F 282 -30.80 54.75 -10.90
N SER F 283 -29.63 55.24 -11.32
CA SER F 283 -29.47 55.93 -12.61
C SER F 283 -29.36 54.90 -13.76
N GLY F 284 -29.44 55.38 -14.98
CA GLY F 284 -29.28 54.62 -16.22
C GLY F 284 -28.96 55.59 -17.34
N PRO F 285 -28.44 55.14 -18.50
CA PRO F 285 -28.18 56.05 -19.60
C PRO F 285 -29.51 56.41 -20.30
N ALA F 286 -29.51 57.55 -20.97
CA ALA F 286 -30.69 58.07 -21.71
C ALA F 286 -30.78 57.38 -23.06
N THR F 287 -29.68 56.83 -23.57
CA THR F 287 -29.63 56.13 -24.88
C THR F 287 -29.26 54.67 -24.69
N VAL F 288 -29.55 53.84 -25.67
CA VAL F 288 -28.87 52.54 -25.83
C VAL F 288 -27.36 52.84 -25.93
N LEU F 289 -26.55 51.99 -25.32
CA LEU F 289 -25.08 51.98 -25.50
C LEU F 289 -24.72 50.62 -26.10
N ARG F 290 -23.99 50.57 -27.20
CA ARG F 290 -23.64 49.25 -27.79
C ARG F 290 -22.30 49.32 -28.52
N THR F 291 -21.72 48.15 -28.71
CA THR F 291 -20.66 47.90 -29.72
C THR F 291 -21.33 47.38 -30.98
N SER F 292 -20.61 47.33 -32.09
CA SER F 292 -21.04 46.53 -33.25
C SER F 292 -20.99 45.05 -32.85
N ASN F 293 -21.57 44.20 -33.69
CA ASN F 293 -21.62 42.73 -33.48
C ASN F 293 -20.18 42.22 -33.42
N ARG F 294 -19.94 41.27 -32.51
CA ARG F 294 -18.59 40.78 -32.18
C ARG F 294 -18.53 39.28 -32.48
N ALA F 295 -17.53 38.58 -31.97
CA ALA F 295 -17.19 37.19 -32.34
C ALA F 295 -18.42 36.29 -32.29
N PHE F 296 -18.72 35.62 -33.42
CA PHE F 296 -19.79 34.59 -33.54
C PHE F 296 -21.14 35.19 -33.11
N ALA F 297 -21.37 36.45 -33.50
CA ALA F 297 -22.65 37.17 -33.42
C ALA F 297 -23.09 37.39 -31.96
N CYS F 298 -22.14 37.55 -31.05
CA CYS F 298 -22.45 38.17 -29.75
C CYS F 298 -22.23 39.69 -29.88
N GLY F 299 -22.33 40.41 -28.79
CA GLY F 299 -22.10 41.86 -28.78
C GLY F 299 -22.35 42.37 -27.38
N LEU F 300 -21.89 43.59 -27.11
CA LEU F 300 -22.06 44.21 -25.79
C LEU F 300 -23.03 45.37 -25.94
N HIS F 301 -24.01 45.44 -25.06
CA HIS F 301 -24.97 46.56 -25.06
C HIS F 301 -25.63 46.71 -23.70
N LEU F 302 -26.08 47.93 -23.46
CA LEU F 302 -26.90 48.29 -22.29
C LEU F 302 -28.17 48.93 -22.84
N VAL F 303 -29.33 48.40 -22.45
CA VAL F 303 -30.67 48.92 -22.83
C VAL F 303 -31.32 49.52 -21.59
N PRO F 304 -31.70 50.80 -21.62
CA PRO F 304 -32.40 51.44 -20.52
C PRO F 304 -33.69 50.68 -20.15
N ARG F 305 -33.98 50.64 -18.86
CA ARG F 305 -35.28 50.14 -18.31
C ARG F 305 -35.78 51.18 -17.31
N ALA F 306 -37.08 51.18 -17.03
CA ALA F 306 -37.69 52.07 -16.00
C ALA F 306 -37.34 51.52 -14.61
N GLY F 307 -37.42 52.37 -13.59
CA GLY F 307 -37.41 51.94 -12.18
C GLY F 307 -36.01 51.58 -11.64
N GLY F 308 -34.94 52.20 -12.14
CA GLY F 308 -33.58 52.03 -11.58
C GLY F 308 -32.93 50.70 -11.97
N SER F 309 -33.48 50.03 -12.97
CA SER F 309 -32.94 48.76 -13.55
C SER F 309 -32.24 49.10 -14.87
N VAL F 310 -31.21 48.34 -15.25
CA VAL F 310 -30.68 48.34 -16.65
C VAL F 310 -30.61 46.89 -17.12
N TYR F 311 -30.72 46.72 -18.44
CA TYR F 311 -30.52 45.43 -19.11
C TYR F 311 -29.10 45.44 -19.69
N ILE F 312 -28.35 44.37 -19.48
CA ILE F 312 -27.04 44.19 -20.16
C ILE F 312 -27.08 42.88 -20.93
N GLY F 313 -26.55 42.94 -22.14
CA GLY F 313 -26.45 41.78 -23.04
C GLY F 313 -25.27 41.95 -23.98
N ALA F 314 -25.05 40.93 -24.81
CA ALA F 314 -25.70 39.65 -24.71
C ALA F 314 -24.79 38.64 -25.39
N THR F 315 -24.62 37.46 -24.81
CA THR F 315 -23.76 36.40 -25.34
C THR F 315 -24.51 35.71 -26.48
N ASN F 316 -23.78 34.92 -27.25
CA ASN F 316 -24.38 34.06 -28.30
C ASN F 316 -23.47 32.84 -28.47
N ALA F 317 -24.06 31.66 -28.48
CA ALA F 317 -23.38 30.39 -28.78
C ALA F 317 -24.38 29.53 -29.53
N VAL F 318 -24.05 29.17 -30.78
CA VAL F 318 -24.93 28.25 -31.54
C VAL F 318 -24.78 26.85 -30.92
N CYS F 319 -25.88 26.27 -30.49
CA CYS F 319 -25.92 24.89 -29.92
C CYS F 319 -26.80 24.01 -30.83
N LEU F 320 -26.33 22.80 -31.13
CA LEU F 320 -27.06 21.82 -31.97
C LEU F 320 -28.25 21.25 -31.21
N GLU F 321 -28.26 21.41 -29.88
CA GLU F 321 -29.42 21.04 -29.02
C GLU F 321 -29.73 22.22 -28.10
N PRO F 322 -31.02 22.41 -27.72
CA PRO F 322 -31.40 23.52 -26.85
C PRO F 322 -30.72 23.47 -25.48
N ARG F 323 -30.48 24.64 -24.90
CA ARG F 323 -29.93 24.77 -23.51
C ARG F 323 -30.65 25.96 -22.89
N GLY F 324 -31.15 25.77 -21.67
CA GLY F 324 -31.99 26.74 -20.97
C GLY F 324 -31.28 27.38 -19.80
N ALA F 325 -30.00 27.08 -19.59
CA ALA F 325 -29.21 27.63 -18.46
C ALA F 325 -27.94 28.28 -18.99
N ALA F 326 -27.54 29.40 -18.39
CA ALA F 326 -26.27 30.10 -18.67
C ALA F 326 -25.13 29.20 -18.23
N SER F 327 -24.03 29.20 -18.97
CA SER F 327 -22.76 28.63 -18.50
C SER F 327 -22.06 29.69 -17.63
N ILE F 328 -21.17 29.26 -16.76
CA ILE F 328 -20.34 30.18 -15.92
C ILE F 328 -19.61 31.14 -16.86
N GLU F 329 -18.96 30.62 -17.91
CA GLU F 329 -18.17 31.41 -18.89
C GLU F 329 -19.00 32.59 -19.44
N GLU F 330 -20.26 32.33 -19.80
CA GLU F 330 -21.16 33.33 -20.44
C GLU F 330 -21.43 34.45 -19.43
N THR F 331 -21.76 34.08 -18.19
CA THR F 331 -22.05 35.05 -17.12
C THR F 331 -20.82 35.95 -16.90
N VAL F 332 -19.64 35.35 -16.79
CA VAL F 332 -18.40 36.10 -16.48
C VAL F 332 -18.09 37.04 -17.66
N ALA F 333 -18.19 36.58 -18.90
CA ALA F 333 -17.82 37.39 -20.09
C ALA F 333 -18.77 38.59 -20.19
N LEU F 334 -20.07 38.37 -20.01
CA LEU F 334 -21.08 39.45 -20.09
C LEU F 334 -20.77 40.50 -19.02
N PHE F 335 -20.61 40.07 -17.77
CA PHE F 335 -20.38 40.98 -16.63
C PHE F 335 -19.04 41.71 -16.81
N ASN F 336 -17.99 40.98 -17.16
CA ASN F 336 -16.63 41.58 -17.28
C ASN F 336 -16.64 42.67 -18.36
N CYS F 337 -17.24 42.40 -19.50
CA CYS F 337 -17.28 43.38 -20.63
C CYS F 337 -18.08 44.62 -20.21
N ALA F 338 -19.25 44.45 -19.59
CA ALA F 338 -20.13 45.59 -19.25
C ALA F 338 -19.45 46.48 -18.19
N THR F 339 -18.84 45.90 -17.16
CA THR F 339 -18.22 46.65 -16.05
C THR F 339 -16.98 47.41 -16.54
N HIS F 340 -16.21 46.84 -17.46
CA HIS F 340 -14.95 47.46 -17.97
C HIS F 340 -15.26 48.48 -19.06
N GLN F 341 -16.12 48.11 -20.01
CA GLN F 341 -16.28 48.89 -21.28
C GLN F 341 -17.40 49.93 -21.15
N LEU F 342 -18.38 49.75 -20.26
CA LEU F 342 -19.54 50.66 -20.17
C LEU F 342 -19.51 51.45 -18.84
N HIS F 343 -19.57 50.77 -17.69
CA HIS F 343 -19.69 51.48 -16.39
C HIS F 343 -19.16 50.60 -15.26
N ARG F 344 -18.08 51.06 -14.62
CA ARG F 344 -17.46 50.34 -13.48
C ARG F 344 -18.41 50.25 -12.28
N GLY F 345 -19.34 51.19 -12.16
CA GLY F 345 -20.39 51.20 -11.11
C GLY F 345 -21.29 49.98 -11.20
N LEU F 346 -21.39 49.32 -12.35
CA LEU F 346 -22.20 48.07 -12.48
C LEU F 346 -21.58 46.98 -11.61
N ASN F 347 -20.28 47.08 -11.32
CA ASN F 347 -19.57 46.10 -10.46
C ASN F 347 -20.24 46.00 -9.10
N GLY F 348 -20.62 47.14 -8.52
CA GLY F 348 -21.24 47.23 -7.18
C GLY F 348 -22.74 47.21 -7.26
N SER F 349 -23.30 46.98 -8.44
CA SER F 349 -24.76 46.99 -8.64
C SER F 349 -25.30 45.58 -8.34
N GLU F 350 -26.58 45.47 -7.99
CA GLU F 350 -27.22 44.20 -7.59
C GLU F 350 -27.74 43.46 -8.82
N LEU F 351 -27.36 42.18 -8.93
CA LEU F 351 -27.85 41.27 -9.98
C LEU F 351 -29.28 40.84 -9.61
N ARG F 352 -30.27 41.20 -10.43
CA ARG F 352 -31.67 40.81 -10.16
C ARG F 352 -32.01 39.54 -10.96
N LYS F 353 -31.49 39.38 -12.17
CA LYS F 353 -31.88 38.21 -12.99
C LYS F 353 -30.84 37.91 -14.05
N VAL F 354 -30.42 36.67 -14.17
CA VAL F 354 -29.70 36.13 -15.35
C VAL F 354 -30.75 35.52 -16.27
N GLN F 355 -30.83 35.98 -17.52
CA GLN F 355 -31.84 35.54 -18.50
C GLN F 355 -31.13 34.74 -19.59
N VAL F 356 -31.80 33.70 -20.08
CA VAL F 356 -31.29 32.80 -21.15
C VAL F 356 -32.43 32.57 -22.14
N GLY F 357 -32.14 32.73 -23.42
CA GLY F 357 -33.10 32.51 -24.53
C GLY F 357 -32.37 32.00 -25.76
N SER F 358 -33.09 31.39 -26.70
CA SER F 358 -32.54 30.82 -27.95
C SER F 358 -32.94 31.71 -29.12
N ARG F 359 -32.00 32.49 -29.63
CA ARG F 359 -32.15 33.17 -30.94
C ARG F 359 -32.34 32.07 -31.98
N PRO F 360 -33.42 32.10 -32.78
CA PRO F 360 -33.61 31.12 -33.84
C PRO F 360 -32.58 31.32 -34.96
N ALA F 361 -31.59 30.44 -35.02
CA ALA F 361 -30.39 30.54 -35.87
C ALA F 361 -30.56 29.68 -37.12
N PRO F 362 -30.93 30.26 -38.27
CA PRO F 362 -31.12 29.47 -39.49
C PRO F 362 -29.79 28.96 -40.04
N ILE F 363 -29.75 27.71 -40.50
CA ILE F 363 -28.50 27.02 -40.96
C ILE F 363 -27.89 27.74 -42.18
N ASP F 364 -28.65 28.51 -42.96
CA ASP F 364 -28.14 29.21 -44.17
C ASP F 364 -28.06 30.73 -43.90
N GLY F 365 -28.34 31.17 -42.67
CA GLY F 365 -28.04 32.54 -42.22
C GLY F 365 -29.15 33.53 -42.51
N PHE F 366 -30.32 33.10 -43.01
CA PHE F 366 -31.41 34.04 -43.37
C PHE F 366 -32.75 33.54 -42.83
N PRO F 367 -33.68 34.46 -42.55
CA PRO F 367 -34.96 34.10 -41.96
C PRO F 367 -35.84 33.23 -42.87
N LEU F 368 -36.88 32.67 -42.25
CA LEU F 368 -37.90 31.79 -42.85
C LEU F 368 -39.25 32.45 -42.63
N ILE F 369 -39.73 33.19 -43.63
CA ILE F 369 -40.92 34.07 -43.51
C ILE F 369 -41.81 33.83 -44.73
N GLY F 370 -43.00 33.28 -44.52
CA GLY F 370 -44.04 33.23 -45.56
C GLY F 370 -44.67 31.86 -45.69
N GLY F 371 -45.08 31.52 -46.90
CA GLY F 371 -45.92 30.34 -47.19
C GLY F 371 -45.08 29.12 -47.47
N THR F 372 -45.77 27.99 -47.60
CA THR F 372 -45.27 26.61 -47.67
C THR F 372 -45.98 25.97 -48.87
N SER F 373 -45.56 24.79 -49.30
CA SER F 373 -46.22 23.95 -50.33
C SER F 373 -47.46 23.29 -49.72
N VAL F 374 -47.63 23.36 -48.40
CA VAL F 374 -48.85 22.88 -47.69
C VAL F 374 -49.81 24.06 -47.55
N GLU F 375 -51.01 23.92 -48.11
CA GLU F 375 -52.04 24.99 -48.13
C GLU F 375 -52.42 25.33 -46.69
N GLY F 376 -52.42 26.62 -46.36
CA GLY F 376 -52.72 27.15 -45.02
C GLY F 376 -51.56 27.01 -44.01
N LEU F 377 -50.39 26.47 -44.40
CA LEU F 377 -49.21 26.38 -43.49
C LEU F 377 -48.24 27.53 -43.76
N TRP F 378 -47.99 28.35 -42.74
CA TRP F 378 -47.14 29.56 -42.77
C TRP F 378 -46.05 29.44 -41.70
N MET F 379 -44.93 30.14 -41.90
CA MET F 379 -43.78 30.15 -40.97
C MET F 379 -43.31 31.58 -40.79
N LEU F 380 -42.99 31.92 -39.54
CA LEU F 380 -42.29 33.17 -39.15
C LEU F 380 -41.20 32.78 -38.15
N SER F 381 -39.96 32.58 -38.61
CA SER F 381 -38.86 32.09 -37.75
C SER F 381 -37.48 32.39 -38.39
N GLY F 382 -36.43 31.94 -37.71
CA GLY F 382 -35.03 32.04 -38.18
C GLY F 382 -34.56 33.49 -38.22
N THR F 383 -35.08 34.35 -37.33
CA THR F 383 -34.75 35.79 -37.32
C THR F 383 -33.49 36.09 -36.48
N TYR F 384 -32.93 35.11 -35.77
CA TYR F 384 -31.61 35.22 -35.09
C TYR F 384 -31.59 36.46 -34.18
N ARG F 385 -30.87 37.53 -34.54
CA ARG F 385 -30.60 38.68 -33.64
C ARG F 385 -31.63 39.81 -33.79
N ASP F 386 -32.52 39.80 -34.79
CA ASP F 386 -33.33 41.03 -35.05
C ASP F 386 -34.77 40.73 -35.51
N GLY F 387 -35.34 39.59 -35.13
CA GLY F 387 -36.76 39.28 -35.30
C GLY F 387 -37.66 40.25 -34.55
N LEU F 388 -37.29 40.58 -33.32
CA LEU F 388 -38.11 41.51 -32.50
C LEU F 388 -38.17 42.87 -33.21
N HIS F 389 -37.02 43.40 -33.65
CA HIS F 389 -36.97 44.68 -34.41
C HIS F 389 -37.87 44.59 -35.66
N MET F 390 -37.79 43.49 -36.39
CA MET F 390 -38.47 43.37 -37.71
C MET F 390 -39.95 43.00 -37.52
N SER F 391 -40.39 42.64 -36.31
CA SER F 391 -41.70 41.99 -36.03
C SER F 391 -42.87 42.73 -36.72
N PRO F 392 -43.06 44.06 -36.60
CA PRO F 392 -44.23 44.69 -37.21
C PRO F 392 -44.25 44.51 -38.74
N LEU F 393 -43.08 44.59 -39.37
CA LEU F 393 -42.94 44.42 -40.83
C LEU F 393 -43.24 42.96 -41.19
N LEU F 394 -42.67 42.00 -40.47
CA LEU F 394 -42.83 40.56 -40.78
C LEU F 394 -44.29 40.14 -40.61
N ALA F 395 -44.96 40.65 -39.56
CA ALA F 395 -46.36 40.34 -39.25
C ALA F 395 -47.24 40.81 -40.43
N ARG F 396 -47.04 42.05 -40.87
CA ARG F 396 -47.83 42.67 -41.95
C ARG F 396 -47.56 41.94 -43.27
N HIS F 397 -46.32 41.56 -43.53
CA HIS F 397 -45.95 40.74 -44.71
C HIS F 397 -46.78 39.46 -44.72
N VAL F 398 -46.73 38.67 -43.66
CA VAL F 398 -47.36 37.33 -43.67
C VAL F 398 -48.90 37.51 -43.74
N VAL F 399 -49.45 38.51 -43.08
CA VAL F 399 -50.92 38.78 -43.08
C VAL F 399 -51.37 39.17 -44.50
N SER F 400 -50.60 40.00 -45.20
CA SER F 400 -50.84 40.36 -46.62
C SER F 400 -50.88 39.07 -47.47
N LEU F 401 -49.88 38.20 -47.34
CA LEU F 401 -49.81 36.93 -48.11
C LEU F 401 -51.05 36.09 -47.81
N MET F 402 -51.47 35.98 -46.55
CA MET F 402 -52.63 35.15 -46.11
C MET F 402 -53.91 35.71 -46.73
N ASP F 403 -53.93 37.00 -47.10
CA ASP F 403 -55.10 37.71 -47.67
C ASP F 403 -55.00 37.75 -49.21
N GLY F 404 -54.05 37.03 -49.81
CA GLY F 404 -53.84 36.96 -51.27
C GLY F 404 -53.06 38.14 -51.83
N GLY F 405 -52.47 39.00 -50.97
CA GLY F 405 -51.57 40.10 -51.38
C GLY F 405 -50.17 39.59 -51.66
N THR F 406 -49.22 40.49 -51.95
CA THR F 406 -47.79 40.15 -52.17
C THR F 406 -46.93 40.66 -51.00
N GLY F 407 -47.56 41.24 -49.97
CA GLY F 407 -46.87 41.68 -48.76
C GLY F 407 -45.79 42.69 -49.07
N VAL F 408 -44.61 42.51 -48.46
CA VAL F 408 -43.49 43.47 -48.52
C VAL F 408 -42.51 42.99 -49.59
N ASP F 409 -42.08 43.88 -50.48
CA ASP F 409 -41.11 43.55 -51.56
C ASP F 409 -39.79 43.21 -50.88
N GLY F 410 -39.10 42.16 -51.35
CA GLY F 410 -37.75 41.84 -50.86
C GLY F 410 -37.72 40.77 -49.78
N LEU F 411 -38.86 40.31 -49.27
CA LEU F 411 -38.97 39.19 -48.31
C LEU F 411 -39.31 37.88 -49.04
N ARG F 412 -39.40 37.93 -50.38
CA ARG F 412 -39.68 36.74 -51.22
C ARG F 412 -38.49 35.78 -51.18
N GLU F 413 -37.26 36.30 -51.20
CA GLU F 413 -36.02 35.48 -51.14
C GLU F 413 -35.93 34.70 -49.82
N PHE F 414 -36.68 35.11 -48.78
CA PHE F 414 -36.59 34.51 -47.42
C PHE F 414 -37.78 33.60 -47.16
N ARG F 415 -38.46 33.15 -48.22
CA ARG F 415 -39.56 32.16 -48.16
C ARG F 415 -39.04 30.92 -47.46
N PRO F 416 -39.84 30.29 -46.57
CA PRO F 416 -39.35 29.23 -45.68
C PRO F 416 -39.02 27.92 -46.39
N GLU F 417 -39.66 27.66 -47.52
CA GLU F 417 -39.48 26.39 -48.27
C GLU F 417 -38.53 26.70 -49.44
N ARG F 418 -37.27 26.28 -49.31
CA ARG F 418 -36.20 26.72 -50.22
C ARG F 418 -35.02 25.77 -50.10
N ASP F 419 -34.23 25.69 -51.18
CA ASP F 419 -32.84 25.19 -51.11
C ASP F 419 -32.09 26.12 -50.13
N LEU F 420 -31.08 25.61 -49.44
CA LEU F 420 -30.23 26.44 -48.56
C LEU F 420 -29.61 27.56 -49.40
N ILE F 421 -29.72 28.80 -48.91
CA ILE F 421 -29.02 29.97 -49.48
C ILE F 421 -27.51 29.79 -49.30
N SER F 422 -26.72 30.15 -50.33
CA SER F 422 -25.25 30.28 -50.29
C SER F 422 -24.90 31.75 -50.50
N ALA F 423 -24.95 32.56 -49.45
CA ALA F 423 -24.82 34.03 -49.56
C ALA F 423 -23.35 34.43 -49.67
N TRP F 424 -22.42 33.54 -49.33
CA TRP F 424 -20.96 33.81 -49.35
C TRP F 424 -20.23 32.62 -49.96
N SER F 425 -19.05 32.86 -50.52
CA SER F 425 -18.11 31.80 -50.97
C SER F 425 -17.56 31.06 -49.76
N ARG F 426 -17.18 29.80 -49.96
CA ARG F 426 -16.49 28.99 -48.94
C ARG F 426 -15.25 29.75 -48.44
N GLU F 427 -14.50 30.38 -49.36
CA GLU F 427 -13.27 31.16 -49.02
C GLU F 427 -13.65 32.31 -48.06
N GLU F 428 -14.72 33.04 -48.33
CA GLU F 428 -15.15 34.19 -47.48
C GLU F 428 -15.47 33.67 -46.07
N ILE F 429 -16.15 32.52 -45.97
CA ILE F 429 -16.61 31.94 -44.68
C ILE F 429 -15.38 31.42 -43.90
N LEU F 430 -14.44 30.75 -44.58
CA LEU F 430 -13.21 30.24 -43.91
C LEU F 430 -12.38 31.41 -43.37
N ASP F 431 -12.24 32.50 -44.10
CA ASP F 431 -11.58 33.74 -43.60
C ASP F 431 -12.34 34.22 -42.35
N ASP F 432 -13.67 34.25 -42.41
CA ASP F 432 -14.55 34.81 -41.35
C ASP F 432 -14.39 33.96 -40.08
N VAL F 433 -14.43 32.62 -40.19
CA VAL F 433 -14.45 31.72 -39.01
C VAL F 433 -13.11 31.83 -38.27
N VAL F 434 -12.00 32.02 -38.97
CA VAL F 434 -10.66 32.15 -38.32
C VAL F 434 -10.60 33.53 -37.64
N ARG F 435 -11.06 34.58 -38.31
CA ARG F 435 -11.15 35.95 -37.76
C ARG F 435 -11.98 35.94 -36.46
N HIS F 436 -13.16 35.33 -36.51
CA HIS F 436 -14.10 35.28 -35.35
C HIS F 436 -13.45 34.45 -34.25
N THR F 437 -12.74 33.37 -34.57
CA THR F 437 -12.06 32.54 -33.55
C THR F 437 -11.03 33.41 -32.81
N MET F 438 -10.19 34.12 -33.57
CA MET F 438 -9.16 35.01 -33.00
C MET F 438 -9.83 36.11 -32.17
N ALA F 439 -10.98 36.61 -32.61
CA ALA F 439 -11.72 37.68 -31.92
C ALA F 439 -12.18 37.22 -30.53
N THR F 440 -12.45 35.93 -30.30
CA THR F 440 -12.81 35.41 -28.96
C THR F 440 -11.64 35.69 -28.00
N GLY F 441 -10.41 35.68 -28.49
CA GLY F 441 -9.21 36.03 -27.71
C GLY F 441 -9.14 37.52 -27.42
N TYR F 442 -9.20 38.33 -28.46
CA TYR F 442 -9.01 39.80 -28.36
C TYR F 442 -10.16 40.41 -27.54
N GLU F 443 -11.34 39.81 -27.55
CA GLU F 443 -12.53 40.32 -26.82
C GLU F 443 -12.47 39.96 -25.34
N PHE F 444 -11.61 39.04 -24.93
CA PHE F 444 -11.56 38.51 -23.55
C PHE F 444 -11.27 39.64 -22.55
N PRO F 445 -10.23 40.49 -22.70
CA PRO F 445 -9.16 40.36 -23.68
C PRO F 445 -8.00 39.54 -23.12
N TRP F 446 -7.36 38.74 -23.97
CA TRP F 446 -6.22 37.92 -23.54
C TRP F 446 -4.95 38.78 -23.48
N ARG F 447 -3.92 38.25 -22.85
CA ARG F 447 -2.54 38.78 -22.86
C ARG F 447 -1.62 37.58 -23.13
N LEU F 448 -0.97 37.57 -24.29
CA LEU F 448 -0.24 36.43 -24.90
C LEU F 448 1.11 36.94 -25.35
N PRO F 449 2.11 36.06 -25.51
CA PRO F 449 3.33 36.43 -26.23
C PRO F 449 2.96 36.84 -27.66
N LEU F 450 3.69 37.79 -28.24
CA LEU F 450 3.28 38.52 -29.45
C LEU F 450 3.30 37.61 -30.69
N GLU F 451 4.05 36.50 -30.67
CA GLU F 451 4.11 35.53 -31.80
C GLU F 451 2.91 34.59 -31.76
N TRP F 452 2.17 34.49 -30.65
CA TRP F 452 1.18 33.40 -30.49
C TRP F 452 -0.02 33.59 -31.41
N PRO F 453 -0.60 34.80 -31.55
CA PRO F 453 -1.75 34.97 -32.43
C PRO F 453 -1.50 34.52 -33.88
N HIS F 454 -0.40 34.93 -34.48
CA HIS F 454 -0.06 34.52 -35.87
C HIS F 454 0.08 32.99 -35.92
N MET F 455 0.72 32.39 -34.93
CA MET F 455 0.87 30.92 -34.83
C MET F 455 -0.52 30.26 -34.80
N MET F 456 -1.43 30.75 -33.95
CA MET F 456 -2.80 30.18 -33.84
C MET F 456 -3.52 30.33 -35.19
N GLU F 457 -3.46 31.50 -35.82
CA GLU F 457 -4.13 31.76 -37.12
C GLU F 457 -3.66 30.74 -38.15
N THR F 458 -2.34 30.48 -38.25
CA THR F 458 -1.78 29.55 -39.25
C THR F 458 -2.29 28.13 -38.95
N PHE F 459 -2.39 27.73 -37.68
CA PHE F 459 -2.79 26.34 -37.31
C PHE F 459 -4.32 26.17 -37.28
N LEU F 460 -5.12 27.24 -37.32
CA LEU F 460 -6.60 27.14 -37.37
C LEU F 460 -7.08 26.94 -38.81
N GLN F 461 -6.35 27.45 -39.80
CA GLN F 461 -6.81 27.54 -41.21
C GLN F 461 -7.08 26.15 -41.78
N GLY F 462 -6.12 25.24 -41.63
CA GLY F 462 -6.16 23.86 -42.17
C GLY F 462 -7.39 23.11 -41.66
N PRO F 463 -7.54 22.91 -40.34
CA PRO F 463 -8.69 22.18 -39.81
C PRO F 463 -10.06 22.74 -40.20
N PHE F 464 -10.24 24.07 -40.31
CA PHE F 464 -11.55 24.64 -40.74
C PHE F 464 -11.77 24.35 -42.22
N ALA F 465 -10.74 24.49 -43.06
CA ALA F 465 -10.81 24.17 -44.51
C ALA F 465 -11.19 22.69 -44.70
N GLU F 466 -10.57 21.78 -43.92
CA GLU F 466 -10.82 20.32 -43.94
C GLU F 466 -12.28 20.06 -43.54
N LEU F 467 -12.79 20.73 -42.50
CA LEU F 467 -14.18 20.52 -42.05
C LEU F 467 -15.13 20.94 -43.16
N ALA F 468 -14.91 22.12 -43.74
CA ALA F 468 -15.80 22.71 -44.76
C ALA F 468 -15.88 21.75 -45.96
N ASP F 469 -14.73 21.20 -46.36
CA ASP F 469 -14.61 20.30 -47.53
C ASP F 469 -15.35 18.98 -47.25
N ARG F 470 -15.28 18.48 -46.04
CA ARG F 470 -15.89 17.21 -45.57
C ARG F 470 -17.41 17.34 -45.48
N LEU F 471 -17.95 18.50 -45.09
CA LEU F 471 -19.39 18.63 -44.76
C LEU F 471 -20.24 18.49 -46.04
N SER F 472 -19.79 19.09 -47.14
CA SER F 472 -20.56 19.18 -48.40
C SER F 472 -19.68 19.77 -49.51
N ASP F 473 -19.96 19.35 -50.76
CA ASP F 473 -19.33 19.91 -51.98
C ASP F 473 -20.01 21.23 -52.36
N THR F 474 -21.20 21.53 -51.84
CA THR F 474 -21.97 22.73 -52.33
C THR F 474 -22.28 23.69 -51.17
N TYR F 475 -22.74 23.21 -50.02
CA TYR F 475 -23.17 24.08 -48.90
C TYR F 475 -21.99 24.34 -47.95
N THR F 476 -21.88 25.58 -47.46
CA THR F 476 -20.97 25.97 -46.36
C THR F 476 -21.77 26.67 -45.27
N PRO F 477 -21.76 26.15 -44.02
CA PRO F 477 -22.43 26.84 -42.91
C PRO F 477 -21.71 28.15 -42.60
N PRO F 478 -22.45 29.23 -42.25
CA PRO F 478 -21.84 30.45 -41.75
C PRO F 478 -20.96 30.19 -40.52
N ALA F 479 -20.00 31.08 -40.24
CA ALA F 479 -18.96 30.93 -39.21
C ALA F 479 -19.57 30.52 -37.85
N ASP F 480 -20.65 31.19 -37.41
CA ASP F 480 -21.32 30.95 -36.11
C ASP F 480 -21.66 29.46 -35.97
N LEU F 481 -22.21 28.89 -37.04
CA LEU F 481 -22.61 27.46 -37.07
C LEU F 481 -21.36 26.59 -37.27
N MET F 482 -20.43 27.02 -38.13
CA MET F 482 -19.24 26.20 -38.46
C MET F 482 -18.42 25.92 -37.19
N THR F 483 -18.26 26.91 -36.30
CA THR F 483 -17.50 26.69 -35.03
C THR F 483 -18.26 25.66 -34.18
N ALA F 484 -19.58 25.76 -34.07
CA ALA F 484 -20.40 24.78 -33.29
C ALA F 484 -20.20 23.37 -33.87
N ILE F 485 -20.17 23.25 -35.19
CA ILE F 485 -19.99 21.92 -35.85
C ILE F 485 -18.57 21.43 -35.59
N MET F 486 -17.56 22.30 -35.71
CA MET F 486 -16.15 21.94 -35.49
C MET F 486 -15.98 21.24 -34.14
N PHE F 487 -16.66 21.74 -33.09
CA PHE F 487 -16.44 21.25 -31.71
C PHE F 487 -17.59 20.36 -31.25
N SER F 488 -18.43 19.86 -32.16
CA SER F 488 -19.50 18.89 -31.87
C SER F 488 -18.94 17.45 -31.95
N GLU F 489 -19.71 16.46 -31.51
CA GLU F 489 -19.34 15.01 -31.59
C GLU F 489 -19.27 14.58 -33.06
N ARG F 490 -18.44 13.56 -33.35
CA ARG F 490 -18.32 12.93 -34.70
C ARG F 490 -19.70 12.58 -35.27
N GLU F 491 -20.61 12.04 -34.44
CA GLU F 491 -21.96 11.55 -34.85
C GLU F 491 -22.81 12.74 -35.30
N GLN F 492 -22.67 13.89 -34.62
CA GLN F 492 -23.42 15.12 -34.96
C GLN F 492 -22.91 15.65 -36.30
N GLN F 493 -21.60 15.63 -36.51
CA GLN F 493 -20.96 16.02 -37.80
C GLN F 493 -21.47 15.10 -38.93
N ASP F 494 -21.47 13.79 -38.71
CA ASP F 494 -21.86 12.78 -39.73
C ASP F 494 -23.35 12.97 -40.07
N GLU F 495 -24.19 13.26 -39.07
CA GLU F 495 -25.64 13.50 -39.26
C GLU F 495 -25.82 14.75 -40.14
N LEU F 496 -24.99 15.79 -39.95
CA LEU F 496 -25.05 17.04 -40.77
C LEU F 496 -24.61 16.74 -42.20
N ILE F 497 -23.59 15.92 -42.40
CA ILE F 497 -23.11 15.55 -43.77
C ILE F 497 -24.30 14.90 -44.52
N ALA F 498 -24.99 13.97 -43.85
CA ALA F 498 -26.20 13.27 -44.36
C ALA F 498 -27.29 14.29 -44.69
N TYR F 499 -27.55 15.24 -43.77
CA TYR F 499 -28.60 16.28 -43.96
C TYR F 499 -28.28 17.09 -45.22
N TYR F 500 -27.05 17.58 -45.37
CA TYR F 500 -26.65 18.40 -46.52
C TYR F 500 -26.82 17.59 -47.83
N ALA F 501 -26.44 16.31 -47.82
CA ALA F 501 -26.56 15.40 -48.99
C ALA F 501 -28.03 15.26 -49.38
N ASP F 502 -28.91 15.04 -48.38
CA ASP F 502 -30.38 14.88 -48.56
C ASP F 502 -30.98 16.18 -49.08
N VAL F 503 -30.52 17.34 -48.59
CA VAL F 503 -31.00 18.66 -49.11
C VAL F 503 -30.59 18.77 -50.59
N HIS F 504 -29.35 18.44 -50.92
CA HIS F 504 -28.82 18.54 -52.30
C HIS F 504 -29.67 17.67 -53.25
N ARG F 505 -29.91 16.42 -52.86
CA ARG F 505 -30.78 15.43 -53.57
C ARG F 505 -32.16 16.05 -53.83
N GLU F 506 -32.81 16.61 -52.81
CA GLU F 506 -34.19 17.17 -52.91
C GLU F 506 -34.25 18.30 -53.93
N TRP F 507 -33.24 19.18 -54.00
CA TRP F 507 -33.34 20.47 -54.73
C TRP F 507 -32.61 20.43 -56.08
N HIS F 508 -31.78 19.43 -56.35
CA HIS F 508 -31.03 19.30 -57.62
C HIS F 508 -31.42 17.98 -58.28
N GLN G 27 40.67 89.43 -23.14
CA GLN G 27 40.56 88.85 -24.50
C GLN G 27 39.18 89.20 -25.08
N THR G 28 39.01 89.02 -26.39
CA THR G 28 37.70 88.90 -27.09
C THR G 28 37.41 87.43 -27.42
N ASP G 29 38.23 86.50 -26.93
CA ASP G 29 38.10 85.02 -27.11
C ASP G 29 36.80 84.52 -26.48
N VAL G 30 36.18 83.51 -27.09
CA VAL G 30 34.94 82.85 -26.58
C VAL G 30 35.27 81.39 -26.28
N ILE G 31 34.90 80.94 -25.08
CA ILE G 31 34.91 79.49 -24.70
C ILE G 31 33.46 79.03 -24.55
N VAL G 32 33.08 78.03 -25.34
CA VAL G 32 31.80 77.28 -25.18
C VAL G 32 32.12 76.05 -24.32
N VAL G 33 31.48 75.95 -23.16
CA VAL G 33 31.61 74.77 -22.27
C VAL G 33 30.46 73.81 -22.59
N GLY G 34 30.75 72.75 -23.34
CA GLY G 34 29.81 71.66 -23.62
C GLY G 34 29.70 71.36 -25.10
N ASN G 35 29.60 70.09 -25.46
CA ASN G 35 29.72 69.62 -26.86
C ASN G 35 28.47 68.81 -27.25
N GLY G 36 27.33 69.11 -26.61
CA GLY G 36 26.03 68.61 -27.07
C GLY G 36 25.51 69.46 -28.21
N VAL G 37 24.24 69.30 -28.54
CA VAL G 37 23.59 70.10 -29.62
C VAL G 37 23.67 71.60 -29.29
N LEU G 38 23.49 72.01 -28.03
CA LEU G 38 23.38 73.43 -27.70
C LEU G 38 24.77 74.09 -27.79
N GLY G 39 25.79 73.50 -27.16
CA GLY G 39 27.16 74.02 -27.21
C GLY G 39 27.66 74.13 -28.65
N LEU G 40 27.49 73.08 -29.45
CA LEU G 40 27.97 73.06 -30.86
C LEU G 40 27.15 74.02 -31.72
N SER G 41 25.84 74.13 -31.49
CA SER G 41 24.96 75.03 -32.27
C SER G 41 25.39 76.49 -32.03
N VAL G 42 25.62 76.85 -30.78
CA VAL G 42 26.03 78.24 -30.42
C VAL G 42 27.46 78.47 -30.92
N GLY G 43 28.35 77.48 -30.81
CA GLY G 43 29.72 77.56 -31.35
C GLY G 43 29.72 77.84 -32.84
N VAL G 44 28.89 77.11 -33.60
CA VAL G 44 28.78 77.31 -35.08
C VAL G 44 28.31 78.74 -35.34
N GLU G 45 27.28 79.22 -34.65
CA GLU G 45 26.68 80.55 -34.91
C GLU G 45 27.70 81.65 -34.57
N ILE G 46 28.42 81.54 -33.46
CA ILE G 46 29.47 82.51 -33.04
C ILE G 46 30.58 82.53 -34.10
N ALA G 47 31.12 81.36 -34.45
CA ALA G 47 32.25 81.24 -35.41
C ALA G 47 31.85 81.83 -36.76
N ARG G 48 30.61 81.59 -37.21
CA ARG G 48 30.14 82.03 -38.54
C ARG G 48 29.90 83.55 -38.55
N THR G 49 29.47 84.14 -37.44
CA THR G 49 29.01 85.56 -37.42
C THR G 49 30.10 86.50 -36.88
N ARG G 50 31.09 86.00 -36.14
CA ARG G 50 32.25 86.80 -35.67
C ARG G 50 33.55 86.13 -36.13
N PRO G 51 33.89 86.16 -37.45
CA PRO G 51 35.08 85.48 -37.97
C PRO G 51 36.39 86.06 -37.42
N ASP G 52 36.32 87.26 -36.85
CA ASP G 52 37.45 88.01 -36.23
C ASP G 52 37.81 87.43 -34.84
N VAL G 53 36.92 86.66 -34.19
CA VAL G 53 37.17 86.16 -32.79
C VAL G 53 37.48 84.66 -32.83
N ARG G 54 38.26 84.22 -31.86
CA ARG G 54 38.62 82.81 -31.62
C ARG G 54 37.58 82.17 -30.71
N VAL G 55 36.88 81.14 -31.20
CA VAL G 55 35.91 80.37 -30.36
C VAL G 55 36.48 78.96 -30.17
N THR G 56 36.62 78.59 -28.89
CA THR G 56 37.10 77.26 -28.43
C THR G 56 35.92 76.54 -27.76
N LEU G 57 35.66 75.29 -28.15
CA LEU G 57 34.56 74.48 -27.58
C LEU G 57 35.15 73.29 -26.80
N LEU G 58 34.78 73.18 -25.52
CA LEU G 58 35.22 72.12 -24.58
C LEU G 58 34.21 70.97 -24.54
N GLY G 59 34.68 69.78 -24.13
CA GLY G 59 33.89 68.55 -24.04
C GLY G 59 34.57 67.39 -24.74
N LYS G 60 34.35 66.17 -24.24
CA LYS G 60 35.05 64.94 -24.69
C LYS G 60 34.15 64.11 -25.59
N PRO G 61 34.72 63.32 -26.52
CA PRO G 61 33.92 62.51 -27.42
C PRO G 61 33.05 61.45 -26.70
N ALA G 62 33.36 61.06 -25.46
CA ALA G 62 32.52 60.12 -24.66
C ALA G 62 31.14 60.76 -24.37
N ARG G 63 31.07 62.08 -24.26
CA ARG G 63 29.79 62.81 -23.99
C ARG G 63 29.05 62.12 -22.84
N GLN G 64 29.73 61.99 -21.70
CA GLN G 64 29.15 61.35 -20.48
C GLN G 64 27.81 62.02 -20.13
N TYR G 65 26.79 61.20 -19.86
CA TYR G 65 25.41 61.61 -19.50
C TYR G 65 24.75 62.44 -20.60
N GLY G 66 25.34 62.47 -21.80
CA GLY G 66 24.90 63.38 -22.88
C GLY G 66 23.49 63.05 -23.34
N ALA G 67 22.61 64.05 -23.34
CA ALA G 67 21.22 63.93 -23.81
C ALA G 67 21.22 63.74 -25.33
N THR G 68 22.01 64.54 -26.06
CA THR G 68 21.92 64.65 -27.53
C THR G 68 22.16 63.28 -28.19
N PRO G 69 23.23 62.52 -27.88
CA PRO G 69 23.49 61.25 -28.55
C PRO G 69 22.43 60.17 -28.27
N ALA G 70 21.71 60.29 -27.15
CA ALA G 70 20.62 59.34 -26.75
C ALA G 70 19.29 59.73 -27.41
N ALA G 71 19.23 60.87 -28.13
CA ALA G 71 18.00 61.44 -28.71
C ALA G 71 17.79 60.87 -30.11
N GLY G 72 16.54 60.83 -30.56
CA GLY G 72 16.16 60.17 -31.83
C GLY G 72 16.72 60.86 -33.05
N ALA G 73 16.29 62.10 -33.31
CA ALA G 73 15.46 62.90 -32.44
C ALA G 73 14.31 63.50 -33.24
N MET G 74 13.21 63.73 -32.56
CA MET G 74 12.02 64.40 -33.14
C MET G 74 12.21 65.91 -33.10
N LEU G 75 11.87 66.59 -34.19
CA LEU G 75 11.79 68.08 -34.20
C LEU G 75 10.39 68.43 -33.68
N GLY G 76 10.20 68.16 -32.38
CA GLY G 76 8.90 68.14 -31.70
C GLY G 76 8.53 69.52 -31.22
N ALA G 77 7.47 70.04 -31.82
CA ALA G 77 6.81 71.32 -31.48
C ALA G 77 5.37 70.99 -31.07
N PHE G 78 4.56 70.55 -32.02
CA PHE G 78 3.14 70.17 -31.79
C PHE G 78 3.05 68.83 -31.06
N GLY G 79 3.93 67.88 -31.36
CA GLY G 79 3.95 66.56 -30.68
C GLY G 79 4.25 66.69 -29.20
N GLU G 80 4.93 67.76 -28.78
CA GLU G 80 5.26 68.02 -27.35
C GLU G 80 4.10 68.73 -26.63
N VAL G 81 3.02 69.09 -27.30
CA VAL G 81 1.91 69.85 -26.65
C VAL G 81 1.20 68.95 -25.63
N THR G 82 1.00 69.46 -24.42
CA THR G 82 0.09 68.88 -23.41
C THR G 82 -0.94 69.93 -22.98
N ALA G 83 -2.11 69.49 -22.53
CA ALA G 83 -3.17 70.34 -21.93
C ALA G 83 -2.55 71.12 -20.77
N HIS G 84 -1.80 70.46 -19.91
CA HIS G 84 -1.19 71.06 -18.70
C HIS G 84 -0.23 72.20 -19.06
N ALA G 85 0.66 72.00 -20.04
CA ALA G 85 1.63 73.02 -20.49
C ALA G 85 0.88 74.26 -21.02
N LEU G 86 -0.11 74.07 -21.91
CA LEU G 86 -0.87 75.15 -22.58
C LEU G 86 -1.88 75.83 -21.62
N ALA G 87 -2.10 75.31 -20.42
CA ALA G 87 -2.95 75.93 -19.38
C ALA G 87 -2.17 77.00 -18.61
N SER G 88 -0.85 77.13 -18.80
CA SER G 88 -0.02 78.16 -18.12
C SER G 88 0.55 79.14 -19.14
N GLU G 89 0.74 80.39 -18.74
CA GLU G 89 1.35 81.44 -19.59
C GLU G 89 2.77 81.02 -19.97
N HIS G 90 3.57 80.53 -19.02
CA HIS G 90 4.97 80.10 -19.29
C HIS G 90 4.98 78.93 -20.29
N GLY G 91 4.04 78.00 -20.16
CA GLY G 91 3.89 76.88 -21.12
C GLY G 91 3.57 77.35 -22.53
N ARG G 92 2.63 78.29 -22.67
CA ARG G 92 2.26 78.87 -23.99
C ARG G 92 3.48 79.60 -24.58
N LYS G 93 4.27 80.28 -23.76
CA LYS G 93 5.49 80.99 -24.22
C LYS G 93 6.52 79.98 -24.73
N LYS G 94 6.75 78.88 -23.99
CA LYS G 94 7.66 77.78 -24.38
C LYS G 94 7.17 77.19 -25.71
N HIS G 95 5.87 76.95 -25.85
CA HIS G 95 5.29 76.38 -27.09
C HIS G 95 5.54 77.32 -28.28
N ALA G 96 5.34 78.63 -28.10
CA ALA G 96 5.53 79.64 -29.16
C ALA G 96 6.96 79.54 -29.69
N LEU G 97 7.95 79.42 -28.80
CA LEU G 97 9.38 79.30 -29.17
C LEU G 97 9.62 78.00 -29.95
N ALA G 98 8.98 76.89 -29.59
CA ALA G 98 9.10 75.61 -30.33
C ALA G 98 8.56 75.79 -31.75
N VAL G 99 7.42 76.48 -31.92
CA VAL G 99 6.83 76.72 -33.25
C VAL G 99 7.79 77.59 -34.07
N GLN G 100 8.38 78.62 -33.46
CA GLN G 100 9.36 79.51 -34.13
C GLN G 100 10.60 78.71 -34.56
N ALA G 101 11.12 77.84 -33.70
CA ALA G 101 12.34 77.04 -34.00
C ALA G 101 12.10 76.16 -35.23
N GLN G 102 10.91 75.58 -35.38
CA GLN G 102 10.58 74.66 -36.51
C GLN G 102 10.86 75.36 -37.84
N ARG G 103 10.56 76.64 -37.95
CA ARG G 103 10.70 77.40 -39.21
C ARG G 103 12.18 77.55 -39.58
N LEU G 104 13.11 77.49 -38.63
CA LEU G 104 14.57 77.65 -38.89
C LEU G 104 15.20 76.35 -39.39
N TRP G 105 14.58 75.19 -39.16
CA TRP G 105 15.26 73.88 -39.36
C TRP G 105 15.64 73.65 -40.81
N PRO G 106 14.77 73.91 -41.82
CA PRO G 106 15.15 73.64 -43.21
C PRO G 106 16.45 74.33 -43.67
N GLU G 107 16.59 75.63 -43.42
CA GLU G 107 17.80 76.42 -43.81
C GLU G 107 18.99 76.03 -42.93
N TRP G 108 18.75 75.77 -41.64
CA TRP G 108 19.81 75.31 -40.69
C TRP G 108 20.43 74.01 -41.21
N ILE G 109 19.60 73.03 -41.56
CA ILE G 109 20.07 71.73 -42.12
C ILE G 109 20.85 71.98 -43.41
N GLU G 110 20.30 72.76 -44.34
CA GLU G 110 21.02 73.12 -45.61
C GLU G 110 22.41 73.66 -45.29
N SER G 111 22.51 74.60 -44.36
CA SER G 111 23.77 75.30 -43.97
C SER G 111 24.77 74.31 -43.35
N LEU G 112 24.28 73.25 -42.70
CA LEU G 112 25.16 72.24 -42.05
C LEU G 112 25.58 71.18 -43.07
N GLU G 113 24.67 70.71 -43.92
CA GLU G 113 24.99 69.66 -44.94
C GLU G 113 25.90 70.27 -46.03
N ALA G 114 25.83 71.57 -46.27
CA ALA G 114 26.63 72.33 -47.27
C ALA G 114 28.13 72.17 -46.99
N THR G 115 28.52 71.93 -45.73
CA THR G 115 29.96 71.80 -45.33
C THR G 115 30.42 70.35 -45.54
N GLY G 116 29.53 69.45 -45.97
CA GLY G 116 29.85 68.02 -46.14
C GLY G 116 29.53 67.56 -47.55
N THR G 117 29.46 66.25 -47.77
CA THR G 117 29.12 65.61 -49.07
C THR G 117 28.07 64.52 -48.83
N ALA G 118 27.52 63.91 -49.89
CA ALA G 118 26.54 62.81 -49.84
C ALA G 118 26.96 61.74 -48.82
N ALA G 119 28.25 61.40 -48.81
CA ALA G 119 28.84 60.28 -48.04
C ALA G 119 28.75 60.53 -46.53
N ASP G 120 28.47 61.76 -46.08
CA ASP G 120 28.36 62.09 -44.64
C ASP G 120 27.01 61.63 -44.06
N GLY G 121 26.06 61.28 -44.93
CA GLY G 121 24.71 60.87 -44.51
C GLY G 121 23.84 62.10 -44.43
N ARG G 122 22.52 61.88 -44.35
CA ARG G 122 21.51 62.96 -44.31
C ARG G 122 21.12 63.19 -42.86
N ILE G 123 21.06 64.46 -42.46
CA ILE G 123 20.65 64.87 -41.08
C ILE G 123 19.17 64.53 -40.91
N LYS G 124 18.32 64.88 -41.88
CA LYS G 124 16.85 64.70 -41.82
C LYS G 124 16.53 63.23 -42.08
N THR G 125 15.71 62.60 -41.24
CA THR G 125 15.32 61.17 -41.41
C THR G 125 13.83 61.04 -41.71
N ALA G 126 13.04 62.07 -41.45
CA ALA G 126 11.60 62.11 -41.78
C ALA G 126 11.15 63.57 -41.86
N ASP G 127 10.14 63.84 -42.66
CA ASP G 127 9.55 65.19 -42.83
C ASP G 127 8.30 65.39 -41.95
N ASP G 128 7.57 64.30 -41.71
CA ASP G 128 6.23 64.30 -41.10
C ASP G 128 6.21 63.39 -39.86
N THR G 129 5.19 63.61 -39.02
CA THR G 129 4.93 62.87 -37.78
C THR G 129 3.48 62.40 -37.80
N VAL G 130 3.24 61.17 -37.35
CA VAL G 130 1.88 60.69 -37.01
C VAL G 130 1.81 60.54 -35.48
N VAL G 131 0.86 61.23 -34.86
CA VAL G 131 0.52 61.06 -33.43
C VAL G 131 -0.62 60.05 -33.35
N LEU G 132 -0.42 58.99 -32.57
CA LEU G 132 -1.38 57.88 -32.44
C LEU G 132 -2.06 58.01 -31.07
N LEU G 133 -3.36 57.75 -31.02
CA LEU G 133 -4.11 57.66 -29.75
C LEU G 133 -4.60 56.23 -29.58
N ASN G 134 -4.10 55.55 -28.54
CA ASN G 134 -4.53 54.20 -28.12
C ASN G 134 -5.04 54.30 -26.68
N THR G 135 -5.45 53.18 -26.10
CA THR G 135 -6.04 53.17 -24.73
C THR G 135 -5.05 52.59 -23.72
N VAL G 136 -3.76 52.52 -24.07
CA VAL G 136 -2.72 52.03 -23.13
C VAL G 136 -2.18 53.22 -22.35
N GLY G 137 -3.06 53.86 -21.59
CA GLY G 137 -2.73 55.08 -20.83
C GLY G 137 -3.94 55.67 -20.17
N HIS G 138 -3.75 56.74 -19.45
CA HIS G 138 -4.81 57.44 -18.68
C HIS G 138 -5.56 58.33 -19.64
N SER G 139 -6.90 58.27 -19.66
CA SER G 139 -7.74 59.23 -20.41
C SER G 139 -7.41 60.67 -19.96
N ALA G 140 -7.12 60.89 -18.69
CA ALA G 140 -6.86 62.25 -18.14
C ALA G 140 -5.57 62.84 -18.72
N LEU G 141 -4.65 62.03 -19.25
CA LEU G 141 -3.47 62.54 -19.98
C LEU G 141 -3.70 62.42 -21.49
N ASP G 142 -3.85 61.19 -21.99
CA ASP G 142 -3.80 60.91 -23.44
C ASP G 142 -4.98 61.59 -24.15
N ASP G 143 -6.21 61.53 -23.62
CA ASP G 143 -7.39 62.13 -24.30
C ASP G 143 -7.25 63.66 -24.26
N ALA G 144 -6.91 64.22 -23.10
CA ALA G 144 -6.74 65.67 -22.91
C ALA G 144 -5.61 66.17 -23.82
N ASN G 145 -4.53 65.40 -23.94
CA ASN G 145 -3.33 65.86 -24.70
C ASN G 145 -3.60 65.80 -26.19
N PHE G 146 -4.31 64.78 -26.66
CA PHE G 146 -4.67 64.65 -28.10
C PHE G 146 -5.51 65.87 -28.52
N ALA G 147 -6.49 66.25 -27.69
CA ALA G 147 -7.36 67.42 -27.94
C ALA G 147 -6.51 68.70 -27.97
N ALA G 148 -5.56 68.84 -27.04
CA ALA G 148 -4.66 70.02 -26.93
C ALA G 148 -3.75 70.11 -28.16
N VAL G 149 -3.23 68.99 -28.66
CA VAL G 149 -2.38 68.96 -29.89
C VAL G 149 -3.23 69.48 -31.06
N LEU G 150 -4.43 68.95 -31.26
CA LEU G 150 -5.35 69.36 -32.34
C LEU G 150 -5.59 70.88 -32.25
N THR G 151 -5.84 71.39 -31.05
CA THR G 151 -6.14 72.81 -30.80
C THR G 151 -4.90 73.66 -31.15
N ALA G 152 -3.71 73.26 -30.70
CA ALA G 152 -2.45 73.99 -30.96
C ALA G 152 -2.19 74.05 -32.47
N LEU G 153 -2.43 72.97 -33.21
CA LEU G 153 -2.24 72.89 -34.67
C LEU G 153 -3.19 73.87 -35.36
N LYS G 154 -4.45 73.92 -34.92
CA LYS G 154 -5.50 74.79 -35.50
C LYS G 154 -5.11 76.27 -35.25
N GLU G 155 -4.74 76.62 -34.02
CA GLU G 155 -4.35 77.99 -33.62
C GLU G 155 -3.11 78.45 -34.41
N ALA G 156 -2.16 77.56 -34.71
CA ALA G 156 -0.88 77.92 -35.36
C ALA G 156 -1.02 77.87 -36.88
N ASN G 157 -2.18 77.46 -37.41
CA ASN G 157 -2.40 77.29 -38.87
C ASN G 157 -1.37 76.28 -39.42
N ALA G 158 -0.98 75.27 -38.65
CA ALA G 158 -0.02 74.23 -39.10
C ALA G 158 -0.76 73.29 -40.03
N PRO G 159 -0.13 72.81 -41.13
CA PRO G 159 -0.78 71.83 -41.99
C PRO G 159 -0.83 70.48 -41.27
N HIS G 160 -2.00 69.84 -41.24
CA HIS G 160 -2.27 68.61 -40.47
C HIS G 160 -3.57 68.03 -40.93
N GLU G 161 -3.81 66.75 -40.68
CA GLU G 161 -5.08 66.07 -41.01
C GLU G 161 -5.25 64.92 -40.00
N GLU G 162 -6.44 64.79 -39.42
CA GLU G 162 -6.79 63.55 -38.71
C GLU G 162 -7.03 62.51 -39.79
N ILE G 163 -6.36 61.37 -39.73
CA ILE G 163 -6.42 60.33 -40.79
C ILE G 163 -6.96 59.03 -40.20
N ALA G 164 -7.44 58.15 -41.07
CA ALA G 164 -7.84 56.78 -40.70
C ALA G 164 -6.59 56.05 -40.19
N VAL G 165 -6.71 55.31 -39.10
CA VAL G 165 -5.59 54.50 -38.57
C VAL G 165 -5.16 53.49 -39.63
N GLU G 166 -6.10 52.93 -40.39
CA GLU G 166 -5.82 51.97 -41.49
C GLU G 166 -4.88 52.61 -42.53
N SER G 167 -4.83 53.93 -42.62
CA SER G 167 -3.96 54.62 -43.62
C SER G 167 -2.54 54.86 -43.06
N VAL G 168 -2.28 54.60 -41.77
CA VAL G 168 -0.91 54.75 -41.21
C VAL G 168 -0.08 53.58 -41.73
N ASP G 169 0.98 53.85 -42.48
CA ASP G 169 1.78 52.77 -43.11
C ASP G 169 2.66 52.12 -42.04
N TRP G 170 3.02 50.86 -42.28
CA TRP G 170 4.09 50.12 -41.59
C TRP G 170 3.61 49.55 -40.24
N ILE G 171 2.91 50.31 -39.40
CA ILE G 171 2.57 49.88 -38.01
C ILE G 171 1.88 48.51 -38.03
N ASP G 172 2.14 47.70 -37.01
CA ASP G 172 1.49 46.37 -36.85
C ASP G 172 1.30 46.12 -35.37
N PRO G 173 0.43 46.91 -34.71
CA PRO G 173 0.24 46.80 -33.27
C PRO G 173 -0.51 45.52 -32.89
N ASP G 174 -0.31 45.07 -31.66
CA ASP G 174 -1.28 44.19 -30.96
C ASP G 174 -2.67 44.83 -31.07
N PRO G 175 -3.70 44.14 -31.59
CA PRO G 175 -5.04 44.74 -31.66
C PRO G 175 -5.57 45.31 -30.34
N ASN G 176 -5.25 44.71 -29.19
CA ASN G 176 -5.72 45.23 -27.87
C ASN G 176 -4.92 46.49 -27.47
N SER G 177 -3.85 46.84 -28.19
CA SER G 177 -2.98 48.01 -27.91
C SER G 177 -3.03 49.01 -29.07
N ARG G 178 -3.95 48.84 -30.01
CA ARG G 178 -3.93 49.56 -31.31
C ARG G 178 -4.45 50.98 -31.14
N PRO G 179 -4.06 51.89 -32.05
CA PRO G 179 -4.63 53.23 -32.07
C PRO G 179 -6.02 53.18 -32.70
N LEU G 180 -6.90 54.06 -32.24
CA LEU G 180 -8.22 54.26 -32.88
C LEU G 180 -8.30 55.65 -33.51
N ARG G 181 -7.38 56.56 -33.16
CA ARG G 181 -7.25 57.86 -33.85
C ARG G 181 -5.77 58.12 -34.18
N ALA G 182 -5.54 58.85 -35.27
CA ALA G 182 -4.21 59.18 -35.80
C ALA G 182 -4.27 60.59 -36.39
N LEU G 183 -3.20 61.33 -36.18
CA LEU G 183 -3.06 62.73 -36.60
C LEU G 183 -1.75 62.85 -37.37
N HIS G 184 -1.82 63.20 -38.66
CA HIS G 184 -0.66 63.44 -39.55
C HIS G 184 -0.29 64.92 -39.43
N ILE G 185 0.93 65.21 -38.96
CA ILE G 185 1.48 66.58 -38.85
C ILE G 185 2.55 66.73 -39.94
N GLU G 186 2.31 67.63 -40.88
CA GLU G 186 3.16 67.87 -42.06
C GLU G 186 4.27 68.83 -41.67
N GLY G 187 5.51 68.53 -42.05
CA GLY G 187 6.68 69.40 -41.79
C GLY G 187 7.13 69.36 -40.34
N GLU G 188 6.67 68.39 -39.57
CA GLU G 188 7.20 68.11 -38.21
C GLU G 188 7.92 66.76 -38.30
N GLY G 189 9.24 66.77 -38.30
CA GLY G 189 10.03 65.63 -38.73
C GLY G 189 11.01 65.18 -37.66
N SER G 190 12.10 64.60 -38.13
CA SER G 190 13.14 64.00 -37.27
C SER G 190 14.50 64.17 -37.94
N VAL G 191 15.52 64.16 -37.11
CA VAL G 191 16.95 64.18 -37.52
C VAL G 191 17.63 62.99 -36.87
N ASP G 192 18.70 62.50 -37.49
CA ASP G 192 19.63 61.54 -36.87
C ASP G 192 20.56 62.36 -35.98
N SER G 193 20.45 62.21 -34.67
CA SER G 193 21.19 63.03 -33.67
C SER G 193 22.70 62.87 -33.86
N GLY G 194 23.18 61.66 -34.22
CA GLY G 194 24.61 61.37 -34.44
C GLY G 194 25.15 62.08 -35.68
N ILE G 195 24.36 62.06 -36.77
CA ILE G 195 24.73 62.76 -38.02
C ILE G 195 24.65 64.27 -37.80
N LEU G 196 23.68 64.74 -37.01
CA LEU G 196 23.58 66.18 -36.64
C LEU G 196 24.85 66.60 -35.88
N LEU G 197 25.25 65.85 -34.85
CA LEU G 197 26.47 66.17 -34.05
C LEU G 197 27.70 66.21 -34.96
N ALA G 198 27.87 65.23 -35.85
CA ALA G 198 29.01 65.16 -36.80
C ALA G 198 28.97 66.39 -37.73
N ALA G 199 27.79 66.75 -38.25
CA ALA G 199 27.61 67.92 -39.16
C ALA G 199 27.94 69.21 -38.42
N LEU G 200 27.56 69.34 -37.15
CA LEU G 200 27.83 70.54 -36.33
C LEU G 200 29.34 70.67 -36.09
N GLU G 201 30.03 69.58 -35.74
CA GLU G 201 31.49 69.59 -35.49
C GLU G 201 32.21 70.01 -36.79
N ARG G 202 31.84 69.40 -37.91
CA ARG G 202 32.40 69.68 -39.25
C ARG G 202 32.16 71.16 -39.59
N SER G 203 30.93 71.67 -39.39
CA SER G 203 30.56 73.07 -39.71
C SER G 203 31.32 74.04 -38.78
N PHE G 204 31.52 73.65 -37.52
CA PHE G 204 32.23 74.47 -36.50
C PHE G 204 33.70 74.66 -36.95
N LEU G 205 34.36 73.57 -37.34
CA LEU G 205 35.77 73.58 -37.83
C LEU G 205 35.86 74.38 -39.13
N GLN G 206 34.91 74.21 -40.06
CA GLN G 206 34.90 74.94 -41.35
C GLN G 206 34.85 76.46 -41.12
N ALA G 207 34.21 76.90 -40.02
CA ALA G 207 33.99 78.33 -39.73
C ALA G 207 35.13 78.89 -38.88
N GLY G 208 36.15 78.08 -38.58
CA GLY G 208 37.35 78.51 -37.84
C GLY G 208 37.29 78.17 -36.36
N GLY G 209 36.28 77.40 -35.92
CA GLY G 209 36.18 77.00 -34.50
C GLY G 209 37.30 76.04 -34.12
N ARG G 210 37.69 76.02 -32.84
CA ARG G 210 38.71 75.10 -32.30
C ARG G 210 38.05 74.17 -31.28
N LEU G 211 38.21 72.84 -31.48
CA LEU G 211 37.70 71.79 -30.56
C LEU G 211 38.83 71.39 -29.61
N HIS G 212 38.66 71.63 -28.31
CA HIS G 212 39.64 71.23 -27.27
C HIS G 212 38.97 70.17 -26.40
N PRO G 213 39.29 68.87 -26.60
CA PRO G 213 38.55 67.77 -25.97
C PRO G 213 38.93 67.54 -24.50
N VAL G 214 38.71 68.53 -23.66
CA VAL G 214 38.83 68.44 -22.17
C VAL G 214 37.54 69.01 -21.59
N ASP G 215 37.30 68.81 -20.30
CA ASP G 215 36.14 69.38 -19.56
C ASP G 215 36.60 70.63 -18.79
N ALA G 216 35.72 71.62 -18.66
CA ALA G 216 35.89 72.74 -17.71
C ALA G 216 35.71 72.18 -16.29
N THR G 217 36.62 72.51 -15.37
CA THR G 217 36.45 72.23 -13.92
C THR G 217 35.89 73.48 -13.22
N GLU G 218 36.23 74.67 -13.70
CA GLU G 218 35.93 75.93 -12.97
C GLU G 218 35.89 77.11 -13.95
N ILE G 219 34.91 77.98 -13.78
CA ILE G 219 34.85 79.31 -14.45
C ILE G 219 35.51 80.32 -13.50
N ARG G 220 36.55 81.01 -13.98
CA ARG G 220 37.21 82.06 -13.16
C ARG G 220 36.61 83.42 -13.54
N ALA G 221 36.25 84.18 -12.51
CA ALA G 221 35.71 85.55 -12.61
C ALA G 221 36.18 86.35 -11.39
N SER G 222 36.28 87.67 -11.53
CA SER G 222 36.47 88.64 -10.44
C SER G 222 36.17 90.03 -10.97
N HIS G 223 35.81 90.96 -10.09
CA HIS G 223 35.30 92.31 -10.45
C HIS G 223 34.14 92.12 -11.43
N GLY G 224 33.26 91.15 -11.13
CA GLY G 224 31.99 90.87 -11.84
C GLY G 224 32.17 90.59 -13.33
N ARG G 225 33.28 89.96 -13.72
CA ARG G 225 33.66 89.81 -15.16
C ARG G 225 34.35 88.45 -15.34
N VAL G 226 34.04 87.71 -16.41
CA VAL G 226 34.71 86.40 -16.68
C VAL G 226 36.14 86.67 -17.13
N GLU G 227 37.08 85.85 -16.64
CA GLU G 227 38.51 85.83 -17.03
C GLU G 227 38.80 84.59 -17.90
N GLY G 228 38.09 83.49 -17.68
CA GLY G 228 38.21 82.26 -18.48
C GLY G 228 37.87 81.01 -17.70
N VAL G 229 38.48 79.89 -18.06
CA VAL G 229 38.08 78.53 -17.61
C VAL G 229 39.31 77.69 -17.26
N VAL G 230 39.34 77.12 -16.07
CA VAL G 230 40.29 76.03 -15.68
C VAL G 230 39.74 74.73 -16.25
N THR G 231 40.57 73.92 -16.91
CA THR G 231 40.21 72.62 -17.52
C THR G 231 40.71 71.48 -16.64
N ASP G 232 40.25 70.25 -16.88
CA ASP G 232 40.50 69.08 -15.99
C ASP G 232 41.87 68.47 -16.28
N ASP G 233 42.62 68.98 -17.26
CA ASP G 233 44.06 68.67 -17.46
C ASP G 233 44.92 69.71 -16.72
N GLY G 234 44.32 70.55 -15.87
CA GLY G 234 45.03 71.50 -14.99
C GLY G 234 45.34 72.85 -15.66
N ASP G 235 45.01 73.00 -16.94
CA ASP G 235 45.36 74.21 -17.75
C ASP G 235 44.38 75.35 -17.44
N PHE G 236 44.70 76.59 -17.81
CA PHE G 236 43.80 77.78 -17.72
C PHE G 236 43.67 78.40 -19.12
N LEU G 237 42.43 78.56 -19.60
CA LEU G 237 42.14 79.18 -20.92
C LEU G 237 41.53 80.56 -20.66
N PRO G 238 42.16 81.66 -21.14
CA PRO G 238 41.60 83.00 -20.96
C PRO G 238 40.47 83.26 -21.96
N ALA G 239 39.48 84.07 -21.57
CA ALA G 239 38.37 84.48 -22.45
C ALA G 239 37.66 85.71 -21.90
N GLY G 240 37.10 86.52 -22.79
CA GLY G 240 36.14 87.60 -22.47
C GLY G 240 34.72 87.07 -22.36
N HIS G 241 34.41 85.95 -23.01
CA HIS G 241 33.06 85.31 -23.02
C HIS G 241 33.16 83.82 -22.72
N VAL G 242 32.36 83.34 -21.78
CA VAL G 242 32.14 81.89 -21.50
C VAL G 242 30.65 81.59 -21.64
N VAL G 243 30.32 80.70 -22.58
CA VAL G 243 28.94 80.17 -22.78
C VAL G 243 28.89 78.77 -22.19
N VAL G 244 28.11 78.60 -21.12
CA VAL G 244 27.91 77.29 -20.44
C VAL G 244 26.71 76.59 -21.08
N ALA G 245 26.98 75.49 -21.77
CA ALA G 245 25.98 74.58 -22.38
C ALA G 245 26.41 73.14 -22.06
N ALA G 246 26.58 72.87 -20.77
CA ALA G 246 27.13 71.60 -20.23
C ALA G 246 25.98 70.67 -19.82
N GLY G 247 24.80 70.80 -20.43
CA GLY G 247 23.62 69.99 -20.11
C GLY G 247 23.31 70.03 -18.63
N ALA G 248 23.06 68.88 -18.00
CA ALA G 248 22.57 68.78 -16.61
C ALA G 248 23.63 69.25 -15.63
N ARG G 249 24.88 69.48 -16.06
CA ARG G 249 25.98 69.94 -15.16
C ARG G 249 26.06 71.49 -15.15
N SER G 250 25.27 72.19 -15.97
CA SER G 250 25.44 73.63 -16.27
C SER G 250 25.28 74.50 -15.01
N GLN G 251 24.26 74.30 -14.18
CA GLN G 251 24.02 75.12 -12.97
C GLN G 251 25.08 74.80 -11.91
N ARG G 252 25.46 73.52 -11.75
CA ARG G 252 26.47 73.11 -10.73
C ARG G 252 27.77 73.86 -11.05
N LEU G 253 28.09 74.07 -12.33
CA LEU G 253 29.33 74.75 -12.76
C LEU G 253 29.30 76.24 -12.40
N VAL G 254 28.18 76.92 -12.59
CA VAL G 254 28.03 78.40 -12.40
C VAL G 254 27.76 78.73 -10.92
N ALA G 255 27.19 77.79 -10.15
CA ALA G 255 26.75 78.01 -8.74
C ALA G 255 27.96 78.24 -7.84
N ALA G 256 29.18 77.91 -8.30
CA ALA G 256 30.46 78.11 -7.58
C ALA G 256 30.74 79.61 -7.43
N LEU G 257 30.31 80.43 -8.40
CA LEU G 257 30.57 81.89 -8.42
C LEU G 257 29.76 82.61 -7.34
N PRO G 258 30.29 83.72 -6.76
CA PRO G 258 29.63 84.42 -5.64
C PRO G 258 28.14 84.76 -5.82
N GLY G 259 27.29 84.30 -4.89
CA GLY G 259 25.85 84.64 -4.84
C GLY G 259 24.99 83.76 -5.75
N LEU G 260 25.60 83.13 -6.76
CA LEU G 260 24.87 82.52 -7.90
C LEU G 260 24.20 81.19 -7.48
N ALA G 261 24.59 80.59 -6.36
CA ALA G 261 24.05 79.30 -5.84
C ALA G 261 22.52 79.40 -5.66
N HIS G 262 22.01 80.57 -5.27
CA HIS G 262 20.55 80.76 -5.03
C HIS G 262 19.94 81.73 -6.04
N ARG G 263 20.66 82.02 -7.12
CA ARG G 263 20.20 82.93 -8.20
C ARG G 263 20.07 82.22 -9.55
N ILE G 264 20.76 81.09 -9.74
CA ILE G 264 20.60 80.22 -10.95
C ILE G 264 19.77 79.00 -10.54
N PRO G 265 18.54 78.82 -11.07
CA PRO G 265 17.73 77.65 -10.72
C PRO G 265 18.50 76.34 -10.95
N ARG G 266 18.40 75.42 -9.99
CA ARG G 266 19.02 74.08 -10.09
C ARG G 266 18.53 73.36 -11.35
N ILE G 267 19.40 72.55 -11.92
CA ILE G 267 19.08 71.62 -13.05
C ILE G 267 19.41 70.19 -12.58
N TYR G 268 18.46 69.28 -12.71
CA TYR G 268 18.61 67.85 -12.34
C TYR G 268 18.72 67.00 -13.62
N ASP G 269 18.95 65.70 -13.46
CA ASP G 269 19.09 64.71 -14.55
C ASP G 269 17.73 64.06 -14.85
N GLY G 270 17.13 64.41 -16.00
CA GLY G 270 15.95 63.68 -16.54
C GLY G 270 16.45 62.47 -17.31
N VAL G 271 16.78 61.39 -16.59
CA VAL G 271 17.52 60.23 -17.17
C VAL G 271 16.57 59.55 -18.14
N GLY G 272 17.00 59.43 -19.39
CA GLY G 272 16.19 58.88 -20.49
C GLY G 272 16.86 57.68 -21.13
N VAL G 273 16.07 56.65 -21.35
CA VAL G 273 16.54 55.40 -22.01
C VAL G 273 15.86 55.30 -23.37
N SER G 274 16.67 54.99 -24.38
CA SER G 274 16.24 54.76 -25.77
C SER G 274 17.00 53.57 -26.31
N ALA G 275 16.68 53.12 -27.51
CA ALA G 275 17.34 51.93 -28.09
C ALA G 275 17.38 52.04 -29.60
N LEU G 276 18.43 51.49 -30.19
CA LEU G 276 18.58 51.28 -31.64
C LEU G 276 18.32 49.81 -31.89
N VAL G 277 17.44 49.53 -32.84
CA VAL G 277 16.98 48.16 -33.19
C VAL G 277 17.20 48.01 -34.70
N ASP G 278 17.82 46.92 -35.12
CA ASP G 278 17.83 46.48 -36.54
C ASP G 278 16.56 45.69 -36.81
N THR G 279 15.67 46.22 -37.65
CA THR G 279 14.35 45.60 -37.87
C THR G 279 14.54 44.26 -38.56
N TRP G 280 13.63 43.32 -38.29
CA TRP G 280 13.57 41.94 -38.83
C TRP G 280 13.76 41.95 -40.35
N ASP G 281 13.23 42.94 -41.08
CA ASP G 281 13.23 42.93 -42.57
C ASP G 281 13.98 44.14 -43.14
N GLY G 282 14.65 44.94 -42.31
CA GLY G 282 15.35 46.17 -42.76
C GLY G 282 14.41 47.33 -43.02
N SER G 283 13.09 47.17 -42.87
CA SER G 283 12.11 48.26 -43.14
C SER G 283 12.05 49.20 -41.94
N GLY G 284 11.39 50.33 -42.13
CA GLY G 284 11.13 51.37 -41.12
C GLY G 284 9.96 52.21 -41.60
N PRO G 285 9.29 52.99 -40.74
CA PRO G 285 8.20 53.86 -41.18
C PRO G 285 8.76 55.09 -41.91
N ALA G 286 7.94 55.71 -42.75
CA ALA G 286 8.28 56.90 -43.53
C ALA G 286 8.16 58.14 -42.66
N THR G 287 7.38 58.08 -41.58
CA THR G 287 7.16 59.22 -40.65
C THR G 287 7.64 58.84 -39.25
N VAL G 288 7.88 59.85 -38.42
CA VAL G 288 7.90 59.66 -36.96
C VAL G 288 6.55 59.06 -36.56
N LEU G 289 6.57 58.14 -35.62
CA LEU G 289 5.35 57.60 -34.95
C LEU G 289 5.48 57.94 -33.48
N ARG G 290 4.48 58.59 -32.88
CA ARG G 290 4.59 58.95 -31.45
C ARG G 290 3.20 58.96 -30.80
N THR G 291 3.21 58.86 -29.48
CA THR G 291 2.11 59.26 -28.59
C THR G 291 2.37 60.70 -28.14
N SER G 292 1.38 61.32 -27.53
CA SER G 292 1.62 62.55 -26.73
C SER G 292 2.45 62.16 -25.50
N ASN G 293 3.00 63.16 -24.82
CA ASN G 293 3.80 62.98 -23.60
C ASN G 293 2.95 62.28 -22.55
N ARG G 294 3.57 61.35 -21.82
CA ARG G 294 2.87 60.42 -20.90
C ARG G 294 3.41 60.66 -19.49
N ALA G 295 3.14 59.74 -18.56
CA ALA G 295 3.37 59.93 -17.12
C ALA G 295 4.79 60.44 -16.85
N PHE G 296 4.90 61.56 -16.14
CA PHE G 296 6.18 62.14 -15.65
C PHE G 296 7.14 62.36 -16.81
N ALA G 297 6.58 62.83 -17.93
CA ALA G 297 7.30 63.38 -19.11
C ALA G 297 8.10 62.28 -19.83
N CYS G 298 7.66 61.04 -19.77
CA CYS G 298 8.13 60.03 -20.73
C CYS G 298 7.16 60.04 -21.91
N GLY G 299 7.33 59.12 -22.85
CA GLY G 299 6.53 59.09 -24.08
C GLY G 299 7.01 57.94 -24.94
N LEU G 300 6.20 57.51 -25.88
CA LEU G 300 6.56 56.43 -26.81
C LEU G 300 6.71 57.04 -28.18
N HIS G 301 7.81 56.72 -28.86
CA HIS G 301 8.02 57.16 -30.26
C HIS G 301 9.01 56.24 -30.95
N LEU G 302 8.90 56.22 -32.27
CA LEU G 302 9.84 55.59 -33.19
C LEU G 302 10.29 56.68 -34.17
N VAL G 303 11.60 56.86 -34.29
CA VAL G 303 12.26 57.81 -35.22
C VAL G 303 12.97 56.99 -36.29
N PRO G 304 12.62 57.19 -37.58
CA PRO G 304 13.30 56.50 -38.67
C PRO G 304 14.81 56.79 -38.66
N ARG G 305 15.60 55.79 -39.03
CA ARG G 305 17.06 55.90 -39.27
C ARG G 305 17.37 55.25 -40.61
N ALA G 306 18.49 55.60 -41.23
CA ALA G 306 18.98 54.93 -42.47
C ALA G 306 19.55 53.56 -42.11
N GLY G 307 19.64 52.67 -43.09
CA GLY G 307 20.43 51.41 -43.00
C GLY G 307 19.75 50.31 -42.20
N GLY G 308 18.41 50.23 -42.22
CA GLY G 308 17.65 49.12 -41.63
C GLY G 308 17.55 49.20 -40.11
N SER G 309 17.88 50.34 -39.52
CA SER G 309 17.81 50.60 -38.06
C SER G 309 16.55 51.44 -37.78
N VAL G 310 15.96 51.29 -36.60
CA VAL G 310 14.98 52.30 -36.07
C VAL G 310 15.42 52.67 -34.67
N TYR G 311 15.11 53.89 -34.28
CA TYR G 311 15.29 54.40 -32.91
C TYR G 311 13.95 54.29 -32.19
N ILE G 312 13.94 53.77 -30.97
CA ILE G 312 12.73 53.76 -30.13
C ILE G 312 13.08 54.48 -28.83
N GLY G 313 12.15 55.30 -28.38
CA GLY G 313 12.27 56.02 -27.11
C GLY G 313 10.88 56.30 -26.55
N ALA G 314 10.85 56.92 -25.37
CA ALA G 314 12.01 57.16 -24.54
C ALA G 314 11.52 57.33 -23.13
N THR G 315 12.20 56.72 -22.16
CA THR G 315 11.82 56.79 -20.74
C THR G 315 12.29 58.14 -20.20
N ASN G 316 11.79 58.48 -19.02
CA ASN G 316 12.24 59.68 -18.30
C ASN G 316 12.07 59.40 -16.81
N ALA G 317 13.11 59.68 -16.04
CA ALA G 317 13.06 59.66 -14.56
C ALA G 317 13.94 60.79 -14.06
N VAL G 318 13.36 61.74 -13.35
CA VAL G 318 14.15 62.83 -12.72
C VAL G 318 14.94 62.19 -11.57
N CYS G 319 16.26 62.33 -11.60
CA CYS G 319 17.19 61.79 -10.57
C CYS G 319 17.92 62.96 -9.93
N LEU G 320 18.01 62.97 -8.58
CA LEU G 320 18.69 64.04 -7.81
C LEU G 320 20.21 63.93 -7.99
N GLU G 321 20.70 62.77 -8.48
CA GLU G 321 22.12 62.57 -8.90
C GLU G 321 22.16 61.96 -10.29
N PRO G 322 23.23 62.22 -11.07
CA PRO G 322 23.35 61.63 -12.41
C PRO G 322 23.40 60.09 -12.37
N ARG G 323 22.89 59.47 -13.44
CA ARG G 323 22.92 57.99 -13.62
C ARG G 323 23.21 57.75 -15.09
N GLY G 324 24.17 56.88 -15.38
CA GLY G 324 24.67 56.63 -16.73
C GLY G 324 24.24 55.28 -17.26
N ALA G 325 23.44 54.52 -16.51
CA ALA G 325 22.98 53.17 -16.94
C ALA G 325 21.46 53.08 -16.84
N ALA G 326 20.85 52.38 -17.79
CA ALA G 326 19.41 52.04 -17.81
C ALA G 326 19.12 51.11 -16.64
N SER G 327 17.96 51.25 -16.00
CA SER G 327 17.43 50.23 -15.08
C SER G 327 16.73 49.15 -15.90
N ILE G 328 16.60 47.95 -15.33
CA ILE G 328 15.84 46.84 -15.99
C ILE G 328 14.42 47.36 -16.32
N GLU G 329 13.75 47.99 -15.36
CA GLU G 329 12.35 48.49 -15.49
C GLU G 329 12.22 49.38 -16.74
N GLU G 330 13.18 50.28 -16.95
CA GLU G 330 13.15 51.26 -18.07
C GLU G 330 13.22 50.50 -19.39
N THR G 331 14.16 49.56 -19.50
CA THR G 331 14.36 48.74 -20.71
C THR G 331 13.05 47.99 -21.02
N VAL G 332 12.46 47.34 -20.02
CA VAL G 332 11.25 46.49 -20.23
C VAL G 332 10.08 47.39 -20.67
N ALA G 333 9.89 48.54 -20.04
CA ALA G 333 8.73 49.42 -20.33
C ALA G 333 8.87 49.95 -21.77
N LEU G 334 10.06 50.40 -22.14
CA LEU G 334 10.32 50.92 -23.52
C LEU G 334 10.02 49.82 -24.54
N PHE G 335 10.60 48.65 -24.37
CA PHE G 335 10.44 47.53 -25.33
C PHE G 335 8.98 47.08 -25.37
N ASN G 336 8.37 46.90 -24.22
CA ASN G 336 6.98 46.39 -24.16
C ASN G 336 6.02 47.35 -24.88
N CYS G 337 6.16 48.64 -24.64
CA CYS G 337 5.27 49.67 -25.27
C CYS G 337 5.49 49.67 -26.79
N ALA G 338 6.73 49.66 -27.27
CA ALA G 338 7.02 49.74 -28.72
C ALA G 338 6.49 48.50 -29.45
N THR G 339 6.70 47.30 -28.90
CA THR G 339 6.32 46.03 -29.56
C THR G 339 4.79 45.90 -29.60
N HIS G 340 4.08 46.37 -28.57
CA HIS G 340 2.60 46.25 -28.49
C HIS G 340 1.92 47.37 -29.28
N GLN G 341 2.38 48.61 -29.11
CA GLN G 341 1.62 49.80 -29.58
C GLN G 341 2.08 50.22 -30.97
N LEU G 342 3.29 49.87 -31.42
CA LEU G 342 3.80 50.33 -32.75
C LEU G 342 3.94 49.15 -33.72
N HIS G 343 4.75 48.14 -33.40
CA HIS G 343 5.04 47.05 -34.35
C HIS G 343 5.48 45.79 -33.62
N ARG G 344 4.69 44.74 -33.71
CA ARG G 344 4.99 43.43 -33.08
C ARG G 344 6.24 42.79 -33.69
N GLY G 345 6.58 43.12 -34.93
CA GLY G 345 7.82 42.68 -35.60
C GLY G 345 9.07 43.13 -34.87
N LEU G 346 9.00 44.20 -34.07
CA LEU G 346 10.16 44.66 -33.26
C LEU G 346 10.53 43.58 -32.23
N ASN G 347 9.57 42.75 -31.84
CA ASN G 347 9.79 41.66 -30.87
C ASN G 347 10.90 40.72 -31.35
N GLY G 348 10.91 40.40 -32.65
CA GLY G 348 11.89 39.48 -33.25
C GLY G 348 13.08 40.21 -33.82
N SER G 349 13.15 41.52 -33.61
CA SER G 349 14.22 42.36 -34.19
C SER G 349 15.42 42.34 -33.23
N GLU G 350 16.61 42.61 -33.74
CA GLU G 350 17.87 42.58 -32.97
C GLU G 350 18.11 43.92 -32.28
N LEU G 351 18.37 43.86 -30.97
CA LEU G 351 18.79 44.99 -30.13
C LEU G 351 20.25 45.32 -30.47
N ARG G 352 20.52 46.51 -31.01
CA ARG G 352 21.91 46.93 -31.32
C ARG G 352 22.45 47.77 -30.17
N LYS G 353 21.64 48.61 -29.52
CA LYS G 353 22.20 49.51 -28.49
C LYS G 353 21.09 49.98 -27.56
N VAL G 354 21.33 49.91 -26.25
CA VAL G 354 20.55 50.65 -25.23
C VAL G 354 21.30 51.95 -24.95
N GLN G 355 20.65 53.09 -25.13
CA GLN G 355 21.27 54.43 -24.97
C GLN G 355 20.67 55.10 -23.72
N VAL G 356 21.50 55.82 -23.00
CA VAL G 356 21.12 56.54 -21.75
C VAL G 356 21.73 57.93 -21.82
N GLY G 357 20.92 58.96 -21.56
CA GLY G 357 21.35 60.37 -21.50
C GLY G 357 20.51 61.13 -20.49
N SER G 358 21.00 62.29 -20.05
CA SER G 358 20.33 63.14 -19.03
C SER G 358 19.74 64.37 -19.71
N ARG G 359 18.43 64.40 -19.85
CA ARG G 359 17.68 65.64 -20.17
C ARG G 359 17.97 66.63 -19.05
N PRO G 360 18.48 67.84 -19.34
CA PRO G 360 18.66 68.88 -18.31
C PRO G 360 17.28 69.34 -17.80
N ALA G 361 16.93 68.92 -16.59
CA ALA G 361 15.58 69.09 -15.98
C ALA G 361 15.61 70.26 -14.99
N PRO G 362 15.16 71.48 -15.39
CA PRO G 362 15.20 72.62 -14.49
C PRO G 362 14.16 72.49 -13.35
N ILE G 363 14.53 72.88 -12.13
CA ILE G 363 13.71 72.70 -10.91
C ILE G 363 12.38 73.47 -11.01
N ASP G 364 12.29 74.54 -11.83
CA ASP G 364 11.03 75.35 -11.96
C ASP G 364 10.36 75.06 -13.31
N GLY G 365 10.89 74.12 -14.10
CA GLY G 365 10.20 73.56 -15.27
C GLY G 365 10.46 74.35 -16.55
N PHE G 366 11.36 75.34 -16.53
CA PHE G 366 11.61 76.18 -17.73
C PHE G 366 13.11 76.35 -17.96
N PRO G 367 13.51 76.55 -19.22
CA PRO G 367 14.92 76.65 -19.57
C PRO G 367 15.63 77.87 -18.98
N LEU G 368 16.95 77.84 -19.07
CA LEU G 368 17.92 78.86 -18.58
C LEU G 368 18.74 79.31 -19.80
N ILE G 369 18.33 80.43 -20.41
CA ILE G 369 18.86 80.89 -21.71
C ILE G 369 19.15 82.39 -21.58
N GLY G 370 20.42 82.76 -21.66
CA GLY G 370 20.81 84.16 -21.82
C GLY G 370 21.92 84.57 -20.88
N GLY G 371 21.90 85.85 -20.50
CA GLY G 371 22.97 86.51 -19.76
C GLY G 371 22.82 86.35 -18.26
N THR G 372 23.85 86.79 -17.58
CA THR G 372 24.11 86.60 -16.14
C THR G 372 24.47 88.00 -15.60
N SER G 373 24.53 88.18 -14.28
CA SER G 373 25.03 89.42 -13.64
C SER G 373 26.57 89.48 -13.76
N VAL G 374 27.21 88.39 -14.17
CA VAL G 374 28.67 88.34 -14.47
C VAL G 374 28.87 88.65 -15.96
N GLU G 375 29.62 89.71 -16.24
CA GLU G 375 29.90 90.22 -17.61
C GLU G 375 30.60 89.13 -18.40
N GLY G 376 30.10 88.83 -19.60
CA GLY G 376 30.65 87.80 -20.51
C GLY G 376 30.26 86.36 -20.11
N LEU G 377 29.45 86.15 -19.06
CA LEU G 377 28.98 84.79 -18.67
C LEU G 377 27.55 84.57 -19.19
N TRP G 378 27.41 83.54 -20.03
CA TRP G 378 26.13 83.16 -20.70
C TRP G 378 25.81 81.70 -20.37
N MET G 379 24.52 81.35 -20.40
CA MET G 379 24.03 79.99 -20.15
C MET G 379 23.03 79.60 -21.24
N LEU G 380 23.13 78.36 -21.69
CA LEU G 380 22.15 77.70 -22.59
C LEU G 380 21.91 76.30 -22.02
N SER G 381 20.86 76.12 -21.21
CA SER G 381 20.60 74.83 -20.51
C SER G 381 19.16 74.72 -20.02
N GLY G 382 18.85 73.60 -19.36
CA GLY G 382 17.54 73.35 -18.73
C GLY G 382 16.45 73.16 -19.76
N THR G 383 16.79 72.64 -20.95
CA THR G 383 15.83 72.50 -22.08
C THR G 383 15.05 71.17 -22.00
N TYR G 384 15.37 70.27 -21.06
CA TYR G 384 14.56 69.05 -20.77
C TYR G 384 14.31 68.25 -22.07
N ARG G 385 13.10 68.24 -22.61
CA ARG G 385 12.70 67.31 -23.71
C ARG G 385 12.93 67.90 -25.11
N ASP G 386 13.24 69.20 -25.25
CA ASP G 386 13.18 69.82 -26.61
C ASP G 386 14.25 70.90 -26.83
N GLY G 387 15.39 70.82 -26.15
CA GLY G 387 16.58 71.65 -26.44
C GLY G 387 17.13 71.40 -27.84
N LEU G 388 17.17 70.15 -28.28
CA LEU G 388 17.68 69.81 -29.64
C LEU G 388 16.79 70.49 -30.68
N HIS G 389 15.48 70.35 -30.54
CA HIS G 389 14.50 71.01 -31.44
C HIS G 389 14.72 72.54 -31.44
N MET G 390 14.90 73.13 -30.29
CA MET G 390 14.97 74.61 -30.14
C MET G 390 16.36 75.15 -30.48
N SER G 391 17.36 74.27 -30.66
CA SER G 391 18.81 74.65 -30.74
C SER G 391 19.06 75.81 -31.71
N PRO G 392 18.59 75.81 -32.97
CA PRO G 392 18.94 76.91 -33.89
C PRO G 392 18.41 78.26 -33.38
N LEU G 393 17.22 78.27 -32.78
CA LEU G 393 16.60 79.49 -32.22
C LEU G 393 17.41 79.94 -31.00
N LEU G 394 17.73 79.03 -30.09
CA LEU G 394 18.46 79.38 -28.84
C LEU G 394 19.86 79.91 -29.16
N ALA G 395 20.54 79.31 -30.14
CA ALA G 395 21.89 79.70 -30.57
C ALA G 395 21.85 81.16 -31.07
N ARG G 396 20.89 81.46 -31.95
CA ARG G 396 20.73 82.81 -32.57
C ARG G 396 20.36 83.82 -31.50
N HIS G 397 19.51 83.46 -30.56
CA HIS G 397 19.15 84.33 -29.41
C HIS G 397 20.42 84.73 -28.66
N VAL G 398 21.21 83.75 -28.22
CA VAL G 398 22.37 84.04 -27.34
C VAL G 398 23.41 84.84 -28.13
N VAL G 399 23.61 84.51 -29.42
CA VAL G 399 24.61 85.21 -30.28
C VAL G 399 24.18 86.67 -30.47
N SER G 400 22.89 86.94 -30.68
CA SER G 400 22.34 88.32 -30.76
C SER G 400 22.67 89.07 -29.46
N LEU G 401 22.37 88.48 -28.28
CA LEU G 401 22.63 89.12 -26.97
C LEU G 401 24.12 89.43 -26.85
N MET G 402 25.01 88.51 -27.23
CA MET G 402 26.47 88.68 -27.12
C MET G 402 26.96 89.81 -28.03
N ASP G 403 26.19 90.17 -29.05
CA ASP G 403 26.49 91.24 -30.04
C ASP G 403 25.79 92.55 -29.64
N GLY G 404 25.17 92.62 -28.46
CA GLY G 404 24.45 93.80 -27.95
C GLY G 404 23.04 93.94 -28.51
N GLY G 405 22.51 92.92 -29.21
CA GLY G 405 21.12 92.86 -29.68
C GLY G 405 20.17 92.45 -28.57
N THR G 406 18.88 92.27 -28.88
CA THR G 406 17.85 91.79 -27.90
C THR G 406 17.40 90.37 -28.26
N GLY G 407 18.02 89.75 -29.28
CA GLY G 407 17.77 88.36 -29.66
C GLY G 407 16.32 88.13 -29.99
N VAL G 408 15.74 87.04 -29.49
CA VAL G 408 14.38 86.56 -29.84
C VAL G 408 13.42 87.05 -28.75
N ASP G 409 12.28 87.61 -29.17
CA ASP G 409 11.19 88.04 -28.27
C ASP G 409 10.66 86.80 -27.56
N GLY G 410 10.37 86.91 -26.27
CA GLY G 410 9.66 85.85 -25.52
C GLY G 410 10.59 84.89 -24.78
N LEU G 411 11.91 85.10 -24.86
CA LEU G 411 12.92 84.30 -24.11
C LEU G 411 13.30 85.04 -22.81
N ARG G 412 12.66 86.19 -22.51
CA ARG G 412 13.05 87.08 -21.39
C ARG G 412 12.75 86.41 -20.05
N GLU G 413 11.58 85.76 -19.94
CA GLU G 413 11.15 85.07 -18.71
C GLU G 413 12.07 83.89 -18.39
N PHE G 414 12.85 83.42 -19.36
CA PHE G 414 13.68 82.20 -19.23
C PHE G 414 15.16 82.56 -19.06
N ARG G 415 15.43 83.82 -18.68
CA ARG G 415 16.78 84.32 -18.33
C ARG G 415 17.32 83.43 -17.21
N PRO G 416 18.61 83.04 -17.23
CA PRO G 416 19.13 82.04 -16.29
C PRO G 416 19.22 82.52 -14.84
N GLU G 417 19.35 83.82 -14.62
CA GLU G 417 19.47 84.41 -13.25
C GLU G 417 18.09 84.94 -12.86
N ARG G 418 17.37 84.23 -12.01
CA ARG G 418 15.94 84.51 -11.74
C ARG G 418 15.53 83.83 -10.43
N ASP G 419 14.51 84.39 -9.79
CA ASP G 419 13.69 83.66 -8.79
C ASP G 419 13.09 82.45 -9.51
N LEU G 420 12.84 81.36 -8.80
CA LEU G 420 12.15 80.18 -9.39
C LEU G 420 10.80 80.65 -9.93
N ILE G 421 10.49 80.27 -11.16
CA ILE G 421 9.15 80.47 -11.77
C ILE G 421 8.13 79.58 -11.02
N SER G 422 6.94 80.12 -10.78
CA SER G 422 5.74 79.41 -10.28
C SER G 422 4.70 79.44 -11.38
N ALA G 423 4.77 78.54 -12.37
CA ALA G 423 3.93 78.62 -13.59
C ALA G 423 2.52 78.09 -13.32
N TRP G 424 2.33 77.36 -12.22
CA TRP G 424 1.04 76.72 -11.86
C TRP G 424 0.77 76.95 -10.38
N SER G 425 -0.50 76.91 -9.99
CA SER G 425 -0.94 76.89 -8.57
C SER G 425 -0.53 75.54 -7.96
N ARG G 426 -0.31 75.52 -6.64
CA ARG G 426 -0.03 74.26 -5.91
C ARG G 426 -1.18 73.27 -6.18
N GLU G 427 -2.42 73.73 -6.21
CA GLU G 427 -3.63 72.89 -6.48
C GLU G 427 -3.49 72.23 -7.86
N GLU G 428 -3.10 72.97 -8.89
CA GLU G 428 -2.94 72.43 -10.28
C GLU G 428 -1.87 71.34 -10.27
N ILE G 429 -0.76 71.55 -9.56
CA ILE G 429 0.38 70.59 -9.52
C ILE G 429 -0.04 69.33 -8.75
N LEU G 430 -0.73 69.48 -7.62
CA LEU G 430 -1.21 68.33 -6.82
C LEU G 430 -2.20 67.48 -7.63
N ASP G 431 -3.11 68.10 -8.38
CA ASP G 431 -4.01 67.36 -9.31
C ASP G 431 -3.13 66.60 -10.33
N ASP G 432 -2.12 67.27 -10.88
CA ASP G 432 -1.25 66.73 -11.96
C ASP G 432 -0.47 65.51 -11.41
N VAL G 433 0.14 65.62 -10.23
CA VAL G 433 1.05 64.57 -9.71
C VAL G 433 0.23 63.29 -9.42
N VAL G 434 -1.02 63.43 -8.97
CA VAL G 434 -1.90 62.25 -8.69
C VAL G 434 -2.29 61.61 -10.02
N ARG G 435 -2.69 62.43 -11.01
CA ARG G 435 -3.03 61.99 -12.36
C ARG G 435 -1.85 61.22 -12.97
N HIS G 436 -0.65 61.79 -12.91
CA HIS G 436 0.57 61.18 -13.50
C HIS G 436 0.89 59.88 -12.74
N THR G 437 0.70 59.84 -11.42
CA THR G 437 0.95 58.62 -10.63
C THR G 437 0.01 57.51 -11.14
N MET G 438 -1.28 57.80 -11.26
CA MET G 438 -2.28 56.84 -11.75
C MET G 438 -1.95 56.43 -13.19
N ALA G 439 -1.44 57.35 -13.99
CA ALA G 439 -1.06 57.09 -15.41
C ALA G 439 0.07 56.04 -15.48
N THR G 440 0.96 55.96 -14.49
CA THR G 440 2.04 54.92 -14.48
C THR G 440 1.37 53.54 -14.45
N GLY G 441 0.18 53.42 -13.84
CA GLY G 441 -0.60 52.17 -13.84
C GLY G 441 -1.22 51.90 -15.20
N TYR G 442 -1.97 52.85 -15.73
CA TYR G 442 -2.74 52.68 -16.97
C TYR G 442 -1.79 52.49 -18.16
N GLU G 443 -0.59 53.05 -18.09
CA GLU G 443 0.40 52.95 -19.21
C GLU G 443 1.13 51.60 -19.19
N PHE G 444 1.05 50.84 -18.10
CA PHE G 444 1.84 49.59 -17.90
C PHE G 444 1.49 48.57 -19.00
N PRO G 445 0.23 48.23 -19.31
CA PRO G 445 -0.96 48.61 -18.56
C PRO G 445 -1.29 47.57 -17.48
N TRP G 446 -1.78 48.03 -16.33
CA TRP G 446 -2.14 47.12 -15.23
C TRP G 446 -3.51 46.50 -15.50
N ARG G 447 -3.82 45.45 -14.75
CA ARG G 447 -5.17 44.84 -14.62
C ARG G 447 -5.42 44.66 -13.13
N LEU G 448 -6.40 45.38 -12.59
CA LEU G 448 -6.69 45.51 -11.13
C LEU G 448 -8.19 45.35 -10.96
N PRO G 449 -8.68 45.02 -9.75
CA PRO G 449 -10.11 45.12 -9.45
C PRO G 449 -10.55 46.57 -9.67
N LEU G 450 -11.79 46.76 -10.10
CA LEU G 450 -12.28 48.04 -10.66
C LEU G 450 -12.39 49.11 -9.58
N GLU G 451 -12.49 48.74 -8.30
CA GLU G 451 -12.58 49.73 -7.18
C GLU G 451 -11.17 50.23 -6.81
N TRP G 452 -10.10 49.56 -7.24
CA TRP G 452 -8.75 49.87 -6.69
C TRP G 452 -8.25 51.25 -7.15
N PRO G 453 -8.40 51.64 -8.43
CA PRO G 453 -7.92 52.95 -8.87
C PRO G 453 -8.49 54.13 -8.08
N HIS G 454 -9.80 54.17 -7.86
CA HIS G 454 -10.44 55.24 -7.06
C HIS G 454 -9.88 55.22 -5.64
N MET G 455 -9.70 54.04 -5.05
CA MET G 455 -9.10 53.90 -3.70
C MET G 455 -7.69 54.50 -3.70
N MET G 456 -6.86 54.17 -4.68
CA MET G 456 -5.46 54.68 -4.75
C MET G 456 -5.50 56.22 -4.90
N GLU G 457 -6.34 56.75 -5.77
CA GLU G 457 -6.46 58.22 -6.01
C GLU G 457 -6.76 58.92 -4.68
N THR G 458 -7.72 58.42 -3.92
CA THR G 458 -8.14 59.06 -2.64
C THR G 458 -6.96 59.00 -1.66
N PHE G 459 -6.19 57.91 -1.60
CA PHE G 459 -5.10 57.75 -0.61
C PHE G 459 -3.78 58.39 -1.08
N LEU G 460 -3.66 58.80 -2.35
CA LEU G 460 -2.45 59.50 -2.86
C LEU G 460 -2.53 61.00 -2.57
N GLN G 461 -3.73 61.58 -2.49
CA GLN G 461 -3.96 63.04 -2.44
C GLN G 461 -3.31 63.63 -1.18
N GLY G 462 -3.59 63.05 -0.01
CA GLY G 462 -3.12 63.51 1.31
C GLY G 462 -1.60 63.60 1.36
N PRO G 463 -0.86 62.48 1.17
CA PRO G 463 0.60 62.51 1.23
C PRO G 463 1.28 63.49 0.26
N PHE G 464 0.76 63.69 -0.96
CA PHE G 464 1.37 64.67 -1.90
C PHE G 464 1.09 66.10 -1.41
N ALA G 465 -0.12 66.38 -0.92
CA ALA G 465 -0.50 67.70 -0.34
C ALA G 465 0.42 68.01 0.86
N GLU G 466 0.66 67.02 1.73
CA GLU G 466 1.53 67.14 2.92
C GLU G 466 2.97 67.44 2.48
N LEU G 467 3.46 66.76 1.44
CA LEU G 467 4.84 66.97 0.95
C LEU G 467 4.96 68.41 0.43
N ALA G 468 4.00 68.84 -0.38
CA ALA G 468 4.03 70.17 -1.04
C ALA G 468 4.06 71.26 0.05
N ASP G 469 3.25 71.09 1.09
CA ASP G 469 3.12 72.05 2.20
C ASP G 469 4.43 72.13 3.01
N ARG G 470 5.08 71.00 3.20
CA ARG G 470 6.34 70.85 3.97
C ARG G 470 7.53 71.46 3.21
N LEU G 471 7.56 71.38 1.88
CA LEU G 471 8.77 71.73 1.10
C LEU G 471 9.00 73.25 1.14
N SER G 472 7.93 74.05 1.06
CA SER G 472 7.99 75.52 0.95
C SER G 472 6.58 76.11 1.05
N ASP G 473 6.48 77.34 1.58
CA ASP G 473 5.23 78.13 1.60
C ASP G 473 5.00 78.78 0.25
N THR G 474 6.01 78.87 -0.63
CA THR G 474 5.87 79.66 -1.88
C THR G 474 6.14 78.79 -3.11
N TYR G 475 7.19 77.98 -3.13
CA TYR G 475 7.58 77.18 -4.32
C TYR G 475 6.92 75.80 -4.27
N THR G 476 6.45 75.33 -5.43
CA THR G 476 5.99 73.93 -5.64
C THR G 476 6.75 73.34 -6.84
N PRO G 477 7.48 72.24 -6.65
CA PRO G 477 8.13 71.56 -7.77
C PRO G 477 7.08 70.98 -8.71
N PRO G 478 7.32 71.02 -10.05
CA PRO G 478 6.44 70.33 -11.00
C PRO G 478 6.37 68.82 -10.67
N ALA G 479 5.30 68.15 -11.14
CA ALA G 479 4.97 66.75 -10.84
C ALA G 479 6.19 65.82 -11.02
N ASP G 480 6.91 65.93 -12.14
CA ASP G 480 8.07 65.09 -12.50
C ASP G 480 9.09 65.09 -11.35
N LEU G 481 9.38 66.28 -10.83
CA LEU G 481 10.33 66.46 -9.72
C LEU G 481 9.65 66.05 -8.41
N MET G 482 8.38 66.39 -8.21
CA MET G 482 7.69 66.14 -6.92
C MET G 482 7.66 64.64 -6.64
N THR G 483 7.43 63.78 -7.65
CA THR G 483 7.41 62.31 -7.43
C THR G 483 8.83 61.86 -7.03
N ALA G 484 9.88 62.37 -7.68
CA ALA G 484 11.28 62.01 -7.33
C ALA G 484 11.55 62.41 -5.87
N ILE G 485 11.06 63.56 -5.44
CA ILE G 485 11.29 64.06 -4.05
C ILE G 485 10.50 63.18 -3.09
N MET G 486 9.25 62.85 -3.42
CA MET G 486 8.37 62.03 -2.54
C MET G 486 9.10 60.73 -2.17
N PHE G 487 9.81 60.10 -3.11
CA PHE G 487 10.40 58.75 -2.91
C PHE G 487 11.92 58.87 -2.71
N SER G 488 12.47 60.05 -2.43
CA SER G 488 13.90 60.25 -2.11
C SER G 488 14.10 60.06 -0.59
N GLU G 489 15.35 60.02 -0.13
CA GLU G 489 15.72 59.94 1.31
C GLU G 489 15.26 61.20 2.05
N ARG G 490 14.97 61.09 3.34
CA ARG G 490 14.61 62.22 4.25
C ARG G 490 15.65 63.36 4.12
N GLU G 491 16.95 63.03 4.05
CA GLU G 491 18.07 64.00 4.01
C GLU G 491 18.02 64.79 2.70
N GLN G 492 17.65 64.14 1.59
CA GLN G 492 17.53 64.80 0.26
C GLN G 492 16.33 65.77 0.30
N GLN G 493 15.23 65.35 0.91
CA GLN G 493 14.04 66.21 1.12
C GLN G 493 14.41 67.43 1.97
N ASP G 494 15.13 67.23 3.08
CA ASP G 494 15.51 68.31 4.03
C ASP G 494 16.45 69.29 3.32
N GLU G 495 17.38 68.78 2.50
CA GLU G 495 18.34 69.62 1.72
C GLU G 495 17.54 70.50 0.75
N LEU G 496 16.47 69.97 0.14
CA LEU G 496 15.62 70.75 -0.80
C LEU G 496 14.84 71.82 -0.04
N ILE G 497 14.33 71.52 1.16
CA ILE G 497 13.59 72.52 1.99
C ILE G 497 14.54 73.69 2.25
N ALA G 498 15.79 73.41 2.63
CA ALA G 498 16.86 74.41 2.88
C ALA G 498 17.13 75.21 1.60
N TYR G 499 17.26 74.54 0.45
CA TYR G 499 17.49 75.20 -0.87
C TYR G 499 16.37 76.20 -1.16
N TYR G 500 15.11 75.77 -1.05
CA TYR G 500 13.94 76.62 -1.34
C TYR G 500 13.95 77.84 -0.40
N ALA G 501 14.26 77.64 0.88
CA ALA G 501 14.32 78.71 1.92
C ALA G 501 15.40 79.73 1.52
N ASP G 502 16.58 79.25 1.12
CA ASP G 502 17.73 80.09 0.68
C ASP G 502 17.37 80.87 -0.58
N VAL G 503 16.66 80.24 -1.52
CA VAL G 503 16.22 80.95 -2.75
C VAL G 503 15.22 82.06 -2.34
N HIS G 504 14.27 81.75 -1.45
CA HIS G 504 13.24 82.73 -0.99
C HIS G 504 13.93 83.95 -0.36
N ARG G 505 14.88 83.70 0.54
CA ARG G 505 15.72 84.72 1.23
C ARG G 505 16.40 85.62 0.18
N GLU G 506 17.05 85.03 -0.83
CA GLU G 506 17.82 85.78 -1.86
C GLU G 506 16.90 86.73 -2.64
N TRP G 507 15.66 86.33 -2.97
CA TRP G 507 14.81 87.02 -3.97
C TRP G 507 13.71 87.87 -3.32
N HIS G 508 13.44 87.69 -2.04
CA HIS G 508 12.39 88.45 -1.30
C HIS G 508 13.06 89.20 -0.15
N VAL H 30 50.56 19.80 -31.32
CA VAL H 30 49.09 19.75 -31.12
C VAL H 30 48.53 21.15 -31.36
N ILE H 31 47.49 21.25 -32.19
CA ILE H 31 46.68 22.47 -32.38
C ILE H 31 45.28 22.23 -31.79
N VAL H 32 44.91 23.04 -30.80
CA VAL H 32 43.52 23.12 -30.26
C VAL H 32 42.81 24.25 -31.02
N VAL H 33 41.74 23.91 -31.73
CA VAL H 33 40.90 24.90 -32.48
C VAL H 33 39.73 25.30 -31.58
N GLY H 34 39.84 26.46 -30.94
CA GLY H 34 38.75 27.06 -30.14
C GLY H 34 39.24 27.45 -28.76
N ASN H 35 38.76 28.60 -28.27
CA ASN H 35 39.27 29.25 -27.04
C ASN H 35 38.13 29.46 -26.04
N GLY H 36 37.10 28.62 -26.09
CA GLY H 36 36.09 28.52 -25.04
C GLY H 36 36.61 27.70 -23.88
N VAL H 37 35.72 27.34 -22.96
CA VAL H 37 36.08 26.51 -21.78
C VAL H 37 36.65 25.15 -22.24
N LEU H 38 36.11 24.53 -23.29
CA LEU H 38 36.51 23.15 -23.66
C LEU H 38 37.90 23.19 -24.31
N GLY H 39 38.12 24.07 -25.29
CA GLY H 39 39.43 24.23 -25.95
C GLY H 39 40.52 24.54 -24.94
N LEU H 40 40.29 25.52 -24.05
CA LEU H 40 41.31 25.95 -23.06
C LEU H 40 41.49 24.87 -21.99
N SER H 41 40.44 24.17 -21.58
CA SER H 41 40.53 23.10 -20.55
C SER H 41 41.39 21.96 -21.09
N VAL H 42 41.17 21.55 -22.34
CA VAL H 42 41.94 20.45 -22.96
C VAL H 42 43.37 20.95 -23.22
N GLY H 43 43.54 22.20 -23.66
CA GLY H 43 44.87 22.82 -23.85
C GLY H 43 45.69 22.79 -22.58
N VAL H 44 45.09 23.18 -21.45
CA VAL H 44 45.77 23.19 -20.13
C VAL H 44 46.18 21.75 -19.78
N GLU H 45 45.28 20.78 -19.94
CA GLU H 45 45.55 19.36 -19.55
C GLU H 45 46.67 18.79 -20.42
N ILE H 46 46.65 19.04 -21.74
CA ILE H 46 47.70 18.56 -22.67
C ILE H 46 49.04 19.18 -22.27
N ALA H 47 49.10 20.51 -22.13
CA ALA H 47 50.34 21.25 -21.83
C ALA H 47 50.94 20.76 -20.51
N ARG H 48 50.09 20.50 -19.51
CA ARG H 48 50.55 20.11 -18.15
C ARG H 48 51.05 18.66 -18.14
N THR H 49 50.48 17.77 -18.96
CA THR H 49 50.73 16.30 -18.85
C THR H 49 51.72 15.84 -19.94
N ARG H 50 51.91 16.60 -21.03
CA ARG H 50 52.92 16.31 -22.07
C ARG H 50 53.84 17.52 -22.24
N PRO H 51 54.74 17.81 -21.27
CA PRO H 51 55.61 19.00 -21.34
C PRO H 51 56.60 18.95 -22.52
N ASP H 52 56.79 17.76 -23.09
CA ASP H 52 57.66 17.47 -24.26
C ASP H 52 57.03 17.95 -25.57
N VAL H 53 55.71 18.20 -25.63
CA VAL H 53 55.01 18.56 -26.91
C VAL H 53 54.63 20.04 -26.89
N ARG H 54 54.59 20.64 -28.07
CA ARG H 54 54.18 22.03 -28.31
C ARG H 54 52.67 22.03 -28.58
N VAL H 55 51.90 22.74 -27.76
CA VAL H 55 50.43 22.89 -27.97
C VAL H 55 50.16 24.36 -28.27
N THR H 56 49.53 24.60 -29.43
CA THR H 56 49.06 25.91 -29.92
C THR H 56 47.53 25.93 -29.88
N LEU H 57 46.94 26.97 -29.29
CA LEU H 57 45.47 27.14 -29.18
C LEU H 57 45.03 28.35 -30.03
N LEU H 58 44.11 28.11 -30.97
CA LEU H 58 43.55 29.12 -31.91
C LEU H 58 42.24 29.69 -31.35
N GLY H 59 41.87 30.88 -31.83
CA GLY H 59 40.68 31.64 -31.40
C GLY H 59 41.04 33.05 -30.99
N LYS H 60 40.09 33.98 -31.19
CA LYS H 60 40.30 35.43 -31.03
C LYS H 60 39.71 35.91 -29.70
N PRO H 61 40.24 37.02 -29.14
CA PRO H 61 39.70 37.56 -27.89
C PRO H 61 38.23 38.00 -28.00
N ALA H 62 37.71 38.30 -29.20
CA ALA H 62 36.28 38.66 -29.42
C ALA H 62 35.38 37.47 -29.05
N ARG H 63 35.86 36.23 -29.21
CA ARG H 63 35.08 35.00 -28.92
C ARG H 63 33.69 35.15 -29.53
N GLN H 64 33.64 35.37 -30.83
CA GLN H 64 32.38 35.53 -31.59
C GLN H 64 31.49 34.31 -31.33
N TYR H 65 30.20 34.56 -31.02
CA TYR H 65 29.15 33.54 -30.74
C TYR H 65 29.51 32.68 -29.52
N GLY H 66 30.52 33.06 -28.75
CA GLY H 66 31.08 32.22 -27.67
C GLY H 66 30.06 31.96 -26.57
N ALA H 67 29.81 30.69 -26.25
CA ALA H 67 28.89 30.26 -25.18
C ALA H 67 29.51 30.62 -23.82
N THR H 68 30.80 30.34 -23.63
CA THR H 68 31.45 30.39 -22.30
C THR H 68 31.34 31.79 -21.70
N PRO H 69 31.70 32.89 -22.40
CA PRO H 69 31.65 34.23 -21.81
C PRO H 69 30.22 34.70 -21.45
N ALA H 70 29.20 34.14 -22.09
CA ALA H 70 27.77 34.46 -21.85
C ALA H 70 27.21 33.64 -20.68
N ALA H 71 28.00 32.69 -20.15
CA ALA H 71 27.54 31.73 -19.11
C ALA H 71 27.76 32.33 -17.72
N GLY H 72 26.98 31.89 -16.74
CA GLY H 72 26.99 32.48 -15.38
C GLY H 72 28.30 32.26 -14.63
N ALA H 73 28.63 31.01 -14.31
CA ALA H 73 27.93 29.82 -14.77
C ALA H 73 27.69 28.91 -13.58
N MET H 74 26.62 28.13 -13.66
CA MET H 74 26.25 27.13 -12.65
C MET H 74 27.04 25.84 -12.90
N LEU H 75 27.58 25.24 -11.83
CA LEU H 75 28.17 23.89 -11.91
C LEU H 75 27.00 22.90 -11.75
N GLY H 76 26.15 22.88 -12.78
CA GLY H 76 24.83 22.25 -12.79
C GLY H 76 24.93 20.79 -13.17
N ALA H 77 24.62 19.95 -12.19
CA ALA H 77 24.49 18.48 -12.29
C ALA H 77 23.04 18.11 -11.98
N PHE H 78 22.64 18.28 -10.73
CA PHE H 78 21.26 17.99 -10.26
C PHE H 78 20.27 19.07 -10.75
N GLY H 79 20.69 20.34 -10.80
CA GLY H 79 19.85 21.44 -11.30
C GLY H 79 19.46 21.26 -12.76
N GLU H 80 20.26 20.53 -13.55
CA GLU H 80 19.99 20.25 -14.97
C GLU H 80 19.07 19.03 -15.16
N VAL H 81 18.67 18.34 -14.10
CA VAL H 81 17.86 17.10 -14.23
C VAL H 81 16.45 17.46 -14.73
N THR H 82 15.97 16.77 -15.77
CA THR H 82 14.55 16.79 -16.19
C THR H 82 14.01 15.35 -16.22
N ALA H 83 12.71 15.20 -16.04
CA ALA H 83 12.00 13.89 -16.17
C ALA H 83 12.29 13.32 -17.55
N HIS H 84 12.23 14.14 -18.60
CA HIS H 84 12.41 13.71 -20.01
C HIS H 84 13.83 13.15 -20.23
N ALA H 85 14.86 13.84 -19.75
CA ALA H 85 16.28 13.40 -19.88
C ALA H 85 16.46 12.03 -19.16
N LEU H 86 16.01 11.90 -17.91
CA LEU H 86 16.19 10.69 -17.06
C LEU H 86 15.28 9.53 -17.50
N ALA H 87 14.34 9.75 -18.42
CA ALA H 87 13.49 8.67 -19.00
C ALA H 87 14.24 7.95 -20.14
N SER H 88 15.40 8.43 -20.58
CA SER H 88 16.20 7.77 -21.64
C SER H 88 17.53 7.30 -21.07
N GLU H 89 18.06 6.20 -21.62
CA GLU H 89 19.38 5.63 -21.22
C GLU H 89 20.47 6.67 -21.48
N HIS H 90 20.45 7.33 -22.65
CA HIS H 90 21.46 8.36 -23.03
C HIS H 90 21.41 9.51 -22.03
N GLY H 91 20.21 9.94 -21.62
CA GLY H 91 20.02 11.00 -20.61
C GLY H 91 20.62 10.62 -19.26
N ARG H 92 20.35 9.41 -18.79
CA ARG H 92 20.90 8.92 -17.50
C ARG H 92 22.44 8.86 -17.59
N LYS H 93 22.99 8.48 -18.75
CA LYS H 93 24.46 8.41 -18.96
C LYS H 93 25.06 9.82 -18.87
N LYS H 94 24.42 10.79 -19.54
CA LYS H 94 24.85 12.21 -19.52
C LYS H 94 24.81 12.71 -18.07
N HIS H 95 23.74 12.40 -17.33
CA HIS H 95 23.60 12.84 -15.92
C HIS H 95 24.73 12.26 -15.06
N ALA H 96 25.06 10.98 -15.23
CA ALA H 96 26.13 10.29 -14.47
C ALA H 96 27.44 11.05 -14.64
N LEU H 97 27.77 11.45 -15.87
CA LEU H 97 29.01 12.19 -16.20
C LEU H 97 28.99 13.57 -15.50
N ALA H 98 27.83 14.24 -15.43
CA ALA H 98 27.71 15.53 -14.72
C ALA H 98 28.01 15.33 -13.23
N VAL H 99 27.48 14.27 -12.62
CA VAL H 99 27.72 13.99 -11.18
C VAL H 99 29.23 13.74 -10.98
N GLN H 100 29.86 12.99 -11.88
CA GLN H 100 31.33 12.69 -11.81
C GLN H 100 32.13 13.99 -11.92
N ALA H 101 31.78 14.86 -12.87
CA ALA H 101 32.51 16.14 -13.13
C ALA H 101 32.52 17.01 -11.85
N GLN H 102 31.43 17.03 -11.09
CA GLN H 102 31.29 17.89 -9.88
C GLN H 102 32.46 17.61 -8.92
N ARG H 103 32.85 16.35 -8.78
CA ARG H 103 33.90 15.92 -7.81
C ARG H 103 35.27 16.49 -8.21
N LEU H 104 35.51 16.80 -9.49
CA LEU H 104 36.82 17.30 -9.98
C LEU H 104 36.97 18.81 -9.73
N TRP H 105 35.87 19.55 -9.52
CA TRP H 105 35.92 21.03 -9.59
C TRP H 105 36.80 21.63 -8.49
N PRO H 106 36.72 21.20 -7.21
CA PRO H 106 37.51 21.86 -6.15
C PRO H 106 39.03 21.86 -6.43
N GLU H 107 39.62 20.73 -6.80
CA GLU H 107 41.08 20.61 -7.09
C GLU H 107 41.41 21.32 -8.42
N TRP H 108 40.52 21.24 -9.42
CA TRP H 108 40.68 21.94 -10.72
C TRP H 108 40.81 23.45 -10.47
N ILE H 109 39.90 24.03 -9.69
CA ILE H 109 39.91 25.48 -9.34
C ILE H 109 41.22 25.80 -8.59
N GLU H 110 41.59 25.02 -7.58
CA GLU H 110 42.87 25.22 -6.84
C GLU H 110 44.04 25.29 -7.83
N SER H 111 44.11 24.34 -8.77
CA SER H 111 45.21 24.20 -9.75
C SER H 111 45.24 25.40 -10.70
N LEU H 112 44.09 26.04 -10.96
CA LEU H 112 44.02 27.21 -11.88
C LEU H 112 44.33 28.50 -11.11
N GLU H 113 43.81 28.67 -9.88
CA GLU H 113 44.07 29.89 -9.06
C GLU H 113 45.54 29.92 -8.62
N ALA H 114 46.18 28.77 -8.47
CA ALA H 114 47.58 28.61 -8.04
C ALA H 114 48.53 29.35 -8.99
N THR H 115 48.16 29.52 -10.27
CA THR H 115 49.01 30.18 -11.29
C THR H 115 48.83 31.70 -11.25
N GLY H 116 47.96 32.21 -10.37
CA GLY H 116 47.66 33.65 -10.27
C GLY H 116 47.89 34.14 -8.86
N THR H 117 47.35 35.33 -8.53
CA THR H 117 47.46 35.99 -7.20
C THR H 117 46.08 36.46 -6.76
N ALA H 118 45.96 36.96 -5.53
CA ALA H 118 44.70 37.51 -4.94
C ALA H 118 44.00 38.43 -5.95
N ALA H 119 44.78 39.28 -6.63
CA ALA H 119 44.29 40.36 -7.51
C ALA H 119 43.54 39.81 -8.73
N ASP H 120 43.71 38.52 -9.06
CA ASP H 120 43.06 37.90 -10.25
C ASP H 120 41.59 37.57 -9.97
N GLY H 121 41.18 37.59 -8.70
CA GLY H 121 39.78 37.32 -8.30
C GLY H 121 39.54 35.84 -8.16
N ARG H 122 38.39 35.47 -7.60
CA ARG H 122 38.06 34.08 -7.23
C ARG H 122 37.19 33.46 -8.33
N ILE H 123 37.53 32.25 -8.76
CA ILE H 123 36.77 31.50 -9.79
C ILE H 123 35.41 31.10 -9.20
N LYS H 124 35.38 30.56 -7.99
CA LYS H 124 34.14 30.08 -7.33
C LYS H 124 33.36 31.27 -6.81
N THR H 125 32.05 31.37 -7.10
CA THR H 125 31.19 32.49 -6.62
C THR H 125 30.13 32.00 -5.66
N ALA H 126 29.84 30.69 -5.61
CA ALA H 126 28.87 30.10 -4.67
C ALA H 126 29.18 28.62 -4.50
N ASP H 127 28.83 28.05 -3.34
CA ASP H 127 29.03 26.62 -3.03
C ASP H 127 27.72 25.84 -3.22
N ASP H 128 26.57 26.48 -2.99
CA ASP H 128 25.25 25.80 -2.91
C ASP H 128 24.26 26.43 -3.91
N THR H 129 23.19 25.70 -4.19
CA THR H 129 22.10 26.10 -5.11
C THR H 129 20.76 25.90 -4.40
N VAL H 130 19.83 26.84 -4.57
CA VAL H 130 18.41 26.64 -4.20
C VAL H 130 17.60 26.56 -5.51
N VAL H 131 16.87 25.45 -5.68
CA VAL H 131 15.91 25.27 -6.79
C VAL H 131 14.54 25.68 -6.26
N LEU H 132 13.88 26.61 -6.95
CA LEU H 132 12.56 27.14 -6.55
C LEU H 132 11.50 26.53 -7.46
N LEU H 133 10.34 26.21 -6.91
CA LEU H 133 9.16 25.79 -7.69
C LEU H 133 8.05 26.85 -7.49
N ASN H 134 7.70 27.54 -8.57
CA ASN H 134 6.57 28.50 -8.64
C ASN H 134 5.58 28.00 -9.69
N THR H 135 4.50 28.75 -9.93
CA THR H 135 3.44 28.33 -10.87
C THR H 135 3.51 29.16 -12.15
N VAL H 136 4.63 29.82 -12.41
CA VAL H 136 4.82 30.61 -13.66
C VAL H 136 5.43 29.69 -14.73
N GLY H 137 4.70 28.63 -15.05
CA GLY H 137 5.15 27.61 -15.99
C GLY H 137 4.16 26.47 -16.08
N HIS H 138 4.48 25.48 -16.90
CA HIS H 138 3.61 24.32 -17.18
C HIS H 138 3.81 23.31 -16.06
N SER H 139 2.74 22.79 -15.48
CA SER H 139 2.83 21.67 -14.51
C SER H 139 3.55 20.47 -15.17
N ALA H 140 3.33 20.24 -16.47
CA ALA H 140 3.88 19.08 -17.19
C ALA H 140 5.41 19.17 -17.28
N LEU H 141 6.01 20.36 -17.15
CA LEU H 141 7.47 20.51 -17.08
C LEU H 141 7.90 20.71 -15.63
N ASP H 142 7.46 21.81 -15.01
CA ASP H 142 8.01 22.27 -13.71
C ASP H 142 7.70 21.24 -12.61
N ASP H 143 6.48 20.70 -12.52
CA ASP H 143 6.12 19.75 -11.44
C ASP H 143 6.89 18.43 -11.67
N ALA H 144 6.89 17.93 -12.91
CA ALA H 144 7.59 16.68 -13.29
C ALA H 144 9.09 16.83 -13.03
N ASN H 145 9.65 18.00 -13.34
CA ASN H 145 11.12 18.21 -13.27
C ASN H 145 11.55 18.35 -11.81
N PHE H 146 10.75 19.02 -10.99
CA PHE H 146 11.05 19.16 -9.54
C PHE H 146 11.12 17.76 -8.90
N ALA H 147 10.15 16.89 -9.22
CA ALA H 147 10.09 15.50 -8.70
C ALA H 147 11.33 14.72 -9.18
N ALA H 148 11.73 14.89 -10.44
CA ALA H 148 12.90 14.21 -11.05
C ALA H 148 14.19 14.67 -10.36
N VAL H 149 14.34 15.96 -10.07
CA VAL H 149 15.53 16.50 -9.35
C VAL H 149 15.60 15.83 -7.97
N LEU H 150 14.52 15.83 -7.21
CA LEU H 150 14.44 15.22 -5.85
C LEU H 150 14.87 13.74 -5.96
N THR H 151 14.36 13.02 -6.95
CA THR H 151 14.65 11.58 -7.15
C THR H 151 16.14 11.38 -7.46
N ALA H 152 16.70 12.19 -8.37
CA ALA H 152 18.12 12.09 -8.76
C ALA H 152 19.02 12.35 -7.55
N LEU H 153 18.68 13.32 -6.70
CA LEU H 153 19.45 13.66 -5.48
C LEU H 153 19.43 12.47 -4.51
N LYS H 154 18.26 11.85 -4.34
CA LYS H 154 18.08 10.71 -3.41
C LYS H 154 18.87 9.51 -3.91
N GLU H 155 18.77 9.19 -5.20
CA GLU H 155 19.51 8.06 -5.84
C GLU H 155 21.03 8.26 -5.72
N ALA H 156 21.53 9.50 -5.82
CA ALA H 156 22.98 9.79 -5.84
C ALA H 156 23.52 9.95 -4.42
N ASN H 157 22.66 9.93 -3.40
CA ASN H 157 23.02 10.19 -1.99
C ASN H 157 23.65 11.57 -1.88
N ALA H 158 23.22 12.56 -2.68
CA ALA H 158 23.76 13.94 -2.64
C ALA H 158 23.19 14.62 -1.41
N PRO H 159 23.98 15.46 -0.70
CA PRO H 159 23.45 16.19 0.45
C PRO H 159 22.50 17.30 -0.07
N HIS H 160 21.29 17.37 0.49
CA HIS H 160 20.20 18.27 0.03
C HIS H 160 19.13 18.27 1.10
N GLU H 161 18.28 19.28 1.12
CA GLU H 161 17.00 19.20 1.85
C GLU H 161 15.98 20.15 1.25
N GLU H 162 14.74 19.68 1.28
CA GLU H 162 13.59 20.53 0.93
C GLU H 162 13.41 21.48 2.10
N ILE H 163 13.40 22.79 1.85
CA ILE H 163 13.35 23.82 2.93
C ILE H 163 12.08 24.66 2.76
N ALA H 164 11.69 25.35 3.82
CA ALA H 164 10.61 26.36 3.80
C ALA H 164 11.04 27.49 2.86
N VAL H 165 10.13 27.96 2.02
CA VAL H 165 10.44 29.10 1.10
C VAL H 165 10.78 30.33 1.95
N GLU H 166 10.15 30.50 3.10
CA GLU H 166 10.39 31.60 4.06
C GLU H 166 11.85 31.60 4.49
N SER H 167 12.55 30.47 4.41
CA SER H 167 13.96 30.36 4.87
C SER H 167 14.93 30.68 3.72
N VAL H 168 14.46 30.88 2.48
CA VAL H 168 15.37 31.25 1.36
C VAL H 168 15.76 32.71 1.56
N ASP H 169 17.04 33.00 1.73
CA ASP H 169 17.52 34.37 2.01
C ASP H 169 17.44 35.20 0.71
N TRP H 170 17.31 36.51 0.86
CA TRP H 170 17.56 37.54 -0.17
C TRP H 170 16.35 37.69 -1.11
N ILE H 171 15.74 36.60 -1.62
CA ILE H 171 14.68 36.67 -2.67
C ILE H 171 13.55 37.59 -2.20
N ASP H 172 12.94 38.30 -3.15
CA ASP H 172 11.77 39.18 -2.87
C ASP H 172 10.85 39.11 -4.08
N PRO H 173 10.22 37.95 -4.32
CA PRO H 173 9.36 37.78 -5.49
C PRO H 173 8.05 38.56 -5.37
N ASP H 174 7.45 38.89 -6.51
CA ASP H 174 5.99 39.17 -6.60
C ASP H 174 5.24 38.02 -5.94
N PRO H 175 4.36 38.25 -4.93
CA PRO H 175 3.60 37.16 -4.33
C PRO H 175 2.84 36.27 -5.33
N ASN H 176 2.32 36.81 -6.43
CA ASN H 176 1.60 36.00 -7.44
C ASN H 176 2.58 35.15 -8.29
N SER H 177 3.89 35.38 -8.16
CA SER H 177 4.96 34.68 -8.91
C SER H 177 5.88 33.91 -7.95
N ARG H 178 5.49 33.76 -6.69
CA ARG H 178 6.40 33.30 -5.61
C ARG H 178 6.53 31.77 -5.65
N PRO H 179 7.63 31.25 -5.11
CA PRO H 179 7.78 29.80 -4.97
C PRO H 179 6.94 29.31 -3.79
N LEU H 180 6.44 28.09 -3.89
CA LEU H 180 5.79 27.42 -2.74
C LEU H 180 6.63 26.23 -2.27
N ARG H 181 7.60 25.78 -3.07
CA ARG H 181 8.59 24.76 -2.64
C ARG H 181 10.00 25.22 -3.03
N ALA H 182 10.97 24.81 -2.23
CA ALA H 182 12.39 25.17 -2.40
C ALA H 182 13.24 23.99 -1.97
N LEU H 183 14.35 23.80 -2.67
CA LEU H 183 15.24 22.64 -2.51
C LEU H 183 16.66 23.19 -2.43
N HIS H 184 17.32 23.02 -1.28
CA HIS H 184 18.74 23.42 -1.04
C HIS H 184 19.63 22.24 -1.45
N ILE H 185 20.50 22.44 -2.44
CA ILE H 185 21.49 21.45 -2.92
C ILE H 185 22.88 21.91 -2.45
N GLU H 186 23.50 21.12 -1.58
CA GLU H 186 24.81 21.44 -0.96
C GLU H 186 25.93 21.00 -1.91
N GLY H 187 26.93 21.84 -2.12
CA GLY H 187 28.11 21.52 -2.95
C GLY H 187 27.81 21.56 -4.43
N GLU H 188 26.67 22.14 -4.83
CA GLU H 188 26.39 22.43 -6.26
C GLU H 188 26.38 23.95 -6.39
N GLY H 189 27.42 24.52 -6.98
CA GLY H 189 27.67 25.96 -6.89
C GLY H 189 27.82 26.60 -8.24
N SER H 190 28.67 27.63 -8.31
CA SER H 190 28.84 28.46 -9.52
C SER H 190 30.27 28.99 -9.57
N VAL H 191 30.69 29.33 -10.78
CA VAL H 191 31.98 29.98 -11.08
C VAL H 191 31.70 31.24 -11.90
N ASP H 192 32.59 32.22 -11.81
CA ASP H 192 32.60 33.39 -12.71
C ASP H 192 33.27 32.94 -14.02
N SER H 193 32.50 32.84 -15.10
CA SER H 193 32.96 32.32 -16.40
C SER H 193 34.13 33.17 -16.94
N GLY H 194 34.12 34.49 -16.73
CA GLY H 194 35.16 35.42 -17.19
C GLY H 194 36.47 35.19 -16.43
N ILE H 195 36.38 35.01 -15.12
CA ILE H 195 37.56 34.73 -14.26
C ILE H 195 38.08 33.31 -14.58
N LEU H 196 37.18 32.36 -14.86
CA LEU H 196 37.58 31.00 -15.28
C LEU H 196 38.38 31.09 -16.59
N LEU H 197 37.86 31.78 -17.60
CA LEU H 197 38.56 31.92 -18.91
C LEU H 197 39.94 32.57 -18.72
N ALA H 198 40.04 33.64 -17.93
CA ALA H 198 41.31 34.33 -17.63
C ALA H 198 42.28 33.35 -16.93
N ALA H 199 41.79 32.59 -15.95
CA ALA H 199 42.61 31.60 -15.18
C ALA H 199 43.08 30.49 -16.11
N LEU H 200 42.25 30.04 -17.05
CA LEU H 200 42.62 28.96 -17.99
C LEU H 200 43.71 29.46 -18.94
N GLU H 201 43.58 30.67 -19.49
CA GLU H 201 44.59 31.26 -20.40
C GLU H 201 45.93 31.39 -19.66
N ARG H 202 45.90 31.94 -18.45
CA ARG H 202 47.10 32.15 -17.60
C ARG H 202 47.73 30.78 -17.30
N SER H 203 46.94 29.78 -16.92
CA SER H 203 47.43 28.42 -16.58
C SER H 203 48.01 27.74 -17.82
N PHE H 204 47.40 27.98 -18.99
CA PHE H 204 47.84 27.40 -20.28
C PHE H 204 49.24 27.94 -20.63
N LEU H 205 49.43 29.26 -20.52
CA LEU H 205 50.73 29.94 -20.79
C LEU H 205 51.78 29.46 -19.79
N GLN H 206 51.43 29.34 -18.50
CA GLN H 206 52.37 28.91 -17.44
C GLN H 206 52.91 27.50 -17.74
N ALA H 207 52.10 26.66 -18.40
CA ALA H 207 52.42 25.24 -18.67
C ALA H 207 53.12 25.10 -20.02
N GLY H 208 53.40 26.21 -20.72
CA GLY H 208 54.16 26.22 -21.97
C GLY H 208 53.27 26.27 -23.19
N GLY H 209 51.97 26.48 -23.03
CA GLY H 209 51.04 26.60 -24.17
C GLY H 209 51.28 27.88 -24.93
N ARG H 210 50.96 27.90 -26.23
CA ARG H 210 51.07 29.09 -27.10
C ARG H 210 49.67 29.49 -27.56
N LEU H 211 49.27 30.75 -27.31
CA LEU H 211 47.99 31.34 -27.77
C LEU H 211 48.23 32.07 -29.08
N HIS H 212 47.63 31.61 -30.18
CA HIS H 212 47.74 32.24 -31.51
C HIS H 212 46.36 32.77 -31.88
N PRO H 213 46.11 34.09 -31.73
CA PRO H 213 44.77 34.66 -31.85
C PRO H 213 44.29 34.83 -33.29
N VAL H 214 44.19 33.72 -34.02
CA VAL H 214 43.56 33.65 -35.36
C VAL H 214 42.54 32.51 -35.33
N ASP H 215 41.68 32.41 -36.34
CA ASP H 215 40.69 31.31 -36.49
C ASP H 215 41.23 30.32 -37.52
N ALA H 216 40.94 29.03 -37.32
CA ALA H 216 41.11 27.98 -38.35
C ALA H 216 40.08 28.23 -39.46
N THR H 217 40.49 28.20 -40.72
CA THR H 217 39.60 28.19 -41.90
C THR H 217 39.40 26.76 -42.37
N GLU H 218 40.40 25.89 -42.21
CA GLU H 218 40.40 24.55 -42.84
C GLU H 218 41.34 23.61 -42.08
N ILE H 219 40.89 22.39 -41.83
CA ILE H 219 41.74 21.26 -41.35
C ILE H 219 42.26 20.52 -42.59
N ARG H 220 43.57 20.41 -42.74
CA ARG H 220 44.15 19.65 -43.88
C ARG H 220 44.48 18.24 -43.41
N ALA H 221 44.08 17.26 -44.20
CA ALA H 221 44.33 15.82 -43.99
C ALA H 221 44.48 15.13 -45.36
N SER H 222 45.24 14.04 -45.39
CA SER H 222 45.33 13.10 -46.55
C SER H 222 45.99 11.82 -46.05
N HIS H 223 45.76 10.71 -46.74
CA HIS H 223 46.15 9.34 -46.30
C HIS H 223 45.59 9.14 -44.88
N GLY H 224 44.34 9.56 -44.65
CA GLY H 224 43.54 9.37 -43.42
C GLY H 224 44.20 9.91 -42.17
N ARG H 225 44.95 11.00 -42.28
CA ARG H 225 45.83 11.50 -41.18
C ARG H 225 45.84 13.03 -41.22
N VAL H 226 45.77 13.70 -40.07
CA VAL H 226 45.81 15.19 -40.02
C VAL H 226 47.24 15.65 -40.34
N GLU H 227 47.37 16.72 -41.14
CA GLU H 227 48.63 17.41 -41.47
C GLU H 227 48.72 18.76 -40.73
N GLY H 228 47.58 19.40 -40.48
CA GLY H 228 47.51 20.66 -39.70
C GLY H 228 46.32 21.51 -40.11
N VAL H 229 46.46 22.82 -39.97
CA VAL H 229 45.33 23.80 -40.03
C VAL H 229 45.75 25.03 -40.83
N VAL H 230 44.97 25.39 -41.84
CA VAL H 230 45.02 26.71 -42.53
C VAL H 230 44.28 27.72 -41.62
N THR H 231 44.88 28.88 -41.37
CA THR H 231 44.31 29.96 -40.52
C THR H 231 43.79 31.08 -41.41
N ASP H 232 43.00 32.02 -40.85
CA ASP H 232 42.27 33.05 -41.63
C ASP H 232 43.19 34.23 -41.96
N ASP H 233 44.45 34.21 -41.48
CA ASP H 233 45.51 35.15 -41.93
C ASP H 233 46.29 34.51 -43.10
N GLY H 234 45.81 33.39 -43.66
CA GLY H 234 46.37 32.76 -44.87
C GLY H 234 47.51 31.80 -44.58
N ASP H 235 47.93 31.65 -43.32
CA ASP H 235 49.08 30.82 -42.89
C ASP H 235 48.67 29.35 -42.86
N PHE H 236 49.63 28.42 -42.84
CA PHE H 236 49.43 26.97 -42.59
C PHE H 236 50.26 26.54 -41.38
N LEU H 237 49.62 25.94 -40.38
CA LEU H 237 50.29 25.44 -39.14
C LEU H 237 50.31 23.91 -39.21
N PRO H 238 51.50 23.28 -39.20
CA PRO H 238 51.58 21.82 -39.24
C PRO H 238 51.31 21.23 -37.86
N ALA H 239 50.72 20.03 -37.79
CA ALA H 239 50.48 19.31 -36.53
C ALA H 239 50.19 17.83 -36.80
N GLY H 240 50.54 16.97 -35.86
CA GLY H 240 50.15 15.54 -35.82
C GLY H 240 48.79 15.36 -35.16
N HIS H 241 48.37 16.31 -34.31
CA HIS H 241 47.08 16.26 -33.59
C HIS H 241 46.34 17.60 -33.74
N VAL H 242 45.06 17.54 -34.12
CA VAL H 242 44.13 18.70 -34.12
C VAL H 242 42.91 18.34 -33.25
N VAL H 243 42.70 19.12 -32.19
CA VAL H 243 41.53 19.01 -31.28
C VAL H 243 40.56 20.15 -31.64
N VAL H 244 39.40 19.81 -32.19
CA VAL H 244 38.35 20.79 -32.55
C VAL H 244 37.42 20.98 -31.33
N ALA H 245 37.46 22.19 -30.76
CA ALA H 245 36.57 22.63 -29.67
C ALA H 245 36.09 24.05 -30.01
N ALA H 246 35.51 24.20 -31.20
CA ALA H 246 35.13 25.50 -31.80
C ALA H 246 33.65 25.80 -31.51
N GLY H 247 33.09 25.25 -30.44
CA GLY H 247 31.67 25.44 -30.08
C GLY H 247 30.76 25.07 -31.23
N ALA H 248 29.78 25.91 -31.53
CA ALA H 248 28.72 25.62 -32.53
C ALA H 248 29.31 25.53 -33.95
N ARG H 249 30.56 25.92 -34.17
CA ARG H 249 31.22 25.86 -35.51
C ARG H 249 31.96 24.51 -35.72
N SER H 250 32.00 23.65 -34.70
CA SER H 250 32.91 22.47 -34.65
C SER H 250 32.62 21.48 -35.79
N GLN H 251 31.36 21.11 -36.01
CA GLN H 251 31.01 20.11 -37.05
C GLN H 251 31.17 20.73 -38.45
N ARG H 252 30.81 22.00 -38.63
CA ARG H 252 30.93 22.68 -39.95
C ARG H 252 32.41 22.65 -40.36
N LEU H 253 33.34 22.76 -39.41
CA LEU H 253 34.80 22.76 -39.70
C LEU H 253 35.27 21.38 -40.17
N VAL H 254 34.81 20.30 -39.54
CA VAL H 254 35.25 18.90 -39.80
C VAL H 254 34.50 18.30 -41.00
N ALA H 255 33.29 18.80 -41.31
CA ALA H 255 32.39 18.25 -42.36
C ALA H 255 32.99 18.45 -43.75
N ALA H 256 34.00 19.32 -43.89
CA ALA H 256 34.73 19.59 -45.14
C ALA H 256 35.54 18.35 -45.55
N LEU H 257 36.01 17.56 -44.58
CA LEU H 257 36.86 16.37 -44.82
C LEU H 257 36.05 15.23 -45.44
N PRO H 258 36.68 14.40 -46.31
CA PRO H 258 35.96 13.35 -47.04
C PRO H 258 35.06 12.42 -46.20
N GLY H 259 33.77 12.33 -46.54
CA GLY H 259 32.81 11.40 -45.93
C GLY H 259 32.22 11.91 -44.62
N LEU H 260 32.88 12.87 -43.96
CA LEU H 260 32.59 13.24 -42.54
C LEU H 260 31.30 14.07 -42.45
N ALA H 261 30.82 14.65 -43.56
CA ALA H 261 29.58 15.46 -43.62
C ALA H 261 28.38 14.68 -43.07
N HIS H 262 28.35 13.36 -43.29
CA HIS H 262 27.21 12.49 -42.88
C HIS H 262 27.63 11.51 -41.78
N ARG H 263 28.81 11.72 -41.19
CA ARG H 263 29.36 10.83 -40.13
C ARG H 263 29.56 11.58 -38.81
N ILE H 264 29.69 12.91 -38.84
CA ILE H 264 29.73 13.78 -37.62
C ILE H 264 28.37 14.45 -37.48
N PRO H 265 27.57 14.15 -36.44
CA PRO H 265 26.27 14.80 -36.26
C PRO H 265 26.40 16.34 -36.30
N ARG H 266 25.49 16.98 -37.02
CA ARG H 266 25.41 18.47 -37.10
C ARG H 266 25.31 19.07 -35.69
N ILE H 267 25.88 20.24 -35.53
CA ILE H 267 25.76 21.09 -34.32
C ILE H 267 25.16 22.44 -34.74
N TYR H 268 24.07 22.86 -34.09
CA TYR H 268 23.40 24.16 -34.36
C TYR H 268 23.68 25.13 -33.21
N ASP H 269 23.21 26.37 -33.35
CA ASP H 269 23.39 27.46 -32.36
C ASP H 269 22.18 27.48 -31.41
N GLY H 270 22.37 27.08 -30.15
CA GLY H 270 21.40 27.34 -29.07
C GLY H 270 21.61 28.74 -28.52
N VAL H 271 21.08 29.74 -29.21
CA VAL H 271 21.40 31.18 -28.93
C VAL H 271 20.80 31.52 -27.58
N GLY H 272 21.64 31.98 -26.67
CA GLY H 272 21.30 32.26 -25.27
C GLY H 272 21.59 33.71 -24.92
N VAL H 273 20.64 34.35 -24.24
CA VAL H 273 20.78 35.73 -23.75
C VAL H 273 20.82 35.71 -22.23
N SER H 274 21.77 36.44 -21.68
CA SER H 274 21.96 36.63 -20.23
C SER H 274 22.32 38.10 -19.98
N ALA H 275 22.40 38.52 -18.74
CA ALA H 275 22.70 39.92 -18.41
C ALA H 275 23.47 40.02 -17.10
N LEU H 276 24.34 41.02 -17.03
CA LEU H 276 25.02 41.45 -15.79
C LEU H 276 24.30 42.70 -15.30
N VAL H 277 23.91 42.68 -14.04
CA VAL H 277 23.13 43.75 -13.38
C VAL H 277 23.91 44.16 -12.13
N ASP H 278 24.08 45.45 -11.90
CA ASP H 278 24.54 46.03 -10.60
C ASP H 278 23.32 46.20 -9.70
N THR H 279 23.22 45.45 -8.61
CA THR H 279 22.03 45.47 -7.75
C THR H 279 21.90 46.85 -7.08
N TRP H 280 20.65 47.26 -6.84
CA TRP H 280 20.24 48.55 -6.23
C TRP H 280 21.07 48.82 -4.96
N ASP H 281 21.40 47.81 -4.15
CA ASP H 281 22.05 48.02 -2.83
C ASP H 281 23.42 47.32 -2.76
N GLY H 282 23.94 46.80 -3.87
CA GLY H 282 25.23 46.07 -3.88
C GLY H 282 25.12 44.65 -3.33
N SER H 283 23.95 44.21 -2.85
CA SER H 283 23.77 42.85 -2.27
C SER H 283 23.59 41.83 -3.40
N GLY H 284 23.64 40.56 -3.04
CA GLY H 284 23.43 39.41 -3.94
C GLY H 284 23.10 38.21 -3.07
N PRO H 285 22.53 37.12 -3.62
CA PRO H 285 22.27 35.94 -2.81
C PRO H 285 23.59 35.18 -2.57
N ALA H 286 23.63 34.39 -1.50
CA ALA H 286 24.79 33.57 -1.10
C ALA H 286 24.83 32.31 -1.95
N THR H 287 23.69 31.89 -2.49
CA THR H 287 23.56 30.67 -3.32
C THR H 287 23.15 31.03 -4.74
N VAL H 288 23.40 30.11 -5.67
CA VAL H 288 22.68 30.09 -6.96
C VAL H 288 21.18 29.99 -6.62
N LEU H 289 20.36 30.72 -7.38
CA LEU H 289 18.88 30.60 -7.36
C LEU H 289 18.47 30.15 -8.75
N ARG H 290 17.68 29.09 -8.88
CA ARG H 290 17.29 28.62 -10.22
C ARG H 290 15.94 27.93 -10.16
N THR H 291 15.31 27.85 -11.34
CA THR H 291 14.21 26.90 -11.64
C THR H 291 14.83 25.68 -12.30
N SER H 292 14.06 24.61 -12.45
CA SER H 292 14.44 23.53 -13.39
C SER H 292 14.37 24.07 -14.82
N ASN H 293 14.91 23.32 -15.77
CA ASN H 293 14.92 23.66 -17.19
C ASN H 293 13.47 23.80 -17.67
N ARG H 294 13.23 24.79 -18.51
CA ARG H 294 11.87 25.20 -18.93
C ARG H 294 11.75 25.04 -20.46
N ALA H 295 10.73 25.64 -21.07
CA ALA H 295 10.35 25.42 -22.48
C ALA H 295 11.56 25.52 -23.40
N PHE H 296 11.81 24.48 -24.19
CA PHE H 296 12.83 24.44 -25.26
C PHE H 296 14.22 24.77 -24.67
N ALA H 297 14.48 24.25 -23.47
CA ALA H 297 15.78 24.22 -22.79
C ALA H 297 16.27 25.63 -22.44
N CYS H 298 15.35 26.55 -22.16
CA CYS H 298 15.72 27.78 -21.44
C CYS H 298 15.53 27.51 -19.94
N GLY H 299 15.68 28.52 -19.12
CA GLY H 299 15.54 28.38 -17.65
C GLY H 299 15.86 29.70 -17.00
N LEU H 300 15.43 29.87 -15.76
CA LEU H 300 15.65 31.11 -15.01
C LEU H 300 16.66 30.81 -13.91
N HIS H 301 17.67 31.67 -13.79
CA HIS H 301 18.65 31.53 -12.69
C HIS H 301 19.35 32.87 -12.45
N LEU H 302 19.84 33.00 -11.23
CA LEU H 302 20.72 34.08 -10.79
C LEU H 302 22.00 33.42 -10.25
N VAL H 303 23.15 33.83 -10.76
CA VAL H 303 24.49 33.37 -10.33
C VAL H 303 25.18 34.53 -9.64
N PRO H 304 25.60 34.36 -8.37
CA PRO H 304 26.34 35.39 -7.65
C PRO H 304 27.61 35.78 -8.40
N ARG H 305 27.96 37.07 -8.32
CA ARG H 305 29.24 37.63 -8.81
C ARG H 305 29.81 38.51 -7.71
N ALA H 306 31.11 38.79 -7.73
CA ALA H 306 31.79 39.72 -6.80
C ALA H 306 31.45 41.16 -7.21
N GLY H 307 31.58 42.10 -6.27
CA GLY H 307 31.58 43.54 -6.55
C GLY H 307 30.20 44.13 -6.81
N GLY H 308 29.14 43.60 -6.19
CA GLY H 308 27.77 44.16 -6.25
C GLY H 308 27.07 43.92 -7.57
N SER H 309 27.59 42.99 -8.39
CA SER H 309 27.00 42.54 -9.67
C SER H 309 26.26 41.21 -9.43
N VAL H 310 25.19 40.93 -10.18
CA VAL H 310 24.62 39.56 -10.30
C VAL H 310 24.49 39.23 -11.78
N TYR H 311 24.57 37.95 -12.09
CA TYR H 311 24.32 37.41 -13.45
C TYR H 311 22.90 36.86 -13.45
N ILE H 312 22.13 37.19 -14.48
CA ILE H 312 20.79 36.57 -14.67
C ILE H 312 20.78 35.94 -16.04
N GLY H 313 20.20 34.75 -16.09
CA GLY H 313 20.04 33.98 -17.33
C GLY H 313 18.83 33.06 -17.20
N ALA H 314 18.56 32.34 -18.28
CA ALA H 314 19.18 32.54 -19.58
C ALA H 314 18.22 31.99 -20.62
N THR H 315 18.05 32.71 -21.72
CA THR H 315 17.14 32.30 -22.81
C THR H 315 17.84 31.21 -23.64
N ASN H 316 17.07 30.54 -24.47
CA ASN H 316 17.61 29.56 -25.44
C ASN H 316 16.67 29.54 -26.64
N ALA H 317 17.22 29.63 -27.83
CA ALA H 317 16.50 29.47 -29.10
C ALA H 317 17.44 28.78 -30.08
N VAL H 318 17.07 27.61 -30.54
CA VAL H 318 17.89 26.89 -31.55
C VAL H 318 17.72 27.63 -32.88
N CYS H 319 18.83 28.09 -33.46
CA CYS H 319 18.85 28.80 -34.77
C CYS H 319 19.66 27.97 -35.77
N LEU H 320 19.16 27.80 -36.99
CA LEU H 320 19.83 27.04 -38.07
C LEU H 320 21.03 27.83 -38.60
N GLU H 321 21.10 29.12 -38.30
CA GLU H 321 22.26 30.00 -38.60
C GLU H 321 22.65 30.77 -37.34
N PRO H 322 23.94 31.09 -37.16
CA PRO H 322 24.39 31.82 -35.98
C PRO H 322 23.76 33.22 -35.87
N ARG H 323 23.58 33.68 -34.63
CA ARG H 323 23.06 35.03 -34.32
C ARG H 323 23.84 35.55 -33.13
N GLY H 324 24.35 36.76 -33.23
CA GLY H 324 25.24 37.36 -32.23
C GLY H 324 24.57 38.48 -31.47
N ALA H 325 23.29 38.75 -31.71
CA ALA H 325 22.57 39.83 -31.01
C ALA H 325 21.28 39.29 -30.37
N ALA H 326 20.95 39.80 -29.18
CA ALA H 326 19.69 39.49 -28.47
C ALA H 326 18.54 40.07 -29.27
N SER H 327 17.41 39.38 -29.31
CA SER H 327 16.14 39.96 -29.78
C SER H 327 15.51 40.73 -28.60
N ILE H 328 14.64 41.68 -28.91
CA ILE H 328 13.83 42.42 -27.88
C ILE H 328 13.13 41.40 -27.00
N GLU H 329 12.43 40.43 -27.59
CA GLU H 329 11.61 39.40 -26.89
C GLU H 329 12.46 38.68 -25.83
N GLU H 330 13.70 38.32 -26.17
CA GLU H 330 14.62 37.57 -25.26
C GLU H 330 14.94 38.44 -24.04
N THR H 331 15.30 39.69 -24.28
CA THR H 331 15.65 40.65 -23.22
C THR H 331 14.45 40.81 -22.28
N VAL H 332 13.25 41.01 -22.82
CA VAL H 332 12.04 41.27 -21.99
C VAL H 332 11.72 40.02 -21.17
N ALA H 333 11.77 38.83 -21.76
CA ALA H 333 11.37 37.59 -21.06
C ALA H 333 12.35 37.33 -19.92
N LEU H 334 13.65 37.49 -20.17
CA LEU H 334 14.69 37.27 -19.12
C LEU H 334 14.44 38.23 -17.95
N PHE H 335 14.32 39.53 -18.24
CA PHE H 335 14.14 40.56 -17.20
C PHE H 335 12.82 40.35 -16.46
N ASN H 336 11.74 40.10 -17.19
CA ASN H 336 10.40 39.96 -16.57
C ASN H 336 10.40 38.77 -15.60
N CYS H 337 10.95 37.63 -16.01
CA CYS H 337 10.99 36.41 -15.15
C CYS H 337 11.83 36.68 -13.91
N ALA H 338 13.02 37.28 -14.03
CA ALA H 338 13.93 37.50 -12.90
C ALA H 338 13.30 38.47 -11.89
N THR H 339 12.70 39.57 -12.35
CA THR H 339 12.12 40.62 -11.46
C THR H 339 10.91 40.07 -10.71
N HIS H 340 10.09 39.24 -11.37
CA HIS H 340 8.83 38.71 -10.74
C HIS H 340 9.13 37.51 -9.86
N GLN H 341 9.96 36.58 -10.33
CA GLN H 341 10.11 35.24 -9.69
C GLN H 341 11.26 35.24 -8.68
N LEU H 342 12.26 36.13 -8.82
CA LEU H 342 13.45 36.09 -7.92
C LEU H 342 13.48 37.32 -7.02
N HIS H 343 13.56 38.52 -7.57
CA HIS H 343 13.75 39.76 -6.75
C HIS H 343 13.22 40.99 -7.49
N ARG H 344 12.18 41.60 -6.95
CA ARG H 344 11.55 42.82 -7.53
C ARG H 344 12.53 44.01 -7.52
N GLY H 345 13.50 44.02 -6.59
CA GLY H 345 14.58 45.02 -6.52
C GLY H 345 15.43 45.03 -7.77
N LEU H 346 15.49 43.94 -8.54
CA LEU H 346 16.25 43.92 -9.82
C LEU H 346 15.63 44.91 -10.81
N ASN H 347 14.35 45.23 -10.63
CA ASN H 347 13.64 46.22 -11.49
C ASN H 347 14.36 47.58 -11.47
N GLY H 348 14.80 48.01 -10.30
CA GLY H 348 15.47 49.30 -10.09
C GLY H 348 16.97 49.19 -10.21
N SER H 349 17.47 48.02 -10.57
CA SER H 349 18.92 47.77 -10.66
C SER H 349 19.41 48.17 -12.05
N GLU H 350 20.69 48.51 -12.18
CA GLU H 350 21.31 49.05 -13.41
C GLU H 350 21.79 47.91 -14.30
N LEU H 351 21.38 47.94 -15.56
CA LEU H 351 21.83 47.00 -16.62
C LEU H 351 23.25 47.36 -17.02
N ARG H 352 24.22 46.48 -16.78
CA ARG H 352 25.62 46.74 -17.18
C ARG H 352 25.90 46.07 -18.53
N LYS H 353 25.34 44.89 -18.81
CA LYS H 353 25.68 44.20 -20.08
C LYS H 353 24.61 43.17 -20.42
N VAL H 354 24.17 43.18 -21.68
CA VAL H 354 23.39 42.08 -22.30
C VAL H 354 24.40 41.18 -23.03
N GLN H 355 24.44 39.90 -22.68
CA GLN H 355 25.42 38.93 -23.25
C GLN H 355 24.66 37.93 -24.12
N VAL H 356 25.28 37.54 -25.23
CA VAL H 356 24.72 36.58 -26.21
C VAL H 356 25.81 35.59 -26.57
N GLY H 357 25.49 34.30 -26.53
CA GLY H 357 26.40 33.19 -26.91
C GLY H 357 25.62 32.03 -27.47
N SER H 358 26.30 31.15 -28.22
CA SER H 358 25.69 29.97 -28.89
C SER H 358 26.06 28.70 -28.13
N ARG H 359 25.13 28.15 -27.37
CA ARG H 359 25.24 26.77 -26.84
C ARG H 359 25.38 25.84 -28.05
N PRO H 360 26.45 25.00 -28.13
CA PRO H 360 26.57 24.03 -29.21
C PRO H 360 25.49 22.95 -29.07
N ALA H 361 24.48 23.00 -29.94
CA ALA H 361 23.25 22.19 -29.88
C ALA H 361 23.35 21.04 -30.86
N PRO H 362 23.71 19.82 -30.40
CA PRO H 362 23.82 18.68 -31.31
C PRO H 362 22.45 18.20 -31.82
N ILE H 363 22.37 17.87 -33.11
CA ILE H 363 21.10 17.50 -33.80
C ILE H 363 20.46 16.25 -33.17
N ASP H 364 21.22 15.37 -32.50
CA ASP H 364 20.68 14.13 -31.87
C ASP H 364 20.64 14.27 -30.35
N GLY H 365 20.99 15.45 -29.81
CA GLY H 365 20.74 15.80 -28.40
C GLY H 365 21.87 15.38 -27.47
N PHE H 366 23.00 14.87 -27.98
CA PHE H 366 24.11 14.40 -27.11
C PHE H 366 25.44 14.91 -27.62
N PRO H 367 26.42 15.07 -26.70
CA PRO H 367 27.71 15.64 -27.07
C PRO H 367 28.53 14.78 -28.04
N LEU H 368 29.58 15.40 -28.58
CA LEU H 368 30.54 14.84 -29.55
C LEU H 368 31.93 14.94 -28.93
N ILE H 369 32.38 13.85 -28.30
CA ILE H 369 33.61 13.85 -27.45
C ILE H 369 34.44 12.62 -27.84
N GLY H 370 35.62 12.85 -28.40
CA GLY H 370 36.62 11.78 -28.58
C GLY H 370 37.22 11.77 -29.96
N GLY H 371 37.60 10.58 -30.43
CA GLY H 371 38.38 10.38 -31.65
C GLY H 371 37.50 10.25 -32.87
N THR H 372 38.16 10.21 -34.03
CA THR H 372 37.59 10.29 -35.39
C THR H 372 38.25 9.14 -36.17
N SER H 373 37.75 8.82 -37.37
CA SER H 373 38.37 7.86 -38.30
C SER H 373 39.61 8.49 -38.94
N VAL H 374 39.81 9.79 -38.78
CA VAL H 374 41.04 10.50 -39.23
C VAL H 374 42.04 10.52 -38.08
N GLU H 375 43.22 9.96 -38.32
CA GLU H 375 44.29 9.80 -37.32
C GLU H 375 44.72 11.20 -36.84
N GLY H 376 44.78 11.40 -35.52
CA GLY H 376 45.15 12.67 -34.88
C GLY H 376 44.03 13.72 -34.87
N LEU H 377 42.82 13.41 -35.40
CA LEU H 377 41.67 14.37 -35.36
C LEU H 377 40.73 14.01 -34.19
N TRP H 378 40.55 14.96 -33.28
CA TRP H 378 39.73 14.83 -32.06
C TRP H 378 38.68 15.94 -32.03
N MET H 379 37.57 15.70 -31.33
CA MET H 379 36.45 16.66 -31.20
C MET H 379 36.02 16.73 -29.73
N LEU H 380 35.77 17.94 -29.25
CA LEU H 380 35.12 18.23 -27.95
C LEU H 380 34.06 19.30 -28.20
N SER H 381 32.80 18.90 -28.40
CA SER H 381 31.70 19.85 -28.75
C SER H 381 30.32 19.26 -28.50
N GLY H 382 29.28 20.03 -28.83
CA GLY H 382 27.88 19.60 -28.74
C GLY H 382 27.42 19.44 -27.30
N THR H 383 28.00 20.20 -26.37
CA THR H 383 27.71 20.08 -24.92
C THR H 383 26.48 20.92 -24.50
N TYR H 384 25.91 21.74 -25.39
CA TYR H 384 24.62 22.44 -25.17
C TYR H 384 24.68 23.23 -23.85
N ARG H 385 23.97 22.80 -22.80
CA ARG H 385 23.76 23.60 -21.57
C ARG H 385 24.84 23.34 -20.50
N ASP H 386 25.70 22.32 -20.62
CA ASP H 386 26.54 21.94 -19.45
C ASP H 386 27.94 21.44 -19.85
N GLY H 387 28.49 21.91 -20.97
CA GLY H 387 29.90 21.71 -21.34
C GLY H 387 30.85 22.33 -20.34
N LEU H 388 30.55 23.54 -19.86
CA LEU H 388 31.41 24.25 -18.88
C LEU H 388 31.48 23.41 -17.60
N HIS H 389 30.35 22.96 -17.09
CA HIS H 389 30.31 22.08 -15.88
C HIS H 389 31.16 20.82 -16.11
N MET H 390 31.02 20.19 -17.27
CA MET H 390 31.65 18.88 -17.55
C MET H 390 33.13 19.04 -17.96
N SER H 391 33.59 20.27 -18.21
CA SER H 391 34.89 20.57 -18.87
C SER H 391 36.05 19.79 -18.23
N PRO H 392 36.29 19.79 -16.90
CA PRO H 392 37.47 19.09 -16.36
C PRO H 392 37.43 17.59 -16.68
N LEU H 393 36.24 16.99 -16.63
CA LEU H 393 36.06 15.55 -16.93
C LEU H 393 36.31 15.31 -18.42
N LEU H 394 35.74 16.14 -19.29
CA LEU H 394 35.83 15.94 -20.77
C LEU H 394 37.29 16.14 -21.21
N ALA H 395 38.00 17.11 -20.64
CA ALA H 395 39.41 17.42 -20.95
C ALA H 395 40.27 16.19 -20.62
N ARG H 396 40.09 15.63 -19.42
CA ARG H 396 40.87 14.47 -18.92
C ARG H 396 40.55 13.25 -19.78
N HIS H 397 39.28 13.06 -20.15
CA HIS H 397 38.87 11.96 -21.06
C HIS H 397 39.66 12.05 -22.35
N VAL H 398 39.62 13.19 -23.05
CA VAL H 398 40.22 13.31 -24.39
C VAL H 398 41.75 13.18 -24.27
N VAL H 399 42.34 13.75 -23.22
CA VAL H 399 43.83 13.70 -23.01
C VAL H 399 44.25 12.24 -22.78
N SER H 400 43.49 11.47 -21.99
CA SER H 400 43.73 10.02 -21.79
C SER H 400 43.71 9.31 -23.14
N LEU H 401 42.67 9.52 -23.97
CA LEU H 401 42.54 8.88 -25.30
C LEU H 401 43.77 9.23 -26.16
N MET H 402 44.20 10.50 -26.16
CA MET H 402 45.35 10.97 -26.98
C MET H 402 46.66 10.31 -26.51
N ASP H 403 46.69 9.80 -25.27
CA ASP H 403 47.86 9.12 -24.64
C ASP H 403 47.73 7.59 -24.77
N GLY H 404 46.74 7.09 -25.52
CA GLY H 404 46.48 5.65 -25.72
C GLY H 404 45.72 5.01 -24.57
N GLY H 405 45.19 5.80 -23.61
CA GLY H 405 44.34 5.31 -22.51
C GLY H 405 42.91 5.10 -22.97
N THR H 406 41.99 4.74 -22.05
CA THR H 406 40.55 4.57 -22.35
C THR H 406 39.72 5.69 -21.71
N GLY H 407 40.38 6.65 -21.06
CA GLY H 407 39.73 7.84 -20.49
C GLY H 407 38.64 7.46 -19.50
N VAL H 408 37.48 8.09 -19.60
CA VAL H 408 36.36 7.97 -18.62
C VAL H 408 35.36 6.96 -19.17
N ASP H 409 34.90 6.03 -18.33
CA ASP H 409 34.08 4.85 -18.71
C ASP H 409 32.85 5.18 -19.57
N GLY H 410 32.03 6.21 -19.32
CA GLY H 410 30.66 6.25 -19.85
C GLY H 410 30.51 7.14 -21.08
N LEU H 411 31.61 7.51 -21.74
CA LEU H 411 31.64 8.56 -22.80
C LEU H 411 31.64 7.89 -24.18
N ARG H 412 31.53 6.57 -24.26
CA ARG H 412 31.73 5.79 -25.52
C ARG H 412 30.59 6.08 -26.49
N GLU H 413 29.35 6.12 -25.99
CA GLU H 413 28.15 6.38 -26.83
C GLU H 413 28.18 7.79 -27.41
N PHE H 414 29.03 8.68 -26.88
CA PHE H 414 29.07 10.12 -27.28
C PHE H 414 30.29 10.40 -28.17
N ARG H 415 30.87 9.34 -28.74
CA ARG H 415 31.97 9.43 -29.74
C ARG H 415 31.47 10.28 -30.89
N PRO H 416 32.30 11.20 -31.46
CA PRO H 416 31.81 12.19 -32.40
C PRO H 416 31.42 11.63 -33.78
N GLU H 417 32.00 10.49 -34.16
CA GLU H 417 31.73 9.85 -35.47
C GLU H 417 30.72 8.72 -35.23
N ARG H 418 29.47 8.94 -35.59
CA ARG H 418 28.36 8.04 -35.19
C ARG H 418 27.15 8.30 -36.10
N ASP H 419 26.32 7.29 -36.25
CA ASP H 419 24.91 7.44 -36.67
C ASP H 419 24.24 8.36 -35.65
N LEU H 420 23.24 9.13 -36.07
CA LEU H 420 22.45 9.96 -35.13
C LEU H 420 21.85 9.05 -34.07
N ILE H 421 22.00 9.40 -32.80
CA ILE H 421 21.32 8.73 -31.66
C ILE H 421 19.81 9.00 -31.77
N SER H 422 19.00 7.98 -31.48
CA SER H 422 17.54 8.07 -31.30
C SER H 422 17.23 7.74 -29.85
N ALA H 423 17.35 8.71 -28.94
CA ALA H 423 17.27 8.47 -27.48
C ALA H 423 15.82 8.34 -27.03
N TRP H 424 14.86 8.78 -27.85
CA TRP H 424 13.42 8.78 -27.54
C TRP H 424 12.63 8.29 -28.76
N SER H 425 11.45 7.73 -28.53
CA SER H 425 10.48 7.40 -29.60
C SER H 425 9.93 8.69 -30.22
N ARG H 426 9.52 8.62 -31.48
CA ARG H 426 8.84 9.74 -32.16
C ARG H 426 7.64 10.20 -31.32
N GLU H 427 6.88 9.25 -30.77
CA GLU H 427 5.68 9.54 -29.92
C GLU H 427 6.11 10.38 -28.71
N GLU H 428 7.20 10.01 -28.02
CA GLU H 428 7.69 10.74 -26.82
C GLU H 428 8.05 12.17 -27.22
N ILE H 429 8.70 12.36 -28.37
CA ILE H 429 9.17 13.69 -28.84
C ILE H 429 7.96 14.54 -29.24
N LEU H 430 6.99 13.97 -29.93
CA LEU H 430 5.76 14.72 -30.34
C LEU H 430 4.98 15.17 -29.10
N ASP H 431 4.85 14.33 -28.08
CA ASP H 431 4.25 14.74 -26.77
C ASP H 431 5.06 15.91 -26.21
N ASP H 432 6.39 15.80 -26.23
CA ASP H 432 7.33 16.77 -25.61
C ASP H 432 7.19 18.13 -26.34
N VAL H 433 7.18 18.15 -27.67
CA VAL H 433 7.22 19.41 -28.46
C VAL H 433 5.91 20.18 -28.23
N VAL H 434 4.78 19.48 -28.08
CA VAL H 434 3.47 20.14 -27.82
C VAL H 434 3.47 20.70 -26.40
N ARG H 435 3.95 19.92 -25.45
CA ARG H 435 4.09 20.31 -24.02
C ARG H 435 4.96 21.58 -23.94
N HIS H 436 6.13 21.57 -24.58
CA HIS H 436 7.08 22.70 -24.56
C HIS H 436 6.44 23.92 -25.25
N THR H 437 5.69 23.71 -26.33
CA THR H 437 5.02 24.83 -27.04
C THR H 437 4.02 25.50 -26.06
N MET H 438 3.19 24.69 -25.41
CA MET H 438 2.19 25.19 -24.43
C MET H 438 2.94 25.88 -23.27
N ALA H 439 4.09 25.36 -22.85
CA ALA H 439 4.90 25.92 -21.75
C ALA H 439 5.37 27.34 -22.09
N THR H 440 5.61 27.68 -23.36
CA THR H 440 6.00 29.07 -23.75
C THR H 440 4.88 30.04 -23.35
N GLY H 441 3.62 29.57 -23.35
CA GLY H 441 2.47 30.36 -22.88
C GLY H 441 2.45 30.48 -21.36
N TYR H 442 2.50 29.36 -20.66
CA TYR H 442 2.38 29.32 -19.19
C TYR H 442 3.56 30.04 -18.53
N GLU H 443 4.73 30.05 -19.18
CA GLU H 443 5.95 30.69 -18.63
C GLU H 443 5.93 32.21 -18.84
N PHE H 444 5.07 32.73 -19.70
CA PHE H 444 5.04 34.17 -20.10
C PHE H 444 4.82 35.06 -18.87
N PRO H 445 3.82 34.86 -18.00
CA PRO H 445 2.71 33.92 -18.17
C PRO H 445 1.54 34.59 -18.89
N TRP H 446 0.84 33.86 -19.74
CA TRP H 446 -0.31 34.39 -20.49
C TRP H 446 -1.55 34.41 -19.60
N ARG H 447 -2.57 35.13 -20.05
CA ARG H 447 -3.94 35.08 -19.49
C ARG H 447 -4.90 34.95 -20.68
N LEU H 448 -5.58 33.81 -20.79
CA LEU H 448 -6.37 33.33 -21.95
C LEU H 448 -7.72 32.86 -21.45
N PRO H 449 -8.76 32.84 -22.30
CA PRO H 449 -9.99 32.13 -21.95
C PRO H 449 -9.64 30.65 -21.72
N LEU H 450 -10.36 30.00 -20.81
CA LEU H 450 -9.95 28.69 -20.24
C LEU H 450 -10.08 27.57 -21.28
N GLU H 451 -10.86 27.74 -22.35
CA GLU H 451 -11.00 26.72 -23.42
C GLU H 451 -9.82 26.81 -24.40
N TRP H 452 -9.05 27.91 -24.41
CA TRP H 452 -8.08 28.15 -25.50
C TRP H 452 -6.91 27.16 -25.44
N PRO H 453 -6.31 26.88 -24.26
CA PRO H 453 -5.19 25.96 -24.20
C PRO H 453 -5.48 24.56 -24.79
N HIS H 454 -6.61 23.96 -24.42
CA HIS H 454 -7.01 22.63 -24.95
C HIS H 454 -7.17 22.74 -26.48
N MET H 455 -7.79 23.82 -26.96
CA MET H 455 -7.97 24.06 -28.41
C MET H 455 -6.59 24.11 -29.09
N MET H 456 -5.64 24.87 -28.54
CA MET H 456 -4.29 25.00 -29.13
C MET H 456 -3.61 23.62 -29.13
N GLU H 457 -3.66 22.88 -28.03
CA GLU H 457 -3.03 21.54 -27.92
C GLU H 457 -3.56 20.63 -29.03
N THR H 458 -4.87 20.59 -29.26
CA THR H 458 -5.49 19.70 -30.28
C THR H 458 -5.02 20.14 -31.67
N PHE H 459 -4.88 21.44 -31.95
CA PHE H 459 -4.51 21.93 -33.29
C PHE H 459 -2.99 21.96 -33.51
N LEU H 460 -2.18 21.78 -32.46
CA LEU H 460 -0.68 21.71 -32.60
C LEU H 460 -0.26 20.28 -32.96
N GLN H 461 -1.00 19.26 -32.53
CA GLN H 461 -0.58 17.83 -32.58
C GLN H 461 -0.38 17.40 -34.03
N GLY H 462 -1.36 17.66 -34.89
CA GLY H 462 -1.39 17.25 -36.31
C GLY H 462 -0.17 17.80 -37.04
N PRO H 463 0.01 19.15 -37.12
CA PRO H 463 1.14 19.71 -37.83
C PRO H 463 2.53 19.24 -37.35
N PHE H 464 2.75 19.00 -36.05
CA PHE H 464 4.07 18.51 -35.57
C PHE H 464 4.23 17.03 -35.99
N ALA H 465 3.18 16.21 -35.92
CA ALA H 465 3.19 14.80 -36.37
C ALA H 465 3.51 14.74 -37.87
N GLU H 466 2.89 15.62 -38.67
CA GLU H 466 3.10 15.74 -40.13
C GLU H 466 4.55 16.12 -40.41
N LEU H 467 5.11 17.07 -39.66
CA LEU H 467 6.52 17.53 -39.86
C LEU H 467 7.44 16.34 -39.57
N ALA H 468 7.24 15.64 -38.46
CA ALA H 468 8.11 14.55 -38.00
C ALA H 468 8.11 13.44 -39.06
N ASP H 469 6.94 13.14 -39.62
CA ASP H 469 6.76 12.08 -40.65
C ASP H 469 7.46 12.46 -41.94
N ARG H 470 7.42 13.73 -42.30
CA ARG H 470 8.00 14.31 -43.55
C ARG H 470 9.53 14.34 -43.46
N LEU H 471 10.11 14.58 -42.29
CA LEU H 471 11.57 14.85 -42.16
C LEU H 471 12.36 13.57 -42.44
N SER H 472 11.89 12.43 -41.96
CA SER H 472 12.62 11.14 -42.00
C SER H 472 11.72 10.00 -41.51
N ASP H 473 11.95 8.80 -42.05
CA ASP H 473 11.29 7.54 -41.61
C ASP H 473 11.97 7.03 -40.35
N THR H 474 13.19 7.47 -40.01
CA THR H 474 13.94 6.84 -38.89
C THR H 474 14.33 7.89 -37.84
N TYR H 475 14.84 9.06 -38.22
CA TYR H 475 15.33 10.08 -37.25
C TYR H 475 14.20 11.04 -36.88
N THR H 476 14.15 11.42 -35.59
CA THR H 476 13.29 12.52 -35.07
C THR H 476 14.16 13.53 -34.32
N PRO H 477 14.18 14.81 -34.73
CA PRO H 477 14.90 15.83 -33.96
C PRO H 477 14.24 16.04 -32.60
N PRO H 478 15.03 16.26 -31.53
CA PRO H 478 14.48 16.63 -30.24
C PRO H 478 13.64 17.92 -30.35
N ALA H 479 12.72 18.14 -29.40
CA ALA H 479 11.71 19.22 -29.40
C ALA H 479 12.34 20.58 -29.71
N ASP H 480 13.45 20.93 -29.05
CA ASP H 480 14.16 22.23 -29.18
C ASP H 480 14.46 22.50 -30.65
N LEU H 481 14.95 21.48 -31.36
CA LEU H 481 15.29 21.59 -32.79
C LEU H 481 14.02 21.50 -33.62
N MET H 482 13.08 20.63 -33.25
CA MET H 482 11.85 20.41 -34.06
C MET H 482 11.07 21.74 -34.18
N THR H 483 10.96 22.53 -33.10
CA THR H 483 10.23 23.83 -33.16
C THR H 483 10.99 24.77 -34.13
N ALA H 484 12.32 24.82 -34.07
CA ALA H 484 13.12 25.67 -34.98
C ALA H 484 12.86 25.26 -36.43
N ILE H 485 12.77 23.96 -36.70
CA ILE H 485 12.54 23.44 -38.07
C ILE H 485 11.12 23.79 -38.49
N MET H 486 10.14 23.61 -37.61
CA MET H 486 8.71 23.89 -37.90
C MET H 486 8.57 25.32 -38.44
N PHE H 487 9.28 26.28 -37.88
CA PHE H 487 9.11 27.73 -38.21
C PHE H 487 10.25 28.24 -39.10
N SER H 488 11.05 27.36 -39.69
CA SER H 488 12.12 27.72 -40.67
C SER H 488 11.51 27.80 -42.08
N GLU H 489 12.27 28.31 -43.05
CA GLU H 489 11.87 28.38 -44.49
C GLU H 489 11.73 26.96 -45.06
N ARG H 490 10.87 26.79 -46.07
CA ARG H 490 10.67 25.51 -46.80
C ARG H 490 12.03 24.92 -47.25
N GLU H 491 12.93 25.76 -47.76
CA GLU H 491 14.25 25.35 -48.32
C GLU H 491 15.13 24.77 -47.21
N GLN H 492 15.05 25.34 -46.00
CA GLN H 492 15.83 24.85 -44.82
C GLN H 492 15.28 23.48 -44.40
N GLN H 493 13.96 23.34 -44.41
CA GLN H 493 13.29 22.04 -44.12
C GLN H 493 13.73 20.97 -45.16
N ASP H 494 13.70 21.33 -46.45
CA ASP H 494 14.03 20.40 -47.55
C ASP H 494 15.51 19.99 -47.45
N GLU H 495 16.39 20.92 -47.09
CA GLU H 495 17.84 20.65 -46.91
C GLU H 495 18.02 19.65 -45.76
N LEU H 496 17.23 19.76 -44.69
CA LEU H 496 17.30 18.83 -43.53
C LEU H 496 16.81 17.44 -43.94
N ILE H 497 15.75 17.36 -44.75
CA ILE H 497 15.21 16.05 -45.23
C ILE H 497 16.34 15.34 -45.99
N ALA H 498 17.03 16.06 -46.87
CA ALA H 498 18.18 15.58 -47.66
C ALA H 498 19.31 15.12 -46.72
N TYR H 499 19.63 15.92 -45.70
CA TYR H 499 20.70 15.59 -44.71
C TYR H 499 20.35 14.26 -44.02
N TYR H 500 19.14 14.12 -43.50
CA TYR H 500 18.71 12.90 -42.77
C TYR H 500 18.81 11.69 -43.71
N ALA H 501 18.38 11.84 -44.97
CA ALA H 501 18.42 10.76 -46.00
C ALA H 501 19.88 10.33 -46.23
N ASP H 502 20.78 11.31 -46.39
CA ASP H 502 22.25 11.08 -46.61
C ASP H 502 22.86 10.40 -45.38
N VAL H 503 22.46 10.79 -44.17
CA VAL H 503 22.97 10.13 -42.94
C VAL H 503 22.50 8.67 -42.94
N HIS H 504 21.22 8.42 -43.26
CA HIS H 504 20.63 7.06 -43.28
C HIS H 504 21.42 6.17 -44.27
N ARG H 505 21.64 6.68 -45.48
CA ARG H 505 22.44 6.03 -46.56
C ARG H 505 23.84 5.65 -46.02
N GLU H 506 24.54 6.58 -45.38
CA GLU H 506 25.92 6.37 -44.89
C GLU H 506 25.97 5.24 -43.85
N TRP H 507 24.98 5.12 -42.96
CA TRP H 507 25.08 4.26 -41.74
C TRP H 507 24.27 2.97 -41.89
N HIS H 508 23.37 2.86 -42.87
CA HIS H 508 22.48 1.67 -43.07
C HIS H 508 22.74 1.03 -44.44
#